data_5T9A
#
_entry.id   5T9A
#
_cell.length_a   75.140
_cell.length_b   121.350
_cell.length_c   124.520
_cell.angle_alpha   70.900
_cell.angle_beta   87.470
_cell.angle_gamma   78.960
#
_symmetry.space_group_name_H-M   'P 1'
#
loop_
_entity.id
_entity.type
_entity.pdbx_description
1 polymer 'Glycoside Hydrolase'
2 non-polymer 1,2-ETHANEDIOL
3 non-polymer 'SULFATE ION'
4 water water
#
_entity_poly.entity_id   1
_entity_poly.type   'polypeptide(L)'
_entity_poly.pdbx_seq_one_letter_code
;MGSSHHHHHHSSGLVPRGSHMASYALNNNSDFNNGWKFTLSDSVCYSFVNYNPSSWKTVNLPHDWSVDLPFESTAEGCTG
FLKGGIGWYSKTFDTPDNFVDKKCYIVFDGVYNNSEYWINGRKLGFHPYGYSPFFYDISDYLNPKGQENRISVRIDHSRY
ADSRWYTGSGIYRETQLIFTDKLHIPVWGTFVTTPVVSSERATVNIEVRVKNDYSGPRAGEVRTSYFDSKNKKVGEKLTS
FLIEAGKEMKINQSVEISNPSLWDVDSPSMYLAKSEILVDGNVVDTKETPFGIRSIKFDAKKGFFLNGKNMKIKGVCLHH
DASMIGAALVEDVWRRRLQTLKDGGCNAIRLSHNPGADAFLELCDEMGFLVQEEFFDEWDYPKDKRLNMDEQSIDYITRG
YCEYFQEWAERDLKNVMLRSRNHPCIFQWSIGNEIEWTYKGCKESTGFFSADAGGGYFWNQPPYSTQRIREEWAKQPKQT
YDIGRTAKKLAAWTREMDTTRPVTANCILPSISYETGYIDALDVAGFSYRRVMYDYAHKNYPDKPAMGTENLGQWHEWKA
VIERDYIPGMFIWTGVDYLGEVGTKGREWPQRAIGCGLLDLAGFEKPSFHMMKSLWTDAPFIAIYSQTANKSSYVEKDGK
FTDKDPKKPWTQRLWVWEDVNSHWNYTKGEKVVVEIYSNCDEIELFQNGKSLGKRFLKDFEDHIYKWSVDFKDGNIVAKG
KKNGKKTTSAIYTTKETNSIKLSVDKVAVDANNTDVIHVTAQLIDRNGRNISWEEKEITFNIGGNYRLLGVENGDHLNVL
NYKSNTVKTYKGRALLVLQATDKAGILNINANSGSISSNDLKVEVK
;
_entity_poly.pdbx_strand_id   A,B,C,D
#
# COMPACT_ATOMS: atom_id res chain seq x y z
N SER A 30 -48.07 -1.33 -13.98
CA SER A 30 -47.97 -2.79 -13.64
C SER A 30 -49.24 -3.53 -14.06
N ASP A 31 -50.39 -3.08 -13.53
CA ASP A 31 -51.70 -3.63 -13.91
C ASP A 31 -52.19 -3.18 -15.30
N PHE A 32 -51.58 -2.14 -15.88
CA PHE A 32 -51.86 -1.76 -17.26
C PHE A 32 -51.61 -2.89 -18.26
N ASN A 33 -50.67 -3.78 -17.92
CA ASN A 33 -50.43 -4.99 -18.70
C ASN A 33 -51.50 -6.10 -18.61
N ASN A 34 -52.50 -5.94 -17.74
CA ASN A 34 -53.59 -6.89 -17.58
C ASN A 34 -54.82 -6.49 -18.36
N GLY A 35 -55.61 -7.47 -18.79
CA GLY A 35 -56.90 -7.21 -19.41
C GLY A 35 -56.87 -6.70 -20.84
N TRP A 36 -55.85 -7.08 -21.61
CA TRP A 36 -55.81 -6.80 -23.05
C TRP A 36 -56.70 -7.81 -23.77
N LYS A 37 -57.08 -7.46 -24.99
CA LYS A 37 -57.77 -8.37 -25.91
C LYS A 37 -56.83 -8.77 -27.05
N PHE A 38 -57.05 -9.95 -27.60
CA PHE A 38 -56.21 -10.48 -28.68
C PHE A 38 -57.00 -11.44 -29.57
N THR A 39 -56.77 -11.33 -30.89
CA THR A 39 -57.32 -12.28 -31.86
C THR A 39 -56.31 -12.57 -32.95
N LEU A 40 -56.19 -13.83 -33.35
CA LEU A 40 -55.32 -14.21 -34.45
C LEU A 40 -56.13 -14.20 -35.74
N SER A 41 -56.39 -12.98 -36.22
CA SER A 41 -57.20 -12.75 -37.43
C SER A 41 -57.03 -11.28 -37.84
N ASP A 42 -57.17 -10.99 -39.14
CA ASP A 42 -57.00 -9.63 -39.65
C ASP A 42 -58.30 -9.08 -40.23
N SER A 43 -58.55 -7.80 -39.99
CA SER A 43 -59.65 -7.06 -40.60
C SER A 43 -59.42 -5.57 -40.42
N VAL A 44 -59.54 -4.81 -41.50
CA VAL A 44 -59.28 -3.36 -41.48
C VAL A 44 -60.09 -2.60 -40.43
N CYS A 45 -61.34 -3.00 -40.20
CA CYS A 45 -62.24 -2.28 -39.30
C CYS A 45 -61.93 -2.39 -37.80
N TYR A 46 -60.97 -3.24 -37.43
CA TYR A 46 -60.52 -3.36 -36.03
C TYR A 46 -59.96 -2.07 -35.43
N SER A 47 -59.49 -1.14 -36.27
CA SER A 47 -58.96 0.15 -35.82
C SER A 47 -60.01 1.23 -35.61
N PHE A 48 -61.25 1.01 -36.06
CA PHE A 48 -62.27 2.07 -36.03
C PHE A 48 -62.74 2.35 -34.59
N VAL A 49 -63.16 3.58 -34.33
CA VAL A 49 -63.63 4.01 -33.00
C VAL A 49 -64.81 3.15 -32.50
N ASN A 50 -65.70 2.79 -33.41
CA ASN A 50 -66.94 2.10 -33.10
C ASN A 50 -66.86 0.57 -33.12
N TYR A 51 -65.65 0.00 -33.23
CA TYR A 51 -65.47 -1.46 -33.14
C TYR A 51 -65.25 -1.87 -31.68
N ASN A 52 -65.97 -2.93 -31.27
CA ASN A 52 -65.91 -3.49 -29.93
C ASN A 52 -65.25 -4.87 -30.03
N PRO A 53 -64.13 -5.09 -29.32
CA PRO A 53 -63.44 -6.38 -29.41
C PRO A 53 -63.84 -7.42 -28.33
N SER A 54 -65.05 -7.32 -27.76
CA SER A 54 -65.44 -8.14 -26.61
C SER A 54 -65.38 -9.66 -26.84
N SER A 55 -65.67 -10.13 -28.06
CA SER A 55 -65.60 -11.57 -28.37
C SER A 55 -64.17 -12.08 -28.66
N TRP A 56 -63.16 -11.23 -28.57
CA TRP A 56 -61.76 -11.66 -28.64
C TRP A 56 -61.37 -12.30 -27.29
N LYS A 57 -60.27 -13.03 -27.31
CA LYS A 57 -59.72 -13.68 -26.11
C LYS A 57 -59.03 -12.62 -25.23
N THR A 58 -59.31 -12.63 -23.93
CA THR A 58 -58.62 -11.76 -22.98
C THR A 58 -57.23 -12.33 -22.65
N VAL A 59 -56.22 -11.45 -22.61
CA VAL A 59 -54.83 -11.88 -22.29
C VAL A 59 -54.14 -10.86 -21.39
N ASN A 60 -53.18 -11.37 -20.61
CA ASN A 60 -52.28 -10.55 -19.84
C ASN A 60 -50.93 -10.48 -20.56
N LEU A 61 -50.35 -9.28 -20.65
CA LEU A 61 -49.03 -9.10 -21.23
C LEU A 61 -47.99 -9.41 -20.16
N PRO A 62 -46.85 -9.99 -20.51
CA PRO A 62 -46.45 -10.28 -21.88
C PRO A 62 -47.04 -11.56 -22.45
N HIS A 63 -47.31 -11.53 -23.74
CA HIS A 63 -47.96 -12.60 -24.47
C HIS A 63 -47.18 -12.89 -25.76
N ASP A 64 -46.87 -14.16 -25.98
CA ASP A 64 -46.31 -14.65 -27.24
C ASP A 64 -47.30 -15.66 -27.79
N TRP A 65 -48.06 -15.29 -28.82
CA TRP A 65 -49.16 -16.13 -29.28
C TRP A 65 -48.71 -17.43 -29.96
N SER A 66 -47.50 -17.45 -30.53
CA SER A 66 -47.10 -18.59 -31.35
C SER A 66 -46.92 -19.91 -30.58
N VAL A 67 -46.73 -19.85 -29.25
CA VAL A 67 -46.68 -21.06 -28.40
C VAL A 67 -48.06 -21.50 -27.88
N ASP A 68 -49.13 -20.94 -28.43
CA ASP A 68 -50.47 -21.54 -28.32
C ASP A 68 -50.81 -22.35 -29.57
N LEU A 69 -49.95 -22.26 -30.59
CA LEU A 69 -50.11 -23.01 -31.84
C LEU A 69 -49.27 -24.28 -31.78
N PRO A 70 -49.75 -25.38 -32.40
CA PRO A 70 -48.97 -26.61 -32.37
C PRO A 70 -47.74 -26.52 -33.26
N PHE A 71 -46.71 -27.31 -32.96
CA PHE A 71 -45.58 -27.47 -33.87
C PHE A 71 -46.11 -28.11 -35.15
N GLU A 72 -46.06 -27.37 -36.26
CA GLU A 72 -46.53 -27.86 -37.57
C GLU A 72 -45.33 -28.15 -38.46
N SER A 73 -45.38 -29.32 -39.12
CA SER A 73 -44.31 -29.76 -40.01
C SER A 73 -44.21 -28.89 -41.27
N THR A 74 -45.33 -28.32 -41.70
CA THR A 74 -45.39 -27.36 -42.82
C THR A 74 -44.90 -25.92 -42.48
N ALA A 75 -44.40 -25.71 -41.26
CA ALA A 75 -43.69 -24.48 -40.88
C ALA A 75 -42.18 -24.65 -41.12
N GLU A 76 -41.41 -23.61 -40.84
CA GLU A 76 -39.95 -23.62 -41.05
C GLU A 76 -39.17 -23.91 -39.78
N GLY A 77 -38.05 -24.61 -39.95
CA GLY A 77 -37.22 -25.10 -38.85
C GLY A 77 -36.29 -24.06 -38.23
N CYS A 78 -35.91 -23.04 -39.01
CA CYS A 78 -35.10 -21.95 -38.48
C CYS A 78 -35.85 -21.18 -37.38
N THR A 79 -37.16 -21.03 -37.52
CA THR A 79 -38.02 -20.49 -36.43
C THR A 79 -38.78 -21.58 -35.62
N GLY A 80 -38.16 -22.74 -35.44
CA GLY A 80 -38.66 -23.77 -34.53
C GLY A 80 -40.00 -24.42 -34.87
N PHE A 81 -40.36 -24.47 -36.15
CA PHE A 81 -41.59 -25.13 -36.63
C PHE A 81 -42.89 -24.60 -36.01
N LEU A 82 -42.89 -23.31 -35.67
CA LEU A 82 -44.05 -22.62 -35.16
C LEU A 82 -44.36 -21.47 -36.09
N LYS A 83 -45.65 -21.26 -36.35
CA LYS A 83 -46.11 -20.23 -37.30
C LYS A 83 -46.23 -18.87 -36.61
N GLY A 84 -46.53 -17.85 -37.42
CA GLY A 84 -46.81 -16.50 -36.92
C GLY A 84 -48.22 -16.10 -37.30
N GLY A 85 -48.33 -15.42 -38.43
CA GLY A 85 -49.60 -14.94 -38.93
C GLY A 85 -49.78 -13.50 -38.57
N ILE A 86 -51.02 -13.03 -38.67
CA ILE A 86 -51.36 -11.64 -38.40
C ILE A 86 -52.32 -11.59 -37.23
N GLY A 87 -51.87 -11.00 -36.12
CA GLY A 87 -52.68 -10.88 -34.92
C GLY A 87 -52.84 -9.44 -34.52
N TRP A 88 -53.96 -9.15 -33.85
CA TRP A 88 -54.25 -7.81 -33.34
C TRP A 88 -54.36 -7.86 -31.82
N TYR A 89 -54.08 -6.72 -31.20
CA TYR A 89 -54.30 -6.52 -29.78
C TYR A 89 -55.21 -5.33 -29.60
N SER A 90 -55.75 -5.17 -28.40
CA SER A 90 -56.60 -4.05 -28.08
C SER A 90 -56.62 -3.84 -26.57
N LYS A 91 -56.80 -2.59 -26.16
CA LYS A 91 -56.72 -2.21 -24.75
C LYS A 91 -57.57 -1.00 -24.51
N THR A 92 -58.38 -1.07 -23.47
CA THR A 92 -59.35 -0.03 -23.16
C THR A 92 -58.98 0.60 -21.81
N PHE A 93 -58.99 1.93 -21.73
CA PHE A 93 -58.63 2.61 -20.48
C PHE A 93 -59.23 4.00 -20.44
N ASP A 94 -59.70 4.41 -19.26
CA ASP A 94 -60.31 5.72 -19.07
C ASP A 94 -59.25 6.79 -18.91
N THR A 95 -59.57 7.99 -19.40
CA THR A 95 -58.76 9.16 -19.12
C THR A 95 -58.91 9.50 -17.63
N PRO A 96 -57.79 9.70 -16.91
CA PRO A 96 -57.87 10.05 -15.49
C PRO A 96 -58.75 11.27 -15.20
N ASP A 97 -59.35 11.30 -14.01
CA ASP A 97 -60.21 12.42 -13.59
C ASP A 97 -59.46 13.75 -13.41
N ASN A 98 -58.13 13.71 -13.32
CA ASN A 98 -57.29 14.93 -13.25
C ASN A 98 -56.35 15.12 -14.46
N PHE A 99 -56.76 14.68 -15.66
CA PHE A 99 -55.97 14.90 -16.87
C PHE A 99 -56.20 16.32 -17.36
N VAL A 100 -55.49 17.26 -16.75
CA VAL A 100 -55.50 18.68 -17.12
C VAL A 100 -54.07 19.20 -16.96
N ASP A 101 -53.55 19.85 -18.00
CA ASP A 101 -52.16 20.33 -18.05
C ASP A 101 -51.14 19.22 -17.79
N LYS A 102 -51.33 18.10 -18.49
CA LYS A 102 -50.51 16.89 -18.32
C LYS A 102 -50.22 16.20 -19.66
N LYS A 103 -49.25 15.29 -19.60
CA LYS A 103 -48.83 14.50 -20.75
C LYS A 103 -49.12 13.03 -20.48
N CYS A 104 -49.23 12.26 -21.57
CA CYS A 104 -49.45 10.82 -21.47
C CYS A 104 -48.64 10.08 -22.55
N TYR A 105 -47.79 9.16 -22.09
CA TYR A 105 -46.90 8.40 -22.95
C TYR A 105 -47.18 6.91 -22.77
N ILE A 106 -47.30 6.19 -23.88
CA ILE A 106 -47.40 4.72 -23.84
C ILE A 106 -46.08 4.13 -24.30
N VAL A 107 -45.46 3.32 -23.43
CA VAL A 107 -44.12 2.80 -23.65
C VAL A 107 -44.18 1.28 -23.84
N PHE A 108 -43.63 0.81 -24.96
CA PHE A 108 -43.50 -0.61 -25.27
C PHE A 108 -42.03 -0.97 -25.16
N ASP A 109 -41.71 -2.08 -24.51
CA ASP A 109 -40.33 -2.55 -24.41
C ASP A 109 -39.95 -3.37 -25.63
N GLY A 110 -40.92 -4.03 -26.25
CA GLY A 110 -40.66 -4.78 -27.47
C GLY A 110 -41.90 -5.43 -28.05
N VAL A 111 -42.04 -5.36 -29.37
CA VAL A 111 -43.14 -6.02 -30.08
C VAL A 111 -42.59 -6.70 -31.35
N TYR A 112 -42.78 -8.03 -31.46
CA TYR A 112 -42.31 -8.77 -32.63
C TYR A 112 -43.46 -9.13 -33.56
N ASN A 113 -43.53 -8.64 -34.79
CA ASN A 113 -42.81 -7.45 -35.31
C ASN A 113 -43.65 -6.80 -36.43
N ASN A 114 -43.12 -5.74 -37.05
CA ASN A 114 -43.81 -5.02 -38.13
C ASN A 114 -45.19 -4.57 -37.67
N SER A 115 -45.18 -3.90 -36.52
CA SER A 115 -46.41 -3.55 -35.80
C SER A 115 -46.91 -2.17 -36.19
N GLU A 116 -48.23 -2.00 -36.17
CA GLU A 116 -48.90 -0.72 -36.43
C GLU A 116 -49.75 -0.38 -35.21
N TYR A 117 -49.89 0.91 -34.95
CA TYR A 117 -50.47 1.40 -33.70
C TYR A 117 -51.55 2.38 -34.04
N TRP A 118 -52.62 2.34 -33.25
CA TRP A 118 -53.74 3.25 -33.35
C TRP A 118 -54.19 3.62 -31.95
N ILE A 119 -54.78 4.80 -31.83
CA ILE A 119 -55.54 5.15 -30.63
C ILE A 119 -56.78 5.95 -31.05
N ASN A 120 -57.94 5.54 -30.53
CA ASN A 120 -59.21 6.19 -30.85
C ASN A 120 -59.38 6.51 -32.33
N GLY A 121 -59.08 5.54 -33.19
CA GLY A 121 -59.26 5.67 -34.65
C GLY A 121 -58.21 6.45 -35.43
N ARG A 122 -57.12 6.85 -34.76
CA ARG A 122 -56.10 7.69 -35.37
C ARG A 122 -54.77 6.94 -35.36
N LYS A 123 -54.06 7.00 -36.47
CA LYS A 123 -52.85 6.21 -36.65
C LYS A 123 -51.72 6.88 -35.90
N LEU A 124 -51.10 6.16 -34.95
CA LEU A 124 -49.96 6.69 -34.23
C LEU A 124 -48.66 6.45 -34.98
N GLY A 125 -48.48 5.25 -35.51
CA GLY A 125 -47.26 4.92 -36.22
C GLY A 125 -47.06 3.45 -36.55
N PHE A 126 -45.89 3.19 -37.15
CA PHE A 126 -45.45 1.86 -37.57
C PHE A 126 -44.04 1.64 -37.02
N HIS A 127 -43.80 0.44 -36.48
CA HIS A 127 -42.49 0.12 -35.89
C HIS A 127 -42.00 -1.25 -36.38
N PRO A 128 -41.00 -1.27 -37.30
CA PRO A 128 -40.60 -2.54 -37.93
C PRO A 128 -39.84 -3.54 -37.04
N TYR A 129 -38.87 -3.07 -36.25
CA TYR A 129 -37.91 -3.98 -35.60
C TYR A 129 -38.52 -4.70 -34.40
N GLY A 130 -38.22 -5.98 -34.27
CA GLY A 130 -38.80 -6.79 -33.22
C GLY A 130 -38.28 -6.59 -31.80
N TYR A 131 -37.09 -6.02 -31.65
CA TYR A 131 -36.39 -6.01 -30.36
C TYR A 131 -36.07 -4.63 -29.76
N SER A 132 -36.35 -3.54 -30.47
CA SER A 132 -36.10 -2.21 -29.92
C SER A 132 -37.33 -1.71 -29.11
N PRO A 133 -37.09 -0.93 -28.03
CA PRO A 133 -38.21 -0.29 -27.33
C PRO A 133 -38.54 1.01 -28.02
N PHE A 134 -39.73 1.53 -27.73
CA PHE A 134 -40.19 2.79 -28.34
C PHE A 134 -41.36 3.36 -27.54
N PHE A 135 -41.83 4.54 -27.92
CA PHE A 135 -42.98 5.15 -27.24
C PHE A 135 -43.69 6.16 -28.13
N TYR A 136 -44.89 6.54 -27.70
CA TYR A 136 -45.74 7.48 -28.42
C TYR A 136 -46.38 8.45 -27.44
N ASP A 137 -46.21 9.75 -27.69
CA ASP A 137 -46.94 10.77 -26.95
C ASP A 137 -48.39 10.71 -27.42
N ILE A 138 -49.27 10.23 -26.54
CA ILE A 138 -50.70 10.05 -26.88
C ILE A 138 -51.58 11.09 -26.17
N SER A 139 -50.98 12.17 -25.68
CA SER A 139 -51.65 13.12 -24.79
C SER A 139 -52.85 13.80 -25.43
N ASP A 140 -52.65 14.31 -26.65
CA ASP A 140 -53.72 15.02 -27.38
C ASP A 140 -54.81 14.12 -27.93
N TYR A 141 -54.52 12.83 -28.07
CA TYR A 141 -55.51 11.89 -28.58
C TYR A 141 -56.60 11.49 -27.57
N LEU A 142 -56.40 11.76 -26.28
CA LEU A 142 -57.26 11.18 -25.24
C LEU A 142 -58.58 11.89 -25.12
N ASN A 143 -59.63 11.12 -24.87
CA ASN A 143 -60.97 11.66 -24.70
C ASN A 143 -61.09 12.32 -23.33
N PRO A 144 -62.08 13.23 -23.15
CA PRO A 144 -62.26 13.97 -21.89
C PRO A 144 -62.29 13.13 -20.60
N LYS A 145 -62.04 13.80 -19.47
CA LYS A 145 -61.93 13.16 -18.15
C LYS A 145 -63.04 12.15 -17.89
N GLY A 146 -62.65 10.91 -17.60
CA GLY A 146 -63.59 9.83 -17.31
C GLY A 146 -64.07 8.98 -18.47
N GLN A 147 -63.95 9.47 -19.71
CA GLN A 147 -64.43 8.73 -20.90
C GLN A 147 -63.44 7.65 -21.37
N GLU A 148 -63.94 6.71 -22.17
CA GLU A 148 -63.16 5.56 -22.62
C GLU A 148 -62.24 5.86 -23.84
N ASN A 149 -60.94 5.58 -23.68
CA ASN A 149 -59.99 5.50 -24.79
C ASN A 149 -59.74 4.04 -25.19
N ARG A 150 -59.40 3.81 -26.45
CA ARG A 150 -59.02 2.49 -26.93
C ARG A 150 -57.76 2.56 -27.78
N ILE A 151 -56.80 1.68 -27.48
CA ILE A 151 -55.57 1.51 -28.27
C ILE A 151 -55.75 0.24 -29.08
N SER A 152 -55.21 0.22 -30.29
CA SER A 152 -55.20 -1.01 -31.11
C SER A 152 -53.80 -1.20 -31.63
N VAL A 153 -53.43 -2.47 -31.81
CA VAL A 153 -52.13 -2.84 -32.35
C VAL A 153 -52.36 -3.95 -33.36
N ARG A 154 -51.86 -3.77 -34.58
CA ARG A 154 -51.82 -4.83 -35.59
C ARG A 154 -50.40 -5.30 -35.68
N ILE A 155 -50.20 -6.61 -35.66
CA ILE A 155 -48.86 -7.18 -35.73
C ILE A 155 -48.82 -8.12 -36.92
N ASP A 156 -47.92 -7.84 -37.85
CA ASP A 156 -47.73 -8.64 -39.04
C ASP A 156 -46.49 -9.52 -38.87
N HIS A 157 -46.71 -10.78 -38.51
CA HIS A 157 -45.66 -11.79 -38.53
C HIS A 157 -45.97 -12.84 -39.60
N SER A 158 -46.47 -12.37 -40.76
CA SER A 158 -46.68 -13.23 -41.93
C SER A 158 -45.36 -13.65 -42.55
N ARG A 159 -44.30 -12.88 -42.31
CA ARG A 159 -42.95 -13.30 -42.69
C ARG A 159 -42.37 -14.11 -41.53
N TYR A 160 -42.93 -15.30 -41.32
CA TYR A 160 -42.66 -16.10 -40.11
C TYR A 160 -41.32 -16.86 -40.10
N ALA A 161 -40.55 -16.76 -41.19
CA ALA A 161 -39.17 -17.25 -41.22
C ALA A 161 -38.16 -16.10 -41.30
N ASP A 162 -38.52 -14.92 -40.82
CA ASP A 162 -37.67 -13.72 -40.94
C ASP A 162 -36.52 -13.67 -39.91
N SER A 163 -36.09 -14.84 -39.41
CA SER A 163 -35.05 -14.92 -38.42
C SER A 163 -34.38 -16.31 -38.48
N ARG A 164 -33.15 -16.37 -37.99
CA ARG A 164 -32.40 -17.61 -37.93
C ARG A 164 -32.80 -18.47 -36.72
N TRP A 165 -33.46 -17.87 -35.73
CA TRP A 165 -33.85 -18.54 -34.47
C TRP A 165 -35.33 -18.28 -34.21
N TYR A 166 -35.88 -18.85 -33.15
CA TYR A 166 -37.28 -18.65 -32.80
C TYR A 166 -37.52 -17.25 -32.21
N THR A 167 -38.45 -16.51 -32.78
CA THR A 167 -38.71 -15.12 -32.44
C THR A 167 -39.88 -14.92 -31.47
N GLY A 168 -40.96 -15.66 -31.71
CA GLY A 168 -42.23 -15.38 -31.08
C GLY A 168 -43.03 -14.44 -31.94
N SER A 169 -44.24 -14.12 -31.47
CA SER A 169 -45.11 -13.15 -32.11
C SER A 169 -45.97 -12.46 -31.05
N GLY A 170 -45.88 -11.13 -30.98
CA GLY A 170 -46.81 -10.34 -30.17
C GLY A 170 -46.16 -9.27 -29.33
N ILE A 171 -46.93 -8.78 -28.36
CA ILE A 171 -46.46 -7.84 -27.36
C ILE A 171 -45.82 -8.69 -26.25
N TYR A 172 -44.58 -9.09 -26.51
CA TYR A 172 -43.89 -10.12 -25.72
C TYR A 172 -43.10 -9.61 -24.51
N ARG A 173 -43.07 -8.29 -24.32
CA ARG A 173 -42.46 -7.68 -23.14
C ARG A 173 -43.44 -6.68 -22.53
N GLU A 174 -43.29 -6.43 -21.23
CA GLU A 174 -44.22 -5.52 -20.51
C GLU A 174 -44.20 -4.08 -21.05
N THR A 175 -45.38 -3.45 -20.98
CA THR A 175 -45.59 -2.05 -21.39
C THR A 175 -45.90 -1.14 -20.20
N GLN A 176 -45.93 0.17 -20.47
CA GLN A 176 -46.26 1.19 -19.46
C GLN A 176 -47.15 2.26 -20.04
N LEU A 177 -48.03 2.79 -19.21
CA LEU A 177 -48.77 4.01 -19.50
C LEU A 177 -48.33 5.01 -18.45
N ILE A 178 -47.74 6.12 -18.89
CA ILE A 178 -47.09 7.08 -18.00
C ILE A 178 -47.82 8.40 -18.13
N PHE A 179 -48.34 8.93 -17.02
CA PHE A 179 -48.88 10.28 -16.95
C PHE A 179 -47.90 11.18 -16.20
N THR A 180 -47.60 12.34 -16.77
CA THR A 180 -46.68 13.30 -16.14
C THR A 180 -47.25 14.69 -16.24
N ASP A 181 -46.59 15.61 -15.55
CA ASP A 181 -46.85 17.04 -15.69
C ASP A 181 -46.29 17.54 -17.02
N LYS A 182 -46.76 18.69 -17.49
CA LYS A 182 -46.20 19.29 -18.71
C LYS A 182 -44.77 19.78 -18.54
N LEU A 183 -44.36 20.01 -17.29
CA LEU A 183 -42.94 20.20 -16.96
C LEU A 183 -42.43 18.89 -16.35
N HIS A 184 -41.68 18.12 -17.13
CA HIS A 184 -41.33 16.75 -16.76
C HIS A 184 -40.01 16.27 -17.33
N ILE A 185 -39.51 15.21 -16.73
CA ILE A 185 -38.38 14.44 -17.23
C ILE A 185 -38.94 13.46 -18.28
N PRO A 186 -38.43 13.49 -19.54
CA PRO A 186 -38.88 12.54 -20.58
C PRO A 186 -38.71 11.08 -20.22
N VAL A 187 -39.33 10.17 -20.98
CA VAL A 187 -39.09 8.74 -20.76
C VAL A 187 -37.62 8.44 -21.12
N TRP A 188 -36.94 7.70 -20.26
CA TRP A 188 -35.48 7.48 -20.34
C TRP A 188 -34.69 8.79 -20.25
N GLY A 189 -35.16 9.69 -19.39
CA GLY A 189 -34.65 11.05 -19.32
C GLY A 189 -33.46 11.31 -18.44
N THR A 190 -32.98 10.28 -17.72
CA THR A 190 -31.77 10.38 -16.90
C THR A 190 -30.67 9.45 -17.41
N PHE A 191 -29.43 9.79 -17.06
CA PHE A 191 -28.25 8.99 -17.39
C PHE A 191 -27.24 9.16 -16.26
N VAL A 192 -27.09 8.14 -15.43
CA VAL A 192 -26.17 8.18 -14.27
C VAL A 192 -24.82 7.55 -14.67
N THR A 193 -23.74 8.28 -14.45
CA THR A 193 -22.38 7.77 -14.71
C THR A 193 -21.53 7.94 -13.45
N THR A 194 -20.46 7.16 -13.36
CA THR A 194 -19.52 7.25 -12.23
C THR A 194 -18.06 7.24 -12.75
N PRO A 195 -17.56 8.40 -13.20
CA PRO A 195 -16.24 8.44 -13.85
C PRO A 195 -15.05 8.15 -12.94
N VAL A 196 -15.19 8.38 -11.63
CA VAL A 196 -14.12 8.13 -10.66
C VAL A 196 -14.67 7.26 -9.55
N VAL A 197 -14.08 6.08 -9.36
CA VAL A 197 -14.58 5.08 -8.43
C VAL A 197 -13.44 4.50 -7.61
N SER A 198 -13.47 4.74 -6.30
CA SER A 198 -12.50 4.16 -5.36
C SER A 198 -13.22 3.74 -4.08
N SER A 199 -12.55 2.95 -3.24
CA SER A 199 -13.18 2.45 -2.01
C SER A 199 -13.47 3.55 -0.98
N GLU A 200 -12.78 4.69 -1.04
CA GLU A 200 -13.06 5.84 -0.15
C GLU A 200 -14.19 6.75 -0.65
N ARG A 201 -14.18 7.05 -1.94
CA ARG A 201 -15.15 7.97 -2.55
C ARG A 201 -15.53 7.50 -3.93
N ALA A 202 -16.69 7.94 -4.39
CA ALA A 202 -17.10 7.72 -5.78
C ALA A 202 -17.75 8.99 -6.30
N THR A 203 -17.31 9.47 -7.45
CA THR A 203 -17.94 10.62 -8.10
C THR A 203 -19.09 10.07 -8.91
N VAL A 204 -20.30 10.48 -8.56
CA VAL A 204 -21.52 9.98 -9.20
C VAL A 204 -22.19 11.16 -9.90
N ASN A 205 -22.15 11.16 -11.22
CA ASN A 205 -22.81 12.15 -12.05
C ASN A 205 -24.16 11.67 -12.58
N ILE A 206 -25.07 12.62 -12.79
CA ILE A 206 -26.34 12.35 -13.44
C ILE A 206 -26.64 13.48 -14.42
N GLU A 207 -27.04 13.13 -15.63
CA GLU A 207 -27.62 14.09 -16.56
C GLU A 207 -29.14 13.91 -16.51
N VAL A 208 -29.87 14.99 -16.24
CA VAL A 208 -31.34 14.98 -16.21
C VAL A 208 -31.88 15.90 -17.31
N ARG A 209 -32.62 15.32 -18.25
CA ARG A 209 -33.32 16.11 -19.27
C ARG A 209 -34.65 16.56 -18.69
N VAL A 210 -34.99 17.82 -18.94
CA VAL A 210 -36.24 18.39 -18.48
C VAL A 210 -36.90 19.04 -19.68
N LYS A 211 -38.12 18.60 -19.97
CA LYS A 211 -38.89 19.07 -21.10
C LYS A 211 -40.01 19.99 -20.61
N ASN A 212 -40.10 21.16 -21.23
CA ASN A 212 -41.16 22.12 -20.97
C ASN A 212 -42.17 22.10 -22.11
N ASP A 213 -43.26 21.36 -21.92
CA ASP A 213 -44.36 21.34 -22.89
C ASP A 213 -45.45 22.38 -22.61
N TYR A 214 -45.24 23.30 -21.65
CA TYR A 214 -46.12 24.45 -21.47
C TYR A 214 -45.91 25.47 -22.59
N SER A 215 -46.88 26.39 -22.71
CA SER A 215 -46.89 27.40 -23.78
C SER A 215 -45.96 28.60 -23.54
N GLY A 216 -45.56 28.83 -22.29
CA GLY A 216 -44.58 29.89 -21.95
C GLY A 216 -43.48 29.36 -21.07
N PRO A 217 -42.42 30.17 -20.82
CA PRO A 217 -41.25 29.71 -20.06
C PRO A 217 -41.59 29.31 -18.63
N ARG A 218 -40.73 28.51 -18.01
N ARG A 218 -40.74 28.50 -18.01
CA ARG A 218 -40.94 28.03 -16.63
CA ARG A 218 -40.94 28.03 -16.63
C ARG A 218 -39.62 28.01 -15.86
C ARG A 218 -39.62 28.01 -15.86
N ALA A 219 -39.70 28.25 -14.56
CA ALA A 219 -38.54 28.18 -13.65
C ALA A 219 -38.74 27.00 -12.71
N GLY A 220 -37.63 26.45 -12.23
CA GLY A 220 -37.71 25.34 -11.30
C GLY A 220 -36.37 24.91 -10.73
N GLU A 221 -36.39 23.77 -10.04
CA GLU A 221 -35.21 23.13 -9.49
C GLU A 221 -35.29 21.63 -9.82
N VAL A 222 -34.14 21.06 -10.17
CA VAL A 222 -33.97 19.62 -10.23
C VAL A 222 -33.27 19.23 -8.94
N ARG A 223 -33.95 18.45 -8.09
CA ARG A 223 -33.33 17.86 -6.92
C ARG A 223 -33.13 16.36 -7.14
N THR A 224 -31.87 15.92 -7.12
CA THR A 224 -31.55 14.50 -7.17
C THR A 224 -31.02 14.07 -5.81
N SER A 225 -31.74 13.14 -5.19
CA SER A 225 -31.32 12.50 -3.94
C SER A 225 -30.83 11.08 -4.24
N TYR A 226 -29.86 10.63 -3.45
CA TYR A 226 -29.21 9.34 -3.65
C TYR A 226 -29.44 8.44 -2.43
N PHE A 227 -29.91 7.21 -2.66
CA PHE A 227 -30.24 6.26 -1.59
C PHE A 227 -29.52 4.93 -1.75
N ASP A 228 -28.99 4.40 -0.65
CA ASP A 228 -28.24 3.14 -0.64
C ASP A 228 -29.19 1.95 -0.54
N SER A 229 -28.62 0.75 -0.63
CA SER A 229 -29.37 -0.51 -0.62
C SER A 229 -30.39 -0.57 0.52
N LYS A 230 -29.94 -0.24 1.73
CA LYS A 230 -30.79 -0.21 2.92
C LYS A 230 -31.54 1.13 3.16
N ASN A 231 -31.84 1.87 2.10
CA ASN A 231 -32.72 3.08 2.14
C ASN A 231 -32.24 4.32 2.89
N LYS A 232 -30.95 4.40 3.20
CA LYS A 232 -30.36 5.56 3.86
C LYS A 232 -29.96 6.59 2.79
N LYS A 233 -30.24 7.86 3.04
CA LYS A 233 -29.89 8.93 2.10
C LYS A 233 -28.40 9.18 2.23
N VAL A 234 -27.69 9.11 1.10
CA VAL A 234 -26.22 9.24 1.05
C VAL A 234 -25.75 10.42 0.21
N GLY A 235 -26.67 11.19 -0.37
CA GLY A 235 -26.30 12.36 -1.16
C GLY A 235 -27.49 13.11 -1.71
N GLU A 236 -27.29 14.39 -1.97
CA GLU A 236 -28.33 15.25 -2.55
C GLU A 236 -27.68 16.39 -3.35
N LYS A 237 -28.32 16.77 -4.45
CA LYS A 237 -27.87 17.93 -5.24
C LYS A 237 -29.10 18.67 -5.79
N LEU A 238 -29.02 20.00 -5.76
CA LEU A 238 -30.12 20.89 -6.14
C LEU A 238 -29.55 21.94 -7.10
N THR A 239 -30.22 22.13 -8.24
CA THR A 239 -29.76 23.02 -9.32
C THR A 239 -30.96 23.72 -9.92
N SER A 240 -30.87 25.05 -10.04
CA SER A 240 -31.94 25.85 -10.63
C SER A 240 -31.88 25.78 -12.17
N PHE A 241 -33.00 26.13 -12.82
CA PHE A 241 -33.07 26.21 -14.28
C PHE A 241 -34.16 27.17 -14.79
N LEU A 242 -33.99 27.64 -16.02
CA LEU A 242 -35.02 28.42 -16.75
C LEU A 242 -35.10 27.94 -18.21
N ILE A 243 -36.19 27.22 -18.52
CA ILE A 243 -36.39 26.59 -19.82
C ILE A 243 -37.50 27.31 -20.58
N GLU A 244 -37.21 27.72 -21.82
CA GLU A 244 -38.19 28.36 -22.69
C GLU A 244 -39.28 27.37 -23.12
N ALA A 245 -40.39 27.92 -23.61
CA ALA A 245 -41.53 27.11 -24.04
C ALA A 245 -41.15 26.12 -25.14
N GLY A 246 -41.58 24.86 -24.98
CA GLY A 246 -41.35 23.82 -25.98
C GLY A 246 -39.99 23.12 -25.98
N LYS A 247 -38.99 23.73 -25.34
CA LYS A 247 -37.60 23.30 -25.46
C LYS A 247 -37.25 22.25 -24.41
N GLU A 248 -36.07 21.67 -24.58
CA GLU A 248 -35.50 20.68 -23.66
C GLU A 248 -34.16 21.22 -23.16
N MET A 249 -33.82 20.89 -21.92
CA MET A 249 -32.57 21.35 -21.31
C MET A 249 -31.94 20.21 -20.53
N LYS A 250 -30.60 20.14 -20.56
CA LYS A 250 -29.84 19.08 -19.91
C LYS A 250 -29.16 19.59 -18.65
N ILE A 251 -29.50 19.00 -17.50
CA ILE A 251 -28.98 19.44 -16.20
C ILE A 251 -27.99 18.39 -15.67
N ASN A 252 -26.71 18.75 -15.68
CA ASN A 252 -25.68 17.89 -15.13
C ASN A 252 -25.51 18.14 -13.64
N GLN A 253 -25.43 17.07 -12.87
CA GLN A 253 -25.17 17.16 -11.43
C GLN A 253 -24.16 16.11 -11.02
N SER A 254 -23.35 16.45 -10.01
CA SER A 254 -22.26 15.60 -9.55
C SER A 254 -22.26 15.56 -8.03
N VAL A 255 -22.08 14.38 -7.45
CA VAL A 255 -21.99 14.23 -6.00
C VAL A 255 -20.87 13.27 -5.65
N GLU A 256 -20.49 13.27 -4.38
CA GLU A 256 -19.48 12.36 -3.86
C GLU A 256 -20.15 11.39 -2.88
N ILE A 257 -20.22 10.11 -3.25
CA ILE A 257 -20.67 9.04 -2.35
C ILE A 257 -19.43 8.53 -1.61
N SER A 258 -19.46 8.57 -0.28
CA SER A 258 -18.34 8.06 0.53
C SER A 258 -18.51 6.56 0.86
N ASN A 259 -17.38 5.88 1.03
CA ASN A 259 -17.31 4.43 1.29
C ASN A 259 -18.38 3.59 0.59
N PRO A 260 -18.45 3.70 -0.76
CA PRO A 260 -19.56 3.15 -1.50
C PRO A 260 -19.55 1.63 -1.52
N SER A 261 -20.73 1.04 -1.64
CA SER A 261 -20.88 -0.37 -1.93
C SER A 261 -20.78 -0.54 -3.44
N LEU A 262 -19.74 -1.25 -3.87
CA LEU A 262 -19.48 -1.44 -5.29
C LEU A 262 -20.32 -2.58 -5.82
N TRP A 263 -20.84 -2.40 -7.03
CA TRP A 263 -21.54 -3.45 -7.74
C TRP A 263 -20.50 -4.43 -8.24
N ASP A 264 -20.69 -5.70 -7.89
CA ASP A 264 -19.79 -6.78 -8.30
C ASP A 264 -20.65 -8.01 -8.57
N VAL A 265 -20.11 -9.00 -9.26
CA VAL A 265 -20.86 -10.23 -9.53
C VAL A 265 -21.07 -11.13 -8.30
N ASP A 266 -20.14 -11.06 -7.34
CA ASP A 266 -20.33 -11.72 -6.03
C ASP A 266 -21.21 -10.91 -5.05
N SER A 267 -21.23 -9.59 -5.22
CA SER A 267 -21.95 -8.67 -4.32
C SER A 267 -22.59 -7.51 -5.10
N PRO A 268 -23.73 -7.76 -5.76
CA PRO A 268 -24.38 -6.77 -6.64
C PRO A 268 -25.19 -5.69 -5.90
N SER A 269 -24.51 -4.74 -5.29
CA SER A 269 -25.20 -3.66 -4.57
C SER A 269 -25.76 -2.58 -5.51
N MET A 270 -26.98 -2.14 -5.22
CA MET A 270 -27.72 -1.17 -6.05
C MET A 270 -28.07 0.06 -5.25
N TYR A 271 -27.86 1.23 -5.86
CA TYR A 271 -28.30 2.52 -5.31
C TYR A 271 -29.52 2.99 -6.08
N LEU A 272 -30.18 4.01 -5.52
CA LEU A 272 -31.34 4.62 -6.14
C LEU A 272 -31.11 6.12 -6.28
N ALA A 273 -31.22 6.62 -7.52
CA ALA A 273 -31.22 8.06 -7.79
C ALA A 273 -32.68 8.49 -7.98
N LYS A 274 -33.15 9.37 -7.11
CA LYS A 274 -34.50 9.93 -7.20
C LYS A 274 -34.39 11.39 -7.64
N SER A 275 -34.71 11.65 -8.91
CA SER A 275 -34.70 12.99 -9.49
C SER A 275 -36.11 13.56 -9.43
N GLU A 276 -36.21 14.82 -8.96
CA GLU A 276 -37.50 15.50 -8.74
C GLU A 276 -37.46 16.89 -9.34
N ILE A 277 -38.46 17.23 -10.16
CA ILE A 277 -38.64 18.60 -10.67
C ILE A 277 -39.42 19.38 -9.62
N LEU A 278 -38.93 20.56 -9.26
CA LEU A 278 -39.53 21.39 -8.20
C LEU A 278 -40.00 22.73 -8.75
N VAL A 279 -41.29 23.04 -8.57
CA VAL A 279 -41.81 24.39 -8.78
C VAL A 279 -42.28 24.85 -7.41
N ASP A 280 -41.79 26.00 -6.97
CA ASP A 280 -41.79 26.39 -5.56
C ASP A 280 -41.01 25.29 -4.79
N GLY A 281 -41.53 24.80 -3.67
CA GLY A 281 -40.94 23.64 -2.97
C GLY A 281 -41.72 22.36 -3.16
N ASN A 282 -42.43 22.24 -4.28
CA ASN A 282 -43.39 21.16 -4.51
C ASN A 282 -42.98 20.24 -5.67
N VAL A 283 -43.12 18.93 -5.44
CA VAL A 283 -42.67 17.92 -6.40
C VAL A 283 -43.71 17.81 -7.52
N VAL A 284 -43.33 18.29 -8.70
CA VAL A 284 -44.17 18.26 -9.87
C VAL A 284 -44.01 16.92 -10.63
N ASP A 285 -42.79 16.39 -10.70
CA ASP A 285 -42.50 15.14 -11.40
C ASP A 285 -41.34 14.39 -10.74
N THR A 286 -41.38 13.06 -10.80
CA THR A 286 -40.32 12.21 -10.27
C THR A 286 -39.93 11.12 -11.28
N LYS A 287 -38.64 10.84 -11.37
CA LYS A 287 -38.14 9.59 -11.97
C LYS A 287 -37.16 8.92 -11.02
N GLU A 288 -37.23 7.59 -10.97
CA GLU A 288 -36.31 6.80 -10.16
C GLU A 288 -35.38 5.98 -11.05
N THR A 289 -34.07 6.21 -10.91
CA THR A 289 -33.08 5.53 -11.71
C THR A 289 -32.28 4.62 -10.79
N PRO A 290 -32.48 3.30 -10.88
CA PRO A 290 -31.54 2.40 -10.24
C PRO A 290 -30.20 2.47 -10.95
N PHE A 291 -29.12 2.42 -10.18
CA PHE A 291 -27.79 2.34 -10.76
C PHE A 291 -26.88 1.63 -9.79
N GLY A 292 -25.68 1.28 -10.27
CA GLY A 292 -24.67 0.62 -9.47
C GLY A 292 -23.34 1.29 -9.68
N ILE A 293 -22.51 1.33 -8.65
CA ILE A 293 -21.19 1.96 -8.70
C ILE A 293 -20.14 0.90 -8.96
N ARG A 294 -19.39 1.05 -10.05
CA ARG A 294 -18.40 0.06 -10.47
C ARG A 294 -17.55 0.61 -11.58
N SER A 295 -16.26 0.25 -11.60
CA SER A 295 -15.38 0.59 -12.70
C SER A 295 -15.06 -0.69 -13.49
N ILE A 296 -15.02 -0.53 -14.81
CA ILE A 296 -14.66 -1.60 -15.74
C ILE A 296 -13.52 -1.11 -16.61
N LYS A 297 -12.69 -2.04 -17.07
CA LYS A 297 -11.52 -1.68 -17.86
C LYS A 297 -11.02 -2.87 -18.64
N PHE A 298 -10.79 -2.68 -19.95
CA PHE A 298 -10.16 -3.69 -20.79
C PHE A 298 -8.72 -3.29 -21.12
N ASP A 299 -7.77 -3.99 -20.51
CA ASP A 299 -6.34 -3.84 -20.80
C ASP A 299 -5.98 -4.83 -21.90
N ALA A 300 -5.07 -4.45 -22.79
CA ALA A 300 -4.67 -5.33 -23.91
C ALA A 300 -3.60 -6.35 -23.50
N LYS A 301 -2.66 -5.93 -22.63
CA LYS A 301 -1.58 -6.82 -22.15
C LYS A 301 -2.13 -7.71 -21.04
N LYS A 302 -2.51 -7.12 -19.91
CA LYS A 302 -3.28 -7.81 -18.86
C LYS A 302 -4.72 -7.93 -19.32
N GLY A 303 -5.58 -8.61 -18.58
CA GLY A 303 -6.95 -8.85 -19.08
C GLY A 303 -8.00 -7.80 -18.74
N PHE A 304 -9.12 -8.26 -18.21
CA PHE A 304 -10.26 -7.44 -17.83
C PHE A 304 -10.27 -7.22 -16.31
N PHE A 305 -10.66 -6.02 -15.89
CA PHE A 305 -10.65 -5.61 -14.49
C PHE A 305 -12.02 -5.10 -14.07
N LEU A 306 -12.59 -5.69 -13.02
CA LEU A 306 -13.84 -5.22 -12.41
C LEU A 306 -13.55 -4.78 -10.98
N ASN A 307 -13.78 -3.49 -10.71
CA ASN A 307 -13.37 -2.87 -9.45
C ASN A 307 -11.91 -3.18 -9.08
N GLY A 308 -11.05 -3.16 -10.09
CA GLY A 308 -9.62 -3.46 -9.93
C GLY A 308 -9.22 -4.90 -9.62
N LYS A 309 -10.11 -5.84 -9.87
CA LYS A 309 -9.81 -7.26 -9.72
C LYS A 309 -9.66 -7.84 -11.11
N ASN A 310 -8.50 -8.44 -11.39
CA ASN A 310 -8.28 -9.16 -12.64
C ASN A 310 -9.06 -10.47 -12.59
N MET A 311 -10.15 -10.54 -13.35
CA MET A 311 -11.00 -11.73 -13.39
C MET A 311 -11.23 -12.17 -14.82
N LYS A 312 -11.34 -13.47 -15.04
CA LYS A 312 -11.74 -14.00 -16.34
C LYS A 312 -13.25 -13.85 -16.53
N ILE A 313 -13.67 -13.55 -17.76
CA ILE A 313 -15.08 -13.53 -18.12
C ILE A 313 -15.54 -14.95 -18.49
N LYS A 314 -16.49 -15.46 -17.73
CA LYS A 314 -16.97 -16.83 -17.82
C LYS A 314 -18.38 -16.78 -18.36
N GLY A 315 -18.48 -16.46 -19.65
CA GLY A 315 -19.73 -16.01 -20.24
C GLY A 315 -20.51 -17.10 -20.94
N VAL A 316 -21.81 -16.83 -21.17
CA VAL A 316 -22.69 -17.70 -21.95
C VAL A 316 -23.66 -16.89 -22.81
N CYS A 317 -23.96 -17.39 -24.00
CA CYS A 317 -24.87 -16.73 -24.94
C CYS A 317 -26.29 -17.21 -24.66
N LEU A 318 -27.23 -16.27 -24.56
CA LEU A 318 -28.62 -16.59 -24.26
C LEU A 318 -29.54 -16.02 -25.31
N HIS A 319 -30.29 -16.88 -25.99
CA HIS A 319 -31.42 -16.42 -26.78
C HIS A 319 -32.54 -15.96 -25.85
N HIS A 320 -33.46 -15.16 -26.40
CA HIS A 320 -34.55 -14.55 -25.63
C HIS A 320 -35.75 -15.47 -25.31
N ASP A 321 -35.80 -16.66 -25.94
CA ASP A 321 -36.90 -17.61 -25.70
C ASP A 321 -36.61 -18.56 -24.54
N ALA A 322 -37.66 -18.95 -23.83
CA ALA A 322 -37.60 -20.12 -22.96
C ALA A 322 -38.02 -21.33 -23.79
N SER A 323 -39.17 -21.95 -23.50
CA SER A 323 -39.70 -23.01 -24.36
C SER A 323 -41.23 -22.99 -24.35
N MET A 324 -41.83 -23.28 -23.21
CA MET A 324 -43.29 -23.29 -23.08
C MET A 324 -43.90 -21.90 -23.08
N ILE A 325 -43.21 -20.93 -22.48
CA ILE A 325 -43.64 -19.53 -22.47
C ILE A 325 -43.20 -18.77 -23.72
N GLY A 326 -42.20 -19.31 -24.42
CA GLY A 326 -41.72 -18.73 -25.66
C GLY A 326 -40.96 -17.45 -25.39
N ALA A 327 -41.25 -16.42 -26.18
CA ALA A 327 -40.58 -15.12 -26.05
C ALA A 327 -41.10 -14.25 -24.91
N ALA A 328 -42.25 -14.63 -24.34
CA ALA A 328 -42.85 -13.95 -23.18
C ALA A 328 -41.87 -13.84 -22.01
N LEU A 329 -41.66 -12.60 -21.54
CA LEU A 329 -40.70 -12.33 -20.49
C LEU A 329 -41.38 -12.50 -19.13
N VAL A 330 -41.32 -13.72 -18.60
CA VAL A 330 -41.81 -14.00 -17.25
C VAL A 330 -40.58 -14.10 -16.38
N GLU A 331 -40.48 -13.24 -15.38
CA GLU A 331 -39.23 -13.02 -14.65
C GLU A 331 -38.82 -14.21 -13.80
N ASP A 332 -39.78 -14.90 -13.19
CA ASP A 332 -39.47 -16.09 -12.38
C ASP A 332 -38.95 -17.28 -13.19
N VAL A 333 -39.34 -17.39 -14.46
CA VAL A 333 -38.83 -18.48 -15.30
C VAL A 333 -37.34 -18.29 -15.62
N TRP A 334 -36.95 -17.04 -15.91
CA TRP A 334 -35.54 -16.71 -16.14
C TRP A 334 -34.70 -16.69 -14.84
N ARG A 335 -35.31 -16.28 -13.74
CA ARG A 335 -34.61 -16.26 -12.45
C ARG A 335 -34.03 -17.62 -12.11
N ARG A 336 -34.82 -18.66 -12.34
CA ARG A 336 -34.39 -20.03 -12.10
C ARG A 336 -33.24 -20.43 -13.03
N ARG A 337 -33.41 -20.15 -14.33
CA ARG A 337 -32.37 -20.45 -15.32
C ARG A 337 -31.04 -19.76 -15.01
N LEU A 338 -31.10 -18.48 -14.66
CA LEU A 338 -29.93 -17.71 -14.26
C LEU A 338 -29.32 -18.18 -12.94
N GLN A 339 -30.17 -18.62 -12.00
CA GLN A 339 -29.68 -19.13 -10.74
C GLN A 339 -28.87 -20.42 -10.92
N THR A 340 -29.32 -21.27 -11.84
CA THR A 340 -28.60 -22.51 -12.17
C THR A 340 -27.26 -22.20 -12.87
N LEU A 341 -27.29 -21.31 -13.86
CA LEU A 341 -26.06 -20.84 -14.53
C LEU A 341 -25.05 -20.23 -13.54
N LYS A 342 -25.57 -19.39 -12.64
CA LYS A 342 -24.78 -18.76 -11.57
C LYS A 342 -24.04 -19.80 -10.71
N ASP A 343 -24.78 -20.80 -10.24
CA ASP A 343 -24.19 -21.85 -9.38
C ASP A 343 -23.19 -22.75 -10.15
N GLY A 344 -23.30 -22.79 -11.47
CA GLY A 344 -22.28 -23.38 -12.34
C GLY A 344 -21.05 -22.53 -12.62
N GLY A 345 -20.95 -21.33 -12.03
CA GLY A 345 -19.76 -20.48 -12.14
C GLY A 345 -19.74 -19.43 -13.23
N CYS A 346 -20.88 -19.24 -13.90
CA CYS A 346 -21.01 -18.25 -14.98
C CYS A 346 -21.17 -16.84 -14.39
N ASN A 347 -20.39 -15.87 -14.88
CA ASN A 347 -20.48 -14.48 -14.40
C ASN A 347 -20.88 -13.43 -15.46
N ALA A 348 -21.15 -13.88 -16.69
CA ALA A 348 -21.49 -12.97 -17.77
C ALA A 348 -22.48 -13.58 -18.75
N ILE A 349 -23.25 -12.71 -19.41
CA ILE A 349 -24.25 -13.13 -20.39
C ILE A 349 -24.17 -12.24 -21.63
N ARG A 350 -24.05 -12.87 -22.81
CA ARG A 350 -24.20 -12.17 -24.08
C ARG A 350 -25.63 -12.33 -24.59
N LEU A 351 -26.36 -11.24 -24.73
CA LEU A 351 -27.71 -11.25 -25.28
C LEU A 351 -27.66 -11.43 -26.81
N SER A 352 -27.68 -12.68 -27.24
CA SER A 352 -27.54 -13.05 -28.66
C SER A 352 -28.88 -13.15 -29.39
N HIS A 353 -29.07 -12.53 -30.57
CA HIS A 353 -28.23 -11.48 -31.15
C HIS A 353 -29.05 -10.21 -31.32
N ASN A 354 -29.51 -9.68 -30.20
CA ASN A 354 -30.48 -8.60 -30.21
C ASN A 354 -30.59 -7.93 -28.85
N PRO A 355 -31.19 -6.73 -28.80
CA PRO A 355 -31.46 -6.08 -27.51
C PRO A 355 -32.32 -6.95 -26.60
N GLY A 356 -32.00 -6.99 -25.31
CA GLY A 356 -32.74 -7.81 -24.34
C GLY A 356 -33.89 -7.01 -23.75
N ALA A 357 -34.72 -7.68 -22.97
CA ALA A 357 -35.79 -7.01 -22.22
C ALA A 357 -35.21 -6.21 -21.05
N ASP A 358 -35.85 -5.08 -20.72
CA ASP A 358 -35.50 -4.30 -19.53
C ASP A 358 -35.59 -5.13 -18.24
N ALA A 359 -36.67 -5.91 -18.11
CA ALA A 359 -36.86 -6.85 -16.98
C ALA A 359 -35.75 -7.90 -16.86
N PHE A 360 -35.15 -8.31 -17.98
CA PHE A 360 -34.00 -9.21 -17.96
C PHE A 360 -32.73 -8.50 -17.50
N LEU A 361 -32.56 -7.25 -17.95
CA LEU A 361 -31.42 -6.43 -17.51
C LEU A 361 -31.50 -6.16 -16.02
N GLU A 362 -32.70 -5.78 -15.56
CA GLU A 362 -32.98 -5.57 -14.13
C GLU A 362 -32.66 -6.82 -13.29
N LEU A 363 -32.88 -8.00 -13.87
CA LEU A 363 -32.52 -9.27 -13.23
C LEU A 363 -31.00 -9.50 -13.16
N CYS A 364 -30.27 -9.13 -14.21
CA CYS A 364 -28.80 -9.23 -14.21
C CYS A 364 -28.14 -8.23 -13.24
N ASP A 365 -28.78 -7.09 -13.03
CA ASP A 365 -28.34 -6.12 -12.00
C ASP A 365 -28.47 -6.71 -10.59
N GLU A 366 -29.59 -7.39 -10.35
CA GLU A 366 -29.90 -7.95 -9.04
C GLU A 366 -29.08 -9.20 -8.69
N MET A 367 -28.91 -10.09 -9.67
CA MET A 367 -28.25 -11.38 -9.47
C MET A 367 -26.74 -11.34 -9.71
N GLY A 368 -26.28 -10.40 -10.53
CA GLY A 368 -24.84 -10.13 -10.69
C GLY A 368 -24.20 -10.77 -11.92
N PHE A 369 -24.71 -10.42 -13.09
CA PHE A 369 -24.13 -10.83 -14.36
C PHE A 369 -23.66 -9.63 -15.13
N LEU A 370 -22.46 -9.74 -15.70
CA LEU A 370 -21.97 -8.78 -16.69
C LEU A 370 -22.69 -9.04 -18.01
N VAL A 371 -23.22 -8.01 -18.64
CA VAL A 371 -24.08 -8.19 -19.82
C VAL A 371 -23.57 -7.48 -21.09
N GLN A 372 -23.32 -8.25 -22.15
CA GLN A 372 -23.08 -7.68 -23.47
C GLN A 372 -24.41 -7.56 -24.20
N GLU A 373 -24.83 -6.34 -24.53
CA GLU A 373 -26.06 -6.12 -25.29
C GLU A 373 -25.78 -5.94 -26.79
N GLU A 374 -26.42 -6.78 -27.62
CA GLU A 374 -26.30 -6.72 -29.09
C GLU A 374 -27.38 -5.81 -29.69
N PHE A 375 -27.07 -5.16 -30.81
CA PHE A 375 -28.08 -4.36 -31.53
C PHE A 375 -28.66 -5.14 -32.69
N PHE A 376 -27.79 -5.59 -33.59
CA PHE A 376 -28.22 -6.18 -34.86
C PHE A 376 -27.55 -7.53 -35.11
N ASP A 377 -28.23 -8.40 -35.89
CA ASP A 377 -27.67 -9.66 -36.41
C ASP A 377 -27.08 -9.49 -37.81
N GLU A 378 -27.62 -8.54 -38.56
CA GLU A 378 -27.16 -8.20 -39.90
C GLU A 378 -27.31 -6.69 -40.10
N TRP A 379 -26.47 -6.11 -40.97
CA TRP A 379 -26.53 -4.68 -41.30
C TRP A 379 -27.18 -4.45 -42.68
N ASP A 380 -26.41 -4.02 -43.69
CA ASP A 380 -26.96 -3.58 -44.98
C ASP A 380 -27.47 -4.73 -45.87
N TYR A 381 -26.96 -5.95 -45.64
CA TYR A 381 -27.27 -7.10 -46.48
C TYR A 381 -27.75 -8.29 -45.66
N PRO A 382 -28.74 -9.05 -46.20
CA PRO A 382 -29.37 -10.13 -45.43
C PRO A 382 -28.55 -11.41 -45.33
N LYS A 383 -28.60 -12.04 -44.16
CA LYS A 383 -28.13 -13.42 -43.96
C LYS A 383 -29.17 -14.43 -44.46
N ASP A 384 -28.72 -15.63 -44.79
CA ASP A 384 -29.66 -16.71 -45.09
C ASP A 384 -30.30 -17.19 -43.78
N LYS A 385 -31.63 -17.16 -43.74
CA LYS A 385 -32.39 -17.50 -42.55
C LYS A 385 -32.44 -19.01 -42.32
N ARG A 386 -32.56 -19.77 -43.41
CA ARG A 386 -32.63 -21.24 -43.35
C ARG A 386 -31.27 -21.88 -43.19
N LEU A 387 -30.29 -21.38 -43.95
CA LEU A 387 -28.91 -21.84 -43.86
C LEU A 387 -28.21 -20.90 -42.87
N ASN A 388 -27.03 -20.39 -43.20
CA ASN A 388 -26.47 -19.23 -42.50
C ASN A 388 -25.78 -18.39 -43.55
N MET A 389 -24.94 -17.43 -43.13
CA MET A 389 -24.05 -16.70 -44.04
C MET A 389 -24.84 -15.88 -45.07
N ASP A 390 -24.18 -15.45 -46.15
CA ASP A 390 -24.85 -14.76 -47.28
C ASP A 390 -26.16 -15.43 -47.73
N GLU A 391 -27.18 -14.60 -47.98
CA GLU A 391 -28.49 -15.08 -48.44
C GLU A 391 -28.40 -15.60 -49.87
N GLN A 392 -29.08 -16.70 -50.15
CA GLN A 392 -28.99 -17.38 -51.45
C GLN A 392 -30.28 -17.23 -52.26
N SER A 393 -31.41 -17.58 -51.63
CA SER A 393 -32.74 -17.44 -52.24
C SER A 393 -33.47 -16.21 -51.71
N ILE A 394 -34.48 -15.77 -52.45
CA ILE A 394 -35.34 -14.66 -52.01
C ILE A 394 -36.79 -15.11 -52.12
N ASP A 395 -37.47 -15.17 -50.98
CA ASP A 395 -38.92 -15.36 -50.93
C ASP A 395 -39.55 -14.55 -49.79
N TYR A 396 -40.87 -14.41 -49.83
CA TYR A 396 -41.62 -13.54 -48.92
C TYR A 396 -41.31 -13.77 -47.44
N ILE A 397 -41.41 -15.02 -46.99
CA ILE A 397 -41.38 -15.32 -45.55
C ILE A 397 -40.02 -15.16 -44.86
N THR A 398 -38.94 -14.94 -45.60
CA THR A 398 -37.63 -14.62 -45.01
C THR A 398 -37.22 -13.14 -45.15
N ARG A 399 -38.11 -12.27 -45.63
CA ARG A 399 -37.83 -10.82 -45.71
C ARG A 399 -37.77 -10.22 -44.31
N GLY A 400 -36.57 -9.80 -43.92
CA GLY A 400 -36.32 -9.33 -42.57
C GLY A 400 -36.11 -7.84 -42.49
N TYR A 401 -35.40 -7.43 -41.45
CA TYR A 401 -35.20 -6.01 -41.07
C TYR A 401 -34.36 -5.23 -42.08
N CYS A 402 -33.56 -5.95 -42.86
CA CYS A 402 -32.80 -5.37 -43.96
C CYS A 402 -33.58 -4.39 -44.86
N GLU A 403 -34.87 -4.64 -45.05
CA GLU A 403 -35.78 -3.73 -45.75
C GLU A 403 -35.83 -2.31 -45.11
N TYR A 404 -35.64 -2.23 -43.79
CA TYR A 404 -35.78 -0.99 -43.02
C TYR A 404 -34.49 -0.40 -42.41
N PHE A 405 -33.40 -1.17 -42.44
CA PHE A 405 -32.15 -0.81 -41.76
C PHE A 405 -31.65 0.61 -42.05
N GLN A 406 -31.63 1.00 -43.33
CA GLN A 406 -31.11 2.34 -43.71
C GLN A 406 -31.85 3.48 -43.01
N GLU A 407 -33.17 3.41 -42.99
CA GLU A 407 -33.98 4.46 -42.36
C GLU A 407 -34.10 4.34 -40.83
N TRP A 408 -34.02 3.12 -40.30
CA TRP A 408 -34.40 2.84 -38.90
C TRP A 408 -33.30 2.50 -37.91
N ALA A 409 -32.10 2.17 -38.39
CA ALA A 409 -31.00 1.67 -37.53
C ALA A 409 -30.65 2.63 -36.41
N GLU A 410 -30.55 3.92 -36.74
CA GLU A 410 -30.18 4.96 -35.77
C GLU A 410 -31.21 5.11 -34.65
N ARG A 411 -32.48 5.23 -35.03
CA ARG A 411 -33.59 5.28 -34.04
C ARG A 411 -33.59 4.07 -33.12
N ASP A 412 -33.43 2.88 -33.69
CA ASP A 412 -33.50 1.64 -32.92
C ASP A 412 -32.30 1.50 -31.97
N LEU A 413 -31.11 1.74 -32.49
CA LEU A 413 -29.88 1.68 -31.71
C LEU A 413 -29.95 2.62 -30.50
N LYS A 414 -30.31 3.87 -30.76
CA LYS A 414 -30.31 4.89 -29.72
C LYS A 414 -31.40 4.66 -28.69
N ASN A 415 -32.60 4.27 -29.13
CA ASN A 415 -33.68 3.88 -28.20
C ASN A 415 -33.25 2.74 -27.27
N VAL A 416 -32.63 1.71 -27.83
CA VAL A 416 -32.11 0.60 -27.03
C VAL A 416 -31.20 1.16 -25.96
N MET A 417 -30.21 1.97 -26.36
CA MET A 417 -29.26 2.56 -25.43
C MET A 417 -29.89 3.55 -24.46
N LEU A 418 -30.87 4.32 -24.92
CA LEU A 418 -31.61 5.21 -24.02
C LEU A 418 -32.29 4.45 -22.89
N ARG A 419 -32.92 3.32 -23.25
CA ARG A 419 -33.59 2.46 -22.28
C ARG A 419 -32.60 1.80 -21.36
N SER A 420 -31.49 1.30 -21.89
CA SER A 420 -30.63 0.40 -21.10
C SER A 420 -29.31 0.96 -20.56
N ARG A 421 -28.97 2.22 -20.84
CA ARG A 421 -27.65 2.73 -20.45
C ARG A 421 -27.41 2.97 -18.94
N ASN A 422 -28.45 2.94 -18.11
CA ASN A 422 -28.27 3.07 -16.66
C ASN A 422 -27.96 1.77 -15.90
N HIS A 423 -28.31 0.63 -16.50
CA HIS A 423 -28.11 -0.67 -15.86
C HIS A 423 -26.61 -0.94 -15.63
N PRO A 424 -26.20 -1.17 -14.36
CA PRO A 424 -24.79 -1.46 -14.12
C PRO A 424 -24.30 -2.79 -14.70
N CYS A 425 -25.21 -3.75 -14.90
CA CYS A 425 -24.85 -5.04 -15.48
C CYS A 425 -24.21 -4.90 -16.85
N ILE A 426 -24.65 -3.92 -17.64
CA ILE A 426 -24.12 -3.76 -19.00
C ILE A 426 -22.67 -3.28 -18.94
N PHE A 427 -21.82 -3.92 -19.73
CA PHE A 427 -20.40 -3.57 -19.83
C PHE A 427 -19.81 -3.62 -21.24
N GLN A 428 -20.63 -3.87 -22.27
CA GLN A 428 -20.19 -3.95 -23.66
C GLN A 428 -21.42 -3.75 -24.54
N TRP A 429 -21.34 -2.80 -25.47
CA TRP A 429 -22.32 -2.66 -26.52
C TRP A 429 -21.77 -3.36 -27.73
N SER A 430 -22.50 -4.34 -28.27
CA SER A 430 -22.08 -5.02 -29.49
C SER A 430 -22.91 -4.54 -30.71
N ILE A 431 -22.21 -4.08 -31.75
CA ILE A 431 -22.87 -3.50 -32.91
C ILE A 431 -23.24 -4.53 -33.97
N GLY A 432 -22.57 -5.68 -33.99
CA GLY A 432 -22.88 -6.73 -34.97
C GLY A 432 -22.38 -8.10 -34.63
N ASN A 433 -23.11 -9.12 -35.13
CA ASN A 433 -22.71 -10.51 -34.98
C ASN A 433 -22.42 -11.12 -36.36
N GLU A 434 -21.18 -11.58 -36.57
CA GLU A 434 -20.78 -12.34 -37.77
C GLU A 434 -21.23 -11.70 -39.09
N ILE A 435 -20.93 -10.42 -39.21
CA ILE A 435 -21.42 -9.57 -40.31
C ILE A 435 -20.62 -9.81 -41.61
N GLU A 436 -19.40 -10.34 -41.48
CA GLU A 436 -18.48 -10.46 -42.62
C GLU A 436 -19.06 -11.31 -43.74
N TRP A 437 -19.84 -12.33 -43.38
CA TRP A 437 -20.48 -13.21 -44.38
C TRP A 437 -21.28 -12.46 -45.43
N THR A 438 -21.92 -11.35 -45.04
CA THR A 438 -22.90 -10.66 -45.89
C THR A 438 -22.35 -9.63 -46.87
N TYR A 439 -21.05 -9.33 -46.81
CA TYR A 439 -20.43 -8.35 -47.72
C TYR A 439 -19.45 -9.04 -48.69
N LYS A 440 -19.71 -8.94 -50.00
CA LYS A 440 -18.85 -9.53 -51.05
C LYS A 440 -17.40 -9.09 -50.92
N GLY A 441 -16.47 -10.04 -50.96
CA GLY A 441 -15.04 -9.76 -50.87
C GLY A 441 -14.37 -10.18 -49.58
N CYS A 442 -15.13 -10.22 -48.47
CA CYS A 442 -14.56 -10.43 -47.14
C CYS A 442 -13.91 -11.79 -46.97
N LYS A 443 -14.72 -12.84 -47.11
CA LYS A 443 -14.20 -14.21 -47.02
C LYS A 443 -13.10 -14.46 -48.06
N GLU A 444 -13.31 -14.00 -49.29
CA GLU A 444 -12.31 -14.20 -50.35
C GLU A 444 -11.07 -13.30 -50.26
N SER A 445 -11.10 -12.24 -49.43
CA SER A 445 -9.89 -11.45 -49.16
C SER A 445 -8.91 -12.17 -48.24
N THR A 446 -9.38 -13.14 -47.46
CA THR A 446 -8.48 -14.07 -46.78
C THR A 446 -8.11 -15.14 -47.80
N GLY A 447 -7.28 -16.10 -47.41
CA GLY A 447 -6.99 -17.23 -48.30
C GLY A 447 -7.72 -18.52 -47.93
N PHE A 448 -8.66 -18.44 -46.99
CA PHE A 448 -9.30 -19.65 -46.45
C PHE A 448 -10.17 -20.36 -47.48
N PHE A 449 -10.93 -19.59 -48.25
CA PHE A 449 -12.01 -20.14 -49.08
C PHE A 449 -11.63 -20.34 -50.55
N SER A 450 -10.34 -20.59 -50.81
CA SER A 450 -9.84 -20.72 -52.19
C SER A 450 -8.48 -21.43 -52.22
N TYR A 457 -11.25 -22.93 -42.16
CA TYR A 457 -10.97 -21.70 -41.42
C TYR A 457 -11.08 -21.83 -39.89
N PHE A 458 -11.89 -22.77 -39.41
CA PHE A 458 -12.07 -23.01 -37.96
C PHE A 458 -10.77 -23.24 -37.18
N TRP A 459 -9.90 -24.08 -37.73
CA TRP A 459 -8.71 -24.59 -37.00
C TRP A 459 -7.38 -24.03 -37.49
N ASN A 460 -7.43 -23.02 -38.36
CA ASN A 460 -6.22 -22.48 -39.01
C ASN A 460 -6.21 -20.96 -39.11
N GLN A 461 -5.01 -20.44 -39.33
CA GLN A 461 -4.78 -19.02 -39.52
C GLN A 461 -4.75 -18.75 -41.02
N PRO A 462 -4.96 -17.48 -41.43
CA PRO A 462 -5.00 -17.24 -42.88
C PRO A 462 -3.67 -17.59 -43.55
N PRO A 463 -3.73 -18.19 -44.75
CA PRO A 463 -2.46 -18.39 -45.46
C PRO A 463 -1.89 -17.07 -46.00
N TYR A 464 -2.73 -16.07 -46.26
CA TYR A 464 -2.27 -14.76 -46.72
C TYR A 464 -1.70 -13.95 -45.57
N SER A 465 -0.72 -13.08 -45.86
CA SER A 465 -0.16 -12.15 -44.87
C SER A 465 -1.08 -10.94 -44.66
N THR A 466 -0.74 -10.14 -43.65
CA THR A 466 -1.49 -8.93 -43.31
C THR A 466 -1.65 -7.98 -44.50
N GLN A 467 -0.52 -7.71 -45.15
CA GLN A 467 -0.45 -6.86 -46.35
C GLN A 467 -1.17 -7.48 -47.56
N ARG A 468 -1.03 -8.79 -47.72
CA ARG A 468 -1.68 -9.54 -48.80
C ARG A 468 -3.20 -9.49 -48.70
N ILE A 469 -3.74 -9.72 -47.51
CA ILE A 469 -5.19 -9.62 -47.25
C ILE A 469 -5.68 -8.21 -47.58
N ARG A 470 -4.91 -7.20 -47.15
CA ARG A 470 -5.18 -5.79 -47.42
C ARG A 470 -5.16 -5.49 -48.92
N GLU A 471 -4.19 -6.07 -49.63
CA GLU A 471 -4.09 -5.97 -51.11
C GLU A 471 -5.20 -6.69 -51.88
N GLU A 472 -5.56 -7.90 -51.45
CA GLU A 472 -6.74 -8.59 -52.02
C GLU A 472 -8.03 -7.81 -51.81
N TRP A 473 -8.13 -7.09 -50.70
CA TRP A 473 -9.31 -6.27 -50.38
C TRP A 473 -9.45 -5.05 -51.29
N ALA A 474 -8.34 -4.43 -51.66
CA ALA A 474 -8.34 -3.38 -52.70
C ALA A 474 -8.85 -3.85 -54.08
N LYS A 475 -8.58 -5.11 -54.43
CA LYS A 475 -8.95 -5.68 -55.74
C LYS A 475 -10.42 -6.14 -55.89
N GLN A 476 -11.18 -6.21 -54.80
CA GLN A 476 -12.57 -6.67 -54.88
C GLN A 476 -13.47 -5.61 -55.51
N PRO A 477 -14.58 -6.03 -56.16
CA PRO A 477 -15.52 -5.02 -56.68
C PRO A 477 -16.24 -4.23 -55.58
N LYS A 478 -16.38 -2.92 -55.80
CA LYS A 478 -17.01 -2.01 -54.85
C LYS A 478 -18.53 -2.21 -54.87
N GLN A 479 -19.08 -2.50 -53.68
N GLN A 479 -19.10 -2.52 -53.70
CA GLN A 479 -20.52 -2.64 -53.47
CA GLN A 479 -20.55 -2.65 -53.54
C GLN A 479 -21.15 -1.30 -53.09
C GLN A 479 -21.15 -1.33 -53.05
N THR A 480 -22.48 -1.28 -53.04
CA THR A 480 -23.25 -0.11 -52.57
C THR A 480 -22.93 0.26 -51.11
N TYR A 481 -22.70 -0.77 -50.28
CA TYR A 481 -22.39 -0.57 -48.87
C TYR A 481 -21.04 -1.18 -48.53
N ASP A 482 -20.28 -0.50 -47.67
CA ASP A 482 -19.00 -0.99 -47.16
C ASP A 482 -19.12 -1.37 -45.67
N ILE A 483 -18.59 -2.54 -45.32
CA ILE A 483 -18.60 -3.00 -43.93
C ILE A 483 -17.88 -2.05 -42.95
N GLY A 484 -16.79 -1.45 -43.40
CA GLY A 484 -16.05 -0.46 -42.60
C GLY A 484 -16.80 0.84 -42.38
N ARG A 485 -17.38 1.36 -43.45
CA ARG A 485 -18.16 2.60 -43.40
C ARG A 485 -19.39 2.44 -42.49
N THR A 486 -20.14 1.35 -42.61
CA THR A 486 -21.31 1.12 -41.77
C THR A 486 -20.88 0.85 -40.30
N ALA A 487 -19.77 0.13 -40.12
CA ALA A 487 -19.19 -0.06 -38.80
C ALA A 487 -18.84 1.27 -38.13
N LYS A 488 -18.33 2.23 -38.90
CA LYS A 488 -18.01 3.56 -38.38
C LYS A 488 -19.26 4.34 -37.93
N LYS A 489 -20.31 4.36 -38.77
CA LYS A 489 -21.56 5.07 -38.44
C LYS A 489 -22.17 4.53 -37.15
N LEU A 490 -22.29 3.21 -37.05
CA LEU A 490 -22.88 2.56 -35.88
C LEU A 490 -22.08 2.84 -34.61
N ALA A 491 -20.74 2.80 -34.72
CA ALA A 491 -19.87 3.05 -33.57
C ALA A 491 -19.90 4.52 -33.14
N ALA A 492 -20.02 5.42 -34.13
CA ALA A 492 -20.18 6.84 -33.88
C ALA A 492 -21.48 7.10 -33.11
N TRP A 493 -22.59 6.55 -33.60
CA TRP A 493 -23.89 6.71 -32.93
C TRP A 493 -23.87 6.14 -31.52
N THR A 494 -23.29 4.97 -31.40
CA THR A 494 -23.17 4.29 -30.12
C THR A 494 -22.43 5.19 -29.11
N ARG A 495 -21.35 5.84 -29.55
CA ARG A 495 -20.57 6.71 -28.67
C ARG A 495 -21.20 8.07 -28.36
N GLU A 496 -22.07 8.58 -29.24
CA GLU A 496 -22.92 9.74 -28.93
C GLU A 496 -23.77 9.52 -27.66
N MET A 497 -24.24 8.29 -27.46
CA MET A 497 -25.09 7.93 -26.33
C MET A 497 -24.30 7.44 -25.12
N ASP A 498 -23.11 6.87 -25.34
CA ASP A 498 -22.32 6.30 -24.22
C ASP A 498 -20.84 6.08 -24.57
N THR A 499 -19.95 6.71 -23.80
CA THR A 499 -18.49 6.47 -23.92
C THR A 499 -17.90 5.72 -22.70
N THR A 500 -18.75 5.33 -21.75
CA THR A 500 -18.33 4.68 -20.50
C THR A 500 -18.24 3.15 -20.61
N ARG A 501 -18.69 2.60 -21.74
CA ARG A 501 -18.61 1.17 -22.02
C ARG A 501 -18.02 0.95 -23.40
N PRO A 502 -17.15 -0.07 -23.56
CA PRO A 502 -16.56 -0.32 -24.89
C PRO A 502 -17.56 -0.74 -25.97
N VAL A 503 -17.35 -0.24 -27.20
CA VAL A 503 -18.04 -0.77 -28.37
C VAL A 503 -17.33 -2.07 -28.79
N THR A 504 -18.11 -3.14 -28.97
CA THR A 504 -17.57 -4.42 -29.45
C THR A 504 -18.37 -4.95 -30.63
N ALA A 505 -17.93 -6.10 -31.14
CA ALA A 505 -18.65 -6.83 -32.17
C ALA A 505 -18.13 -8.24 -32.20
N ASN A 506 -18.96 -9.18 -32.68
CA ASN A 506 -18.57 -10.59 -32.80
C ASN A 506 -18.10 -10.83 -34.23
N CYS A 507 -16.79 -10.83 -34.42
CA CYS A 507 -16.16 -10.97 -35.75
C CYS A 507 -15.81 -12.44 -36.07
N ILE A 508 -16.48 -13.01 -37.07
CA ILE A 508 -16.21 -14.38 -37.57
C ILE A 508 -14.92 -14.51 -38.42
N LEU A 509 -14.46 -13.42 -39.02
CA LEU A 509 -13.18 -13.41 -39.76
C LEU A 509 -12.32 -12.19 -39.38
N PRO A 510 -11.68 -12.23 -38.19
CA PRO A 510 -10.79 -11.16 -37.70
C PRO A 510 -9.77 -10.69 -38.73
N SER A 511 -9.07 -11.66 -39.34
CA SER A 511 -8.03 -11.41 -40.35
C SER A 511 -8.36 -10.33 -41.36
N ILE A 512 -9.53 -10.43 -41.99
CA ILE A 512 -10.02 -9.37 -42.91
C ILE A 512 -10.53 -8.14 -42.15
N SER A 513 -11.31 -8.33 -41.08
CA SER A 513 -11.90 -7.22 -40.32
C SER A 513 -10.87 -6.35 -39.61
N TYR A 514 -9.67 -6.89 -39.35
CA TYR A 514 -8.53 -6.07 -38.93
C TYR A 514 -8.09 -5.04 -39.96
N GLU A 515 -8.38 -5.27 -41.24
CA GLU A 515 -7.93 -4.44 -42.36
C GLU A 515 -9.01 -3.69 -43.15
N THR A 516 -10.30 -3.87 -42.82
CA THR A 516 -11.39 -3.09 -43.43
C THR A 516 -11.74 -1.78 -42.69
N GLY A 517 -11.22 -1.59 -41.47
CA GLY A 517 -11.67 -0.48 -40.60
C GLY A 517 -12.82 -0.88 -39.67
N TYR A 518 -13.27 -2.13 -39.76
CA TYR A 518 -14.39 -2.63 -38.95
C TYR A 518 -13.92 -2.81 -37.50
N ILE A 519 -12.76 -3.43 -37.33
CA ILE A 519 -12.17 -3.60 -35.98
C ILE A 519 -11.61 -2.28 -35.44
N ASP A 520 -11.05 -1.43 -36.30
CA ASP A 520 -10.57 -0.11 -35.87
C ASP A 520 -11.69 0.78 -35.27
N ALA A 521 -12.94 0.56 -35.67
CA ALA A 521 -14.10 1.24 -35.07
C ALA A 521 -14.34 0.84 -33.60
N LEU A 522 -13.97 -0.38 -33.23
CA LEU A 522 -14.28 -0.99 -31.93
C LEU A 522 -13.20 -0.72 -30.88
N ASP A 523 -13.59 -0.73 -29.59
CA ASP A 523 -12.64 -0.68 -28.46
C ASP A 523 -12.16 -2.08 -28.09
N VAL A 524 -13.03 -3.07 -28.27
CA VAL A 524 -12.72 -4.48 -27.99
C VAL A 524 -13.22 -5.33 -29.16
N ALA A 525 -12.31 -6.08 -29.80
CA ALA A 525 -12.65 -6.99 -30.89
C ALA A 525 -13.04 -8.36 -30.32
N GLY A 526 -14.31 -8.72 -30.46
CA GLY A 526 -14.78 -10.04 -30.10
C GLY A 526 -14.55 -10.99 -31.26
N PHE A 527 -14.00 -12.18 -30.98
CA PHE A 527 -13.85 -13.24 -31.99
C PHE A 527 -14.90 -14.35 -31.82
N SER A 528 -15.37 -14.87 -32.95
CA SER A 528 -16.36 -15.95 -33.01
C SER A 528 -15.69 -17.23 -33.53
N TYR A 529 -15.41 -18.17 -32.63
CA TYR A 529 -14.80 -19.47 -32.98
C TYR A 529 -13.40 -19.34 -33.59
N ARG A 530 -12.63 -18.41 -33.04
CA ARG A 530 -11.27 -18.13 -33.53
C ARG A 530 -10.23 -18.25 -32.42
N ARG A 531 -10.29 -19.31 -31.61
CA ARG A 531 -9.25 -19.48 -30.59
C ARG A 531 -7.85 -19.54 -31.23
N VAL A 532 -7.74 -20.20 -32.39
CA VAL A 532 -6.49 -20.26 -33.17
C VAL A 532 -5.92 -18.91 -33.60
N MET A 533 -6.76 -17.86 -33.63
CA MET A 533 -6.34 -16.47 -33.88
C MET A 533 -5.94 -15.64 -32.65
N TYR A 534 -5.91 -16.23 -31.45
CA TYR A 534 -5.52 -15.46 -30.25
C TYR A 534 -4.05 -14.98 -30.30
N ASP A 535 -3.15 -15.84 -30.71
CA ASP A 535 -1.72 -15.47 -30.85
C ASP A 535 -1.47 -14.47 -32.00
N TYR A 536 -2.29 -14.55 -33.04
CA TYR A 536 -2.26 -13.67 -34.21
C TYR A 536 -2.69 -12.24 -33.86
N ALA A 537 -3.74 -12.11 -33.06
CA ALA A 537 -4.15 -10.80 -32.55
C ALA A 537 -3.02 -10.23 -31.72
N HIS A 538 -2.47 -11.03 -30.82
CA HIS A 538 -1.36 -10.60 -29.96
C HIS A 538 -0.04 -10.31 -30.69
N LYS A 539 0.17 -10.93 -31.85
CA LYS A 539 1.38 -10.74 -32.66
C LYS A 539 1.26 -9.51 -33.57
N ASN A 540 0.15 -9.40 -34.28
CA ASN A 540 -0.03 -8.39 -35.34
C ASN A 540 -0.74 -7.09 -34.90
N TYR A 541 -1.60 -7.18 -33.88
CA TYR A 541 -2.39 -6.03 -33.39
C TYR A 541 -2.44 -6.01 -31.84
N PRO A 542 -1.28 -5.96 -31.18
CA PRO A 542 -1.19 -6.11 -29.71
C PRO A 542 -1.88 -5.02 -28.84
N ASP A 543 -2.11 -3.83 -29.40
CA ASP A 543 -2.74 -2.73 -28.65
C ASP A 543 -4.29 -2.71 -28.73
N LYS A 544 -4.87 -3.72 -29.40
CA LYS A 544 -6.33 -3.89 -29.49
C LYS A 544 -6.79 -4.97 -28.51
N PRO A 545 -7.56 -4.61 -27.48
CA PRO A 545 -8.10 -5.67 -26.62
C PRO A 545 -8.94 -6.67 -27.42
N ALA A 546 -8.76 -7.96 -27.17
CA ALA A 546 -9.51 -8.98 -27.91
C ALA A 546 -10.03 -10.05 -26.97
N MET A 547 -11.07 -10.72 -27.42
CA MET A 547 -11.86 -11.60 -26.55
C MET A 547 -12.63 -12.64 -27.35
N GLY A 548 -13.00 -13.74 -26.72
CA GLY A 548 -13.94 -14.69 -27.32
C GLY A 548 -15.34 -14.18 -27.06
N THR A 549 -16.12 -13.94 -28.12
CA THR A 549 -17.54 -13.54 -27.97
C THR A 549 -18.57 -14.58 -28.43
N GLU A 550 -18.13 -15.60 -29.14
CA GLU A 550 -18.97 -16.79 -29.34
C GLU A 550 -18.04 -17.99 -29.45
N ASN A 551 -18.26 -18.96 -28.57
CA ASN A 551 -17.34 -20.06 -28.39
C ASN A 551 -18.06 -21.37 -28.13
N LEU A 552 -17.36 -22.47 -28.43
CA LEU A 552 -17.87 -23.83 -28.20
C LEU A 552 -17.73 -24.19 -26.73
N GLY A 553 -18.73 -24.85 -26.18
CA GLY A 553 -18.71 -25.26 -24.77
C GLY A 553 -17.82 -26.45 -24.53
N GLN A 554 -16.50 -26.21 -24.53
CA GLN A 554 -15.48 -27.26 -24.39
C GLN A 554 -14.27 -26.75 -23.63
N TRP A 555 -13.52 -27.69 -23.07
CA TRP A 555 -12.30 -27.38 -22.33
C TRP A 555 -11.25 -26.74 -23.24
N HIS A 556 -11.12 -27.22 -24.48
CA HIS A 556 -10.06 -26.68 -25.37
C HIS A 556 -10.20 -25.17 -25.65
N GLU A 557 -11.44 -24.68 -25.71
CA GLU A 557 -11.71 -23.25 -25.78
C GLU A 557 -11.28 -22.53 -24.48
N TRP A 558 -11.70 -23.07 -23.33
CA TRP A 558 -11.32 -22.50 -22.03
C TRP A 558 -9.81 -22.59 -21.74
N LYS A 559 -9.18 -23.68 -22.16
CA LYS A 559 -7.73 -23.86 -22.09
C LYS A 559 -7.01 -22.69 -22.72
N ALA A 560 -7.41 -22.34 -23.94
CA ALA A 560 -6.84 -21.20 -24.70
C ALA A 560 -7.02 -19.83 -24.01
N VAL A 561 -8.11 -19.67 -23.28
CA VAL A 561 -8.38 -18.45 -22.53
C VAL A 561 -7.49 -18.36 -21.29
N ILE A 562 -7.38 -19.43 -20.49
CA ILE A 562 -6.60 -19.36 -19.24
C ILE A 562 -5.09 -19.38 -19.44
N GLU A 563 -4.63 -19.83 -20.62
CA GLU A 563 -3.20 -19.81 -20.96
C GLU A 563 -2.68 -18.43 -21.36
N ARG A 564 -3.61 -17.50 -21.63
CA ARG A 564 -3.31 -16.16 -22.11
C ARG A 564 -3.93 -15.10 -21.20
N ASP A 565 -3.08 -14.28 -20.58
CA ASP A 565 -3.51 -13.14 -19.76
C ASP A 565 -4.20 -12.07 -20.60
N TYR A 566 -3.80 -11.97 -21.86
CA TYR A 566 -4.37 -11.00 -22.80
C TYR A 566 -5.74 -11.39 -23.39
N ILE A 567 -6.20 -12.63 -23.17
CA ILE A 567 -7.57 -13.03 -23.55
C ILE A 567 -8.43 -13.14 -22.29
N PRO A 568 -9.21 -12.08 -21.99
CA PRO A 568 -9.88 -11.96 -20.69
C PRO A 568 -11.12 -12.83 -20.49
N GLY A 569 -11.57 -13.58 -21.51
CA GLY A 569 -12.65 -14.56 -21.31
C GLY A 569 -13.28 -15.09 -22.58
N MET A 570 -14.45 -15.70 -22.44
CA MET A 570 -15.23 -16.24 -23.56
C MET A 570 -16.72 -16.36 -23.24
N PHE A 571 -17.54 -16.35 -24.30
CA PHE A 571 -18.99 -16.56 -24.19
C PHE A 571 -19.37 -17.87 -24.91
N ILE A 572 -19.82 -18.86 -24.15
CA ILE A 572 -20.20 -20.18 -24.69
C ILE A 572 -21.52 -20.13 -25.44
N TRP A 573 -21.53 -20.72 -26.63
CA TRP A 573 -22.76 -20.91 -27.39
C TRP A 573 -23.33 -22.33 -27.10
N THR A 574 -24.40 -22.50 -26.33
CA THR A 574 -25.16 -21.46 -25.60
C THR A 574 -25.29 -21.85 -24.12
N GLY A 575 -25.77 -20.90 -23.32
CA GLY A 575 -26.06 -21.14 -21.91
C GLY A 575 -27.23 -22.10 -21.75
N VAL A 576 -28.26 -21.90 -22.54
CA VAL A 576 -29.45 -22.76 -22.50
C VAL A 576 -29.93 -23.05 -23.92
N ASP A 577 -30.46 -24.25 -24.12
CA ASP A 577 -31.05 -24.65 -25.40
C ASP A 577 -32.16 -23.69 -25.81
N TYR A 578 -32.31 -23.53 -27.12
CA TYR A 578 -33.24 -22.58 -27.70
C TYR A 578 -33.95 -23.20 -28.90
N LEU A 579 -35.22 -22.82 -29.09
CA LEU A 579 -35.98 -23.29 -30.24
C LEU A 579 -35.41 -22.70 -31.53
N GLY A 580 -35.35 -23.53 -32.56
CA GLY A 580 -34.95 -23.08 -33.90
C GLY A 580 -33.55 -23.46 -34.30
N GLU A 581 -33.09 -22.82 -35.39
CA GLU A 581 -31.87 -23.19 -36.13
C GLU A 581 -31.81 -24.68 -36.50
N VAL A 582 -32.97 -25.23 -36.86
CA VAL A 582 -33.11 -26.62 -37.30
C VAL A 582 -33.81 -26.61 -38.67
N GLY A 583 -34.25 -27.78 -39.15
CA GLY A 583 -34.79 -27.91 -40.51
C GLY A 583 -33.69 -28.00 -41.58
N THR A 584 -32.45 -28.21 -41.14
CA THR A 584 -31.28 -28.28 -42.01
C THR A 584 -30.91 -29.75 -42.23
N LYS A 585 -29.89 -30.01 -43.05
CA LYS A 585 -29.50 -31.37 -43.47
C LYS A 585 -29.74 -32.46 -42.42
N GLY A 586 -28.93 -32.49 -41.36
CA GLY A 586 -29.02 -33.53 -40.34
C GLY A 586 -29.85 -33.21 -39.09
N ARG A 587 -30.77 -32.25 -39.20
CA ARG A 587 -31.59 -31.82 -38.05
C ARG A 587 -33.04 -31.58 -38.48
N GLU A 588 -33.65 -32.63 -39.03
CA GLU A 588 -34.97 -32.52 -39.64
C GLU A 588 -36.04 -32.67 -38.57
N TRP A 589 -37.29 -32.45 -38.99
CA TRP A 589 -38.46 -32.74 -38.17
C TRP A 589 -38.33 -34.18 -37.62
N PRO A 590 -38.66 -34.44 -36.35
CA PRO A 590 -39.27 -33.49 -35.42
C PRO A 590 -38.28 -32.82 -34.43
N GLN A 591 -36.98 -32.78 -34.73
CA GLN A 591 -36.01 -32.03 -33.90
C GLN A 591 -36.36 -30.54 -33.90
N ARG A 592 -36.48 -29.94 -32.71
CA ARG A 592 -36.87 -28.53 -32.55
C ARG A 592 -35.80 -27.60 -31.96
N ALA A 593 -34.65 -28.15 -31.60
CA ALA A 593 -33.51 -27.37 -31.11
C ALA A 593 -32.23 -28.09 -31.46
N ILE A 594 -31.12 -27.37 -31.55
CA ILE A 594 -29.82 -27.96 -31.84
C ILE A 594 -29.38 -28.85 -30.66
N GLY A 595 -29.48 -28.33 -29.45
CA GLY A 595 -29.00 -29.04 -28.26
C GLY A 595 -27.58 -28.68 -27.82
N CYS A 596 -27.13 -27.48 -28.22
CA CYS A 596 -25.80 -26.98 -27.81
C CYS A 596 -25.76 -26.46 -26.37
N GLY A 597 -26.92 -26.10 -25.82
CA GLY A 597 -27.01 -25.45 -24.51
C GLY A 597 -26.45 -26.22 -23.34
N LEU A 598 -25.90 -25.49 -22.36
CA LEU A 598 -25.49 -26.08 -21.08
C LEU A 598 -26.71 -26.59 -20.30
N LEU A 599 -27.79 -25.82 -20.31
CA LEU A 599 -29.08 -26.24 -19.77
C LEU A 599 -29.97 -26.65 -20.94
N ASP A 600 -30.98 -27.48 -20.68
CA ASP A 600 -31.91 -27.91 -21.75
C ASP A 600 -33.12 -26.97 -21.84
N LEU A 601 -34.14 -27.32 -22.63
CA LEU A 601 -35.33 -26.47 -22.80
C LEU A 601 -36.17 -26.23 -21.52
N ALA A 602 -36.09 -27.16 -20.57
CA ALA A 602 -36.64 -26.95 -19.22
C ALA A 602 -35.80 -25.97 -18.39
N GLY A 603 -34.48 -26.14 -18.42
CA GLY A 603 -33.56 -25.54 -17.46
C GLY A 603 -32.84 -26.57 -16.60
N PHE A 604 -32.99 -27.87 -16.91
CA PHE A 604 -32.27 -28.94 -16.22
C PHE A 604 -30.80 -28.95 -16.65
N GLU A 605 -29.93 -29.33 -15.71
CA GLU A 605 -28.49 -29.37 -15.97
C GLU A 605 -28.13 -30.57 -16.87
N LYS A 606 -27.30 -30.34 -17.88
CA LYS A 606 -26.81 -31.38 -18.79
C LYS A 606 -25.34 -31.71 -18.50
N PRO A 607 -24.78 -32.78 -19.11
CA PRO A 607 -23.35 -33.07 -18.99
C PRO A 607 -22.42 -31.89 -19.28
N SER A 608 -22.72 -31.11 -20.32
CA SER A 608 -21.85 -29.97 -20.66
C SER A 608 -21.83 -28.91 -19.56
N PHE A 609 -22.99 -28.70 -18.90
CA PHE A 609 -23.05 -27.79 -17.75
C PHE A 609 -22.11 -28.22 -16.64
N HIS A 610 -22.07 -29.52 -16.35
CA HIS A 610 -21.21 -30.04 -15.28
C HIS A 610 -19.73 -29.94 -15.64
N MET A 611 -19.38 -30.23 -16.89
CA MET A 611 -18.00 -30.00 -17.38
C MET A 611 -17.59 -28.54 -17.18
N MET A 612 -18.45 -27.59 -17.56
CA MET A 612 -18.18 -26.17 -17.36
C MET A 612 -18.13 -25.80 -15.89
N LYS A 613 -19.01 -26.38 -15.09
CA LYS A 613 -18.99 -26.18 -13.65
C LYS A 613 -17.65 -26.61 -13.04
N SER A 614 -17.10 -27.72 -13.53
CA SER A 614 -15.79 -28.19 -13.08
C SER A 614 -14.64 -27.25 -13.48
N LEU A 615 -14.77 -26.57 -14.60
CA LEU A 615 -13.77 -25.60 -15.06
C LEU A 615 -13.88 -24.22 -14.37
N TRP A 616 -15.10 -23.84 -13.98
CA TRP A 616 -15.39 -22.48 -13.52
C TRP A 616 -15.56 -22.28 -12.00
N THR A 617 -16.00 -23.30 -11.28
CA THR A 617 -16.16 -23.18 -9.82
C THR A 617 -14.91 -23.60 -9.06
N ASP A 618 -14.85 -23.19 -7.79
CA ASP A 618 -13.70 -23.43 -6.91
C ASP A 618 -13.92 -24.57 -5.89
N ALA A 619 -15.16 -24.73 -5.41
CA ALA A 619 -15.45 -25.81 -4.46
C ALA A 619 -15.23 -27.17 -5.16
N PRO A 620 -14.73 -28.18 -4.40
CA PRO A 620 -14.52 -29.50 -5.00
C PRO A 620 -15.81 -30.07 -5.60
N PHE A 621 -15.71 -30.54 -6.85
CA PHE A 621 -16.87 -30.99 -7.62
C PHE A 621 -16.56 -32.26 -8.42
N ILE A 622 -17.55 -33.16 -8.49
CA ILE A 622 -17.44 -34.45 -9.20
C ILE A 622 -18.81 -34.83 -9.80
N ALA A 623 -18.88 -34.93 -11.13
CA ALA A 623 -20.06 -35.48 -11.81
C ALA A 623 -19.66 -36.73 -12.61
N ILE A 624 -20.42 -37.82 -12.41
CA ILE A 624 -20.07 -39.14 -12.98
C ILE A 624 -20.96 -39.50 -14.16
N TYR A 625 -20.33 -39.79 -15.29
CA TYR A 625 -21.02 -40.25 -16.50
C TYR A 625 -20.32 -41.48 -17.08
N SER A 626 -20.98 -42.09 -18.05
CA SER A 626 -20.48 -43.30 -18.70
C SER A 626 -21.22 -43.60 -20.00
N GLN A 627 -20.52 -44.26 -20.91
CA GLN A 627 -21.15 -44.90 -22.07
C GLN A 627 -20.58 -46.31 -22.19
N THR A 628 -21.23 -47.12 -23.01
CA THR A 628 -20.70 -48.44 -23.36
C THR A 628 -19.38 -48.19 -24.08
N ALA A 629 -18.37 -49.00 -23.80
CA ALA A 629 -17.06 -48.91 -24.46
C ALA A 629 -17.18 -48.80 -25.99
N ASN A 630 -18.22 -49.44 -26.52
CA ASN A 630 -18.59 -49.31 -27.92
C ASN A 630 -19.04 -47.89 -28.31
N LYS A 631 -20.00 -47.32 -27.57
CA LYS A 631 -20.52 -45.97 -27.90
C LYS A 631 -19.63 -44.78 -27.49
N SER A 632 -18.66 -45.01 -26.60
CA SER A 632 -17.80 -43.94 -26.11
C SER A 632 -16.90 -43.35 -27.19
N SER A 633 -16.44 -42.12 -26.94
CA SER A 633 -15.46 -41.46 -27.80
C SER A 633 -14.03 -41.89 -27.50
N TYR A 634 -13.83 -42.56 -26.37
CA TYR A 634 -12.49 -42.82 -25.83
C TYR A 634 -12.16 -44.32 -25.81
N VAL A 635 -10.87 -44.66 -25.85
CA VAL A 635 -10.40 -46.06 -25.86
C VAL A 635 -9.20 -46.25 -24.93
N GLU A 636 -9.26 -47.26 -24.06
CA GLU A 636 -8.09 -47.68 -23.27
C GLU A 636 -7.38 -48.83 -23.98
N LYS A 637 -6.16 -48.56 -24.48
CA LYS A 637 -5.27 -49.59 -25.05
C LYS A 637 -3.95 -49.60 -24.26
N ASP A 638 -3.74 -50.68 -23.50
CA ASP A 638 -2.53 -50.86 -22.68
C ASP A 638 -2.41 -49.74 -21.64
N GLY A 639 -3.45 -49.59 -20.82
CA GLY A 639 -3.52 -48.56 -19.78
C GLY A 639 -4.13 -47.26 -20.29
N LYS A 640 -3.29 -46.40 -20.86
CA LYS A 640 -3.66 -45.04 -21.28
C LYS A 640 -4.89 -44.96 -22.19
N PHE A 641 -5.64 -43.87 -22.06
CA PHE A 641 -6.82 -43.60 -22.89
C PHE A 641 -6.44 -42.67 -24.04
N THR A 642 -7.03 -42.88 -25.22
CA THR A 642 -6.94 -41.93 -26.34
C THR A 642 -8.33 -41.76 -26.96
N ASP A 643 -8.44 -40.86 -27.95
CA ASP A 643 -9.67 -40.67 -28.73
C ASP A 643 -9.79 -41.79 -29.77
N LYS A 644 -11.02 -42.17 -30.13
CA LYS A 644 -11.23 -43.22 -31.14
C LYS A 644 -10.75 -42.78 -32.51
N ASP A 645 -11.47 -41.87 -33.14
CA ASP A 645 -11.07 -41.30 -34.42
C ASP A 645 -9.98 -40.25 -34.17
N PRO A 646 -8.74 -40.47 -34.69
CA PRO A 646 -7.72 -39.41 -34.57
C PRO A 646 -8.05 -38.14 -35.37
N LYS A 647 -8.88 -38.27 -36.41
CA LYS A 647 -9.38 -37.13 -37.20
C LYS A 647 -10.48 -36.30 -36.51
N LYS A 648 -10.98 -36.77 -35.36
CA LYS A 648 -11.89 -35.98 -34.51
C LYS A 648 -11.39 -36.00 -33.06
N PRO A 649 -10.28 -35.30 -32.77
CA PRO A 649 -9.68 -35.33 -31.44
C PRO A 649 -10.37 -34.38 -30.48
N TRP A 650 -9.93 -34.40 -29.22
CA TRP A 650 -10.52 -33.58 -28.16
C TRP A 650 -10.34 -32.06 -28.37
N THR A 651 -9.25 -31.70 -29.07
CA THR A 651 -8.96 -30.31 -29.40
C THR A 651 -9.92 -29.68 -30.44
N GLN A 652 -10.76 -30.49 -31.09
CA GLN A 652 -11.70 -30.00 -32.11
C GLN A 652 -13.16 -30.34 -31.85
N ARG A 653 -13.51 -30.72 -30.62
CA ARG A 653 -14.90 -31.02 -30.25
C ARG A 653 -15.78 -29.79 -30.47
N LEU A 654 -16.96 -29.99 -31.04
CA LEU A 654 -17.82 -28.89 -31.50
C LEU A 654 -18.90 -28.52 -30.44
N TRP A 655 -20.14 -28.27 -30.85
CA TRP A 655 -21.15 -27.63 -29.98
C TRP A 655 -21.90 -28.59 -29.07
N VAL A 656 -22.41 -29.68 -29.66
CA VAL A 656 -23.30 -30.58 -28.94
C VAL A 656 -22.48 -31.66 -28.23
N TRP A 657 -22.78 -31.87 -26.95
CA TRP A 657 -22.11 -32.88 -26.16
C TRP A 657 -22.69 -34.26 -26.50
N GLU A 658 -21.89 -35.31 -26.30
CA GLU A 658 -22.37 -36.68 -26.57
C GLU A 658 -23.45 -37.07 -25.58
N ASP A 659 -24.33 -37.98 -26.00
CA ASP A 659 -25.45 -38.44 -25.18
C ASP A 659 -24.96 -39.45 -24.15
N VAL A 660 -24.26 -38.96 -23.13
CA VAL A 660 -23.68 -39.81 -22.09
C VAL A 660 -24.72 -40.17 -21.03
N ASN A 661 -24.52 -41.31 -20.37
CA ASN A 661 -25.44 -41.82 -19.37
C ASN A 661 -24.97 -41.44 -17.97
N SER A 662 -25.93 -41.07 -17.11
CA SER A 662 -25.66 -40.88 -15.69
C SER A 662 -26.09 -42.10 -14.84
N HIS A 663 -26.86 -43.03 -15.44
CA HIS A 663 -27.34 -44.23 -14.74
C HIS A 663 -26.28 -45.30 -14.57
N TRP A 664 -26.62 -46.33 -13.79
CA TRP A 664 -25.80 -47.52 -13.62
C TRP A 664 -26.68 -48.79 -13.78
N ASN A 665 -27.44 -48.82 -14.88
CA ASN A 665 -28.35 -49.89 -15.23
C ASN A 665 -28.05 -50.41 -16.64
N TYR A 666 -26.84 -50.90 -16.82
CA TYR A 666 -26.45 -51.61 -18.04
C TYR A 666 -26.81 -53.09 -17.89
N THR A 667 -26.65 -53.87 -18.96
CA THR A 667 -26.81 -55.34 -18.90
C THR A 667 -25.52 -55.98 -18.40
N LYS A 668 -25.67 -56.99 -17.52
CA LYS A 668 -24.54 -57.56 -16.75
C LYS A 668 -23.32 -57.90 -17.61
N GLY A 669 -22.14 -57.50 -17.14
CA GLY A 669 -20.88 -57.79 -17.83
C GLY A 669 -20.48 -56.85 -18.96
N GLU A 670 -21.35 -55.92 -19.36
CA GLU A 670 -21.07 -55.03 -20.51
C GLU A 670 -19.87 -54.13 -20.21
N LYS A 671 -18.96 -54.02 -21.20
CA LYS A 671 -17.76 -53.21 -21.08
C LYS A 671 -18.16 -51.73 -21.15
N VAL A 672 -17.76 -50.96 -20.13
CA VAL A 672 -18.21 -49.58 -19.95
C VAL A 672 -16.99 -48.67 -19.77
N VAL A 673 -17.09 -47.44 -20.30
CA VAL A 673 -16.09 -46.40 -20.05
C VAL A 673 -16.73 -45.32 -19.17
N VAL A 674 -16.29 -45.25 -17.91
CA VAL A 674 -16.75 -44.22 -16.98
C VAL A 674 -15.94 -42.96 -17.23
N GLU A 675 -16.61 -41.81 -17.22
CA GLU A 675 -15.95 -40.52 -17.35
C GLU A 675 -16.43 -39.53 -16.27
N ILE A 676 -15.47 -38.92 -15.60
CA ILE A 676 -15.74 -37.93 -14.56
C ILE A 676 -15.34 -36.56 -15.08
N TYR A 677 -16.16 -35.56 -14.77
CA TYR A 677 -15.82 -34.15 -14.95
C TYR A 677 -15.61 -33.57 -13.55
N SER A 678 -14.45 -32.97 -13.32
CA SER A 678 -14.06 -32.58 -11.97
C SER A 678 -12.92 -31.56 -11.93
N ASN A 679 -12.88 -30.80 -10.83
CA ASN A 679 -11.77 -29.89 -10.51
C ASN A 679 -10.78 -30.50 -9.53
N CYS A 680 -11.01 -31.74 -9.08
CA CYS A 680 -10.14 -32.42 -8.13
C CYS A 680 -8.84 -32.88 -8.81
N ASP A 681 -7.72 -32.76 -8.09
CA ASP A 681 -6.40 -33.19 -8.61
C ASP A 681 -6.17 -34.71 -8.52
N GLU A 682 -6.74 -35.36 -7.50
CA GLU A 682 -6.74 -36.82 -7.36
C GLU A 682 -8.18 -37.34 -7.20
N ILE A 683 -8.54 -38.36 -7.95
CA ILE A 683 -9.77 -39.11 -7.72
C ILE A 683 -9.40 -40.58 -7.64
N GLU A 684 -9.91 -41.26 -6.62
CA GLU A 684 -9.94 -42.73 -6.57
C GLU A 684 -11.38 -43.16 -6.85
N LEU A 685 -11.52 -44.22 -7.65
CA LEU A 685 -12.84 -44.78 -8.01
C LEU A 685 -13.06 -46.13 -7.32
N PHE A 686 -14.29 -46.37 -6.87
CA PHE A 686 -14.67 -47.60 -6.16
C PHE A 686 -15.92 -48.20 -6.81
N GLN A 687 -15.80 -49.45 -7.30
CA GLN A 687 -16.94 -50.22 -7.81
C GLN A 687 -17.31 -51.25 -6.75
N ASN A 688 -18.52 -51.13 -6.20
CA ASN A 688 -19.02 -52.04 -5.16
C ASN A 688 -18.15 -52.13 -3.88
N GLY A 689 -17.34 -51.10 -3.63
CA GLY A 689 -16.38 -51.11 -2.51
C GLY A 689 -14.95 -51.50 -2.88
N LYS A 690 -14.76 -52.22 -3.98
CA LYS A 690 -13.43 -52.62 -4.44
C LYS A 690 -12.78 -51.46 -5.19
N SER A 691 -11.58 -51.06 -4.77
CA SER A 691 -10.87 -49.93 -5.39
C SER A 691 -10.48 -50.21 -6.84
N LEU A 692 -10.69 -49.22 -7.71
CA LEU A 692 -10.25 -49.29 -9.12
C LEU A 692 -8.92 -48.54 -9.34
N GLY A 693 -8.45 -47.82 -8.33
CA GLY A 693 -7.17 -47.12 -8.39
C GLY A 693 -7.29 -45.61 -8.51
N LYS A 694 -6.29 -44.90 -7.97
CA LYS A 694 -6.19 -43.45 -8.10
C LYS A 694 -5.80 -43.07 -9.52
N ARG A 695 -6.41 -41.99 -10.01
CA ARG A 695 -6.03 -41.35 -11.28
C ARG A 695 -5.84 -39.84 -11.04
N PHE A 696 -4.94 -39.22 -11.81
CA PHE A 696 -4.54 -37.83 -11.62
C PHE A 696 -4.94 -36.93 -12.80
N LEU A 697 -5.46 -35.74 -12.49
CA LEU A 697 -5.88 -34.78 -13.51
C LEU A 697 -4.72 -34.38 -14.42
N LYS A 698 -3.50 -34.32 -13.88
CA LYS A 698 -2.27 -34.06 -14.65
C LYS A 698 -2.13 -34.96 -15.89
N ASP A 699 -2.57 -36.20 -15.77
CA ASP A 699 -2.47 -37.17 -16.87
C ASP A 699 -3.45 -36.89 -17.99
N PHE A 700 -4.69 -36.56 -17.66
CA PHE A 700 -5.74 -36.39 -18.68
C PHE A 700 -5.64 -35.03 -19.40
N GLU A 701 -5.00 -35.08 -20.57
CA GLU A 701 -4.74 -33.93 -21.43
C GLU A 701 -6.02 -33.15 -21.80
N ASP A 702 -7.12 -33.90 -21.99
CA ASP A 702 -8.45 -33.32 -22.31
C ASP A 702 -9.32 -32.95 -21.08
N HIS A 703 -8.77 -33.06 -19.87
CA HIS A 703 -9.45 -32.68 -18.64
C HIS A 703 -10.72 -33.51 -18.38
N ILE A 704 -10.68 -34.81 -18.73
CA ILE A 704 -11.76 -35.76 -18.41
C ILE A 704 -11.13 -37.04 -17.84
N TYR A 705 -11.40 -37.31 -16.56
CA TYR A 705 -11.03 -38.57 -15.89
C TYR A 705 -11.70 -39.77 -16.59
N LYS A 706 -10.99 -40.88 -16.73
CA LYS A 706 -11.50 -42.05 -17.46
C LYS A 706 -11.09 -43.38 -16.84
N TRP A 707 -12.04 -44.32 -16.77
CA TRP A 707 -11.82 -45.64 -16.23
C TRP A 707 -12.50 -46.68 -17.10
N SER A 708 -11.74 -47.70 -17.52
CA SER A 708 -12.32 -48.91 -18.11
C SER A 708 -12.97 -49.67 -16.98
N VAL A 709 -14.21 -50.12 -17.17
CA VAL A 709 -14.90 -50.92 -16.15
C VAL A 709 -15.76 -52.03 -16.76
N ASP A 710 -15.77 -53.18 -16.10
CA ASP A 710 -16.67 -54.29 -16.42
C ASP A 710 -17.89 -54.17 -15.51
N PHE A 711 -19.07 -54.06 -16.10
CA PHE A 711 -20.30 -53.79 -15.35
C PHE A 711 -20.81 -55.02 -14.59
N LYS A 712 -21.28 -54.75 -13.38
CA LYS A 712 -22.14 -55.66 -12.62
C LYS A 712 -22.99 -54.77 -11.70
N ASP A 713 -24.10 -55.28 -11.18
CA ASP A 713 -24.97 -54.47 -10.33
C ASP A 713 -24.27 -54.00 -9.06
N GLY A 714 -24.83 -52.95 -8.46
CA GLY A 714 -24.27 -52.31 -7.29
C GLY A 714 -24.12 -50.80 -7.49
N ASN A 715 -22.91 -50.29 -7.28
CA ASN A 715 -22.69 -48.85 -7.30
C ASN A 715 -21.25 -48.44 -7.64
N ILE A 716 -21.13 -47.27 -8.28
CA ILE A 716 -19.85 -46.61 -8.51
C ILE A 716 -19.75 -45.46 -7.51
N VAL A 717 -18.63 -45.36 -6.81
CA VAL A 717 -18.37 -44.27 -5.86
C VAL A 717 -17.02 -43.64 -6.18
N ALA A 718 -17.01 -42.32 -6.33
CA ALA A 718 -15.77 -41.57 -6.62
C ALA A 718 -15.46 -40.67 -5.45
N LYS A 719 -14.26 -40.81 -4.91
CA LYS A 719 -13.76 -39.94 -3.84
C LYS A 719 -12.63 -39.12 -4.43
N GLY A 720 -12.65 -37.81 -4.21
CA GLY A 720 -11.65 -36.90 -4.74
C GLY A 720 -11.18 -35.88 -3.73
N LYS A 721 -9.94 -35.41 -3.93
CA LYS A 721 -9.33 -34.39 -3.09
C LYS A 721 -8.83 -33.24 -3.97
N LYS A 722 -9.05 -32.01 -3.52
CA LYS A 722 -8.58 -30.81 -4.23
C LYS A 722 -7.85 -29.90 -3.24
N ASN A 723 -6.51 -29.86 -3.32
CA ASN A 723 -5.65 -29.11 -2.39
C ASN A 723 -6.06 -29.30 -0.93
N GLY A 724 -6.23 -30.56 -0.54
CA GLY A 724 -6.70 -30.93 0.79
C GLY A 724 -8.17 -31.28 0.80
N LYS A 725 -9.04 -30.31 0.45
CA LYS A 725 -10.50 -30.47 0.56
C LYS A 725 -11.05 -31.69 -0.20
N LYS A 726 -11.90 -32.46 0.47
CA LYS A 726 -12.47 -33.70 -0.08
C LYS A 726 -13.85 -33.51 -0.69
N THR A 727 -14.25 -34.48 -1.51
CA THR A 727 -15.64 -34.61 -1.95
C THR A 727 -15.95 -36.01 -2.50
N THR A 728 -17.23 -36.35 -2.47
CA THR A 728 -17.71 -37.67 -2.85
C THR A 728 -18.99 -37.54 -3.70
N SER A 729 -19.10 -38.39 -4.72
CA SER A 729 -20.34 -38.56 -5.47
C SER A 729 -20.48 -40.02 -5.92
N ALA A 730 -21.69 -40.40 -6.27
CA ALA A 730 -21.97 -41.80 -6.60
C ALA A 730 -23.21 -41.98 -7.46
N ILE A 731 -23.22 -43.07 -8.22
CA ILE A 731 -24.37 -43.47 -9.03
C ILE A 731 -24.74 -44.91 -8.66
N TYR A 732 -26.02 -45.14 -8.42
CA TYR A 732 -26.52 -46.42 -7.92
C TYR A 732 -27.37 -47.14 -8.97
N THR A 733 -27.20 -48.46 -9.06
CA THR A 733 -28.11 -49.27 -9.86
C THR A 733 -29.46 -49.32 -9.15
N THR A 734 -30.52 -49.31 -9.94
CA THR A 734 -31.89 -49.21 -9.46
C THR A 734 -32.70 -50.43 -9.87
N LYS A 735 -33.91 -50.51 -9.32
CA LYS A 735 -34.90 -51.50 -9.75
C LYS A 735 -35.88 -50.83 -10.71
N GLU A 736 -36.96 -51.53 -11.06
CA GLU A 736 -38.02 -50.98 -11.91
C GLU A 736 -38.60 -49.65 -11.36
N THR A 737 -39.21 -48.86 -12.25
CA THR A 737 -39.88 -47.62 -11.87
C THR A 737 -41.03 -47.91 -10.91
N ASN A 738 -40.88 -47.47 -9.67
CA ASN A 738 -41.89 -47.67 -8.63
C ASN A 738 -42.83 -46.47 -8.46
N SER A 739 -42.28 -45.25 -8.48
CA SER A 739 -43.04 -44.02 -8.15
C SER A 739 -42.55 -42.75 -8.86
N ILE A 740 -43.38 -41.72 -8.83
CA ILE A 740 -43.02 -40.39 -9.32
C ILE A 740 -42.72 -39.48 -8.11
N LYS A 741 -41.48 -39.03 -7.99
CA LYS A 741 -41.11 -38.02 -6.99
C LYS A 741 -41.33 -36.59 -7.54
N LEU A 742 -42.14 -35.81 -6.84
CA LEU A 742 -42.42 -34.41 -7.20
C LEU A 742 -41.73 -33.43 -6.24
N SER A 743 -40.79 -32.64 -6.77
CA SER A 743 -40.19 -31.50 -6.05
C SER A 743 -40.84 -30.19 -6.52
N VAL A 744 -40.82 -29.19 -5.64
CA VAL A 744 -41.31 -27.85 -5.96
C VAL A 744 -40.29 -26.82 -5.44
N ASP A 745 -40.10 -25.74 -6.20
CA ASP A 745 -39.07 -24.72 -5.89
C ASP A 745 -39.49 -23.76 -4.76
N LYS A 746 -40.75 -23.35 -4.75
CA LYS A 746 -41.32 -22.48 -3.72
C LYS A 746 -42.60 -23.12 -3.17
N VAL A 747 -42.68 -23.28 -1.84
CA VAL A 747 -43.92 -23.74 -1.20
C VAL A 747 -44.95 -22.63 -0.90
N ALA A 748 -44.65 -21.37 -1.30
CA ALA A 748 -45.62 -20.26 -1.19
C ALA A 748 -45.32 -19.09 -2.16
N VAL A 749 -46.35 -18.61 -2.85
CA VAL A 749 -46.25 -17.45 -3.73
C VAL A 749 -47.43 -16.53 -3.53
N ASP A 750 -47.36 -15.34 -4.13
CA ASP A 750 -48.40 -14.33 -3.99
C ASP A 750 -49.45 -14.43 -5.09
N ALA A 751 -50.59 -13.80 -4.84
CA ALA A 751 -51.69 -13.75 -5.82
C ALA A 751 -51.56 -12.48 -6.66
N ASN A 752 -50.42 -12.35 -7.34
CA ASN A 752 -50.07 -11.15 -8.10
C ASN A 752 -50.06 -11.37 -9.61
N ASN A 753 -50.65 -12.48 -10.06
CA ASN A 753 -50.78 -12.81 -11.48
C ASN A 753 -49.47 -13.01 -12.29
N THR A 754 -48.31 -13.03 -11.61
CA THR A 754 -46.98 -13.16 -12.28
C THR A 754 -46.06 -14.26 -11.71
N ASP A 755 -46.06 -14.42 -10.39
CA ASP A 755 -45.25 -15.44 -9.70
C ASP A 755 -45.48 -16.83 -10.27
N VAL A 756 -44.42 -17.64 -10.38
CA VAL A 756 -44.54 -18.99 -10.92
C VAL A 756 -44.06 -20.06 -9.95
N ILE A 757 -44.55 -21.27 -10.19
CA ILE A 757 -44.21 -22.50 -9.46
C ILE A 757 -43.55 -23.45 -10.47
N HIS A 758 -42.40 -24.01 -10.11
CA HIS A 758 -41.69 -25.00 -10.95
C HIS A 758 -41.72 -26.39 -10.26
N VAL A 759 -42.56 -27.27 -10.79
CA VAL A 759 -42.75 -28.63 -10.27
C VAL A 759 -41.90 -29.60 -11.08
N THR A 760 -40.84 -30.12 -10.45
CA THR A 760 -39.99 -31.17 -11.06
C THR A 760 -40.55 -32.56 -10.74
N ALA A 761 -40.80 -33.34 -11.79
CA ALA A 761 -41.16 -34.75 -11.65
C ALA A 761 -39.93 -35.59 -11.94
N GLN A 762 -39.73 -36.62 -11.12
CA GLN A 762 -38.60 -37.55 -11.25
C GLN A 762 -39.12 -38.96 -11.00
N LEU A 763 -38.65 -39.92 -11.80
CA LEU A 763 -38.95 -41.33 -11.59
C LEU A 763 -37.97 -41.93 -10.59
N ILE A 764 -38.49 -42.68 -9.62
CA ILE A 764 -37.70 -43.39 -8.60
C ILE A 764 -38.06 -44.89 -8.51
N ASP A 765 -37.13 -45.69 -7.97
CA ASP A 765 -37.39 -47.10 -7.66
C ASP A 765 -38.03 -47.24 -6.26
N ARG A 766 -38.17 -48.48 -5.77
CA ARG A 766 -38.76 -48.77 -4.45
C ARG A 766 -38.02 -48.11 -3.28
N ASN A 767 -36.70 -48.02 -3.36
CA ASN A 767 -35.90 -47.40 -2.31
C ASN A 767 -35.55 -45.92 -2.57
N GLY A 768 -36.36 -45.24 -3.38
CA GLY A 768 -36.20 -43.82 -3.67
C GLY A 768 -34.96 -43.41 -4.45
N ARG A 769 -34.31 -44.36 -5.12
CA ARG A 769 -33.15 -44.05 -5.96
C ARG A 769 -33.68 -43.52 -7.30
N ASN A 770 -33.01 -42.51 -7.86
CA ASN A 770 -33.48 -41.88 -9.09
C ASN A 770 -33.27 -42.74 -10.32
N ILE A 771 -34.31 -42.83 -11.16
CA ILE A 771 -34.27 -43.54 -12.45
C ILE A 771 -33.98 -42.55 -13.57
N SER A 772 -33.02 -42.86 -14.45
CA SER A 772 -32.80 -42.07 -15.67
C SER A 772 -32.59 -42.93 -16.94
N TRP A 773 -33.06 -44.19 -16.93
CA TRP A 773 -32.83 -45.15 -18.03
C TRP A 773 -34.09 -45.65 -18.76
N GLU A 774 -35.28 -45.28 -18.29
CA GLU A 774 -36.54 -45.60 -18.95
C GLU A 774 -37.48 -44.39 -18.85
N GLU A 775 -38.40 -44.26 -19.81
CA GLU A 775 -39.31 -43.13 -19.86
C GLU A 775 -40.76 -43.56 -19.61
N LYS A 776 -41.59 -42.59 -19.21
CA LYS A 776 -43.00 -42.80 -18.91
C LYS A 776 -43.82 -41.58 -19.33
N GLU A 777 -45.05 -41.81 -19.80
CA GLU A 777 -45.99 -40.74 -20.09
C GLU A 777 -46.68 -40.35 -18.78
N ILE A 778 -46.33 -39.16 -18.27
CA ILE A 778 -46.80 -38.67 -16.96
C ILE A 778 -47.93 -37.64 -17.12
N THR A 779 -48.96 -37.76 -16.28
CA THR A 779 -50.10 -36.83 -16.26
C THR A 779 -50.15 -36.11 -14.91
N PHE A 780 -50.04 -34.79 -14.92
CA PHE A 780 -50.17 -33.97 -13.70
C PHE A 780 -51.63 -33.60 -13.47
N ASN A 781 -52.05 -33.59 -12.20
CA ASN A 781 -53.36 -33.04 -11.83
C ASN A 781 -53.19 -31.94 -10.78
N ILE A 782 -53.91 -30.84 -10.94
CA ILE A 782 -53.77 -29.65 -10.10
C ILE A 782 -55.15 -29.12 -9.67
N GLY A 783 -55.38 -29.04 -8.37
CA GLY A 783 -56.60 -28.45 -7.80
C GLY A 783 -56.32 -27.03 -7.36
N GLY A 784 -57.35 -26.19 -7.31
CA GLY A 784 -57.21 -24.77 -7.01
C GLY A 784 -57.13 -23.91 -8.27
N ASN A 785 -57.16 -22.58 -8.08
CA ASN A 785 -57.11 -21.61 -9.18
C ASN A 785 -55.66 -21.35 -9.64
N TYR A 786 -55.37 -21.67 -10.90
CA TYR A 786 -54.03 -21.49 -11.46
C TYR A 786 -54.07 -21.33 -12.99
N ARG A 787 -52.93 -20.96 -13.58
CA ARG A 787 -52.77 -20.91 -15.04
C ARG A 787 -51.63 -21.84 -15.43
N LEU A 788 -51.89 -22.74 -16.36
CA LEU A 788 -50.83 -23.56 -16.95
C LEU A 788 -50.01 -22.70 -17.88
N LEU A 789 -48.71 -22.57 -17.61
CA LEU A 789 -47.78 -22.00 -18.59
C LEU A 789 -47.32 -23.10 -19.54
N GLY A 790 -47.05 -24.28 -18.98
CA GLY A 790 -46.87 -25.48 -19.80
C GLY A 790 -46.11 -26.62 -19.15
N VAL A 791 -45.73 -27.59 -19.98
CA VAL A 791 -44.93 -28.73 -19.53
C VAL A 791 -43.76 -28.95 -20.49
N GLU A 792 -42.68 -29.51 -19.95
CA GLU A 792 -41.43 -29.63 -20.68
C GLU A 792 -40.68 -30.85 -20.16
N ASN A 793 -39.88 -31.44 -21.03
CA ASN A 793 -38.98 -32.54 -20.64
C ASN A 793 -37.50 -32.30 -20.97
N GLY A 794 -37.22 -31.46 -21.97
CA GLY A 794 -35.86 -31.09 -22.34
C GLY A 794 -35.25 -31.88 -23.48
N ASP A 795 -36.10 -32.59 -24.24
CA ASP A 795 -35.66 -33.34 -25.42
C ASP A 795 -35.61 -32.38 -26.61
N HIS A 796 -34.40 -32.15 -27.09
CA HIS A 796 -34.18 -31.33 -28.28
C HIS A 796 -34.59 -32.07 -29.58
N LEU A 797 -34.53 -33.40 -29.56
CA LEU A 797 -34.83 -34.22 -30.76
C LEU A 797 -36.32 -34.46 -31.06
N ASN A 798 -37.22 -34.12 -30.12
CA ASN A 798 -38.65 -34.37 -30.30
C ASN A 798 -39.55 -33.17 -29.98
N VAL A 799 -40.73 -33.18 -30.58
CA VAL A 799 -41.79 -32.20 -30.33
C VAL A 799 -42.68 -32.70 -29.20
N LEU A 800 -43.34 -31.77 -28.51
CA LEU A 800 -44.41 -32.12 -27.57
C LEU A 800 -45.32 -30.92 -27.35
N ASN A 801 -46.55 -31.21 -26.93
CA ASN A 801 -47.55 -30.17 -26.67
C ASN A 801 -47.29 -29.53 -25.30
N TYR A 802 -46.92 -28.26 -25.31
CA TYR A 802 -46.66 -27.50 -24.09
C TYR A 802 -47.90 -27.36 -23.20
N LYS A 803 -49.07 -27.16 -23.80
CA LYS A 803 -50.29 -26.86 -23.05
C LYS A 803 -51.07 -28.11 -22.59
N SER A 804 -50.52 -29.30 -22.82
CA SER A 804 -51.04 -30.55 -22.25
C SER A 804 -50.63 -30.66 -20.77
N ASN A 805 -51.44 -31.34 -19.97
CA ASN A 805 -51.05 -31.77 -18.62
C ASN A 805 -50.25 -33.07 -18.65
N THR A 806 -50.14 -33.70 -19.83
CA THR A 806 -49.35 -34.93 -19.98
C THR A 806 -48.06 -34.67 -20.76
N VAL A 807 -46.99 -35.34 -20.32
CA VAL A 807 -45.69 -35.20 -20.90
C VAL A 807 -44.86 -36.48 -20.70
N LYS A 808 -44.17 -36.89 -21.76
CA LYS A 808 -43.23 -38.00 -21.70
C LYS A 808 -41.98 -37.50 -20.98
N THR A 809 -41.43 -38.30 -20.06
CA THR A 809 -40.18 -37.95 -19.41
C THR A 809 -39.00 -38.15 -20.36
N TYR A 810 -37.91 -37.43 -20.08
CA TYR A 810 -36.66 -37.60 -20.79
C TYR A 810 -35.56 -37.78 -19.75
N LYS A 811 -34.80 -38.86 -19.86
CA LYS A 811 -33.88 -39.32 -18.81
C LYS A 811 -34.53 -39.32 -17.42
N GLY A 812 -35.76 -39.82 -17.36
CA GLY A 812 -36.50 -40.01 -16.13
C GLY A 812 -37.12 -38.80 -15.45
N ARG A 813 -37.11 -37.63 -16.10
CA ARG A 813 -37.69 -36.44 -15.48
C ARG A 813 -38.49 -35.58 -16.45
N ALA A 814 -39.40 -34.79 -15.89
CA ALA A 814 -40.20 -33.82 -16.63
C ALA A 814 -40.38 -32.57 -15.76
N LEU A 815 -40.91 -31.50 -16.37
CA LEU A 815 -41.14 -30.24 -15.66
C LEU A 815 -42.55 -29.72 -15.94
N LEU A 816 -43.20 -29.22 -14.89
CA LEU A 816 -44.47 -28.51 -14.98
C LEU A 816 -44.31 -27.08 -14.45
N VAL A 817 -44.76 -26.10 -15.24
CA VAL A 817 -44.71 -24.69 -14.85
C VAL A 817 -46.15 -24.16 -14.71
N LEU A 818 -46.47 -23.69 -13.50
CA LEU A 818 -47.74 -23.03 -13.21
C LEU A 818 -47.45 -21.60 -12.87
N GLN A 819 -48.46 -20.75 -13.08
CA GLN A 819 -48.39 -19.34 -12.70
C GLN A 819 -49.62 -19.02 -11.87
N ALA A 820 -49.43 -18.25 -10.81
CA ALA A 820 -50.54 -17.79 -9.99
C ALA A 820 -51.46 -16.89 -10.80
N THR A 821 -52.61 -16.58 -10.22
CA THR A 821 -53.61 -15.74 -10.86
C THR A 821 -54.10 -14.69 -9.84
N ASP A 822 -55.26 -14.08 -10.10
CA ASP A 822 -55.91 -13.16 -9.14
C ASP A 822 -56.29 -13.88 -7.84
N LYS A 823 -56.85 -15.08 -7.99
CA LYS A 823 -57.43 -15.81 -6.85
C LYS A 823 -56.35 -16.40 -5.94
N ALA A 824 -56.46 -16.08 -4.65
CA ALA A 824 -55.65 -16.72 -3.60
C ALA A 824 -56.31 -18.04 -3.19
N GLY A 825 -55.48 -18.99 -2.77
CA GLY A 825 -55.97 -20.31 -2.40
C GLY A 825 -54.81 -21.29 -2.30
N ILE A 826 -55.15 -22.57 -2.21
CA ILE A 826 -54.18 -23.65 -2.12
C ILE A 826 -54.18 -24.43 -3.43
N LEU A 827 -53.01 -24.97 -3.78
CA LEU A 827 -52.86 -25.81 -4.96
C LEU A 827 -52.45 -27.21 -4.53
N ASN A 828 -53.23 -28.21 -4.95
CA ASN A 828 -52.90 -29.61 -4.71
C ASN A 828 -52.39 -30.24 -5.98
N ILE A 829 -51.15 -30.71 -5.95
CA ILE A 829 -50.46 -31.23 -7.13
C ILE A 829 -50.07 -32.67 -6.91
N ASN A 830 -50.48 -33.54 -7.83
CA ASN A 830 -50.01 -34.93 -7.88
C ASN A 830 -49.79 -35.37 -9.33
N ALA A 831 -49.38 -36.61 -9.55
CA ALA A 831 -49.20 -37.13 -10.91
C ALA A 831 -49.26 -38.66 -11.01
N ASN A 832 -49.49 -39.15 -12.22
CA ASN A 832 -49.58 -40.59 -12.50
C ASN A 832 -48.77 -41.00 -13.72
N SER A 833 -48.60 -42.31 -13.87
CA SER A 833 -48.29 -42.94 -15.17
C SER A 833 -49.01 -44.29 -15.19
N GLY A 834 -50.33 -44.23 -15.25
CA GLY A 834 -51.18 -45.41 -15.09
C GLY A 834 -51.15 -45.97 -13.68
N SER A 835 -50.38 -47.04 -13.49
CA SER A 835 -50.23 -47.71 -12.20
C SER A 835 -49.23 -47.04 -11.25
N ILE A 836 -48.32 -46.22 -11.79
CA ILE A 836 -47.33 -45.51 -10.99
C ILE A 836 -48.02 -44.31 -10.33
N SER A 837 -47.71 -44.08 -9.05
CA SER A 837 -48.32 -43.03 -8.24
C SER A 837 -47.24 -42.05 -7.76
N SER A 838 -47.66 -40.97 -7.09
CA SER A 838 -46.74 -39.92 -6.63
C SER A 838 -47.03 -39.46 -5.21
N ASN A 839 -46.01 -38.88 -4.57
CA ASN A 839 -46.21 -38.06 -3.36
C ASN A 839 -47.07 -36.83 -3.68
N ASP A 840 -47.70 -36.25 -2.66
CA ASP A 840 -48.57 -35.08 -2.83
C ASP A 840 -47.91 -33.79 -2.34
N LEU A 841 -48.11 -32.71 -3.08
CA LEU A 841 -47.54 -31.39 -2.74
C LEU A 841 -48.64 -30.36 -2.59
N LYS A 842 -48.47 -29.48 -1.60
CA LYS A 842 -49.38 -28.35 -1.41
C LYS A 842 -48.59 -27.06 -1.48
N VAL A 843 -49.12 -26.10 -2.22
CA VAL A 843 -48.53 -24.78 -2.37
C VAL A 843 -49.61 -23.76 -2.00
N GLU A 844 -49.27 -22.78 -1.16
CA GLU A 844 -50.19 -21.69 -0.82
C GLU A 844 -49.99 -20.53 -1.79
N VAL A 845 -51.07 -20.04 -2.39
CA VAL A 845 -51.05 -18.78 -3.12
C VAL A 845 -51.67 -17.76 -2.17
N LYS A 846 -50.84 -16.85 -1.65
CA LYS A 846 -51.23 -15.95 -0.55
C LYS A 846 -52.14 -14.82 -1.01
N SER B 30 21.59 -4.89 3.09
CA SER B 30 22.89 -5.07 3.82
C SER B 30 24.05 -5.20 2.85
N ASP B 31 23.93 -6.19 1.96
CA ASP B 31 24.93 -6.48 0.92
C ASP B 31 25.13 -5.28 -0.05
N PHE B 32 24.07 -4.50 -0.26
CA PHE B 32 24.14 -3.30 -1.11
C PHE B 32 25.12 -2.22 -0.62
N ASN B 33 25.34 -2.13 0.68
CA ASN B 33 26.32 -1.20 1.24
C ASN B 33 27.79 -1.59 1.03
N ASN B 34 28.05 -2.83 0.62
CA ASN B 34 29.43 -3.30 0.42
C ASN B 34 29.86 -3.17 -1.02
N GLY B 35 31.17 -3.04 -1.22
CA GLY B 35 31.77 -3.00 -2.56
C GLY B 35 31.47 -1.76 -3.38
N TRP B 36 31.36 -0.61 -2.71
CA TRP B 36 31.30 0.69 -3.39
C TRP B 36 32.72 1.10 -3.76
N LYS B 37 32.85 1.79 -4.90
CA LYS B 37 34.14 2.36 -5.31
C LYS B 37 34.18 3.85 -4.94
N PHE B 38 35.33 4.32 -4.44
CA PHE B 38 35.47 5.71 -4.01
C PHE B 38 36.80 6.32 -4.45
N THR B 39 36.75 7.58 -4.88
CA THR B 39 37.95 8.35 -5.17
C THR B 39 37.80 9.77 -4.63
N LEU B 40 38.91 10.33 -4.15
CA LEU B 40 38.99 11.73 -3.71
C LEU B 40 39.65 12.54 -4.82
N SER B 41 38.83 12.89 -5.80
CA SER B 41 39.26 13.58 -7.02
C SER B 41 37.99 13.87 -7.81
N ASP B 42 38.09 14.71 -8.83
CA ASP B 42 36.90 15.20 -9.53
C ASP B 42 37.16 15.32 -11.03
N SER B 43 36.31 14.67 -11.82
CA SER B 43 36.39 14.69 -13.27
C SER B 43 34.97 14.65 -13.82
N VAL B 44 34.72 15.45 -14.85
CA VAL B 44 33.41 15.48 -15.50
C VAL B 44 32.92 14.10 -16.00
N CYS B 45 33.85 13.29 -16.51
CA CYS B 45 33.50 12.01 -17.14
C CYS B 45 33.22 10.85 -16.19
N TYR B 46 33.44 11.03 -14.88
CA TYR B 46 33.10 10.01 -13.87
C TYR B 46 31.62 9.61 -13.83
N SER B 47 30.72 10.44 -14.34
CA SER B 47 29.30 10.09 -14.42
C SER B 47 28.90 9.37 -15.71
N PHE B 48 29.79 9.31 -16.71
CA PHE B 48 29.44 8.77 -18.04
C PHE B 48 29.15 7.27 -18.01
N VAL B 49 28.28 6.81 -18.91
CA VAL B 49 27.97 5.36 -19.02
C VAL B 49 29.20 4.48 -19.29
N ASN B 50 30.08 4.95 -20.17
CA ASN B 50 31.26 4.16 -20.57
C ASN B 50 32.44 4.25 -19.59
N TYR B 51 32.38 5.16 -18.62
CA TYR B 51 33.47 5.26 -17.62
C TYR B 51 33.48 4.07 -16.65
N ASN B 52 34.69 3.57 -16.37
CA ASN B 52 34.91 2.39 -15.54
C ASN B 52 35.78 2.79 -14.35
N PRO B 53 35.26 2.66 -13.11
CA PRO B 53 36.05 3.07 -11.94
C PRO B 53 36.89 1.94 -11.27
N SER B 54 37.44 1.03 -12.08
CA SER B 54 38.31 -0.08 -11.61
C SER B 54 39.42 0.29 -10.64
N SER B 55 40.05 1.45 -10.88
CA SER B 55 41.21 1.89 -10.10
C SER B 55 40.88 2.70 -8.84
N TRP B 56 39.60 2.95 -8.60
CA TRP B 56 39.18 3.65 -7.38
C TRP B 56 39.28 2.69 -6.18
N LYS B 57 39.31 3.27 -4.99
CA LYS B 57 39.39 2.52 -3.72
C LYS B 57 38.07 1.77 -3.48
N THR B 58 38.15 0.53 -2.99
CA THR B 58 36.96 -0.22 -2.58
C THR B 58 36.65 0.18 -1.14
N VAL B 59 35.41 0.61 -0.88
CA VAL B 59 34.93 0.88 0.47
C VAL B 59 33.56 0.28 0.66
N ASN B 60 33.26 -0.01 1.91
CA ASN B 60 31.92 -0.39 2.33
C ASN B 60 31.30 0.80 3.06
N LEU B 61 30.05 1.11 2.74
CA LEU B 61 29.29 2.17 3.43
C LEU B 61 28.81 1.64 4.80
N PRO B 62 28.82 2.44 5.87
CA PRO B 62 29.03 3.89 5.84
C PRO B 62 30.50 4.31 5.86
N HIS B 63 30.81 5.45 5.21
CA HIS B 63 32.17 5.90 4.95
C HIS B 63 32.29 7.40 5.21
N ASP B 64 33.33 7.78 5.98
CA ASP B 64 33.67 9.18 6.20
C ASP B 64 35.12 9.38 5.79
N TRP B 65 35.33 9.87 4.56
CA TRP B 65 36.67 9.97 3.98
C TRP B 65 37.60 10.95 4.70
N SER B 66 37.05 11.93 5.40
CA SER B 66 37.86 13.00 5.99
C SER B 66 38.77 12.54 7.15
N VAL B 67 38.33 11.57 7.95
CA VAL B 67 39.23 11.04 9.00
C VAL B 67 40.39 10.15 8.48
N ASP B 68 40.38 9.80 7.20
CA ASP B 68 41.56 9.19 6.54
C ASP B 68 42.58 10.22 6.06
N LEU B 69 42.20 11.49 6.03
CA LEU B 69 43.15 12.59 5.78
C LEU B 69 43.81 12.96 7.10
N PRO B 70 45.08 13.39 7.07
CA PRO B 70 45.73 13.80 8.31
C PRO B 70 45.15 15.12 8.85
N PHE B 71 45.18 15.31 10.17
CA PHE B 71 44.92 16.61 10.78
C PHE B 71 45.91 17.65 10.24
N GLU B 72 45.42 18.84 9.90
CA GLU B 72 46.25 19.91 9.33
C GLU B 72 45.96 21.25 10.00
N SER B 73 46.99 21.96 10.43
CA SER B 73 46.80 23.32 10.98
C SER B 73 46.32 24.29 9.90
N THR B 74 46.79 24.08 8.67
CA THR B 74 46.33 24.82 7.49
C THR B 74 44.82 24.72 7.21
N ALA B 75 44.15 23.69 7.72
CA ALA B 75 42.69 23.58 7.64
C ALA B 75 42.01 24.47 8.70
N GLU B 76 40.72 24.24 8.95
CA GLU B 76 39.92 25.07 9.85
C GLU B 76 39.59 24.39 11.20
N GLY B 77 39.71 25.16 12.28
CA GLY B 77 39.48 24.65 13.62
C GLY B 77 38.03 24.36 13.97
N CYS B 78 37.11 25.11 13.39
CA CYS B 78 35.69 24.90 13.64
C CYS B 78 35.21 23.49 13.23
N THR B 79 35.84 22.90 12.21
CA THR B 79 35.53 21.52 11.80
C THR B 79 36.68 20.55 12.09
N GLY B 80 37.39 20.78 13.19
CA GLY B 80 38.37 19.84 13.72
C GLY B 80 39.63 19.67 12.90
N PHE B 81 40.07 20.73 12.22
CA PHE B 81 41.33 20.74 11.47
C PHE B 81 41.46 19.56 10.48
N LEU B 82 40.33 19.19 9.88
CA LEU B 82 40.30 18.18 8.83
C LEU B 82 39.59 18.76 7.62
N LYS B 83 40.18 18.54 6.44
CA LYS B 83 39.64 19.03 5.18
C LYS B 83 38.54 18.12 4.60
N GLY B 84 37.76 18.69 3.70
CA GLY B 84 36.72 17.97 2.97
C GLY B 84 37.21 17.63 1.57
N GLY B 85 36.93 18.54 0.64
CA GLY B 85 37.23 18.33 -0.78
C GLY B 85 36.07 17.74 -1.56
N ILE B 86 36.34 17.40 -2.82
CA ILE B 86 35.34 16.85 -3.73
C ILE B 86 35.59 15.35 -3.92
N GLY B 87 34.57 14.54 -3.65
CA GLY B 87 34.68 13.09 -3.74
C GLY B 87 33.59 12.49 -4.60
N TRP B 88 33.89 11.30 -5.13
CA TRP B 88 32.93 10.54 -5.90
C TRP B 88 32.83 9.10 -5.38
N TYR B 89 31.62 8.57 -5.46
CA TYR B 89 31.32 7.19 -5.16
C TYR B 89 30.68 6.55 -6.39
N SER B 90 30.97 5.27 -6.60
CA SER B 90 30.36 4.49 -7.67
C SER B 90 29.85 3.15 -7.11
N LYS B 91 28.67 2.71 -7.56
CA LYS B 91 28.10 1.45 -7.14
C LYS B 91 27.54 0.74 -8.34
N THR B 92 28.04 -0.47 -8.58
CA THR B 92 27.61 -1.31 -9.67
C THR B 92 26.59 -2.32 -9.11
N PHE B 93 25.50 -2.56 -9.84
CA PHE B 93 24.55 -3.63 -9.47
C PHE B 93 23.70 -4.07 -10.64
N ASP B 94 23.18 -5.29 -10.53
CA ASP B 94 22.42 -5.90 -11.62
C ASP B 94 20.93 -5.73 -11.44
N THR B 95 20.22 -5.49 -12.55
CA THR B 95 18.77 -5.62 -12.58
C THR B 95 18.39 -7.07 -12.26
N PRO B 96 17.49 -7.29 -11.28
CA PRO B 96 17.04 -8.66 -11.01
C PRO B 96 16.32 -9.32 -12.20
N ASP B 97 16.24 -10.65 -12.15
CA ASP B 97 15.59 -11.42 -13.22
C ASP B 97 14.06 -11.37 -13.12
N ASN B 98 13.54 -11.24 -11.90
CA ASN B 98 12.10 -11.09 -11.65
C ASN B 98 11.52 -9.67 -11.87
N PHE B 99 12.33 -8.71 -12.31
CA PHE B 99 11.92 -7.30 -12.42
C PHE B 99 10.95 -7.01 -13.58
N VAL B 100 9.71 -7.46 -13.42
CA VAL B 100 8.58 -7.05 -14.28
C VAL B 100 7.45 -6.64 -13.34
N ASP B 101 6.71 -5.61 -13.74
CA ASP B 101 5.66 -5.03 -12.88
C ASP B 101 6.21 -4.67 -11.49
N LYS B 102 7.37 -3.99 -11.47
CA LYS B 102 8.04 -3.64 -10.24
C LYS B 102 8.58 -2.22 -10.25
N LYS B 103 8.70 -1.66 -9.04
CA LYS B 103 9.38 -0.40 -8.81
C LYS B 103 10.73 -0.68 -8.14
N CYS B 104 11.65 0.28 -8.26
CA CYS B 104 12.94 0.27 -7.57
C CYS B 104 13.24 1.63 -6.98
N TYR B 105 13.54 1.66 -5.68
CA TYR B 105 13.91 2.88 -4.99
C TYR B 105 15.31 2.71 -4.42
N ILE B 106 16.10 3.77 -4.45
CA ILE B 106 17.33 3.82 -3.66
C ILE B 106 17.16 4.88 -2.57
N VAL B 107 17.55 4.52 -1.36
CA VAL B 107 17.33 5.35 -0.18
C VAL B 107 18.67 5.64 0.44
N PHE B 108 18.95 6.93 0.64
CA PHE B 108 20.08 7.38 1.43
C PHE B 108 19.50 7.92 2.75
N ASP B 109 20.14 7.60 3.87
CA ASP B 109 19.72 8.11 5.17
C ASP B 109 20.47 9.41 5.55
N GLY B 110 21.63 9.65 4.93
CA GLY B 110 22.35 10.91 5.05
C GLY B 110 23.61 10.96 4.23
N VAL B 111 23.83 12.07 3.52
CA VAL B 111 25.05 12.29 2.71
C VAL B 111 25.49 13.73 2.93
N TYR B 112 26.71 13.93 3.45
CA TYR B 112 27.26 15.28 3.69
C TYR B 112 28.35 15.68 2.68
N ASN B 113 28.14 16.68 1.82
CA ASN B 113 26.86 17.38 1.56
C ASN B 113 26.91 17.95 0.13
N ASN B 114 25.85 18.65 -0.28
CA ASN B 114 25.77 19.22 -1.65
C ASN B 114 26.11 18.16 -2.69
N SER B 115 25.29 17.11 -2.70
CA SER B 115 25.59 15.90 -3.45
C SER B 115 24.75 15.79 -4.72
N GLU B 116 25.37 15.26 -5.78
CA GLU B 116 24.71 15.05 -7.08
C GLU B 116 24.74 13.57 -7.40
N TYR B 117 23.64 13.09 -7.99
CA TYR B 117 23.38 11.66 -8.17
C TYR B 117 23.06 11.38 -9.63
N TRP B 118 23.62 10.31 -10.15
CA TRP B 118 23.36 9.84 -11.50
C TRP B 118 23.10 8.35 -11.47
N ILE B 119 22.39 7.85 -12.48
CA ILE B 119 22.31 6.41 -12.73
C ILE B 119 22.36 6.15 -14.23
N ASN B 120 23.29 5.29 -14.65
CA ASN B 120 23.57 5.03 -16.06
C ASN B 120 23.67 6.30 -16.90
N GLY B 121 24.45 7.26 -16.41
CA GLY B 121 24.76 8.49 -17.16
C GLY B 121 23.76 9.61 -17.07
N ARG B 122 22.62 9.37 -16.43
CA ARG B 122 21.51 10.29 -16.41
C ARG B 122 21.36 10.86 -15.01
N LYS B 123 21.07 12.15 -14.90
CA LYS B 123 21.11 12.85 -13.62
C LYS B 123 19.81 12.67 -12.85
N LEU B 124 19.91 12.11 -11.65
CA LEU B 124 18.74 11.88 -10.79
C LEU B 124 18.35 13.12 -10.01
N GLY B 125 19.34 13.87 -9.54
CA GLY B 125 19.08 15.11 -8.82
C GLY B 125 20.25 15.62 -8.00
N PHE B 126 19.90 16.50 -7.07
CA PHE B 126 20.85 17.22 -6.23
C PHE B 126 20.21 17.35 -4.85
N HIS B 127 20.94 16.96 -3.80
CA HIS B 127 20.44 17.06 -2.42
C HIS B 127 21.44 17.89 -1.58
N PRO B 128 21.06 19.12 -1.16
CA PRO B 128 22.03 20.01 -0.47
C PRO B 128 22.32 19.73 1.01
N TYR B 129 21.29 19.43 1.81
CA TYR B 129 21.45 19.26 3.26
C TYR B 129 22.11 17.94 3.63
N GLY B 130 23.10 18.01 4.52
CA GLY B 130 23.91 16.85 4.85
C GLY B 130 23.38 15.87 5.88
N TYR B 131 22.25 16.18 6.51
CA TYR B 131 21.69 15.39 7.61
C TYR B 131 20.27 14.82 7.39
N SER B 132 19.56 15.21 6.33
CA SER B 132 18.23 14.65 6.05
C SER B 132 18.28 13.40 5.16
N PRO B 133 17.36 12.44 5.38
CA PRO B 133 17.28 11.29 4.48
C PRO B 133 16.54 11.67 3.20
N PHE B 134 16.74 10.88 2.15
CA PHE B 134 16.02 11.10 0.88
C PHE B 134 16.01 9.84 0.01
N PHE B 135 15.27 9.89 -1.09
CA PHE B 135 15.24 8.76 -2.04
C PHE B 135 14.85 9.15 -3.47
N TYR B 136 15.31 8.32 -4.41
CA TYR B 136 14.97 8.46 -5.83
C TYR B 136 14.30 7.22 -6.38
N ASP B 137 13.40 7.43 -7.33
CA ASP B 137 12.71 6.33 -8.01
C ASP B 137 13.48 6.02 -9.30
N ILE B 138 14.29 4.98 -9.27
CA ILE B 138 15.14 4.63 -10.42
C ILE B 138 14.60 3.49 -11.31
N SER B 139 13.30 3.18 -11.19
CA SER B 139 12.66 2.05 -11.88
C SER B 139 12.86 2.06 -13.39
N ASP B 140 12.52 3.19 -14.01
CA ASP B 140 12.61 3.35 -15.46
C ASP B 140 14.05 3.58 -15.99
N TYR B 141 15.01 3.80 -15.10
CA TYR B 141 16.42 3.90 -15.48
C TYR B 141 17.12 2.56 -15.56
N LEU B 142 16.59 1.53 -14.90
CA LEU B 142 17.30 0.24 -14.80
C LEU B 142 17.41 -0.44 -16.16
N ASN B 143 18.55 -1.07 -16.40
CA ASN B 143 18.81 -1.75 -17.65
C ASN B 143 18.06 -3.07 -17.68
N PRO B 144 17.97 -3.73 -18.86
CA PRO B 144 17.22 -4.99 -18.94
C PRO B 144 17.72 -6.10 -18.02
N LYS B 145 16.83 -7.05 -17.72
CA LYS B 145 17.08 -8.16 -16.80
C LYS B 145 18.49 -8.77 -16.94
N GLY B 146 19.20 -8.83 -15.82
CA GLY B 146 20.55 -9.42 -15.78
C GLY B 146 21.71 -8.51 -16.16
N GLN B 147 21.44 -7.27 -16.55
CA GLN B 147 22.48 -6.37 -17.05
C GLN B 147 23.02 -5.45 -15.96
N GLU B 148 24.19 -4.86 -16.18
CA GLU B 148 24.83 -3.95 -15.21
C GLU B 148 24.13 -2.59 -15.12
N ASN B 149 24.05 -2.03 -13.92
CA ASN B 149 23.68 -0.63 -13.70
C ASN B 149 24.74 0.03 -12.85
N ARG B 150 25.02 1.31 -13.08
CA ARG B 150 25.98 2.06 -12.27
C ARG B 150 25.37 3.32 -11.72
N ILE B 151 25.42 3.48 -10.39
CA ILE B 151 25.07 4.74 -9.73
C ILE B 151 26.36 5.51 -9.48
N SER B 152 26.34 6.80 -9.79
CA SER B 152 27.44 7.70 -9.47
C SER B 152 26.94 8.79 -8.55
N VAL B 153 27.71 9.08 -7.51
CA VAL B 153 27.42 10.14 -6.56
C VAL B 153 28.63 11.05 -6.52
N ARG B 154 28.40 12.36 -6.72
CA ARG B 154 29.44 13.38 -6.54
C ARG B 154 29.10 14.15 -5.29
N ILE B 155 30.10 14.41 -4.45
CA ILE B 155 29.92 15.09 -3.19
C ILE B 155 30.86 16.29 -3.10
N ASP B 156 30.28 17.49 -3.09
CA ASP B 156 31.05 18.73 -3.00
C ASP B 156 31.10 19.20 -1.56
N HIS B 157 32.18 18.85 -0.86
CA HIS B 157 32.49 19.42 0.43
C HIS B 157 33.75 20.32 0.33
N SER B 158 33.81 21.15 -0.72
CA SER B 158 34.86 22.16 -0.87
C SER B 158 34.69 23.28 0.16
N ARG B 159 33.45 23.57 0.53
CA ARG B 159 33.15 24.48 1.62
C ARG B 159 33.28 23.73 2.95
N TYR B 160 34.53 23.44 3.32
CA TYR B 160 34.81 22.52 4.44
C TYR B 160 34.68 23.09 5.87
N ALA B 161 34.40 24.39 5.99
CA ALA B 161 34.14 25.02 7.27
C ALA B 161 32.71 25.55 7.35
N ASP B 162 31.79 24.88 6.65
CA ASP B 162 30.38 25.32 6.60
C ASP B 162 29.57 24.89 7.85
N SER B 163 30.25 24.71 8.99
CA SER B 163 29.64 24.15 10.18
C SER B 163 30.48 24.48 11.42
N ARG B 164 29.80 24.58 12.56
CA ARG B 164 30.41 24.99 13.82
C ARG B 164 31.17 23.86 14.53
N TRP B 165 30.93 22.62 14.12
CA TRP B 165 31.55 21.42 14.68
C TRP B 165 31.93 20.50 13.52
N TYR B 166 32.75 19.49 13.76
CA TYR B 166 33.16 18.52 12.73
C TYR B 166 31.95 17.79 12.10
N THR B 167 31.92 17.73 10.77
CA THR B 167 30.81 17.13 10.04
C THR B 167 31.17 15.80 9.41
N GLY B 168 32.37 15.71 8.87
CA GLY B 168 32.77 14.55 8.07
C GLY B 168 32.42 14.80 6.63
N SER B 169 32.79 13.87 5.76
CA SER B 169 32.58 14.02 4.33
C SER B 169 32.13 12.68 3.75
N GLY B 170 31.05 12.68 2.98
CA GLY B 170 30.68 11.49 2.21
C GLY B 170 29.37 10.83 2.59
N ILE B 171 29.24 9.55 2.19
CA ILE B 171 28.03 8.74 2.46
C ILE B 171 28.26 8.01 3.80
N TYR B 172 27.83 8.66 4.88
CA TYR B 172 28.23 8.29 6.23
C TYR B 172 27.12 7.53 7.00
N ARG B 173 25.99 7.30 6.34
CA ARG B 173 24.93 6.46 6.89
C ARG B 173 24.55 5.37 5.89
N GLU B 174 23.97 4.29 6.40
CA GLU B 174 23.53 3.16 5.60
C GLU B 174 22.62 3.57 4.43
N THR B 175 22.88 3.01 3.25
CA THR B 175 22.04 3.14 2.06
C THR B 175 21.15 1.89 1.97
N GLN B 176 20.00 1.97 1.26
CA GLN B 176 19.16 0.80 0.95
C GLN B 176 18.78 0.78 -0.54
N LEU B 177 18.64 -0.41 -1.10
CA LEU B 177 18.06 -0.61 -2.42
C LEU B 177 16.83 -1.46 -2.24
N ILE B 178 15.66 -0.93 -2.58
CA ILE B 178 14.38 -1.59 -2.34
C ILE B 178 13.70 -1.89 -3.67
N PHE B 179 13.31 -3.14 -3.87
CA PHE B 179 12.39 -3.54 -4.95
C PHE B 179 11.01 -3.82 -4.35
N THR B 180 9.97 -3.33 -5.01
CA THR B 180 8.58 -3.53 -4.57
C THR B 180 7.70 -3.81 -5.79
N ASP B 181 6.50 -4.30 -5.56
CA ASP B 181 5.47 -4.43 -6.60
C ASP B 181 4.99 -3.03 -7.02
N LYS B 182 4.44 -2.91 -8.22
CA LYS B 182 3.80 -1.66 -8.67
C LYS B 182 2.69 -1.19 -7.73
N LEU B 183 1.95 -2.13 -7.16
CA LEU B 183 1.07 -1.85 -6.02
C LEU B 183 1.87 -2.11 -4.73
N HIS B 184 2.07 -1.08 -3.91
CA HIS B 184 2.96 -1.20 -2.75
C HIS B 184 2.76 -0.14 -1.68
N ILE B 185 3.35 -0.40 -0.52
CA ILE B 185 3.48 0.57 0.54
C ILE B 185 4.74 1.38 0.23
N PRO B 186 4.63 2.71 0.08
CA PRO B 186 5.82 3.51 -0.30
C PRO B 186 6.90 3.59 0.77
N VAL B 187 8.01 4.26 0.44
CA VAL B 187 9.16 4.33 1.36
C VAL B 187 8.69 5.13 2.57
N TRP B 188 8.98 4.62 3.76
CA TRP B 188 8.41 5.15 5.01
C TRP B 188 6.87 5.31 4.97
N GLY B 189 6.17 4.40 4.30
CA GLY B 189 4.72 4.54 4.09
C GLY B 189 3.79 4.14 5.24
N THR B 190 4.36 3.80 6.41
CA THR B 190 3.58 3.49 7.60
C THR B 190 3.79 4.47 8.72
N PHE B 191 2.77 4.62 9.56
CA PHE B 191 2.82 5.46 10.73
C PHE B 191 1.99 4.84 11.87
N VAL B 192 2.67 4.31 12.88
CA VAL B 192 2.03 3.71 14.06
C VAL B 192 1.87 4.76 15.16
N THR B 193 0.64 4.93 15.67
CA THR B 193 0.38 5.80 16.83
C THR B 193 -0.38 5.04 17.90
N THR B 194 -0.39 5.60 19.10
CA THR B 194 -0.99 4.97 20.28
C THR B 194 -1.73 6.01 21.14
N PRO B 195 -2.93 6.43 20.69
CA PRO B 195 -3.65 7.55 21.32
C PRO B 195 -4.27 7.30 22.71
N VAL B 196 -4.49 6.04 23.08
CA VAL B 196 -4.97 5.68 24.43
C VAL B 196 -4.03 4.60 24.96
N VAL B 197 -3.37 4.86 26.10
CA VAL B 197 -2.42 3.90 26.69
C VAL B 197 -2.65 3.72 28.17
N SER B 198 -2.83 2.47 28.60
CA SER B 198 -2.76 2.12 30.02
C SER B 198 -2.13 0.74 30.15
N SER B 199 -1.79 0.37 31.38
CA SER B 199 -1.27 -0.98 31.64
C SER B 199 -2.32 -2.08 31.45
N GLU B 200 -3.60 -1.72 31.49
CA GLU B 200 -4.69 -2.67 31.20
C GLU B 200 -4.81 -2.95 29.70
N ARG B 201 -4.87 -1.87 28.91
CA ARG B 201 -4.97 -1.97 27.44
C ARG B 201 -4.46 -0.73 26.73
N ALA B 202 -4.19 -0.89 25.44
CA ALA B 202 -3.67 0.19 24.59
C ALA B 202 -4.27 0.08 23.19
N THR B 203 -4.66 1.22 22.64
CA THR B 203 -5.17 1.33 21.27
C THR B 203 -3.99 1.61 20.35
N VAL B 204 -3.80 0.74 19.37
CA VAL B 204 -2.67 0.83 18.45
C VAL B 204 -3.21 1.05 17.04
N ASN B 205 -3.14 2.31 16.59
CA ASN B 205 -3.55 2.74 15.24
C ASN B 205 -2.36 2.66 14.28
N ILE B 206 -2.63 2.35 13.02
CA ILE B 206 -1.61 2.44 11.97
C ILE B 206 -2.22 3.05 10.71
N GLU B 207 -1.49 3.98 10.10
CA GLU B 207 -1.83 4.55 8.82
C GLU B 207 -0.86 3.87 7.84
N VAL B 208 -1.42 3.12 6.89
CA VAL B 208 -0.64 2.45 5.85
C VAL B 208 -0.95 3.16 4.54
N ARG B 209 0.03 3.87 4.00
CA ARG B 209 -0.13 4.44 2.66
C ARG B 209 0.06 3.35 1.61
N VAL B 210 -0.76 3.39 0.56
CA VAL B 210 -0.67 2.43 -0.55
C VAL B 210 -0.71 3.20 -1.84
N LYS B 211 0.27 2.93 -2.70
CA LYS B 211 0.42 3.62 -3.97
C LYS B 211 0.16 2.65 -5.13
N ASN B 212 -0.69 3.06 -6.07
CA ASN B 212 -0.97 2.29 -7.26
C ASN B 212 -0.26 2.89 -8.47
N ASP B 213 0.93 2.36 -8.78
CA ASP B 213 1.69 2.80 -9.96
C ASP B 213 1.36 2.04 -11.27
N TYR B 214 0.41 1.11 -11.25
CA TYR B 214 -0.14 0.57 -12.51
C TYR B 214 -0.93 1.66 -13.23
N SER B 215 -1.23 1.44 -14.51
CA SER B 215 -1.94 2.44 -15.33
C SER B 215 -3.47 2.24 -15.32
N GLY B 216 -3.96 1.27 -14.54
CA GLY B 216 -5.39 1.11 -14.30
C GLY B 216 -5.70 0.92 -12.82
N PRO B 217 -7.00 0.91 -12.47
CA PRO B 217 -7.37 0.72 -11.06
C PRO B 217 -7.07 -0.72 -10.56
N ARG B 218 -6.76 -0.82 -9.27
CA ARG B 218 -6.30 -2.05 -8.64
C ARG B 218 -6.89 -2.20 -7.25
N ALA B 219 -7.36 -3.40 -6.93
CA ALA B 219 -7.98 -3.70 -5.65
C ALA B 219 -7.11 -4.65 -4.86
N GLY B 220 -7.26 -4.62 -3.55
CA GLY B 220 -6.52 -5.52 -2.67
C GLY B 220 -6.94 -5.40 -1.22
N GLU B 221 -6.11 -5.96 -0.34
CA GLU B 221 -6.32 -5.89 1.09
C GLU B 221 -5.02 -5.46 1.76
N VAL B 222 -5.12 -4.61 2.78
CA VAL B 222 -4.01 -4.34 3.69
C VAL B 222 -4.25 -5.21 4.90
N ARG B 223 -3.40 -6.21 5.11
CA ARG B 223 -3.37 -6.98 6.36
C ARG B 223 -2.18 -6.55 7.19
N THR B 224 -2.43 -6.03 8.39
CA THR B 224 -1.35 -5.72 9.33
C THR B 224 -1.54 -6.56 10.59
N SER B 225 -0.54 -7.38 10.90
CA SER B 225 -0.51 -8.21 12.10
C SER B 225 0.58 -7.74 13.05
N TYR B 226 0.26 -7.70 14.34
CA TYR B 226 1.17 -7.22 15.38
C TYR B 226 1.73 -8.41 16.16
N PHE B 227 3.00 -8.31 16.55
CA PHE B 227 3.72 -9.36 17.30
C PHE B 227 4.46 -8.74 18.48
N ASP B 228 4.55 -9.47 19.59
CA ASP B 228 5.31 -9.03 20.78
C ASP B 228 6.79 -9.45 20.69
N SER B 229 7.58 -9.10 21.72
CA SER B 229 9.01 -9.43 21.78
C SER B 229 9.33 -10.92 21.73
N LYS B 230 8.43 -11.75 22.25
CA LYS B 230 8.51 -13.22 22.08
C LYS B 230 8.05 -13.70 20.69
N ASN B 231 7.76 -12.78 19.78
CA ASN B 231 7.25 -13.05 18.44
C ASN B 231 5.92 -13.82 18.40
N LYS B 232 5.06 -13.52 19.39
CA LYS B 232 3.71 -14.06 19.48
C LYS B 232 2.70 -13.04 18.92
N LYS B 233 1.73 -13.52 18.14
CA LYS B 233 0.73 -12.65 17.51
C LYS B 233 -0.30 -12.13 18.54
N VAL B 234 -0.41 -10.81 18.65
CA VAL B 234 -1.32 -10.15 19.61
C VAL B 234 -2.40 -9.28 18.97
N GLY B 235 -2.51 -9.27 17.65
CA GLY B 235 -3.49 -8.45 16.97
C GLY B 235 -3.42 -8.56 15.46
N GLU B 236 -4.56 -8.34 14.81
CA GLU B 236 -4.65 -8.40 13.35
C GLU B 236 -5.86 -7.65 12.83
N LYS B 237 -5.70 -6.95 11.70
CA LYS B 237 -6.79 -6.24 11.05
C LYS B 237 -6.67 -6.41 9.53
N LEU B 238 -7.80 -6.69 8.89
CA LEU B 238 -7.88 -6.85 7.44
C LEU B 238 -8.83 -5.80 6.89
N THR B 239 -8.37 -5.01 5.91
CA THR B 239 -9.13 -3.93 5.29
C THR B 239 -8.95 -4.00 3.79
N SER B 240 -10.07 -3.99 3.06
CA SER B 240 -10.04 -4.00 1.60
C SER B 240 -9.90 -2.58 1.04
N PHE B 241 -9.40 -2.49 -0.19
CA PHE B 241 -9.27 -1.20 -0.87
C PHE B 241 -9.45 -1.32 -2.38
N LEU B 242 -9.72 -0.18 -3.01
CA LEU B 242 -9.73 -0.02 -4.47
C LEU B 242 -9.13 1.34 -4.80
N ILE B 243 -8.02 1.35 -5.54
CA ILE B 243 -7.24 2.58 -5.78
C ILE B 243 -7.12 2.85 -7.30
N GLU B 244 -7.45 4.08 -7.70
CA GLU B 244 -7.34 4.48 -9.12
C GLU B 244 -5.88 4.52 -9.57
N ALA B 245 -5.66 4.50 -10.88
CA ALA B 245 -4.32 4.52 -11.47
C ALA B 245 -3.51 5.77 -11.05
N GLY B 246 -2.26 5.55 -10.66
CA GLY B 246 -1.38 6.64 -10.23
C GLY B 246 -1.72 7.35 -8.93
N LYS B 247 -2.55 6.72 -8.08
CA LYS B 247 -3.02 7.35 -6.84
C LYS B 247 -2.42 6.71 -5.58
N GLU B 248 -2.38 7.51 -4.52
CA GLU B 248 -2.04 7.03 -3.18
C GLU B 248 -3.32 7.03 -2.35
N MET B 249 -3.41 6.11 -1.40
CA MET B 249 -4.53 6.05 -0.45
C MET B 249 -4.00 5.78 0.94
N LYS B 250 -4.55 6.48 1.94
CA LYS B 250 -4.18 6.31 3.34
C LYS B 250 -5.17 5.39 4.03
N ILE B 251 -4.78 4.15 4.25
CA ILE B 251 -5.60 3.16 4.96
C ILE B 251 -5.29 3.25 6.47
N ASN B 252 -6.35 3.46 7.27
CA ASN B 252 -6.23 3.51 8.71
C ASN B 252 -6.83 2.24 9.31
N GLN B 253 -6.13 1.69 10.32
CA GLN B 253 -6.57 0.48 11.00
C GLN B 253 -6.27 0.62 12.49
N SER B 254 -7.25 0.20 13.32
CA SER B 254 -7.15 0.28 14.77
C SER B 254 -7.33 -1.10 15.38
N VAL B 255 -6.49 -1.44 16.36
CA VAL B 255 -6.65 -2.67 17.15
C VAL B 255 -6.49 -2.35 18.63
N GLU B 256 -6.84 -3.31 19.47
CA GLU B 256 -6.69 -3.19 20.92
C GLU B 256 -5.70 -4.26 21.40
N ILE B 257 -4.66 -3.84 22.11
CA ILE B 257 -3.64 -4.75 22.63
C ILE B 257 -3.79 -4.80 24.15
N SER B 258 -4.24 -5.94 24.66
CA SER B 258 -4.51 -6.12 26.09
C SER B 258 -3.22 -6.42 26.87
N ASN B 259 -3.16 -5.95 28.12
CA ASN B 259 -1.98 -6.03 29.00
C ASN B 259 -0.65 -5.87 28.26
N PRO B 260 -0.49 -4.72 27.59
CA PRO B 260 0.71 -4.53 26.76
C PRO B 260 1.95 -4.30 27.60
N SER B 261 3.10 -4.75 27.09
CA SER B 261 4.38 -4.45 27.71
C SER B 261 4.77 -3.04 27.25
N LEU B 262 4.67 -2.06 28.15
CA LEU B 262 4.88 -0.66 27.79
C LEU B 262 6.36 -0.35 27.70
N TRP B 263 6.73 0.50 26.72
CA TRP B 263 8.12 0.90 26.50
C TRP B 263 8.52 1.90 27.56
N ASP B 264 9.62 1.61 28.26
CA ASP B 264 10.16 2.48 29.32
C ASP B 264 11.68 2.54 29.15
N VAL B 265 12.31 3.57 29.71
CA VAL B 265 13.79 3.69 29.64
C VAL B 265 14.56 2.57 30.35
N ASP B 266 13.94 1.91 31.33
CA ASP B 266 14.55 0.78 32.03
C ASP B 266 13.98 -0.59 31.61
N SER B 267 12.91 -0.59 30.81
CA SER B 267 12.30 -1.81 30.27
C SER B 267 11.73 -1.49 28.87
N PRO B 268 12.60 -1.40 27.85
CA PRO B 268 12.22 -0.92 26.52
C PRO B 268 11.70 -2.01 25.57
N SER B 269 10.49 -2.49 25.85
CA SER B 269 9.83 -3.51 25.03
C SER B 269 9.41 -2.96 23.66
N MET B 270 9.65 -3.75 22.62
CA MET B 270 9.30 -3.39 21.23
C MET B 270 8.32 -4.38 20.62
N TYR B 271 7.35 -3.86 19.88
CA TYR B 271 6.44 -4.68 19.06
C TYR B 271 6.81 -4.52 17.59
N LEU B 272 6.23 -5.36 16.75
CA LEU B 272 6.44 -5.32 15.30
C LEU B 272 5.08 -5.34 14.60
N ALA B 273 4.78 -4.29 13.84
CA ALA B 273 3.64 -4.31 12.92
C ALA B 273 4.17 -4.77 11.58
N LYS B 274 3.52 -5.80 11.04
CA LYS B 274 3.88 -6.39 9.77
C LYS B 274 2.72 -6.17 8.81
N SER B 275 2.84 -5.16 7.96
CA SER B 275 1.82 -4.79 6.98
C SER B 275 2.09 -5.48 5.65
N GLU B 276 1.12 -6.26 5.20
CA GLU B 276 1.20 -6.98 3.93
C GLU B 276 0.09 -6.48 3.02
N ILE B 277 0.37 -6.39 1.71
CA ILE B 277 -0.64 -6.11 0.69
C ILE B 277 -1.03 -7.42 0.03
N LEU B 278 -2.32 -7.71 0.00
CA LEU B 278 -2.85 -8.97 -0.55
C LEU B 278 -3.62 -8.72 -1.86
N VAL B 279 -3.23 -9.45 -2.90
CA VAL B 279 -3.94 -9.43 -4.18
C VAL B 279 -4.36 -10.87 -4.46
N ASP B 280 -5.67 -11.11 -4.55
CA ASP B 280 -6.24 -12.48 -4.69
C ASP B 280 -5.84 -13.41 -3.53
N GLY B 281 -5.73 -12.85 -2.33
CA GLY B 281 -5.21 -13.58 -1.16
C GLY B 281 -3.73 -13.94 -1.20
N ASN B 282 -2.93 -13.26 -2.04
CA ASN B 282 -1.48 -13.48 -2.12
C ASN B 282 -0.70 -12.21 -1.83
N VAL B 283 0.37 -12.36 -1.05
CA VAL B 283 1.14 -11.24 -0.56
C VAL B 283 2.02 -10.71 -1.68
N VAL B 284 1.82 -9.46 -2.05
CA VAL B 284 2.63 -8.76 -3.07
C VAL B 284 3.68 -7.79 -2.49
N ASP B 285 3.49 -7.33 -1.25
CA ASP B 285 4.42 -6.35 -0.64
C ASP B 285 4.30 -6.39 0.87
N THR B 286 5.43 -6.58 1.57
CA THR B 286 5.48 -6.61 3.03
C THR B 286 6.29 -5.41 3.54
N LYS B 287 5.85 -4.82 4.65
CA LYS B 287 6.55 -3.71 5.32
C LYS B 287 6.52 -3.92 6.84
N GLU B 288 7.70 -3.97 7.46
CA GLU B 288 7.85 -4.25 8.89
C GLU B 288 8.14 -2.99 9.69
N THR B 289 7.15 -2.51 10.45
CA THR B 289 7.28 -1.29 11.27
C THR B 289 7.49 -1.66 12.75
N PRO B 290 8.72 -1.53 13.27
CA PRO B 290 8.89 -1.69 14.71
C PRO B 290 8.38 -0.47 15.48
N PHE B 291 7.86 -0.69 16.70
CA PHE B 291 7.34 0.40 17.52
C PHE B 291 7.28 0.03 19.00
N GLY B 292 7.09 1.04 19.84
CA GLY B 292 6.88 0.88 21.27
C GLY B 292 5.54 1.49 21.66
N ILE B 293 4.96 1.00 22.74
CA ILE B 293 3.68 1.49 23.26
C ILE B 293 4.00 2.30 24.49
N ARG B 294 3.77 3.59 24.43
CA ARG B 294 4.05 4.49 25.56
C ARG B 294 3.30 5.79 25.41
N SER B 295 2.99 6.39 26.55
CA SER B 295 2.41 7.74 26.58
C SER B 295 3.46 8.74 27.07
N ILE B 296 3.43 9.94 26.51
CA ILE B 296 4.31 11.03 26.93
C ILE B 296 3.44 12.27 27.21
N LYS B 297 3.77 13.00 28.26
CA LYS B 297 3.02 14.21 28.58
C LYS B 297 3.94 15.19 29.29
N PHE B 298 3.85 16.47 28.90
CA PHE B 298 4.52 17.57 29.60
C PHE B 298 3.47 18.41 30.28
N ASP B 299 3.41 18.34 31.61
CA ASP B 299 2.59 19.26 32.39
C ASP B 299 3.41 20.49 32.73
N ALA B 300 2.78 21.66 32.76
CA ALA B 300 3.46 22.90 33.13
C ALA B 300 3.67 23.01 34.64
N LYS B 301 2.64 22.68 35.42
CA LYS B 301 2.72 22.72 36.88
C LYS B 301 3.52 21.51 37.41
N LYS B 302 3.01 20.31 37.16
CA LYS B 302 3.71 19.07 37.51
C LYS B 302 4.78 18.80 36.43
N GLY B 303 5.56 17.74 36.58
CA GLY B 303 6.70 17.52 35.68
C GLY B 303 6.42 16.99 34.27
N PHE B 304 7.25 16.06 33.83
CA PHE B 304 7.06 15.29 32.60
C PHE B 304 6.70 13.84 32.99
N PHE B 305 5.78 13.24 32.23
CA PHE B 305 5.24 11.91 32.57
C PHE B 305 5.50 10.92 31.45
N LEU B 306 6.11 9.78 31.79
CA LEU B 306 6.20 8.63 30.90
C LEU B 306 5.32 7.53 31.48
N ASN B 307 4.32 7.11 30.71
CA ASN B 307 3.37 6.06 31.11
C ASN B 307 2.63 6.39 32.41
N GLY B 308 2.17 7.62 32.52
CA GLY B 308 1.49 8.11 33.72
C GLY B 308 2.35 8.24 34.96
N LYS B 309 3.67 8.06 34.82
CA LYS B 309 4.61 8.07 35.95
C LYS B 309 5.52 9.29 35.80
N ASN B 310 5.56 10.12 36.83
CA ASN B 310 6.39 11.32 36.79
C ASN B 310 7.86 10.97 36.94
N MET B 311 8.70 11.55 36.08
CA MET B 311 10.14 11.28 36.11
C MET B 311 10.96 12.46 35.61
N LYS B 312 12.17 12.59 36.15
CA LYS B 312 13.11 13.62 35.72
C LYS B 312 13.90 13.14 34.50
N ILE B 313 14.09 14.04 33.54
CA ILE B 313 14.84 13.74 32.33
C ILE B 313 16.30 14.06 32.56
N LYS B 314 17.13 13.02 32.53
CA LYS B 314 18.58 13.13 32.75
C LYS B 314 19.27 13.01 31.39
N GLY B 315 19.25 14.10 30.64
CA GLY B 315 19.71 14.13 29.27
C GLY B 315 21.15 14.55 29.05
N VAL B 316 21.67 14.19 27.88
CA VAL B 316 22.97 14.65 27.41
C VAL B 316 22.85 15.03 25.93
N CYS B 317 23.59 16.05 25.52
CA CYS B 317 23.66 16.43 24.10
C CYS B 317 24.76 15.63 23.43
N LEU B 318 24.45 15.08 22.25
CA LEU B 318 25.42 14.29 21.49
C LEU B 318 25.50 14.80 20.05
N HIS B 319 26.73 15.09 19.63
CA HIS B 319 27.04 15.30 18.21
C HIS B 319 27.16 13.95 17.53
N HIS B 320 27.13 13.98 16.21
CA HIS B 320 27.06 12.77 15.41
C HIS B 320 28.39 12.05 15.17
N ASP B 321 29.53 12.66 15.54
CA ASP B 321 30.86 12.06 15.29
C ASP B 321 31.40 11.23 16.45
N ALA B 322 32.26 10.26 16.10
CA ALA B 322 32.88 9.37 17.06
C ALA B 322 34.37 9.22 16.81
N SER B 323 35.07 10.35 16.84
CA SER B 323 36.54 10.38 16.87
C SER B 323 37.20 9.70 15.66
N MET B 324 37.72 8.48 15.81
CA MET B 324 38.54 7.86 14.75
C MET B 324 37.73 7.33 13.57
N ILE B 325 36.45 6.99 13.79
CA ILE B 325 35.52 6.66 12.68
C ILE B 325 34.83 7.87 12.03
N GLY B 326 35.00 9.05 12.63
CA GLY B 326 34.40 10.27 12.13
C GLY B 326 32.89 10.20 12.27
N ALA B 327 32.19 10.69 11.24
CA ALA B 327 30.73 10.68 11.19
C ALA B 327 30.14 9.34 10.79
N ALA B 328 30.96 8.45 10.23
CA ALA B 328 30.51 7.13 9.77
C ALA B 328 29.85 6.35 10.89
N LEU B 329 28.61 5.91 10.68
CA LEU B 329 27.82 5.34 11.75
C LEU B 329 28.03 3.82 11.94
N VAL B 330 29.00 3.49 12.78
CA VAL B 330 29.29 2.10 13.13
C VAL B 330 28.50 1.81 14.42
N GLU B 331 27.48 0.95 14.30
CA GLU B 331 26.49 0.70 15.37
C GLU B 331 27.15 0.34 16.70
N ASP B 332 28.03 -0.67 16.66
CA ASP B 332 28.72 -1.16 17.87
C ASP B 332 29.59 -0.13 18.58
N VAL B 333 30.19 0.79 17.84
CA VAL B 333 30.97 1.86 18.46
C VAL B 333 30.05 2.74 19.32
N TRP B 334 28.89 3.07 18.78
CA TRP B 334 27.87 3.83 19.52
C TRP B 334 27.13 3.07 20.62
N ARG B 335 27.03 1.74 20.47
CA ARG B 335 26.46 0.89 21.52
C ARG B 335 27.26 1.01 22.81
N ARG B 336 28.58 1.01 22.69
CA ARG B 336 29.48 1.05 23.85
C ARG B 336 29.42 2.38 24.59
N ARG B 337 29.31 3.47 23.83
CA ARG B 337 29.17 4.80 24.40
C ARG B 337 27.84 4.95 25.12
N LEU B 338 26.77 4.55 24.45
CA LEU B 338 25.43 4.64 25.02
C LEU B 338 25.29 3.78 26.26
N GLN B 339 25.95 2.64 26.28
CA GLN B 339 25.93 1.77 27.45
C GLN B 339 26.66 2.40 28.64
N THR B 340 27.78 3.07 28.38
CA THR B 340 28.51 3.81 29.42
C THR B 340 27.67 4.98 29.97
N LEU B 341 27.04 5.75 29.08
CA LEU B 341 26.18 6.85 29.50
C LEU B 341 25.01 6.36 30.34
N LYS B 342 24.41 5.23 29.96
CA LYS B 342 23.27 4.66 30.70
C LYS B 342 23.66 4.15 32.08
N ASP B 343 24.85 3.58 32.22
CA ASP B 343 25.36 3.18 33.53
C ASP B 343 25.65 4.36 34.43
N GLY B 344 25.87 5.54 33.84
CA GLY B 344 25.93 6.81 34.55
C GLY B 344 24.60 7.46 34.95
N GLY B 345 23.48 6.80 34.66
CA GLY B 345 22.15 7.31 35.01
C GLY B 345 21.43 8.13 33.95
N CYS B 346 22.05 8.27 32.77
CA CYS B 346 21.47 9.03 31.67
C CYS B 346 20.32 8.27 31.02
N ASN B 347 19.12 8.86 31.05
CA ASN B 347 17.94 8.24 30.41
C ASN B 347 17.49 8.97 29.13
N ALA B 348 18.22 10.00 28.69
CA ALA B 348 17.78 10.80 27.56
C ALA B 348 18.92 11.39 26.73
N ILE B 349 18.61 11.70 25.46
CA ILE B 349 19.57 12.20 24.47
C ILE B 349 18.96 13.29 23.57
N ARG B 350 19.71 14.37 23.38
CA ARG B 350 19.36 15.43 22.46
C ARG B 350 20.33 15.40 21.27
N LEU B 351 19.78 15.31 20.06
CA LEU B 351 20.59 15.23 18.85
C LEU B 351 21.00 16.62 18.46
N SER B 352 22.26 16.96 18.72
CA SER B 352 22.76 18.33 18.60
C SER B 352 23.63 18.52 17.34
N HIS B 353 23.25 19.41 16.40
CA HIS B 353 21.98 20.15 16.32
C HIS B 353 21.33 19.79 15.00
N ASN B 354 21.06 18.51 14.81
CA ASN B 354 20.70 17.99 13.49
C ASN B 354 19.99 16.65 13.57
N PRO B 355 19.32 16.26 12.48
CA PRO B 355 18.70 14.93 12.44
C PRO B 355 19.70 13.81 12.68
N GLY B 356 19.28 12.78 13.42
CA GLY B 356 20.10 11.60 13.66
C GLY B 356 19.99 10.56 12.54
N ALA B 357 20.77 9.50 12.66
CA ALA B 357 20.69 8.36 11.75
C ALA B 357 19.61 7.40 12.24
N ASP B 358 18.98 6.69 11.30
CA ASP B 358 17.94 5.71 11.67
C ASP B 358 18.51 4.59 12.54
N ALA B 359 19.74 4.15 12.24
CA ALA B 359 20.40 3.10 13.02
C ALA B 359 20.72 3.53 14.46
N PHE B 360 20.96 4.83 14.66
CA PHE B 360 21.15 5.40 15.99
C PHE B 360 19.83 5.42 16.78
N LEU B 361 18.76 5.88 16.13
CA LEU B 361 17.42 5.89 16.74
C LEU B 361 16.94 4.47 17.06
N GLU B 362 17.31 3.51 16.19
CA GLU B 362 17.06 2.07 16.40
C GLU B 362 17.79 1.57 17.65
N LEU B 363 19.00 2.07 17.85
CA LEU B 363 19.79 1.76 19.04
C LEU B 363 19.16 2.34 20.32
N CYS B 364 18.66 3.57 20.25
CA CYS B 364 17.99 4.20 21.39
C CYS B 364 16.68 3.52 21.78
N ASP B 365 15.97 2.99 20.79
CA ASP B 365 14.79 2.13 21.01
C ASP B 365 15.14 0.89 21.82
N GLU B 366 16.18 0.18 21.39
CA GLU B 366 16.56 -1.09 22.01
C GLU B 366 17.05 -0.91 23.44
N MET B 367 17.90 0.11 23.66
CA MET B 367 18.55 0.33 24.95
C MET B 367 17.73 1.22 25.91
N GLY B 368 16.90 2.10 25.37
CA GLY B 368 15.96 2.89 26.18
C GLY B 368 16.48 4.25 26.58
N PHE B 369 16.43 5.19 25.65
CA PHE B 369 16.70 6.61 25.88
C PHE B 369 15.55 7.40 25.28
N LEU B 370 15.05 8.40 26.00
CA LEU B 370 14.18 9.40 25.41
C LEU B 370 15.08 10.26 24.48
N VAL B 371 14.62 10.54 23.26
CA VAL B 371 15.41 11.24 22.24
C VAL B 371 14.74 12.54 21.78
N GLN B 372 15.51 13.63 21.70
CA GLN B 372 15.09 14.87 21.02
C GLN B 372 15.81 15.02 19.68
N GLU B 373 15.06 14.88 18.58
CA GLU B 373 15.63 15.07 17.25
C GLU B 373 15.45 16.52 16.86
N GLU B 374 16.56 17.18 16.50
CA GLU B 374 16.59 18.61 16.13
C GLU B 374 16.73 18.78 14.63
N PHE B 375 15.97 19.68 14.01
CA PHE B 375 16.00 19.85 12.55
C PHE B 375 17.12 20.75 12.01
N PHE B 376 17.36 21.90 12.65
CA PHE B 376 18.28 22.92 12.10
C PHE B 376 19.06 23.65 13.19
N ASP B 377 20.32 24.01 12.91
CA ASP B 377 21.09 24.92 13.78
C ASP B 377 20.86 26.39 13.45
N GLU B 378 20.27 26.68 12.30
CA GLU B 378 20.00 28.05 11.87
C GLU B 378 18.85 28.06 10.86
N TRP B 379 18.14 29.20 10.76
CA TRP B 379 17.04 29.35 9.79
C TRP B 379 17.42 30.28 8.63
N ASP B 380 16.88 31.50 8.60
CA ASP B 380 16.94 32.38 7.44
C ASP B 380 18.28 33.11 7.37
N TYR B 381 18.88 33.39 8.52
CA TYR B 381 20.17 34.08 8.58
C TYR B 381 21.25 33.16 9.12
N PRO B 382 22.50 33.33 8.65
CA PRO B 382 23.58 32.42 9.04
C PRO B 382 24.25 32.80 10.36
N LYS B 383 24.83 31.81 11.03
CA LYS B 383 25.70 32.04 12.20
C LYS B 383 27.15 32.10 11.73
N ASP B 384 28.02 32.68 12.56
CA ASP B 384 29.45 32.69 12.24
C ASP B 384 29.98 31.31 12.60
N LYS B 385 30.54 30.63 11.62
CA LYS B 385 31.00 29.25 11.82
C LYS B 385 32.23 29.17 12.72
N ARG B 386 33.02 30.24 12.80
CA ARG B 386 34.22 30.28 13.64
C ARG B 386 33.96 30.80 15.08
N LEU B 387 33.10 31.80 15.21
CA LEU B 387 32.96 32.57 16.46
C LEU B 387 31.62 32.36 17.20
N ASN B 388 30.71 31.61 16.59
CA ASN B 388 29.31 31.48 17.06
C ASN B 388 28.55 32.80 16.90
N MET B 389 27.29 32.82 17.33
CA MET B 389 26.43 34.03 17.31
C MET B 389 26.21 34.53 15.87
N ASP B 390 25.78 35.79 15.71
CA ASP B 390 25.47 36.35 14.39
C ASP B 390 26.73 36.39 13.53
N GLU B 391 26.54 36.18 12.23
CA GLU B 391 27.64 36.11 11.27
C GLU B 391 28.23 37.52 11.08
N GLN B 392 29.54 37.64 11.32
CA GLN B 392 30.27 38.91 11.22
C GLN B 392 31.05 39.05 9.91
N SER B 393 31.38 37.94 9.26
CA SER B 393 32.24 37.94 8.08
C SER B 393 31.71 36.97 7.02
N ILE B 394 32.07 37.23 5.77
CA ILE B 394 31.66 36.38 4.64
C ILE B 394 32.88 35.88 3.85
N ASP B 395 32.95 34.57 3.64
CA ASP B 395 33.92 33.96 2.71
C ASP B 395 33.45 32.58 2.24
N TYR B 396 33.90 32.18 1.05
CA TYR B 396 33.48 30.95 0.38
C TYR B 396 33.41 29.72 1.27
N ILE B 397 34.48 29.50 2.03
CA ILE B 397 34.68 28.28 2.81
C ILE B 397 33.60 28.05 3.88
N THR B 398 33.02 29.12 4.43
CA THR B 398 31.98 29.01 5.46
C THR B 398 30.53 29.15 4.96
N ARG B 399 30.29 29.08 3.64
CA ARG B 399 28.92 29.20 3.12
C ARG B 399 28.21 27.88 3.35
N GLY B 400 26.99 27.94 3.88
CA GLY B 400 26.27 26.76 4.33
C GLY B 400 24.86 26.62 3.78
N TYR B 401 24.01 25.99 4.58
CA TYR B 401 22.65 25.61 4.18
C TYR B 401 21.67 26.80 4.05
N CYS B 402 22.01 27.97 4.59
CA CYS B 402 21.20 29.22 4.38
C CYS B 402 20.95 29.60 2.92
N GLU B 403 21.91 29.31 2.06
CA GLU B 403 21.76 29.46 0.62
C GLU B 403 20.53 28.71 0.05
N TYR B 404 20.22 27.55 0.66
CA TYR B 404 19.15 26.66 0.21
C TYR B 404 17.92 26.56 1.13
N PHE B 405 18.01 27.11 2.34
CA PHE B 405 16.98 26.94 3.39
C PHE B 405 15.58 27.35 2.96
N GLN B 406 15.46 28.49 2.27
CA GLN B 406 14.15 28.96 1.84
C GLN B 406 13.41 27.95 0.99
N GLU B 407 14.13 27.36 0.04
CA GLU B 407 13.55 26.40 -0.92
C GLU B 407 13.46 24.95 -0.39
N TRP B 408 14.35 24.57 0.54
CA TRP B 408 14.53 23.16 0.95
C TRP B 408 14.12 22.79 2.38
N ALA B 409 13.68 23.77 3.18
CA ALA B 409 13.42 23.53 4.60
C ALA B 409 12.25 22.59 4.82
N GLU B 410 11.16 22.80 4.08
CA GLU B 410 9.99 21.94 4.17
C GLU B 410 10.33 20.47 3.82
N ARG B 411 10.85 20.23 2.60
CA ARG B 411 11.27 18.88 2.16
C ARG B 411 12.14 18.16 3.18
N ASP B 412 13.19 18.84 3.66
CA ASP B 412 14.14 18.21 4.57
C ASP B 412 13.51 17.87 5.94
N LEU B 413 12.72 18.80 6.48
CA LEU B 413 11.99 18.60 7.73
C LEU B 413 11.05 17.42 7.62
N LYS B 414 10.23 17.40 6.57
CA LYS B 414 9.23 16.36 6.40
C LYS B 414 9.79 14.97 6.15
N ASN B 415 10.88 14.88 5.38
CA ASN B 415 11.57 13.59 5.19
C ASN B 415 12.17 13.04 6.48
N VAL B 416 12.71 13.91 7.32
CA VAL B 416 13.23 13.48 8.64
C VAL B 416 12.11 12.86 9.49
N MET B 417 10.98 13.56 9.57
CA MET B 417 9.85 13.07 10.34
C MET B 417 9.22 11.82 9.73
N LEU B 418 9.08 11.79 8.40
CA LEU B 418 8.66 10.56 7.69
C LEU B 418 9.52 9.35 8.10
N ARG B 419 10.83 9.56 8.10
CA ARG B 419 11.83 8.57 8.47
C ARG B 419 11.74 8.20 9.95
N SER B 420 11.63 9.20 10.81
CA SER B 420 11.80 9.04 12.26
C SER B 420 10.55 8.87 13.12
N ARG B 421 9.36 9.21 12.62
CA ARG B 421 8.18 9.30 13.51
C ARG B 421 7.67 7.97 14.13
N ASN B 422 8.15 6.81 13.69
CA ASN B 422 7.75 5.51 14.29
C ASN B 422 8.57 5.02 15.47
N HIS B 423 9.75 5.60 15.70
CA HIS B 423 10.58 5.19 16.83
C HIS B 423 9.97 5.69 18.16
N PRO B 424 9.82 4.77 19.14
CA PRO B 424 9.33 5.17 20.47
C PRO B 424 10.27 6.03 21.30
N CYS B 425 11.57 6.01 20.98
CA CYS B 425 12.56 6.79 21.73
C CYS B 425 12.34 8.27 21.56
N ILE B 426 11.98 8.68 20.36
CA ILE B 426 11.73 10.10 20.07
C ILE B 426 10.47 10.53 20.82
N PHE B 427 10.62 11.62 21.57
CA PHE B 427 9.54 12.20 22.37
C PHE B 427 9.47 13.72 22.25
N GLN B 428 10.14 14.28 21.23
CA GLN B 428 10.28 15.73 21.07
C GLN B 428 10.92 16.11 19.72
N TRP B 429 10.22 16.96 18.96
CA TRP B 429 10.74 17.55 17.73
C TRP B 429 11.21 18.98 18.03
N SER B 430 12.50 19.25 17.85
CA SER B 430 13.07 20.59 18.05
C SER B 430 13.26 21.32 16.70
N ILE B 431 12.61 22.47 16.54
CA ILE B 431 12.64 23.20 15.25
C ILE B 431 13.87 24.10 15.06
N GLY B 432 14.61 24.35 16.13
CA GLY B 432 15.85 25.12 16.00
C GLY B 432 16.65 25.26 17.28
N ASN B 433 17.91 25.69 17.13
CA ASN B 433 18.84 25.82 18.22
C ASN B 433 19.50 27.21 18.29
N GLU B 434 19.33 27.91 19.42
CA GLU B 434 19.90 29.26 19.66
C GLU B 434 19.71 30.21 18.46
N ILE B 435 18.48 30.27 17.96
CA ILE B 435 18.16 30.97 16.71
C ILE B 435 18.17 32.50 16.88
N GLU B 436 17.91 32.96 18.11
CA GLU B 436 17.71 34.40 18.41
C GLU B 436 18.94 35.28 18.10
N TRP B 437 20.15 34.69 18.12
CA TRP B 437 21.37 35.42 17.73
C TRP B 437 21.31 35.93 16.29
N THR B 438 20.61 35.21 15.41
CA THR B 438 20.66 35.45 13.97
C THR B 438 19.68 36.50 13.43
N TYR B 439 18.69 36.92 14.24
CA TYR B 439 17.69 37.92 13.82
C TYR B 439 17.90 39.25 14.53
N LYS B 440 18.14 40.32 13.77
CA LYS B 440 18.37 41.64 14.35
C LYS B 440 17.15 42.10 15.14
N GLY B 441 17.40 42.70 16.31
CA GLY B 441 16.36 43.16 17.21
C GLY B 441 16.28 42.42 18.54
N CYS B 442 16.60 41.12 18.53
CA CYS B 442 16.35 40.23 19.68
C CYS B 442 17.25 40.50 20.88
N LYS B 443 18.55 40.55 20.62
CA LYS B 443 19.56 40.89 21.62
C LYS B 443 19.27 42.25 22.27
N GLU B 444 18.90 43.21 21.42
CA GLU B 444 18.81 44.61 21.79
C GLU B 444 17.52 44.97 22.53
N SER B 445 16.48 44.14 22.37
CA SER B 445 15.18 44.33 23.02
C SER B 445 15.13 43.82 24.47
N THR B 446 16.07 42.95 24.82
CA THR B 446 16.39 42.66 26.23
C THR B 446 17.30 43.78 26.74
N GLY B 447 17.52 43.84 28.04
CA GLY B 447 18.46 44.82 28.61
C GLY B 447 19.92 44.40 28.63
N PHE B 448 20.22 43.18 28.21
CA PHE B 448 21.51 42.54 28.52
C PHE B 448 22.75 43.18 27.90
N PHE B 449 22.59 43.92 26.80
CA PHE B 449 23.73 44.56 26.11
C PHE B 449 23.56 46.09 26.00
N SER B 450 23.00 46.70 27.05
CA SER B 450 22.67 48.13 27.09
C SER B 450 21.71 48.53 25.96
N GLY B 456 26.75 40.12 31.27
CA GLY B 456 26.70 38.90 32.07
C GLY B 456 25.31 38.25 32.12
N TYR B 457 24.67 38.12 30.97
CA TYR B 457 23.30 37.55 30.87
C TYR B 457 23.12 36.11 31.41
N PHE B 458 24.19 35.31 31.40
CA PHE B 458 24.16 33.93 31.95
C PHE B 458 23.63 33.86 33.38
N TRP B 459 24.06 34.80 34.22
CA TRP B 459 23.79 34.75 35.66
C TRP B 459 22.68 35.68 36.13
N ASN B 460 22.09 36.44 35.21
CA ASN B 460 21.16 37.50 35.55
C ASN B 460 19.87 37.42 34.73
N GLN B 461 18.78 37.88 35.32
CA GLN B 461 17.51 38.06 34.60
C GLN B 461 17.63 39.39 33.87
N PRO B 462 16.75 39.66 32.88
CA PRO B 462 16.91 40.91 32.14
C PRO B 462 16.60 42.17 32.99
N PRO B 463 17.31 43.30 32.73
CA PRO B 463 17.00 44.60 33.32
C PRO B 463 15.58 45.08 33.06
N TYR B 464 15.06 44.80 31.86
CA TYR B 464 13.74 45.27 31.46
C TYR B 464 12.64 44.35 31.97
N SER B 465 11.47 44.94 32.22
CA SER B 465 10.25 44.18 32.53
C SER B 465 9.66 43.60 31.24
N THR B 466 8.64 42.77 31.37
CA THR B 466 7.98 42.16 30.20
C THR B 466 7.31 43.20 29.28
N GLN B 467 6.91 44.33 29.85
CA GLN B 467 6.31 45.44 29.09
C GLN B 467 7.36 46.22 28.29
N ARG B 468 8.49 46.52 28.91
CA ARG B 468 9.57 47.27 28.27
C ARG B 468 10.19 46.51 27.09
N ILE B 469 10.27 45.18 27.21
CA ILE B 469 10.74 44.34 26.12
C ILE B 469 9.76 44.44 24.94
N ARG B 470 8.47 44.26 25.22
CA ARG B 470 7.40 44.44 24.21
C ARG B 470 7.53 45.76 23.42
N GLU B 471 7.77 46.86 24.13
CA GLU B 471 7.93 48.20 23.52
C GLU B 471 9.21 48.32 22.68
N GLU B 472 10.33 47.87 23.22
CA GLU B 472 11.63 47.92 22.51
C GLU B 472 11.65 47.02 21.25
N TRP B 473 11.01 45.85 21.34
CA TRP B 473 10.81 44.96 20.18
C TRP B 473 9.97 45.61 19.07
N ALA B 474 8.86 46.22 19.46
CA ALA B 474 7.97 46.91 18.51
C ALA B 474 8.64 48.08 17.77
N LYS B 475 9.68 48.66 18.38
CA LYS B 475 10.47 49.72 17.74
C LYS B 475 11.49 49.24 16.71
N GLN B 476 11.77 47.94 16.65
CA GLN B 476 12.85 47.42 15.80
C GLN B 476 12.55 47.57 14.30
N PRO B 477 13.56 47.97 13.50
CA PRO B 477 13.33 48.06 12.06
C PRO B 477 12.99 46.69 11.47
N LYS B 478 11.94 46.65 10.64
CA LYS B 478 11.45 45.42 10.05
C LYS B 478 12.48 44.80 9.12
N GLN B 479 12.52 43.47 9.13
CA GLN B 479 13.49 42.68 8.37
C GLN B 479 12.81 41.93 7.26
N THR B 480 13.61 41.43 6.32
CA THR B 480 13.13 40.55 5.27
C THR B 480 12.46 39.31 5.87
N TYR B 481 13.13 38.69 6.85
CA TYR B 481 12.60 37.52 7.58
C TYR B 481 12.38 37.85 9.06
N ASP B 482 11.25 37.40 9.61
CA ASP B 482 10.93 37.56 11.02
C ASP B 482 11.05 36.21 11.73
N ILE B 483 11.78 36.18 12.85
CA ILE B 483 11.94 34.96 13.67
C ILE B 483 10.60 34.31 14.06
N GLY B 484 9.60 35.11 14.40
CA GLY B 484 8.29 34.59 14.78
C GLY B 484 7.54 33.92 13.65
N ARG B 485 7.62 34.49 12.44
CA ARG B 485 6.92 33.96 11.26
C ARG B 485 7.49 32.62 10.81
N THR B 486 8.81 32.56 10.69
CA THR B 486 9.51 31.33 10.31
C THR B 486 9.23 30.19 11.31
N ALA B 487 9.32 30.47 12.60
CA ALA B 487 9.00 29.49 13.66
C ALA B 487 7.57 28.93 13.54
N LYS B 488 6.61 29.79 13.20
CA LYS B 488 5.22 29.34 12.97
C LYS B 488 5.11 28.44 11.73
N LYS B 489 5.88 28.74 10.67
CA LYS B 489 5.93 27.89 9.47
C LYS B 489 6.51 26.51 9.77
N LEU B 490 7.66 26.49 10.44
CA LEU B 490 8.32 25.25 10.83
C LEU B 490 7.48 24.42 11.79
N ALA B 491 6.88 25.09 12.78
CA ALA B 491 5.98 24.41 13.71
C ALA B 491 4.72 23.88 13.03
N ALA B 492 4.14 24.67 12.13
CA ALA B 492 2.98 24.21 11.35
C ALA B 492 3.31 22.99 10.45
N TRP B 493 4.44 23.07 9.73
CA TRP B 493 4.92 21.91 8.94
C TRP B 493 5.13 20.67 9.82
N THR B 494 5.72 20.89 11.00
CA THR B 494 6.01 19.81 11.93
C THR B 494 4.72 19.14 12.35
N ARG B 495 3.70 19.94 12.67
CA ARG B 495 2.42 19.41 13.15
C ARG B 495 1.60 18.66 12.08
N GLU B 496 1.78 19.03 10.81
CA GLU B 496 1.21 18.26 9.68
C GLU B 496 1.69 16.80 9.63
N MET B 497 2.92 16.55 10.09
CA MET B 497 3.50 15.20 10.08
C MET B 497 3.33 14.41 11.40
N ASP B 498 3.11 15.09 12.51
CA ASP B 498 2.97 14.41 13.81
C ASP B 498 2.47 15.39 14.86
N THR B 499 1.33 15.09 15.48
CA THR B 499 0.84 15.87 16.63
C THR B 499 1.05 15.13 17.95
N THR B 500 1.53 13.88 17.90
CA THR B 500 1.69 13.06 19.12
C THR B 500 3.01 13.30 19.86
N ARG B 501 3.83 14.23 19.40
CA ARG B 501 5.03 14.63 20.15
C ARG B 501 5.11 16.15 20.23
N PRO B 502 5.67 16.67 21.35
CA PRO B 502 5.85 18.13 21.49
C PRO B 502 6.77 18.73 20.43
N VAL B 503 6.33 19.84 19.84
CA VAL B 503 7.22 20.74 19.11
C VAL B 503 7.94 21.58 20.17
N THR B 504 9.26 21.59 20.11
CA THR B 504 10.10 22.38 21.01
C THR B 504 11.14 23.19 20.24
N ALA B 505 11.95 23.93 20.99
CA ALA B 505 13.15 24.59 20.47
C ALA B 505 14.07 24.96 21.62
N ASN B 506 15.33 25.22 21.29
CA ASN B 506 16.33 25.59 22.30
C ASN B 506 16.55 27.10 22.26
N CYS B 507 16.08 27.79 23.30
CA CYS B 507 16.10 29.26 23.36
C CYS B 507 17.23 29.80 24.24
N ILE B 508 18.12 30.58 23.63
CA ILE B 508 19.23 31.26 24.35
C ILE B 508 18.79 32.59 25.00
N LEU B 509 17.71 33.19 24.51
CA LEU B 509 17.10 34.38 25.13
C LEU B 509 15.59 34.22 25.20
N PRO B 510 15.10 33.42 26.16
CA PRO B 510 13.64 33.23 26.27
C PRO B 510 12.87 34.50 26.62
N SER B 511 13.51 35.43 27.33
CA SER B 511 12.87 36.70 27.69
C SER B 511 12.26 37.40 26.47
N ILE B 512 13.06 37.53 25.41
CA ILE B 512 12.57 38.07 24.14
C ILE B 512 11.71 37.05 23.36
N SER B 513 12.09 35.78 23.41
CA SER B 513 11.36 34.74 22.66
C SER B 513 9.90 34.53 23.08
N TYR B 514 9.57 34.87 24.33
CA TYR B 514 8.17 34.87 24.79
C TYR B 514 7.28 35.96 24.14
N GLU B 515 7.87 37.03 23.59
CA GLU B 515 7.12 38.14 22.95
C GLU B 515 7.21 38.26 21.41
N THR B 516 8.13 37.53 20.79
CA THR B 516 8.34 37.61 19.34
C THR B 516 7.39 36.73 18.53
N GLY B 517 6.76 35.75 19.16
CA GLY B 517 5.97 34.73 18.45
C GLY B 517 6.66 33.36 18.40
N TYR B 518 7.98 33.36 18.55
CA TYR B 518 8.80 32.13 18.63
C TYR B 518 8.25 31.11 19.66
N ILE B 519 8.36 31.44 20.95
CA ILE B 519 7.93 30.53 22.02
C ILE B 519 6.45 30.18 21.94
N ASP B 520 5.61 31.08 21.43
CA ASP B 520 4.18 30.78 21.31
C ASP B 520 3.83 29.77 20.21
N ALA B 521 4.73 29.54 19.27
CA ALA B 521 4.60 28.43 18.29
C ALA B 521 4.98 27.04 18.86
N LEU B 522 5.61 27.01 20.04
CA LEU B 522 6.12 25.77 20.64
C LEU B 522 5.12 25.17 21.64
N ASP B 523 5.31 23.90 21.97
CA ASP B 523 4.54 23.22 23.03
C ASP B 523 5.35 23.26 24.31
N VAL B 524 6.62 22.87 24.19
CA VAL B 524 7.62 23.03 25.25
C VAL B 524 8.68 24.02 24.80
N ALA B 525 8.87 25.09 25.57
CA ALA B 525 9.97 26.01 25.35
C ALA B 525 11.21 25.50 26.09
N GLY B 526 12.25 25.12 25.33
CA GLY B 526 13.52 24.72 25.90
C GLY B 526 14.41 25.91 26.19
N PHE B 527 15.17 25.85 27.28
CA PHE B 527 16.04 26.95 27.73
C PHE B 527 17.53 26.57 27.62
N SER B 528 18.30 27.36 26.88
CA SER B 528 19.75 27.15 26.71
C SER B 528 20.53 28.00 27.71
N TYR B 529 20.99 27.38 28.80
CA TYR B 529 21.84 28.03 29.82
C TYR B 529 21.13 29.17 30.55
N ARG B 530 19.86 28.98 30.87
CA ARG B 530 19.03 29.99 31.53
C ARG B 530 18.40 29.40 32.79
N ARG B 531 19.20 28.85 33.70
CA ARG B 531 18.67 28.32 34.95
C ARG B 531 18.09 29.39 35.87
N VAL B 532 18.60 30.62 35.74
CA VAL B 532 18.05 31.79 36.46
C VAL B 532 16.66 32.19 35.99
N MET B 533 16.31 31.85 34.74
CA MET B 533 15.00 32.20 34.17
C MET B 533 13.87 31.21 34.44
N TYR B 534 14.12 30.09 35.15
CA TYR B 534 13.03 29.13 35.48
C TYR B 534 11.93 29.75 36.36
N ASP B 535 12.35 30.60 37.31
CA ASP B 535 11.41 31.42 38.12
C ASP B 535 10.62 32.40 37.24
N TYR B 536 11.31 33.03 36.28
CA TYR B 536 10.70 33.97 35.33
C TYR B 536 9.60 33.29 34.51
N ALA B 537 9.94 32.16 33.90
CA ALA B 537 8.99 31.36 33.13
C ALA B 537 7.78 31.00 33.97
N HIS B 538 8.03 30.47 35.17
CA HIS B 538 6.97 30.06 36.09
C HIS B 538 6.11 31.24 36.60
N LYS B 539 6.73 32.39 36.81
CA LYS B 539 6.03 33.60 37.22
C LYS B 539 5.22 34.21 36.06
N ASN B 540 5.91 34.62 35.00
CA ASN B 540 5.31 35.40 33.92
C ASN B 540 4.49 34.62 32.89
N TYR B 541 4.80 33.32 32.71
CA TYR B 541 4.11 32.48 31.72
C TYR B 541 3.90 31.06 32.24
N PRO B 542 3.17 30.91 33.37
CA PRO B 542 3.07 29.61 34.05
C PRO B 542 2.42 28.49 33.22
N ASP B 543 1.60 28.88 32.23
CA ASP B 543 0.91 27.95 31.34
C ASP B 543 1.83 27.12 30.41
N LYS B 544 3.00 27.65 30.06
CA LYS B 544 3.86 27.06 29.02
C LYS B 544 5.01 26.25 29.63
N PRO B 545 5.01 24.91 29.41
CA PRO B 545 6.09 24.07 29.96
C PRO B 545 7.49 24.49 29.51
N ALA B 546 8.37 24.72 30.49
CA ALA B 546 9.75 25.08 30.23
C ALA B 546 10.62 23.92 30.63
N MET B 547 11.78 23.82 29.99
CA MET B 547 12.77 22.78 30.27
C MET B 547 14.15 23.36 29.98
N GLY B 548 15.17 22.77 30.59
CA GLY B 548 16.56 23.03 30.20
C GLY B 548 16.93 22.13 29.03
N THR B 549 17.17 22.71 27.86
CA THR B 549 17.53 21.93 26.67
C THR B 549 19.01 22.00 26.32
N GLU B 550 19.79 22.80 27.03
CA GLU B 550 21.24 22.80 26.90
C GLU B 550 21.83 23.39 28.17
N ASN B 551 22.64 22.61 28.88
CA ASN B 551 23.13 23.02 30.20
C ASN B 551 24.54 22.55 30.48
N LEU B 552 25.14 23.14 31.50
CA LEU B 552 26.51 22.86 31.88
C LEU B 552 26.52 21.55 32.66
N GLY B 553 27.61 20.79 32.52
CA GLY B 553 27.77 19.55 33.27
C GLY B 553 28.24 19.84 34.68
N GLN B 554 27.32 20.33 35.52
CA GLN B 554 27.62 20.78 36.88
C GLN B 554 26.49 20.48 37.87
N TRP B 555 26.84 20.46 39.16
CA TRP B 555 25.84 20.28 40.24
C TRP B 555 24.79 21.41 40.29
N HIS B 556 25.23 22.66 40.17
CA HIS B 556 24.31 23.80 40.25
C HIS B 556 23.21 23.83 39.18
N GLU B 557 23.47 23.25 38.01
CA GLU B 557 22.43 23.09 36.99
C GLU B 557 21.40 22.02 37.41
N TRP B 558 21.86 20.93 38.02
CA TRP B 558 20.98 19.83 38.43
C TRP B 558 20.20 20.15 39.72
N LYS B 559 20.83 20.90 40.63
CA LYS B 559 20.18 21.40 41.85
C LYS B 559 18.95 22.27 41.53
N ALA B 560 19.09 23.10 40.50
CA ALA B 560 18.01 23.95 40.01
C ALA B 560 16.82 23.16 39.48
N VAL B 561 17.12 22.03 38.83
CA VAL B 561 16.09 21.14 38.29
C VAL B 561 15.34 20.38 39.37
N ILE B 562 16.06 19.75 40.30
CA ILE B 562 15.42 18.86 41.32
C ILE B 562 14.66 19.63 42.41
N GLU B 563 15.07 20.87 42.70
CA GLU B 563 14.34 21.75 43.60
C GLU B 563 13.00 22.30 43.02
N ARG B 564 12.73 22.09 41.73
CA ARG B 564 11.50 22.56 41.08
C ARG B 564 10.73 21.44 40.37
N ASP B 565 9.53 21.13 40.85
CA ASP B 565 8.66 20.13 40.21
C ASP B 565 8.26 20.48 38.76
N TYR B 566 8.22 21.77 38.45
CA TYR B 566 7.82 22.27 37.11
C TYR B 566 8.97 22.29 36.08
N ILE B 567 10.16 21.87 36.47
CA ILE B 567 11.29 21.75 35.55
C ILE B 567 11.60 20.25 35.35
N PRO B 568 11.09 19.66 34.25
CA PRO B 568 11.23 18.21 34.08
C PRO B 568 12.66 17.72 33.96
N GLY B 569 13.60 18.52 33.46
CA GLY B 569 14.97 18.04 33.31
C GLY B 569 15.96 18.98 32.64
N MET B 570 17.08 18.40 32.23
CA MET B 570 18.10 19.13 31.52
C MET B 570 18.97 18.25 30.63
N PHE B 571 19.57 18.87 29.62
CA PHE B 571 20.48 18.22 28.69
C PHE B 571 21.90 18.78 28.81
N ILE B 572 22.84 17.97 29.30
CA ILE B 572 24.20 18.41 29.56
C ILE B 572 25.02 18.51 28.29
N TRP B 573 25.69 19.66 28.11
CA TRP B 573 26.63 19.87 27.01
C TRP B 573 28.03 19.51 27.51
N THR B 574 28.57 18.33 27.18
CA THR B 574 28.04 17.39 26.19
C THR B 574 28.21 15.97 26.74
N GLY B 575 27.53 14.99 26.15
CA GLY B 575 27.66 13.59 26.56
C GLY B 575 29.04 13.03 26.25
N VAL B 576 29.54 13.26 25.03
CA VAL B 576 30.88 12.87 24.64
C VAL B 576 31.59 14.03 23.95
N ASP B 577 32.89 14.16 24.17
CA ASP B 577 33.69 15.11 23.41
C ASP B 577 33.51 14.86 21.91
N TYR B 578 33.60 15.92 21.14
CA TYR B 578 33.38 15.88 19.69
C TYR B 578 34.45 16.72 19.00
N LEU B 579 34.82 16.32 17.79
CA LEU B 579 35.78 17.09 16.98
C LEU B 579 35.22 18.45 16.57
N GLY B 580 36.05 19.49 16.70
CA GLY B 580 35.71 20.83 16.23
C GLY B 580 35.33 21.84 17.31
N GLU B 581 34.74 22.94 16.87
CA GLU B 581 34.45 24.10 17.73
C GLU B 581 35.72 24.66 18.44
N VAL B 582 36.86 24.57 17.75
CA VAL B 582 38.15 25.05 18.26
C VAL B 582 38.80 26.03 17.27
N GLY B 583 40.00 26.51 17.60
CA GLY B 583 40.73 27.48 16.76
C GLY B 583 40.69 28.92 17.26
N THR B 584 39.72 29.27 18.10
CA THR B 584 39.65 30.61 18.70
C THR B 584 40.82 30.82 19.69
N LYS B 585 40.95 32.04 20.23
CA LYS B 585 42.14 32.45 21.01
C LYS B 585 42.54 31.51 22.17
N GLY B 586 41.55 30.90 22.83
CA GLY B 586 41.85 29.92 23.87
C GLY B 586 42.46 28.61 23.37
N ARG B 587 42.11 28.21 22.15
CA ARG B 587 42.11 26.81 21.75
C ARG B 587 42.79 26.55 20.40
N GLU B 588 44.06 26.92 20.31
CA GLU B 588 44.79 26.83 19.04
C GLU B 588 45.02 25.38 18.66
N TRP B 589 45.43 25.16 17.41
CA TRP B 589 46.08 23.90 17.06
C TRP B 589 47.21 23.63 18.09
N PRO B 590 47.40 22.38 18.55
CA PRO B 590 46.77 21.17 18.03
C PRO B 590 45.58 20.64 18.85
N GLN B 591 44.81 21.53 19.47
CA GLN B 591 43.62 21.15 20.19
C GLN B 591 42.55 20.65 19.19
N ARG B 592 41.94 19.50 19.50
CA ARG B 592 40.93 18.88 18.62
C ARG B 592 39.51 19.22 19.03
N ALA B 593 39.27 19.16 20.35
CA ALA B 593 37.96 19.35 20.93
C ALA B 593 38.03 20.26 22.16
N ILE B 594 36.89 20.83 22.51
CA ILE B 594 36.77 21.70 23.67
C ILE B 594 37.09 20.97 24.97
N GLY B 595 36.63 19.72 25.10
CA GLY B 595 36.78 18.93 26.32
C GLY B 595 35.62 19.10 27.28
N CYS B 596 34.42 19.33 26.74
CA CYS B 596 33.22 19.57 27.52
C CYS B 596 32.39 18.30 27.80
N GLY B 597 32.88 17.16 27.33
CA GLY B 597 32.16 15.90 27.41
C GLY B 597 32.36 15.13 28.69
N LEU B 598 31.35 14.34 29.06
CA LEU B 598 31.44 13.42 30.18
C LEU B 598 32.34 12.25 29.79
N LEU B 599 32.15 11.73 28.58
CA LEU B 599 33.08 10.77 27.99
C LEU B 599 34.07 11.53 27.09
N ASP B 600 35.30 11.04 27.00
CA ASP B 600 36.28 11.64 26.08
C ASP B 600 36.06 11.08 24.68
N LEU B 601 36.89 11.53 23.74
CA LEU B 601 36.85 11.05 22.35
C LEU B 601 36.99 9.53 22.21
N ALA B 602 37.71 8.89 23.14
CA ALA B 602 37.83 7.42 23.18
C ALA B 602 36.63 6.68 23.79
N GLY B 603 35.64 7.41 24.31
CA GLY B 603 34.55 6.82 25.08
C GLY B 603 34.91 6.45 26.52
N PHE B 604 36.10 6.87 27.01
CA PHE B 604 36.47 6.65 28.43
C PHE B 604 35.74 7.65 29.33
N GLU B 605 35.48 7.21 30.55
CA GLU B 605 34.76 8.01 31.55
C GLU B 605 35.70 9.05 32.14
N LYS B 606 35.33 10.32 32.08
CA LYS B 606 36.12 11.41 32.65
C LYS B 606 35.60 11.75 34.05
N PRO B 607 36.32 12.62 34.80
CA PRO B 607 35.83 13.09 36.10
C PRO B 607 34.40 13.60 36.16
N SER B 608 33.96 14.34 35.14
CA SER B 608 32.60 14.87 35.09
C SER B 608 31.52 13.80 34.90
N PHE B 609 31.87 12.69 34.24
CA PHE B 609 30.99 11.52 34.17
C PHE B 609 30.68 10.98 35.57
N HIS B 610 31.73 10.81 36.38
CA HIS B 610 31.60 10.31 37.76
C HIS B 610 30.85 11.29 38.65
N MET B 611 31.09 12.59 38.46
CA MET B 611 30.30 13.62 39.14
C MET B 611 28.82 13.41 38.84
N MET B 612 28.50 13.23 37.56
CA MET B 612 27.10 13.10 37.15
C MET B 612 26.50 11.78 37.59
N LYS B 613 27.32 10.73 37.60
CA LYS B 613 26.92 9.44 38.13
C LYS B 613 26.54 9.54 39.62
N SER B 614 27.26 10.38 40.36
CA SER B 614 26.93 10.64 41.76
C SER B 614 25.57 11.34 41.92
N LEU B 615 25.25 12.22 40.99
CA LEU B 615 23.97 12.94 41.02
C LEU B 615 22.81 12.13 40.47
N TRP B 616 23.08 11.15 39.61
CA TRP B 616 22.01 10.46 38.87
C TRP B 616 21.73 8.99 39.22
N THR B 617 22.72 8.24 39.70
CA THR B 617 22.50 6.86 40.17
C THR B 617 22.27 6.88 41.68
N ASP B 618 21.43 5.97 42.19
CA ASP B 618 21.20 5.87 43.65
C ASP B 618 21.86 4.64 44.33
N ALA B 619 22.45 3.74 43.53
CA ALA B 619 23.33 2.71 44.07
C ALA B 619 24.57 3.38 44.68
N PRO B 620 24.98 2.97 45.91
CA PRO B 620 26.10 3.65 46.58
C PRO B 620 27.34 3.73 45.69
N PHE B 621 27.88 4.93 45.52
CA PHE B 621 28.94 5.19 44.55
C PHE B 621 29.97 6.18 45.12
N ILE B 622 31.25 5.86 44.95
CA ILE B 622 32.36 6.74 45.35
C ILE B 622 33.40 6.80 44.23
N ALA B 623 33.86 8.00 43.90
CA ALA B 623 34.94 8.23 42.95
C ALA B 623 36.01 9.10 43.60
N ILE B 624 37.24 8.59 43.66
CA ILE B 624 38.34 9.28 44.32
C ILE B 624 39.18 10.07 43.32
N TYR B 625 39.36 11.36 43.59
CA TYR B 625 40.26 12.21 42.80
C TYR B 625 41.11 13.12 43.70
N SER B 626 42.12 13.74 43.12
CA SER B 626 43.07 14.56 43.88
C SER B 626 43.79 15.57 43.00
N GLN B 627 44.46 16.52 43.65
CA GLN B 627 45.15 17.62 43.00
C GLN B 627 46.01 18.31 44.06
N THR B 628 47.15 18.88 43.68
CA THR B 628 48.00 19.61 44.64
C THR B 628 47.29 20.88 45.13
N ALA B 629 47.69 21.39 46.29
CA ALA B 629 47.02 22.57 46.87
C ALA B 629 47.17 23.84 46.02
N ASN B 630 48.28 23.96 45.29
CA ASN B 630 48.46 25.08 44.35
C ASN B 630 47.53 24.98 43.14
N LYS B 631 47.39 23.77 42.59
CA LYS B 631 46.58 23.55 41.39
C LYS B 631 45.08 23.46 41.71
N SER B 632 44.72 23.01 42.91
CA SER B 632 43.32 22.82 43.29
C SER B 632 42.51 24.13 43.22
N SER B 633 41.20 23.98 43.00
CA SER B 633 40.26 25.10 42.96
C SER B 633 39.68 25.41 44.35
N TYR B 634 40.07 24.64 45.36
CA TYR B 634 39.54 24.76 46.71
C TYR B 634 40.70 24.87 47.70
N VAL B 635 40.39 25.30 48.92
CA VAL B 635 41.41 25.53 49.95
C VAL B 635 40.79 25.58 51.35
N GLU B 636 41.37 24.82 52.28
CA GLU B 636 40.92 24.83 53.68
C GLU B 636 41.47 26.09 54.33
N LYS B 637 40.60 27.10 54.50
CA LYS B 637 40.99 28.41 55.03
C LYS B 637 41.35 28.31 56.52
N ASP B 638 40.40 27.81 57.33
CA ASP B 638 40.64 27.61 58.77
C ASP B 638 39.65 26.60 59.35
N GLY B 639 39.73 25.36 58.86
CA GLY B 639 38.89 24.26 59.34
C GLY B 639 37.97 23.67 58.29
N LYS B 640 37.25 24.54 57.57
CA LYS B 640 36.29 24.15 56.53
C LYS B 640 36.78 24.55 55.14
N PHE B 641 36.17 23.96 54.10
CA PHE B 641 36.57 24.17 52.71
C PHE B 641 35.69 25.19 51.95
N THR B 642 36.35 26.03 51.16
CA THR B 642 35.71 27.08 50.36
C THR B 642 36.37 27.20 48.99
N ASP B 643 35.81 28.05 48.12
CA ASP B 643 36.36 28.27 46.78
C ASP B 643 37.60 29.17 46.83
N LYS B 644 38.55 28.92 45.91
CA LYS B 644 39.83 29.64 45.90
C LYS B 644 39.66 31.10 45.41
N ASP B 645 39.12 31.28 44.21
CA ASP B 645 38.75 32.60 43.70
C ASP B 645 37.22 32.72 43.70
N PRO B 646 36.63 33.53 44.63
CA PRO B 646 35.17 33.73 44.60
C PRO B 646 34.60 34.53 43.41
N LYS B 647 35.47 35.04 42.54
CA LYS B 647 35.05 35.50 41.20
C LYS B 647 34.69 34.34 40.26
N LYS B 648 35.18 33.13 40.57
CA LYS B 648 34.78 31.87 39.89
C LYS B 648 34.26 30.86 40.93
N PRO B 649 33.07 31.13 41.53
CA PRO B 649 32.53 30.27 42.60
C PRO B 649 31.92 28.95 42.09
N TRP B 650 31.54 28.07 43.02
CA TRP B 650 30.95 26.77 42.67
C TRP B 650 29.60 26.89 41.95
N THR B 651 28.87 27.99 42.18
CA THR B 651 27.57 28.22 41.53
C THR B 651 27.65 28.73 40.07
N GLN B 652 28.86 28.97 39.55
CA GLN B 652 29.05 29.46 38.18
C GLN B 652 30.11 28.68 37.39
N ARG B 653 30.35 27.44 37.77
CA ARG B 653 31.29 26.58 37.05
C ARG B 653 30.71 26.31 35.66
N LEU B 654 31.58 26.19 34.66
CA LEU B 654 31.15 26.09 33.26
C LEU B 654 31.33 24.67 32.67
N TRP B 655 31.69 24.56 31.39
CA TRP B 655 31.60 23.32 30.64
C TRP B 655 32.71 22.34 30.99
N VAL B 656 33.94 22.83 30.91
CA VAL B 656 35.14 21.99 31.02
C VAL B 656 35.53 21.80 32.48
N TRP B 657 35.60 20.55 32.90
CA TRP B 657 36.03 20.17 34.23
C TRP B 657 37.54 20.42 34.36
N GLU B 658 38.03 20.46 35.60
CA GLU B 658 39.46 20.65 35.88
C GLU B 658 40.26 19.41 35.45
N ASP B 659 41.56 19.58 35.25
CA ASP B 659 42.46 18.43 35.07
C ASP B 659 42.85 17.86 36.44
N VAL B 660 42.01 16.97 36.95
CA VAL B 660 42.26 16.28 38.21
C VAL B 660 42.94 14.93 37.97
N ASN B 661 43.52 14.38 39.04
CA ASN B 661 44.26 13.12 39.03
C ASN B 661 43.53 12.00 39.77
N SER B 662 43.48 10.82 39.13
CA SER B 662 43.04 9.59 39.79
C SER B 662 44.20 8.91 40.54
N HIS B 663 45.43 9.29 40.20
CA HIS B 663 46.62 8.64 40.74
C HIS B 663 46.93 9.08 42.16
N TRP B 664 47.88 8.38 42.77
CA TRP B 664 48.39 8.67 44.11
C TRP B 664 49.92 8.52 44.10
N ASN B 665 50.57 9.47 43.42
CA ASN B 665 52.00 9.42 43.08
C ASN B 665 52.56 10.85 43.00
N TYR B 666 52.63 11.52 44.16
CA TYR B 666 53.16 12.87 44.26
C TYR B 666 54.61 12.81 44.80
N THR B 667 55.17 13.96 45.20
CA THR B 667 56.44 14.00 45.94
C THR B 667 56.16 14.09 47.46
N LYS B 668 56.98 13.40 48.25
CA LYS B 668 56.77 13.26 49.71
C LYS B 668 56.57 14.61 50.42
N GLY B 669 55.54 14.68 51.27
CA GLY B 669 55.21 15.90 52.01
C GLY B 669 54.51 17.02 51.23
N GLU B 670 54.18 16.78 49.95
CA GLU B 670 53.43 17.74 49.14
C GLU B 670 51.97 17.74 49.60
N LYS B 671 51.42 18.94 49.83
CA LYS B 671 50.04 19.08 50.31
C LYS B 671 49.07 18.87 49.13
N VAL B 672 48.11 17.98 49.32
CA VAL B 672 47.21 17.53 48.27
C VAL B 672 45.77 17.67 48.78
N VAL B 673 44.85 18.07 47.90
CA VAL B 673 43.43 18.18 48.24
C VAL B 673 42.63 17.08 47.54
N VAL B 674 42.24 16.06 48.32
CA VAL B 674 41.45 14.95 47.82
C VAL B 674 40.01 15.41 47.65
N GLU B 675 39.49 15.28 46.43
CA GLU B 675 38.08 15.56 46.15
C GLU B 675 37.40 14.24 45.77
N ILE B 676 36.34 13.90 46.50
CA ILE B 676 35.55 12.69 46.27
C ILE B 676 34.18 13.10 45.73
N TYR B 677 33.74 12.47 44.65
CA TYR B 677 32.38 12.64 44.15
C TYR B 677 31.60 11.39 44.57
N SER B 678 30.42 11.58 45.15
CA SER B 678 29.68 10.47 45.72
C SER B 678 28.23 10.80 45.99
N ASN B 679 27.38 9.77 45.91
CA ASN B 679 26.00 9.83 46.39
C ASN B 679 25.81 9.37 47.86
N CYS B 680 26.89 8.93 48.52
CA CYS B 680 26.85 8.49 49.92
C CYS B 680 26.69 9.65 50.89
N ASP B 681 25.91 9.44 51.95
CA ASP B 681 25.53 10.48 52.92
C ASP B 681 26.66 10.88 53.85
N GLU B 682 27.50 9.91 54.23
CA GLU B 682 28.73 10.15 55.00
C GLU B 682 29.87 9.26 54.49
N ILE B 683 31.08 9.78 54.53
CA ILE B 683 32.28 9.07 54.07
C ILE B 683 33.38 9.31 55.10
N GLU B 684 34.12 8.25 55.42
CA GLU B 684 35.36 8.37 56.19
C GLU B 684 36.49 8.07 55.22
N LEU B 685 37.53 8.89 55.29
CA LEU B 685 38.74 8.73 54.48
C LEU B 685 39.83 8.13 55.36
N PHE B 686 40.69 7.30 54.76
CA PHE B 686 41.81 6.66 55.45
C PHE B 686 43.09 6.80 54.62
N GLN B 687 44.20 7.13 55.29
CA GLN B 687 45.53 7.13 54.66
C GLN B 687 46.41 6.13 55.39
N ASN B 688 46.78 5.06 54.69
CA ASN B 688 47.61 3.96 55.25
C ASN B 688 47.06 3.33 56.55
N GLY B 689 45.72 3.34 56.70
CA GLY B 689 45.05 2.91 57.92
C GLY B 689 44.60 4.04 58.83
N LYS B 690 45.44 5.08 58.99
CA LYS B 690 45.12 6.21 59.89
C LYS B 690 43.95 7.04 59.32
N SER B 691 42.84 7.08 60.06
CA SER B 691 41.63 7.81 59.65
C SER B 691 41.88 9.32 59.56
N LEU B 692 41.43 9.93 58.46
CA LEU B 692 41.54 11.38 58.24
C LEU B 692 40.26 12.16 58.62
N GLY B 693 39.19 11.45 58.95
CA GLY B 693 37.97 12.06 59.49
C GLY B 693 36.71 11.63 58.76
N LYS B 694 35.63 11.43 59.52
CA LYS B 694 34.32 11.19 58.95
C LYS B 694 33.71 12.52 58.54
N ARG B 695 33.35 12.64 57.27
CA ARG B 695 32.68 13.82 56.73
C ARG B 695 31.30 13.44 56.24
N PHE B 696 30.47 14.46 56.01
CA PHE B 696 29.07 14.29 55.58
C PHE B 696 28.78 15.17 54.36
N LEU B 697 28.00 14.62 53.41
CA LEU B 697 27.65 15.30 52.16
C LEU B 697 26.97 16.64 52.38
N LYS B 698 26.04 16.68 53.35
CA LYS B 698 25.23 17.89 53.62
C LYS B 698 26.04 19.15 53.92
N ASP B 699 27.23 18.99 54.51
CA ASP B 699 28.10 20.12 54.87
C ASP B 699 29.00 20.65 53.74
N PHE B 700 29.01 19.99 52.58
CA PHE B 700 29.64 20.52 51.36
C PHE B 700 28.53 20.95 50.39
N GLU B 701 28.30 22.25 50.34
CA GLU B 701 27.24 22.85 49.50
C GLU B 701 27.40 22.58 47.99
N ASP B 702 28.63 22.33 47.53
CA ASP B 702 28.91 22.07 46.11
C ASP B 702 28.85 20.60 45.66
N HIS B 703 28.40 19.72 46.57
CA HIS B 703 28.25 18.28 46.34
C HIS B 703 29.55 17.52 46.05
N ILE B 704 30.65 18.03 46.60
CA ILE B 704 31.97 17.41 46.49
C ILE B 704 32.62 17.34 47.88
N TYR B 705 32.92 16.12 48.34
CA TYR B 705 33.69 15.91 49.57
C TYR B 705 35.11 16.42 49.40
N LYS B 706 35.70 16.90 50.49
CA LYS B 706 37.07 17.46 50.48
C LYS B 706 37.85 17.18 51.77
N TRP B 707 39.05 16.62 51.63
CA TRP B 707 40.01 16.47 52.73
C TRP B 707 41.37 17.06 52.33
N SER B 708 42.09 17.61 53.30
CA SER B 708 43.49 17.99 53.11
C SER B 708 44.35 16.80 53.47
N VAL B 709 45.42 16.58 52.70
CA VAL B 709 46.35 15.48 52.94
C VAL B 709 47.77 15.95 52.65
N ASP B 710 48.72 15.40 53.39
CA ASP B 710 50.14 15.51 53.07
C ASP B 710 50.60 14.14 52.61
N PHE B 711 51.27 14.08 51.47
CA PHE B 711 51.50 12.81 50.77
C PHE B 711 52.57 11.90 51.42
N LYS B 712 52.21 10.63 51.60
CA LYS B 712 53.15 9.57 51.95
C LYS B 712 52.83 8.35 51.06
N ASP B 713 53.86 7.67 50.57
CA ASP B 713 53.69 6.48 49.72
C ASP B 713 52.78 5.48 50.42
N GLY B 714 51.69 5.11 49.77
CA GLY B 714 50.78 4.14 50.32
C GLY B 714 49.48 4.06 49.56
N ASN B 715 48.40 4.53 50.18
CA ASN B 715 47.05 4.41 49.62
C ASN B 715 46.04 5.33 50.30
N ILE B 716 44.88 5.47 49.66
CA ILE B 716 43.75 6.22 50.19
C ILE B 716 42.53 5.33 50.02
N VAL B 717 41.81 5.11 51.12
CA VAL B 717 40.58 4.33 51.11
C VAL B 717 39.44 5.22 51.61
N ALA B 718 38.32 5.24 50.88
CA ALA B 718 37.13 5.99 51.24
C ALA B 718 36.00 5.00 51.52
N LYS B 719 35.50 5.00 52.76
CA LYS B 719 34.43 4.08 53.19
C LYS B 719 33.14 4.86 53.39
N GLY B 720 32.14 4.59 52.55
CA GLY B 720 30.89 5.34 52.55
C GLY B 720 29.68 4.55 52.98
N LYS B 721 28.60 5.28 53.29
CA LYS B 721 27.30 4.68 53.60
C LYS B 721 26.15 5.51 52.99
N LYS B 722 25.23 4.83 52.31
CA LYS B 722 24.00 5.44 51.79
C LYS B 722 22.81 4.63 52.31
N ASN B 723 22.10 5.18 53.29
CA ASN B 723 21.12 4.43 54.09
C ASN B 723 21.84 3.19 54.69
N GLY B 724 21.29 1.99 54.52
CA GLY B 724 21.97 0.77 54.95
C GLY B 724 23.24 0.46 54.16
N LYS B 725 23.15 0.57 52.84
CA LYS B 725 24.19 0.09 51.92
C LYS B 725 25.56 0.76 52.11
N LYS B 726 26.62 -0.04 51.96
CA LYS B 726 28.00 0.45 52.05
C LYS B 726 28.76 0.19 50.74
N THR B 727 29.70 1.09 50.44
CA THR B 727 30.61 0.94 49.30
C THR B 727 32.00 1.41 49.71
N THR B 728 33.01 0.83 49.06
CA THR B 728 34.40 1.13 49.33
C THR B 728 35.11 1.41 48.02
N SER B 729 35.94 2.46 48.00
CA SER B 729 36.81 2.77 46.87
C SER B 729 38.20 3.08 47.41
N ALA B 730 39.22 2.89 46.57
CA ALA B 730 40.59 3.19 46.96
C ALA B 730 41.47 3.56 45.77
N ILE B 731 42.65 4.09 46.08
CA ILE B 731 43.67 4.39 45.08
C ILE B 731 45.04 4.13 45.70
N TYR B 732 45.99 3.71 44.89
CA TYR B 732 47.26 3.20 45.39
C TYR B 732 48.43 3.87 44.69
N THR B 733 49.52 4.06 45.43
CA THR B 733 50.79 4.43 44.84
C THR B 733 51.33 3.24 44.04
N THR B 734 52.01 3.51 42.93
CA THR B 734 52.53 2.46 42.06
C THR B 734 54.00 2.64 41.77
N LYS B 735 54.68 1.53 41.47
CA LYS B 735 56.02 1.55 40.90
C LYS B 735 55.92 1.89 39.40
N GLU B 736 57.06 1.98 38.73
CA GLU B 736 57.13 2.35 37.30
C GLU B 736 56.33 1.41 36.39
N THR B 737 56.16 1.81 35.12
CA THR B 737 55.49 0.95 34.13
C THR B 737 56.35 -0.28 33.86
N ASN B 738 55.82 -1.46 34.20
CA ASN B 738 56.45 -2.76 33.95
C ASN B 738 55.78 -3.57 32.82
N SER B 739 54.57 -3.17 32.42
CA SER B 739 53.75 -3.99 31.53
C SER B 739 52.57 -3.22 30.95
N ILE B 740 51.93 -3.81 29.95
CA ILE B 740 50.69 -3.31 29.38
C ILE B 740 49.59 -4.36 29.61
N LYS B 741 48.50 -3.92 30.23
CA LYS B 741 47.33 -4.75 30.47
C LYS B 741 46.28 -4.44 29.38
N LEU B 742 46.18 -5.33 28.40
CA LEU B 742 45.14 -5.25 27.38
C LEU B 742 43.90 -6.05 27.80
N SER B 743 42.73 -5.54 27.45
CA SER B 743 41.45 -6.21 27.68
C SER B 743 40.49 -5.90 26.54
N VAL B 744 39.41 -6.68 26.45
CA VAL B 744 38.43 -6.55 25.36
C VAL B 744 37.01 -6.51 25.89
N ASP B 745 36.12 -5.89 25.11
CA ASP B 745 34.66 -5.86 25.41
C ASP B 745 33.95 -7.18 25.07
N LYS B 746 34.32 -7.80 23.94
CA LYS B 746 33.78 -9.09 23.51
C LYS B 746 34.90 -9.99 23.00
N VAL B 747 34.93 -11.25 23.46
CA VAL B 747 35.90 -12.26 22.98
C VAL B 747 35.46 -13.03 21.72
N ALA B 748 34.20 -12.91 21.33
CA ALA B 748 33.64 -13.65 20.20
C ALA B 748 32.66 -12.77 19.41
N VAL B 749 32.96 -12.55 18.13
CA VAL B 749 32.12 -11.73 17.23
C VAL B 749 31.91 -12.42 15.89
N ASP B 750 30.84 -12.02 15.18
CA ASP B 750 30.52 -12.61 13.88
C ASP B 750 31.36 -12.00 12.77
N ALA B 751 31.52 -12.76 11.69
CA ALA B 751 32.27 -12.34 10.49
C ALA B 751 31.30 -11.73 9.47
N ASN B 752 30.58 -10.71 9.91
CA ASN B 752 29.46 -10.13 9.15
C ASN B 752 29.82 -8.77 8.56
N ASN B 753 31.11 -8.42 8.62
CA ASN B 753 31.66 -7.17 8.05
C ASN B 753 31.35 -5.88 8.85
N THR B 754 30.76 -6.02 10.05
CA THR B 754 30.24 -4.89 10.84
C THR B 754 30.60 -4.89 12.33
N ASP B 755 30.60 -6.07 12.97
CA ASP B 755 30.96 -6.19 14.39
C ASP B 755 32.33 -5.60 14.74
N VAL B 756 32.36 -4.85 15.83
CA VAL B 756 33.55 -4.15 16.29
C VAL B 756 34.00 -4.79 17.58
N ILE B 757 35.32 -4.77 17.83
CA ILE B 757 35.85 -5.06 19.16
C ILE B 757 36.69 -3.86 19.61
N HIS B 758 36.50 -3.47 20.87
CA HIS B 758 37.22 -2.37 21.47
C HIS B 758 38.27 -2.97 22.39
N VAL B 759 39.55 -2.72 22.11
CA VAL B 759 40.64 -3.18 22.96
C VAL B 759 41.17 -2.00 23.77
N THR B 760 41.23 -2.17 25.09
CA THR B 760 41.64 -1.13 26.00
C THR B 760 43.01 -1.45 26.56
N ALA B 761 44.01 -0.63 26.24
CA ALA B 761 45.34 -0.74 26.84
C ALA B 761 45.42 0.08 28.12
N GLN B 762 46.01 -0.51 29.16
CA GLN B 762 46.22 0.16 30.44
C GLN B 762 47.62 -0.18 30.93
N LEU B 763 48.40 0.85 31.28
CA LEU B 763 49.76 0.65 31.80
C LEU B 763 49.67 0.19 33.25
N ILE B 764 50.50 -0.80 33.60
CA ILE B 764 50.55 -1.33 34.98
C ILE B 764 51.99 -1.56 35.49
N ASP B 765 52.12 -1.71 36.81
CA ASP B 765 53.42 -1.96 37.47
C ASP B 765 53.71 -3.45 37.74
N ARG B 766 54.84 -3.73 38.39
CA ARG B 766 55.18 -5.05 38.93
C ARG B 766 53.98 -5.78 39.55
N ASN B 767 53.29 -5.11 40.47
CA ASN B 767 52.23 -5.72 41.27
C ASN B 767 50.82 -5.66 40.66
N GLY B 768 50.73 -5.30 39.38
CA GLY B 768 49.45 -5.25 38.66
C GLY B 768 48.60 -4.00 38.88
N ARG B 769 49.16 -2.97 39.52
CA ARG B 769 48.41 -1.73 39.79
C ARG B 769 48.28 -0.89 38.52
N ASN B 770 47.18 -0.16 38.38
CA ASN B 770 46.98 0.75 37.24
C ASN B 770 47.74 2.07 37.40
N ILE B 771 48.51 2.41 36.37
CA ILE B 771 49.31 3.62 36.34
C ILE B 771 48.59 4.63 35.45
N SER B 772 48.49 5.87 35.92
CA SER B 772 47.90 6.96 35.15
C SER B 772 48.66 8.30 35.29
N TRP B 773 49.94 8.22 35.68
CA TRP B 773 50.78 9.40 35.98
C TRP B 773 51.96 9.60 35.02
N GLU B 774 52.28 8.60 34.19
CA GLU B 774 53.25 8.74 33.10
C GLU B 774 52.66 8.18 31.81
N GLU B 775 53.22 8.55 30.66
CA GLU B 775 52.73 8.07 29.36
C GLU B 775 53.78 7.25 28.61
N LYS B 776 53.33 6.44 27.65
CA LYS B 776 54.21 5.69 26.75
C LYS B 776 53.66 5.70 25.32
N GLU B 777 54.54 5.44 24.36
CA GLU B 777 54.14 5.27 22.97
C GLU B 777 54.03 3.77 22.67
N ILE B 778 52.78 3.28 22.66
CA ILE B 778 52.44 1.87 22.55
C ILE B 778 52.19 1.52 21.10
N THR B 779 52.71 0.37 20.68
CA THR B 779 52.46 -0.18 19.36
C THR B 779 51.62 -1.45 19.51
N PHE B 780 50.50 -1.52 18.80
CA PHE B 780 49.66 -2.72 18.75
C PHE B 780 50.15 -3.60 17.61
N ASN B 781 50.15 -4.91 17.85
CA ASN B 781 50.52 -5.92 16.85
C ASN B 781 49.35 -6.88 16.72
N ILE B 782 48.81 -7.00 15.51
CA ILE B 782 47.63 -7.84 15.25
C ILE B 782 47.92 -8.82 14.10
N GLY B 783 47.53 -10.08 14.30
CA GLY B 783 47.62 -11.11 13.27
C GLY B 783 46.24 -11.69 12.97
N GLY B 784 45.97 -11.95 11.68
CA GLY B 784 44.67 -12.45 11.22
C GLY B 784 43.97 -11.46 10.29
N ASN B 785 42.71 -11.74 9.97
CA ASN B 785 41.92 -10.91 9.05
C ASN B 785 40.97 -9.96 9.78
N TYR B 786 41.23 -8.67 9.64
CA TYR B 786 40.48 -7.61 10.32
C TYR B 786 40.68 -6.29 9.59
N ARG B 787 39.89 -5.30 9.98
CA ARG B 787 39.99 -3.96 9.43
C ARG B 787 40.24 -3.00 10.57
N LEU B 788 41.29 -2.18 10.45
CA LEU B 788 41.61 -1.16 11.45
C LEU B 788 40.66 0.02 11.32
N LEU B 789 39.84 0.24 12.35
CA LEU B 789 39.02 1.44 12.45
C LEU B 789 39.84 2.58 13.06
N GLY B 790 40.65 2.26 14.07
CA GLY B 790 41.69 3.17 14.51
C GLY B 790 42.24 2.99 15.90
N VAL B 791 42.83 4.08 16.39
CA VAL B 791 43.32 4.20 17.76
C VAL B 791 43.03 5.61 18.30
N GLU B 792 42.68 5.68 19.58
CA GLU B 792 42.39 6.95 20.25
C GLU B 792 42.97 6.91 21.66
N ASN B 793 43.28 8.07 22.23
CA ASN B 793 43.66 8.15 23.65
C ASN B 793 42.78 9.04 24.52
N GLY B 794 41.95 9.88 23.92
CA GLY B 794 41.03 10.74 24.66
C GLY B 794 41.62 12.10 25.02
N ASP B 795 42.77 12.44 24.45
CA ASP B 795 43.44 13.72 24.72
C ASP B 795 42.89 14.77 23.75
N HIS B 796 42.05 15.65 24.27
CA HIS B 796 41.46 16.71 23.49
C HIS B 796 42.46 17.83 23.10
N LEU B 797 43.55 17.97 23.86
CA LEU B 797 44.56 19.01 23.61
C LEU B 797 45.56 18.68 22.51
N ASN B 798 45.58 17.46 22.00
CA ASN B 798 46.51 17.09 20.92
C ASN B 798 45.87 16.26 19.84
N VAL B 799 46.57 16.17 18.71
CA VAL B 799 46.16 15.36 17.57
C VAL B 799 46.94 14.05 17.55
N LEU B 800 46.48 13.14 16.69
CA LEU B 800 47.16 11.86 16.48
C LEU B 800 46.70 11.26 15.14
N ASN B 801 47.53 10.39 14.57
CA ASN B 801 47.19 9.68 13.33
C ASN B 801 46.26 8.52 13.69
N TYR B 802 44.98 8.68 13.36
CA TYR B 802 43.95 7.69 13.68
C TYR B 802 44.17 6.31 13.09
N LYS B 803 44.72 6.25 11.88
CA LYS B 803 44.90 4.99 11.15
C LYS B 803 46.22 4.27 11.42
N SER B 804 47.00 4.73 12.40
CA SER B 804 48.26 4.07 12.78
C SER B 804 48.01 2.86 13.67
N ASN B 805 48.98 1.95 13.69
CA ASN B 805 49.05 0.89 14.73
C ASN B 805 49.69 1.36 16.04
N THR B 806 50.37 2.51 16.00
CA THR B 806 51.02 3.13 17.16
C THR B 806 50.19 4.31 17.67
N VAL B 807 50.14 4.48 18.99
CA VAL B 807 49.40 5.60 19.62
C VAL B 807 50.00 5.93 21.01
N LYS B 808 49.98 7.22 21.34
CA LYS B 808 50.45 7.70 22.63
C LYS B 808 49.31 7.57 23.65
N THR B 809 49.62 7.04 24.83
CA THR B 809 48.66 6.97 25.93
C THR B 809 48.31 8.34 26.50
N TYR B 810 47.12 8.43 27.10
CA TYR B 810 46.71 9.59 27.89
C TYR B 810 46.05 9.07 29.16
N LYS B 811 46.52 9.58 30.31
CA LYS B 811 46.20 9.02 31.63
C LYS B 811 46.50 7.53 31.72
N GLY B 812 47.58 7.11 31.04
CA GLY B 812 48.01 5.72 31.02
C GLY B 812 47.12 4.74 30.28
N ARG B 813 46.21 5.22 29.43
CA ARG B 813 45.32 4.34 28.66
C ARG B 813 45.23 4.72 27.18
N ALA B 814 44.70 3.80 26.40
CA ALA B 814 44.51 4.01 24.98
C ALA B 814 43.50 3.01 24.47
N LEU B 815 42.83 3.35 23.37
CA LEU B 815 41.82 2.50 22.77
C LEU B 815 42.32 2.05 21.40
N LEU B 816 42.16 0.76 21.10
CA LEU B 816 42.31 0.22 19.75
C LEU B 816 40.93 -0.29 19.35
N VAL B 817 40.54 -0.02 18.09
CA VAL B 817 39.23 -0.45 17.56
C VAL B 817 39.40 -1.14 16.19
N LEU B 818 38.88 -2.38 16.11
CA LEU B 818 39.04 -3.26 14.94
C LEU B 818 37.67 -3.79 14.52
N GLN B 819 37.43 -3.84 13.22
CA GLN B 819 36.20 -4.35 12.67
C GLN B 819 36.45 -5.70 12.01
N ALA B 820 35.46 -6.57 12.04
CA ALA B 820 35.55 -7.87 11.35
C ALA B 820 35.28 -7.66 9.87
N THR B 821 35.85 -8.54 9.05
CA THR B 821 35.62 -8.58 7.61
C THR B 821 34.57 -9.66 7.28
N ASP B 822 34.51 -10.07 6.01
CA ASP B 822 33.81 -11.30 5.61
C ASP B 822 34.50 -12.63 6.03
N LYS B 823 35.83 -12.60 6.24
CA LYS B 823 36.62 -13.82 6.49
C LYS B 823 36.71 -14.22 7.97
N ALA B 824 36.26 -15.42 8.30
CA ALA B 824 36.35 -15.96 9.67
C ALA B 824 37.80 -16.30 10.04
N GLY B 825 38.04 -16.49 11.34
CA GLY B 825 39.38 -16.82 11.86
C GLY B 825 39.64 -16.38 13.29
N ILE B 826 40.93 -16.42 13.66
CA ILE B 826 41.41 -16.03 15.00
C ILE B 826 42.23 -14.74 14.90
N LEU B 827 41.93 -13.76 15.77
CA LEU B 827 42.73 -12.55 15.91
C LEU B 827 43.66 -12.65 17.13
N ASN B 828 44.97 -12.58 16.88
CA ASN B 828 45.97 -12.54 17.93
C ASN B 828 46.42 -11.11 18.11
N ILE B 829 45.94 -10.47 19.17
CA ILE B 829 46.32 -9.09 19.49
C ILE B 829 47.21 -9.12 20.71
N ASN B 830 48.38 -8.48 20.58
CA ASN B 830 49.18 -8.08 21.74
C ASN B 830 49.75 -6.70 21.48
N ALA B 831 50.56 -6.18 22.39
CA ALA B 831 51.16 -4.85 22.22
C ALA B 831 52.46 -4.72 23.00
N ASN B 832 53.18 -3.64 22.72
CA ASN B 832 54.40 -3.31 23.46
C ASN B 832 54.89 -1.90 23.20
N SER B 833 55.69 -1.41 24.13
CA SER B 833 56.38 -0.14 24.02
C SER B 833 57.83 -0.43 24.40
N GLY B 834 58.66 -0.70 23.39
CA GLY B 834 60.08 -1.04 23.57
C GLY B 834 60.27 -2.34 24.35
N SER B 835 60.89 -2.23 25.52
CA SER B 835 61.05 -3.37 26.43
C SER B 835 59.73 -3.75 27.15
N ILE B 836 58.89 -2.75 27.44
CA ILE B 836 57.60 -3.00 28.09
C ILE B 836 56.77 -3.93 27.19
N SER B 837 56.19 -4.97 27.77
CA SER B 837 55.46 -6.00 27.03
C SER B 837 53.99 -6.06 27.49
N SER B 838 53.19 -6.90 26.84
CA SER B 838 51.77 -7.06 27.21
C SER B 838 51.35 -8.51 27.37
N ASN B 839 50.17 -8.72 27.93
CA ASN B 839 49.49 -10.01 27.83
C ASN B 839 48.92 -10.19 26.43
N ASP B 840 48.73 -11.44 26.03
CA ASP B 840 48.15 -11.77 24.73
C ASP B 840 46.62 -11.79 24.80
N LEU B 841 45.99 -11.67 23.64
CA LEU B 841 44.54 -11.84 23.50
C LEU B 841 44.22 -12.77 22.34
N LYS B 842 43.10 -13.46 22.45
CA LYS B 842 42.60 -14.33 21.38
C LYS B 842 41.10 -14.12 21.22
N VAL B 843 40.72 -13.55 20.08
CA VAL B 843 39.34 -13.20 19.77
C VAL B 843 38.85 -14.06 18.62
N GLU B 844 37.69 -14.70 18.82
CA GLU B 844 37.06 -15.54 17.81
C GLU B 844 36.30 -14.66 16.82
N VAL B 845 36.58 -14.83 15.52
CA VAL B 845 35.75 -14.26 14.45
C VAL B 845 34.83 -15.33 13.81
N LYS B 846 35.25 -16.59 13.79
CA LYS B 846 34.42 -17.71 13.33
C LYS B 846 33.33 -18.07 14.36
N ASP C 31 14.71 -38.15 31.15
CA ASP C 31 15.56 -39.35 30.90
C ASP C 31 15.27 -40.42 31.95
N PHE C 32 15.38 -40.04 33.22
CA PHE C 32 15.13 -40.95 34.35
C PHE C 32 13.64 -41.33 34.50
N ASN C 33 12.75 -40.47 34.05
CA ASN C 33 11.31 -40.75 34.05
C ASN C 33 10.85 -41.71 32.95
N ASN C 34 11.72 -42.03 31.99
CA ASN C 34 11.40 -42.99 30.93
C ASN C 34 11.92 -44.40 31.24
N GLY C 35 11.20 -45.42 30.79
CA GLY C 35 11.66 -46.80 30.89
C GLY C 35 11.52 -47.47 32.25
N TRP C 36 10.43 -47.15 32.94
CA TRP C 36 10.08 -47.85 34.15
C TRP C 36 9.31 -49.09 33.74
N LYS C 37 9.34 -50.10 34.60
CA LYS C 37 8.50 -51.29 34.46
C LYS C 37 7.34 -51.15 35.43
N PHE C 38 6.18 -51.70 35.05
CA PHE C 38 4.99 -51.71 35.90
C PHE C 38 4.12 -52.94 35.67
N THR C 39 3.61 -53.49 36.77
CA THR C 39 2.63 -54.56 36.74
C THR C 39 1.57 -54.33 37.79
N LEU C 40 0.30 -54.56 37.43
CA LEU C 40 -0.81 -54.50 38.38
C LEU C 40 -0.99 -55.89 38.96
N SER C 41 -0.04 -56.28 39.80
CA SER C 41 -0.05 -57.57 40.49
C SER C 41 0.77 -57.39 41.76
N ASP C 42 0.97 -58.47 42.52
CA ASP C 42 1.69 -58.37 43.80
C ASP C 42 2.24 -59.72 44.22
N SER C 43 3.56 -59.79 44.34
CA SER C 43 4.28 -60.96 44.82
C SER C 43 5.40 -60.47 45.75
N VAL C 44 5.65 -61.23 46.82
CA VAL C 44 6.77 -60.91 47.72
C VAL C 44 8.13 -60.89 46.99
N CYS C 45 8.26 -61.70 45.94
CA CYS C 45 9.50 -61.79 45.14
C CYS C 45 9.92 -60.51 44.39
N TYR C 46 8.99 -59.60 44.10
CA TYR C 46 9.29 -58.47 43.22
C TYR C 46 10.35 -57.49 43.74
N SER C 47 10.58 -57.46 45.05
CA SER C 47 11.64 -56.64 45.65
C SER C 47 13.00 -57.32 45.67
N PHE C 48 13.04 -58.65 45.49
CA PHE C 48 14.29 -59.43 45.67
C PHE C 48 15.37 -58.98 44.68
N VAL C 49 16.62 -59.07 45.12
CA VAL C 49 17.76 -58.60 44.32
C VAL C 49 17.90 -59.36 42.99
N ASN C 50 17.58 -60.65 43.01
CA ASN C 50 17.73 -61.51 41.82
C ASN C 50 16.51 -61.60 40.91
N TYR C 51 15.40 -60.94 41.28
CA TYR C 51 14.20 -60.96 40.44
C TYR C 51 14.37 -60.10 39.18
N ASN C 52 13.81 -60.56 38.06
CA ASN C 52 13.93 -59.90 36.76
C ASN C 52 12.53 -59.52 36.24
N PRO C 53 12.20 -58.22 36.27
CA PRO C 53 10.84 -57.81 35.91
C PRO C 53 10.64 -57.57 34.40
N SER C 54 11.30 -58.36 33.55
CA SER C 54 11.35 -58.07 32.10
C SER C 54 10.04 -58.31 31.35
N SER C 55 9.12 -59.10 31.92
CA SER C 55 7.80 -59.30 31.36
C SER C 55 6.72 -58.34 31.90
N TRP C 56 7.12 -57.31 32.64
CA TRP C 56 6.19 -56.25 33.07
C TRP C 56 6.04 -55.24 31.94
N LYS C 57 5.03 -54.39 32.05
CA LYS C 57 4.78 -53.37 31.03
C LYS C 57 5.76 -52.19 31.19
N THR C 58 6.32 -51.74 30.06
CA THR C 58 7.21 -50.57 30.06
C THR C 58 6.35 -49.30 30.00
N VAL C 59 6.65 -48.34 30.87
CA VAL C 59 5.88 -47.09 30.96
C VAL C 59 6.83 -45.90 31.17
N ASN C 60 6.31 -44.70 30.93
CA ASN C 60 7.04 -43.47 31.21
C ASN C 60 6.28 -42.68 32.25
N LEU C 61 6.96 -42.22 33.28
CA LEU C 61 6.34 -41.38 34.29
C LEU C 61 6.14 -39.99 33.69
N PRO C 62 5.08 -39.25 34.08
CA PRO C 62 4.12 -39.63 35.12
C PRO C 62 3.07 -40.64 34.64
N HIS C 63 2.68 -41.53 35.55
CA HIS C 63 1.82 -42.66 35.22
C HIS C 63 0.71 -42.79 36.26
N ASP C 64 -0.54 -42.92 35.79
CA ASP C 64 -1.68 -43.22 36.66
C ASP C 64 -2.39 -44.46 36.11
N TRP C 65 -2.24 -45.60 36.79
CA TRP C 65 -2.72 -46.87 36.23
C TRP C 65 -4.24 -47.04 36.18
N SER C 66 -4.99 -46.24 36.94
CA SER C 66 -6.42 -46.48 37.09
C SER C 66 -7.24 -46.01 35.89
N VAL C 67 -6.80 -44.95 35.20
CA VAL C 67 -7.45 -44.54 33.93
C VAL C 67 -7.31 -45.57 32.80
N ASP C 68 -6.30 -46.44 32.88
CA ASP C 68 -6.20 -47.60 31.99
C ASP C 68 -7.30 -48.64 32.26
N LEU C 69 -7.75 -48.74 33.52
CA LEU C 69 -8.85 -49.66 33.86
C LEU C 69 -10.22 -49.09 33.47
N PRO C 70 -11.16 -49.98 33.12
CA PRO C 70 -12.49 -49.51 32.76
C PRO C 70 -13.32 -49.07 33.96
N PHE C 71 -14.26 -48.18 33.73
CA PHE C 71 -15.24 -47.77 34.75
C PHE C 71 -16.14 -48.94 35.15
N GLU C 72 -16.42 -49.06 36.44
CA GLU C 72 -17.24 -50.14 36.99
C GLU C 72 -18.25 -49.59 37.98
N SER C 73 -19.47 -50.10 37.92
CA SER C 73 -20.47 -49.82 38.94
C SER C 73 -20.12 -50.53 40.25
N THR C 74 -19.45 -51.68 40.13
CA THR C 74 -18.98 -52.44 41.29
C THR C 74 -17.83 -51.80 42.07
N ALA C 75 -17.20 -50.77 41.52
CA ALA C 75 -16.28 -49.91 42.28
C ALA C 75 -17.09 -48.85 43.04
N GLU C 76 -16.41 -47.82 43.58
CA GLU C 76 -17.07 -46.77 44.37
C GLU C 76 -17.18 -45.43 43.62
N GLY C 77 -18.31 -44.76 43.84
CA GLY C 77 -18.64 -43.52 43.15
C GLY C 77 -17.85 -42.32 43.64
N CYS C 78 -17.63 -42.25 44.95
CA CYS C 78 -16.84 -41.16 45.54
C CYS C 78 -15.47 -40.97 44.89
N THR C 79 -14.85 -42.06 44.41
CA THR C 79 -13.57 -42.00 43.68
C THR C 79 -13.74 -42.27 42.18
N GLY C 80 -14.89 -41.86 41.64
CA GLY C 80 -15.11 -41.85 40.20
C GLY C 80 -15.27 -43.22 39.54
N PHE C 81 -15.73 -44.22 40.30
CA PHE C 81 -16.05 -45.56 39.76
C PHE C 81 -14.87 -46.27 39.08
N LEU C 82 -13.65 -46.05 39.60
CA LEU C 82 -12.45 -46.73 39.09
C LEU C 82 -11.70 -47.43 40.22
N LYS C 83 -11.22 -48.65 39.94
CA LYS C 83 -10.54 -49.48 40.94
C LYS C 83 -9.13 -48.96 41.24
N GLY C 84 -8.66 -49.27 42.44
CA GLY C 84 -7.27 -49.06 42.83
C GLY C 84 -6.50 -50.35 42.59
N GLY C 85 -6.13 -51.01 43.68
CA GLY C 85 -5.35 -52.24 43.64
C GLY C 85 -3.92 -52.10 44.13
N ILE C 86 -3.17 -53.18 44.00
CA ILE C 86 -1.77 -53.21 44.42
C ILE C 86 -0.94 -53.36 43.16
N GLY C 87 -0.05 -52.39 42.94
CA GLY C 87 0.77 -52.34 41.74
C GLY C 87 2.21 -52.04 42.08
N TRP C 88 3.13 -52.71 41.38
CA TRP C 88 4.56 -52.47 41.55
C TRP C 88 5.14 -51.69 40.37
N TYR C 89 6.24 -50.98 40.63
CA TYR C 89 7.07 -50.34 39.63
C TYR C 89 8.50 -50.79 39.82
N SER C 90 9.27 -50.85 38.74
CA SER C 90 10.71 -51.12 38.84
C SER C 90 11.51 -50.26 37.84
N LYS C 91 12.73 -49.92 38.23
CA LYS C 91 13.59 -49.04 37.43
C LYS C 91 15.05 -49.42 37.63
N THR C 92 15.71 -49.81 36.55
CA THR C 92 17.14 -50.05 36.57
C THR C 92 17.91 -48.79 36.15
N PHE C 93 19.09 -48.60 36.73
CA PHE C 93 20.00 -47.55 36.30
C PHE C 93 21.41 -47.90 36.75
N ASP C 94 22.41 -47.50 35.96
CA ASP C 94 23.80 -47.77 36.29
C ASP C 94 24.35 -46.67 37.21
N THR C 95 25.19 -47.08 38.16
CA THR C 95 26.00 -46.14 38.90
C THR C 95 26.92 -45.45 37.90
N PRO C 96 27.02 -44.10 37.95
CA PRO C 96 27.93 -43.41 37.04
C PRO C 96 29.40 -43.79 37.31
N ASP C 97 30.23 -43.73 36.27
CA ASP C 97 31.65 -44.11 36.41
C ASP C 97 32.50 -43.09 37.19
N ASN C 98 32.02 -41.85 37.33
CA ASN C 98 32.67 -40.84 38.17
C ASN C 98 32.15 -40.79 39.62
N PHE C 99 31.53 -41.88 40.10
CA PHE C 99 30.91 -41.92 41.42
C PHE C 99 31.95 -42.21 42.52
N VAL C 100 32.67 -41.16 42.91
CA VAL C 100 33.58 -41.17 44.06
C VAL C 100 33.39 -39.87 44.83
N ASP C 101 33.33 -39.96 46.15
CA ASP C 101 33.01 -38.80 47.02
C ASP C 101 31.79 -38.03 46.53
N LYS C 102 30.72 -38.78 46.25
CA LYS C 102 29.46 -38.23 45.78
C LYS C 102 28.27 -38.73 46.60
N LYS C 103 27.14 -38.09 46.38
CA LYS C 103 25.89 -38.46 47.00
C LYS C 103 24.88 -38.67 45.87
N CYS C 104 24.01 -39.66 46.06
CA CYS C 104 22.90 -39.94 45.15
C CYS C 104 21.60 -39.84 45.94
N TYR C 105 20.69 -39.00 45.48
CA TYR C 105 19.35 -38.91 46.05
C TYR C 105 18.34 -39.26 44.97
N ILE C 106 17.21 -39.82 45.40
CA ILE C 106 16.06 -39.97 44.52
C ILE C 106 14.90 -39.18 45.10
N VAL C 107 14.26 -38.39 44.24
CA VAL C 107 13.22 -37.46 44.63
C VAL C 107 11.90 -37.84 43.95
N PHE C 108 10.85 -37.92 44.75
CA PHE C 108 9.50 -38.19 44.29
C PHE C 108 8.67 -36.96 44.58
N ASP C 109 7.98 -36.43 43.57
CA ASP C 109 7.14 -35.25 43.78
C ASP C 109 5.76 -35.69 44.31
N GLY C 110 5.35 -36.93 44.03
CA GLY C 110 4.10 -37.47 44.59
C GLY C 110 3.75 -38.89 44.16
N VAL C 111 3.40 -39.72 45.13
CA VAL C 111 3.03 -41.12 44.89
C VAL C 111 1.78 -41.49 45.69
N TYR C 112 0.71 -41.88 44.98
CA TYR C 112 -0.57 -42.30 45.56
C TYR C 112 -0.79 -43.84 45.40
N ASN C 113 -0.88 -44.63 46.46
CA ASN C 113 -0.86 -44.25 47.88
C ASN C 113 0.02 -45.23 48.63
N ASN C 114 0.24 -44.95 49.92
CA ASN C 114 0.83 -45.94 50.86
C ASN C 114 1.90 -46.80 50.20
N SER C 115 3.02 -46.17 49.88
CA SER C 115 4.04 -46.76 49.03
C SER C 115 5.26 -47.22 49.82
N GLU C 116 5.90 -48.28 49.32
CA GLU C 116 7.09 -48.84 49.93
C GLU C 116 8.19 -48.88 48.89
N TYR C 117 9.42 -48.65 49.34
CA TYR C 117 10.55 -48.42 48.45
C TYR C 117 11.71 -49.32 48.84
N TRP C 118 12.26 -49.98 47.83
CA TRP C 118 13.44 -50.81 47.97
C TRP C 118 14.49 -50.40 46.92
N ILE C 119 15.76 -50.60 47.26
CA ILE C 119 16.85 -50.53 46.29
C ILE C 119 17.82 -51.69 46.50
N ASN C 120 18.09 -52.44 45.44
CA ASN C 120 19.02 -53.57 45.51
C ASN C 120 18.70 -54.54 46.66
N GLY C 121 17.43 -54.92 46.75
CA GLY C 121 16.96 -55.88 47.76
C GLY C 121 16.66 -55.31 49.14
N ARG C 122 17.00 -54.05 49.37
CA ARG C 122 17.05 -53.48 50.72
C ARG C 122 16.01 -52.37 50.87
N LYS C 123 15.40 -52.25 52.04
CA LYS C 123 14.20 -51.44 52.24
C LYS C 123 14.57 -50.01 52.62
N LEU C 124 14.13 -49.05 51.79
CA LEU C 124 14.35 -47.64 52.05
C LEU C 124 13.33 -47.10 53.05
N GLY C 125 12.05 -47.38 52.80
CA GLY C 125 11.01 -46.96 53.72
C GLY C 125 9.60 -46.95 53.20
N PHE C 126 8.72 -46.36 54.02
CA PHE C 126 7.28 -46.33 53.80
C PHE C 126 6.85 -44.87 53.75
N HIS C 127 6.06 -44.51 52.75
CA HIS C 127 5.49 -43.17 52.64
C HIS C 127 3.97 -43.27 52.50
N PRO C 128 3.21 -42.90 53.55
CA PRO C 128 1.75 -43.08 53.49
C PRO C 128 1.01 -42.14 52.54
N TYR C 129 1.31 -40.85 52.63
CA TYR C 129 0.49 -39.78 52.05
C TYR C 129 0.67 -39.66 50.54
N GLY C 130 -0.44 -39.55 49.84
CA GLY C 130 -0.44 -39.57 48.38
C GLY C 130 0.01 -38.33 47.63
N TYR C 131 0.09 -37.20 48.33
CA TYR C 131 0.28 -35.86 47.73
C TYR C 131 1.59 -35.11 48.06
N SER C 132 2.28 -35.51 49.14
CA SER C 132 3.51 -34.82 49.56
C SER C 132 4.73 -35.34 48.81
N PRO C 133 5.75 -34.48 48.61
CA PRO C 133 7.00 -34.95 48.01
C PRO C 133 7.96 -35.47 49.07
N PHE C 134 8.98 -36.21 48.64
CA PHE C 134 9.95 -36.82 49.55
C PHE C 134 11.18 -37.32 48.79
N PHE C 135 12.22 -37.69 49.53
CA PHE C 135 13.44 -38.19 48.92
C PHE C 135 14.21 -39.13 49.84
N TYR C 136 15.02 -39.99 49.21
CA TYR C 136 15.88 -40.91 49.91
C TYR C 136 17.34 -40.74 49.51
N ASP C 137 18.22 -40.77 50.50
CA ASP C 137 19.64 -40.86 50.27
C ASP C 137 19.97 -42.32 49.95
N ILE C 138 20.26 -42.60 48.68
CA ILE C 138 20.63 -43.94 48.23
C ILE C 138 22.13 -44.09 47.93
N SER C 139 22.92 -43.09 48.33
CA SER C 139 24.38 -43.11 48.14
C SER C 139 25.02 -44.46 48.46
N ASP C 140 24.84 -44.95 49.69
CA ASP C 140 25.52 -46.17 50.17
C ASP C 140 24.94 -47.50 49.66
N TYR C 141 23.79 -47.46 49.00
CA TYR C 141 23.20 -48.65 48.41
C TYR C 141 23.74 -48.95 47.02
N LEU C 142 24.23 -47.91 46.31
CA LEU C 142 24.61 -48.04 44.91
C LEU C 142 25.76 -49.02 44.71
N ASN C 143 25.63 -49.83 43.66
CA ASN C 143 26.63 -50.81 43.28
C ASN C 143 27.84 -50.14 42.62
N PRO C 144 29.01 -50.82 42.57
CA PRO C 144 30.22 -50.19 42.01
C PRO C 144 30.13 -49.76 40.54
N LYS C 145 30.90 -48.74 40.20
CA LYS C 145 30.95 -48.08 38.86
C LYS C 145 30.56 -48.97 37.67
N GLY C 146 29.54 -48.53 36.93
CA GLY C 146 29.06 -49.26 35.76
C GLY C 146 27.95 -50.27 36.01
N GLN C 147 27.98 -50.95 37.17
CA GLN C 147 27.02 -52.01 37.47
C GLN C 147 25.62 -51.47 37.70
N GLU C 148 24.62 -52.28 37.35
CA GLU C 148 23.23 -51.86 37.39
C GLU C 148 22.72 -51.79 38.83
N ASN C 149 21.73 -50.94 39.05
CA ASN C 149 20.99 -50.86 40.30
C ASN C 149 19.52 -50.95 39.95
N ARG C 150 18.69 -51.42 40.88
CA ARG C 150 17.27 -51.60 40.63
C ARG C 150 16.47 -51.05 41.80
N ILE C 151 15.56 -50.12 41.50
CA ILE C 151 14.62 -49.61 42.49
C ILE C 151 13.28 -50.31 42.29
N SER C 152 12.62 -50.66 43.39
CA SER C 152 11.31 -51.26 43.33
C SER C 152 10.39 -50.42 44.19
N VAL C 153 9.14 -50.25 43.73
CA VAL C 153 8.14 -49.48 44.46
C VAL C 153 6.86 -50.29 44.45
N ARG C 154 6.36 -50.62 45.64
CA ARG C 154 5.08 -51.30 45.81
C ARG C 154 4.09 -50.27 46.28
N ILE C 155 2.95 -50.18 45.60
CA ILE C 155 1.94 -49.17 45.90
C ILE C 155 0.63 -49.86 46.26
N ASP C 156 0.26 -49.75 47.54
CA ASP C 156 -0.96 -50.31 48.04
C ASP C 156 -2.08 -49.27 47.98
N HIS C 157 -2.88 -49.34 46.93
CA HIS C 157 -4.14 -48.61 46.85
C HIS C 157 -5.28 -49.64 46.86
N SER C 158 -5.18 -50.62 47.77
CA SER C 158 -6.28 -51.55 48.05
C SER C 158 -7.47 -50.81 48.67
N ARG C 159 -7.16 -49.77 49.46
CA ARG C 159 -8.17 -48.88 50.04
C ARG C 159 -8.57 -47.83 49.00
N TYR C 160 -9.29 -48.28 47.96
CA TYR C 160 -9.54 -47.45 46.77
C TYR C 160 -10.67 -46.43 46.90
N ALA C 161 -11.35 -46.39 48.04
CA ALA C 161 -12.38 -45.39 48.32
C ALA C 161 -11.94 -44.43 49.43
N ASP C 162 -10.64 -44.23 49.59
CA ASP C 162 -10.08 -43.47 50.73
C ASP C 162 -10.08 -41.93 50.55
N SER C 163 -11.02 -41.40 49.77
CA SER C 163 -11.02 -40.00 49.37
C SER C 163 -12.40 -39.60 48.86
N ARG C 164 -12.71 -38.31 48.95
CA ARG C 164 -14.01 -37.76 48.54
C ARG C 164 -14.05 -37.39 47.05
N TRP C 165 -12.98 -37.70 46.32
CA TRP C 165 -12.87 -37.42 44.89
C TRP C 165 -11.88 -38.41 44.28
N TYR C 166 -11.88 -38.53 42.95
CA TYR C 166 -10.94 -39.42 42.25
C TYR C 166 -9.51 -38.98 42.50
N THR C 167 -8.64 -39.94 42.82
CA THR C 167 -7.25 -39.67 43.15
C THR C 167 -6.27 -40.23 42.13
N GLY C 168 -6.54 -41.42 41.61
CA GLY C 168 -5.62 -42.10 40.72
C GLY C 168 -4.72 -43.00 41.55
N SER C 169 -3.91 -43.79 40.86
CA SER C 169 -3.06 -44.76 41.50
C SER C 169 -1.68 -44.72 40.81
N GLY C 170 -0.61 -44.59 41.60
CA GLY C 170 0.74 -44.77 41.08
C GLY C 170 1.65 -43.55 41.23
N ILE C 171 2.77 -43.59 40.50
CA ILE C 171 3.77 -42.54 40.54
C ILE C 171 3.35 -41.56 39.44
N TYR C 172 2.51 -40.62 39.86
CA TYR C 172 1.73 -39.76 38.97
C TYR C 172 2.37 -38.38 38.79
N ARG C 173 3.49 -38.16 39.47
CA ARG C 173 4.28 -36.95 39.28
C ARG C 173 5.69 -37.35 38.97
N GLU C 174 6.42 -36.44 38.31
CA GLU C 174 7.76 -36.75 37.81
C GLU C 174 8.71 -37.02 38.98
N THR C 175 9.62 -37.96 38.77
CA THR C 175 10.68 -38.29 39.72
C THR C 175 11.96 -37.54 39.31
N GLN C 176 13.02 -37.65 40.13
CA GLN C 176 14.35 -37.14 39.76
C GLN C 176 15.44 -38.02 40.39
N LEU C 177 16.56 -38.17 39.69
CA LEU C 177 17.75 -38.85 40.22
C LEU C 177 18.91 -37.85 40.23
N ILE C 178 19.36 -37.45 41.42
CA ILE C 178 20.35 -36.39 41.57
C ILE C 178 21.66 -36.94 42.14
N PHE C 179 22.77 -36.68 41.45
CA PHE C 179 24.10 -36.87 42.01
C PHE C 179 24.68 -35.51 42.40
N THR C 180 25.41 -35.47 43.52
CA THR C 180 26.12 -34.25 43.98
C THR C 180 27.45 -34.67 44.61
N ASP C 181 28.31 -33.70 44.90
CA ASP C 181 29.52 -33.96 45.69
C ASP C 181 29.11 -34.13 47.16
N LYS C 182 30.02 -34.65 47.98
CA LYS C 182 29.80 -34.74 49.43
C LYS C 182 29.73 -33.38 50.14
N LEU C 183 30.30 -32.35 49.54
CA LEU C 183 30.01 -30.99 49.93
C LEU C 183 28.98 -30.48 48.93
N HIS C 184 27.80 -30.06 49.40
CA HIS C 184 26.71 -29.71 48.48
C HIS C 184 25.56 -28.91 49.09
N ILE C 185 24.71 -28.38 48.20
CA ILE C 185 23.43 -27.81 48.57
C ILE C 185 22.41 -28.95 48.55
N PRO C 186 21.74 -29.22 49.70
CA PRO C 186 20.80 -30.37 49.72
C PRO C 186 19.56 -30.19 48.86
N VAL C 187 18.80 -31.27 48.67
CA VAL C 187 17.58 -31.23 47.88
C VAL C 187 16.64 -30.22 48.54
N TRP C 188 16.08 -29.30 47.75
CA TRP C 188 15.28 -28.16 48.27
C TRP C 188 16.05 -27.18 49.18
N GLY C 189 17.37 -27.06 49.00
CA GLY C 189 18.24 -26.31 49.91
C GLY C 189 18.38 -24.81 49.70
N THR C 190 17.60 -24.23 48.80
CA THR C 190 17.58 -22.78 48.61
C THR C 190 16.23 -22.20 49.00
N PHE C 191 16.25 -20.94 49.41
CA PHE C 191 15.03 -20.21 49.72
C PHE C 191 15.24 -18.73 49.41
N VAL C 192 14.61 -18.25 48.34
CA VAL C 192 14.66 -16.85 47.94
C VAL C 192 13.45 -16.09 48.50
N THR C 193 13.73 -14.96 49.14
CA THR C 193 12.68 -14.07 49.67
C THR C 193 12.98 -12.64 49.21
N THR C 194 11.94 -11.81 49.15
CA THR C 194 12.06 -10.43 48.69
C THR C 194 11.28 -9.50 49.64
N PRO C 195 11.89 -9.19 50.81
CA PRO C 195 11.19 -8.43 51.84
C PRO C 195 10.98 -6.94 51.56
N VAL C 196 11.67 -6.38 50.56
CA VAL C 196 11.47 -4.98 50.16
C VAL C 196 11.39 -4.89 48.64
N VAL C 197 10.22 -4.51 48.13
CA VAL C 197 9.94 -4.51 46.69
C VAL C 197 9.42 -3.17 46.20
N SER C 198 10.00 -2.70 45.09
CA SER C 198 9.47 -1.55 44.36
C SER C 198 9.84 -1.66 42.89
N SER C 199 9.11 -0.93 42.07
CA SER C 199 9.47 -0.76 40.66
C SER C 199 10.87 -0.11 40.52
N GLU C 200 11.27 0.68 41.52
CA GLU C 200 12.61 1.29 41.56
C GLU C 200 13.73 0.27 41.84
N ARG C 201 13.61 -0.43 42.98
CA ARG C 201 14.59 -1.45 43.38
C ARG C 201 13.99 -2.49 44.33
N ALA C 202 14.69 -3.61 44.47
CA ALA C 202 14.20 -4.74 45.24
C ALA C 202 15.33 -5.49 45.95
N THR C 203 15.17 -5.73 47.25
CA THR C 203 16.09 -6.59 48.00
C THR C 203 15.73 -8.04 47.70
N VAL C 204 16.70 -8.81 47.19
CA VAL C 204 16.54 -10.23 46.92
C VAL C 204 17.52 -10.99 47.81
N ASN C 205 16.96 -11.67 48.82
CA ASN C 205 17.71 -12.47 49.76
C ASN C 205 17.60 -13.95 49.43
N ILE C 206 18.67 -14.71 49.68
CA ILE C 206 18.65 -16.15 49.52
C ILE C 206 19.30 -16.85 50.73
N GLU C 207 18.63 -17.89 51.23
CA GLU C 207 19.17 -18.77 52.25
C GLU C 207 19.65 -20.00 51.49
N VAL C 208 20.96 -20.19 51.43
CA VAL C 208 21.52 -21.39 50.81
C VAL C 208 21.96 -22.35 51.93
N ARG C 209 21.33 -23.52 52.01
CA ARG C 209 21.78 -24.57 52.94
C ARG C 209 22.95 -25.28 52.28
N VAL C 210 23.96 -25.64 53.07
CA VAL C 210 25.14 -26.34 52.57
C VAL C 210 25.52 -27.46 53.55
N LYS C 211 25.51 -28.70 53.05
CA LYS C 211 25.79 -29.89 53.84
C LYS C 211 27.18 -30.42 53.52
N ASN C 212 28.00 -30.60 54.57
CA ASN C 212 29.30 -31.27 54.45
C ASN C 212 29.20 -32.73 54.90
N ASP C 213 29.15 -33.64 53.93
CA ASP C 213 29.09 -35.08 54.18
C ASP C 213 30.47 -35.73 54.19
N TYR C 214 31.55 -34.96 54.12
CA TYR C 214 32.90 -35.52 54.31
C TYR C 214 33.15 -35.79 55.80
N SER C 215 34.17 -36.60 56.09
CA SER C 215 34.51 -36.99 57.47
C SER C 215 35.46 -36.02 58.18
N GLY C 216 35.85 -34.93 57.52
CA GLY C 216 36.58 -33.85 58.18
C GLY C 216 35.99 -32.51 57.79
N PRO C 217 36.47 -31.43 58.43
CA PRO C 217 35.98 -30.10 58.07
C PRO C 217 36.40 -29.70 56.65
N ARG C 218 35.55 -28.90 56.01
CA ARG C 218 35.73 -28.47 54.62
C ARG C 218 35.36 -27.00 54.46
N ALA C 219 36.20 -26.28 53.70
CA ALA C 219 36.00 -24.85 53.44
C ALA C 219 35.64 -24.58 51.98
N GLY C 220 35.09 -23.40 51.72
CA GLY C 220 34.68 -23.03 50.38
C GLY C 220 33.93 -21.71 50.30
N GLU C 221 33.29 -21.50 49.16
CA GLU C 221 32.52 -20.28 48.90
C GLU C 221 31.17 -20.63 48.26
N VAL C 222 30.14 -19.86 48.57
CA VAL C 222 28.87 -19.93 47.84
C VAL C 222 28.80 -18.71 46.95
N ARG C 223 29.08 -18.88 45.66
CA ARG C 223 28.81 -17.83 44.66
C ARG C 223 27.38 -17.98 44.19
N THR C 224 26.60 -16.91 44.34
CA THR C 224 25.21 -16.87 43.88
C THR C 224 25.07 -15.72 42.87
N SER C 225 24.67 -16.06 41.65
CA SER C 225 24.47 -15.06 40.59
C SER C 225 23.02 -15.08 40.10
N TYR C 226 22.49 -13.89 39.82
CA TYR C 226 21.09 -13.68 39.45
C TYR C 226 20.98 -13.27 37.99
N PHE C 227 19.98 -13.81 37.30
CA PHE C 227 19.77 -13.57 35.86
C PHE C 227 18.30 -13.24 35.61
N ASP C 228 18.06 -12.26 34.73
CA ASP C 228 16.68 -11.88 34.35
C ASP C 228 16.15 -12.78 33.22
N SER C 229 14.91 -12.54 32.79
CA SER C 229 14.24 -13.33 31.74
C SER C 229 15.07 -13.48 30.46
N LYS C 230 15.81 -12.44 30.09
CA LYS C 230 16.71 -12.49 28.92
C LYS C 230 18.14 -12.89 29.31
N ASN C 231 18.25 -13.90 30.19
CA ASN C 231 19.49 -14.30 30.91
C ASN C 231 20.68 -13.32 30.89
N LYS C 232 20.43 -12.13 31.43
CA LYS C 232 21.45 -11.13 31.68
C LYS C 232 21.71 -11.07 33.18
N LYS C 233 22.97 -11.21 33.58
CA LYS C 233 23.37 -11.11 34.99
C LYS C 233 23.03 -9.72 35.53
N VAL C 234 22.20 -9.67 36.58
CA VAL C 234 21.83 -8.40 37.23
C VAL C 234 22.28 -8.33 38.69
N GLY C 235 23.04 -9.33 39.14
CA GLY C 235 23.48 -9.37 40.53
C GLY C 235 24.37 -10.54 40.85
N GLU C 236 25.21 -10.37 41.87
CA GLU C 236 26.11 -11.43 42.33
C GLU C 236 26.57 -11.20 43.77
N LYS C 237 26.76 -12.27 44.52
CA LYS C 237 27.32 -12.21 45.86
C LYS C 237 28.21 -13.42 46.11
N LEU C 238 29.40 -13.18 46.64
CA LEU C 238 30.31 -14.24 47.07
C LEU C 238 30.33 -14.25 48.60
N THR C 239 30.31 -15.45 49.18
CA THR C 239 30.42 -15.63 50.63
C THR C 239 31.31 -16.82 50.91
N SER C 240 32.19 -16.67 51.89
CA SER C 240 33.08 -17.74 52.31
C SER C 240 32.42 -18.59 53.42
N PHE C 241 32.85 -19.84 53.56
CA PHE C 241 32.41 -20.72 54.67
C PHE C 241 33.42 -21.81 55.07
N LEU C 242 33.23 -22.34 56.29
CA LEU C 242 33.96 -23.49 56.81
C LEU C 242 32.99 -24.28 57.68
N ILE C 243 32.72 -25.52 57.27
CA ILE C 243 31.70 -26.37 57.92
C ILE C 243 32.41 -27.59 58.48
N GLU C 244 32.09 -27.97 59.72
CA GLU C 244 32.67 -29.17 60.34
C GLU C 244 32.05 -30.45 59.75
N ALA C 245 32.68 -31.59 60.03
CA ALA C 245 32.25 -32.89 59.48
C ALA C 245 30.83 -33.24 59.90
N GLY C 246 30.01 -33.62 58.92
CA GLY C 246 28.63 -34.03 59.17
C GLY C 246 27.62 -32.93 59.46
N LYS C 247 27.99 -31.66 59.27
CA LYS C 247 27.13 -30.53 59.64
C LYS C 247 26.50 -29.82 58.44
N GLU C 248 25.53 -28.97 58.75
CA GLU C 248 24.84 -28.15 57.77
C GLU C 248 24.90 -26.70 58.20
N MET C 249 24.98 -25.79 57.22
CA MET C 249 25.06 -24.36 57.48
C MET C 249 24.13 -23.61 56.54
N LYS C 250 23.40 -22.64 57.09
CA LYS C 250 22.60 -21.70 56.30
C LYS C 250 23.46 -20.47 56.01
N ILE C 251 23.73 -20.24 54.72
CA ILE C 251 24.45 -19.07 54.24
C ILE C 251 23.41 -18.07 53.76
N ASN C 252 23.39 -16.87 54.34
CA ASN C 252 22.49 -15.81 53.92
C ASN C 252 23.23 -14.77 53.08
N GLN C 253 22.70 -14.51 51.90
CA GLN C 253 23.28 -13.56 50.96
C GLN C 253 22.20 -12.61 50.49
N SER C 254 22.52 -11.32 50.44
CA SER C 254 21.56 -10.26 50.14
C SER C 254 22.11 -9.36 49.04
N VAL C 255 21.30 -9.09 48.02
CA VAL C 255 21.64 -8.15 46.94
C VAL C 255 20.48 -7.21 46.63
N GLU C 256 20.79 -6.14 45.91
CA GLU C 256 19.80 -5.16 45.46
C GLU C 256 19.68 -5.20 43.94
N ILE C 257 18.49 -5.49 43.44
CA ILE C 257 18.22 -5.54 42.00
C ILE C 257 17.53 -4.25 41.59
N SER C 258 18.15 -3.49 40.67
CA SER C 258 17.61 -2.21 40.20
C SER C 258 16.61 -2.38 39.06
N ASN C 259 15.56 -1.57 39.08
CA ASN C 259 14.52 -1.55 38.04
C ASN C 259 14.06 -2.97 37.68
N PRO C 260 13.46 -3.68 38.66
CA PRO C 260 13.09 -5.06 38.38
C PRO C 260 11.81 -5.17 37.55
N SER C 261 11.71 -6.24 36.79
CA SER C 261 10.47 -6.61 36.15
C SER C 261 9.69 -7.34 37.24
N LEU C 262 8.66 -6.71 37.80
CA LEU C 262 7.92 -7.33 38.91
C LEU C 262 7.01 -8.43 38.37
N TRP C 263 6.95 -9.55 39.12
CA TRP C 263 6.06 -10.66 38.78
C TRP C 263 4.64 -10.19 39.10
N ASP C 264 3.82 -10.11 38.06
CA ASP C 264 2.40 -9.84 38.20
C ASP C 264 1.62 -10.92 37.46
N VAL C 265 0.33 -11.07 37.78
CA VAL C 265 -0.55 -12.03 37.08
C VAL C 265 -0.72 -11.78 35.58
N ASP C 266 -0.59 -10.51 35.15
CA ASP C 266 -0.64 -10.15 33.72
C ASP C 266 0.74 -9.97 33.05
N SER C 267 1.80 -9.89 33.86
CA SER C 267 3.19 -9.79 33.38
C SER C 267 4.09 -10.66 34.30
N PRO C 268 4.10 -11.98 34.06
CA PRO C 268 4.77 -12.93 34.97
C PRO C 268 6.25 -13.14 34.61
N SER C 269 7.06 -12.13 34.88
CA SER C 269 8.51 -12.21 34.66
C SER C 269 9.19 -13.00 35.77
N MET C 270 10.15 -13.84 35.37
CA MET C 270 10.88 -14.76 36.24
C MET C 270 12.38 -14.50 36.21
N TYR C 271 13.00 -14.48 37.39
CA TYR C 271 14.47 -14.42 37.52
C TYR C 271 15.03 -15.80 37.81
N LEU C 272 16.36 -15.91 37.81
CA LEU C 272 17.03 -17.18 38.10
C LEU C 272 18.22 -16.98 39.05
N ALA C 273 18.14 -17.57 40.24
CA ALA C 273 19.30 -17.66 41.12
C ALA C 273 20.09 -18.93 40.77
N LYS C 274 21.39 -18.78 40.57
CA LYS C 274 22.30 -19.89 40.32
C LYS C 274 23.35 -19.87 41.42
N SER C 275 23.11 -20.65 42.48
CA SER C 275 24.05 -20.78 43.58
C SER C 275 25.00 -21.94 43.26
N GLU C 276 26.30 -21.63 43.20
CA GLU C 276 27.36 -22.61 43.01
C GLU C 276 28.18 -22.69 44.29
N ILE C 277 28.77 -23.86 44.54
CA ILE C 277 29.73 -24.04 45.63
C ILE C 277 31.15 -24.13 45.05
N LEU C 278 32.05 -23.32 45.57
CA LEU C 278 33.40 -23.20 45.02
C LEU C 278 34.42 -23.73 46.02
N VAL C 279 35.17 -24.76 45.61
CA VAL C 279 36.31 -25.27 46.37
C VAL C 279 37.58 -24.96 45.58
N ASP C 280 38.51 -24.23 46.21
CA ASP C 280 39.66 -23.61 45.55
C ASP C 280 39.15 -22.73 44.39
N GLY C 281 39.55 -23.01 43.15
CA GLY C 281 38.99 -22.28 42.01
C GLY C 281 37.58 -22.71 41.63
N ASN C 282 37.34 -24.03 41.67
CA ASN C 282 36.33 -24.67 40.83
C ASN C 282 34.94 -24.82 41.45
N VAL C 283 33.94 -24.88 40.57
CA VAL C 283 32.57 -25.19 40.96
C VAL C 283 32.47 -26.69 41.23
N VAL C 284 32.05 -27.04 42.44
CA VAL C 284 31.89 -28.44 42.85
C VAL C 284 30.41 -28.91 42.85
N ASP C 285 29.48 -28.01 43.16
CA ASP C 285 28.04 -28.30 43.16
C ASP C 285 27.27 -27.07 42.67
N THR C 286 26.17 -27.27 41.95
CA THR C 286 25.37 -26.17 41.38
C THR C 286 23.88 -26.40 41.64
N LYS C 287 23.17 -25.36 42.10
CA LYS C 287 21.71 -25.41 42.28
C LYS C 287 21.08 -24.19 41.63
N GLU C 288 20.08 -24.42 40.77
CA GLU C 288 19.39 -23.35 40.06
C GLU C 288 17.95 -23.19 40.58
N THR C 289 17.59 -21.96 40.97
CA THR C 289 16.30 -21.66 41.61
C THR C 289 15.57 -20.57 40.81
N PRO C 290 14.49 -20.93 40.09
CA PRO C 290 13.65 -19.88 39.51
C PRO C 290 12.83 -19.16 40.58
N PHE C 291 12.57 -17.88 40.40
CA PHE C 291 11.82 -17.08 41.36
C PHE C 291 11.32 -15.79 40.74
N GLY C 292 10.29 -15.23 41.37
CA GLY C 292 9.70 -13.96 40.94
C GLY C 292 9.82 -12.97 42.08
N ILE C 293 9.86 -11.68 41.71
CA ILE C 293 10.03 -10.58 42.65
C ILE C 293 8.71 -9.86 42.79
N ARG C 294 8.13 -9.89 43.98
CA ARG C 294 6.77 -9.39 44.18
C ARG C 294 6.46 -9.11 45.65
N SER C 295 5.50 -8.22 45.89
CA SER C 295 4.95 -7.99 47.24
C SER C 295 3.47 -8.39 47.28
N ILE C 296 3.06 -8.99 48.40
CA ILE C 296 1.66 -9.35 48.66
C ILE C 296 1.26 -8.85 50.04
N LYS C 297 0.09 -8.23 50.14
CA LYS C 297 -0.39 -7.66 51.39
C LYS C 297 -1.89 -7.91 51.51
N PHE C 298 -2.33 -8.39 52.68
CA PHE C 298 -3.76 -8.56 52.98
C PHE C 298 -4.18 -7.59 54.08
N ASP C 299 -4.84 -6.52 53.69
CA ASP C 299 -5.32 -5.49 54.61
C ASP C 299 -6.73 -5.87 55.08
N ALA C 300 -7.08 -5.44 56.29
CA ALA C 300 -8.36 -5.78 56.91
C ALA C 300 -9.51 -4.94 56.35
N LYS C 301 -9.31 -3.62 56.30
CA LYS C 301 -10.30 -2.69 55.76
C LYS C 301 -10.28 -2.70 54.22
N LYS C 302 -9.14 -2.33 53.63
CA LYS C 302 -8.96 -2.36 52.17
C LYS C 302 -8.72 -3.81 51.70
N GLY C 303 -8.65 -4.03 50.40
CA GLY C 303 -8.61 -5.39 49.84
C GLY C 303 -7.26 -6.11 49.87
N PHE C 304 -6.92 -6.73 48.75
CA PHE C 304 -5.64 -7.42 48.52
C PHE C 304 -4.80 -6.56 47.59
N PHE C 305 -3.51 -6.41 47.89
CA PHE C 305 -2.58 -5.61 47.09
C PHE C 305 -1.43 -6.47 46.57
N LEU C 306 -1.30 -6.59 45.25
CA LEU C 306 -0.13 -7.19 44.61
C LEU C 306 0.74 -6.06 44.03
N ASN C 307 2.03 -6.05 44.38
CA ASN C 307 2.97 -5.00 43.94
C ASN C 307 2.50 -3.58 44.19
N GLY C 308 1.78 -3.37 45.29
CA GLY C 308 1.15 -2.08 45.58
C GLY C 308 -0.22 -1.85 44.96
N LYS C 309 -0.52 -2.50 43.82
CA LYS C 309 -1.82 -2.31 43.15
C LYS C 309 -2.92 -3.14 43.82
N ASN C 310 -4.03 -2.47 44.15
CA ASN C 310 -5.23 -3.14 44.68
C ASN C 310 -5.88 -3.96 43.58
N MET C 311 -6.37 -5.14 43.91
CA MET C 311 -7.10 -5.96 42.94
C MET C 311 -8.01 -6.99 43.61
N LYS C 312 -9.04 -7.39 42.88
CA LYS C 312 -9.91 -8.47 43.31
C LYS C 312 -9.32 -9.80 42.88
N ILE C 313 -9.33 -10.78 43.79
CA ILE C 313 -8.93 -12.16 43.51
C ILE C 313 -10.09 -12.88 42.82
N LYS C 314 -9.94 -13.13 41.52
CA LYS C 314 -10.90 -13.86 40.71
C LYS C 314 -10.43 -15.31 40.64
N GLY C 315 -10.79 -16.07 41.67
CA GLY C 315 -10.25 -17.40 41.87
C GLY C 315 -11.13 -18.51 41.33
N VAL C 316 -10.50 -19.65 41.06
CA VAL C 316 -11.19 -20.90 40.78
C VAL C 316 -10.51 -22.05 41.53
N CYS C 317 -11.31 -22.99 42.00
CA CYS C 317 -10.79 -24.20 42.64
C CYS C 317 -10.53 -25.24 41.55
N LEU C 318 -9.38 -25.93 41.65
CA LEU C 318 -9.06 -27.06 40.76
C LEU C 318 -8.66 -28.32 41.53
N HIS C 319 -9.15 -29.46 41.04
CA HIS C 319 -8.65 -30.77 41.45
C HIS C 319 -7.53 -31.22 40.54
N HIS C 320 -6.74 -32.16 41.02
CA HIS C 320 -5.51 -32.56 40.33
C HIS C 320 -5.72 -33.53 39.14
N ASP C 321 -6.91 -34.13 39.02
CA ASP C 321 -7.23 -35.02 37.90
C ASP C 321 -7.73 -34.26 36.66
N ALA C 322 -7.56 -34.88 35.50
CA ALA C 322 -7.99 -34.29 34.24
C ALA C 322 -8.37 -35.34 33.21
N SER C 323 -9.53 -35.98 33.43
CA SER C 323 -10.16 -36.86 32.43
C SER C 323 -9.28 -38.06 32.03
N MET C 324 -8.89 -38.16 30.75
CA MET C 324 -8.31 -39.38 30.19
C MET C 324 -6.88 -39.66 30.64
N ILE C 325 -6.14 -38.61 30.98
CA ILE C 325 -4.82 -38.76 31.61
C ILE C 325 -4.88 -39.04 33.12
N GLY C 326 -6.01 -38.72 33.75
CA GLY C 326 -6.19 -38.93 35.17
C GLY C 326 -5.35 -37.96 35.97
N ALA C 327 -4.68 -38.49 37.00
CA ALA C 327 -3.82 -37.69 37.88
C ALA C 327 -2.42 -37.46 37.31
N ALA C 328 -2.00 -38.29 36.35
CA ALA C 328 -0.72 -38.13 35.65
C ALA C 328 -0.57 -36.74 35.10
N LEU C 329 0.43 -36.01 35.59
CA LEU C 329 0.54 -34.59 35.27
C LEU C 329 1.24 -34.34 33.93
N VAL C 330 0.44 -34.25 32.86
CA VAL C 330 0.92 -33.90 31.53
C VAL C 330 0.76 -32.39 31.36
N GLU C 331 1.87 -31.68 31.34
CA GLU C 331 1.90 -30.22 31.44
C GLU C 331 1.08 -29.49 30.37
N ASP C 332 1.12 -29.98 29.14
CA ASP C 332 0.42 -29.34 28.03
C ASP C 332 -1.10 -29.46 28.09
N VAL C 333 -1.62 -30.50 28.74
CA VAL C 333 -3.08 -30.63 28.92
C VAL C 333 -3.58 -29.53 29.84
N TRP C 334 -2.82 -29.29 30.91
CA TRP C 334 -3.12 -28.22 31.86
C TRP C 334 -2.88 -26.82 31.29
N ARG C 335 -1.86 -26.67 30.43
CA ARG C 335 -1.63 -25.39 29.75
C ARG C 335 -2.86 -24.92 28.98
N ARG C 336 -3.51 -25.84 28.28
CA ARG C 336 -4.73 -25.55 27.52
C ARG C 336 -5.90 -25.15 28.41
N ARG C 337 -6.08 -25.86 29.52
CA ARG C 337 -7.16 -25.55 30.48
C ARG C 337 -6.95 -24.20 31.16
N LEU C 338 -5.73 -23.98 31.65
CA LEU C 338 -5.34 -22.72 32.29
C LEU C 338 -5.37 -21.52 31.32
N GLN C 339 -5.02 -21.74 30.05
CA GLN C 339 -5.14 -20.67 29.04
C GLN C 339 -6.60 -20.28 28.81
N THR C 340 -7.50 -21.27 28.77
CA THR C 340 -8.92 -21.03 28.66
C THR C 340 -9.45 -20.26 29.89
N LEU C 341 -9.05 -20.70 31.08
CA LEU C 341 -9.44 -20.03 32.32
C LEU C 341 -8.95 -18.59 32.39
N LYS C 342 -7.71 -18.35 31.96
CA LYS C 342 -7.16 -17.00 31.95
C LYS C 342 -7.93 -16.06 31.01
N ASP C 343 -8.37 -16.60 29.87
CA ASP C 343 -9.24 -15.87 28.94
C ASP C 343 -10.63 -15.55 29.51
N GLY C 344 -11.07 -16.35 30.48
CA GLY C 344 -12.28 -16.05 31.27
C GLY C 344 -12.14 -14.98 32.34
N GLY C 345 -10.93 -14.41 32.50
CA GLY C 345 -10.66 -13.39 33.50
C GLY C 345 -10.18 -13.93 34.84
N CYS C 346 -9.90 -15.23 34.90
CA CYS C 346 -9.36 -15.86 36.10
C CYS C 346 -7.95 -15.34 36.36
N ASN C 347 -7.64 -15.03 37.62
CA ASN C 347 -6.26 -14.69 38.01
C ASN C 347 -5.71 -15.50 39.20
N ALA C 348 -6.47 -16.49 39.67
CA ALA C 348 -6.12 -17.21 40.89
C ALA C 348 -6.64 -18.65 40.93
N ILE C 349 -5.85 -19.53 41.55
CA ILE C 349 -6.16 -20.95 41.64
C ILE C 349 -5.93 -21.49 43.07
N ARG C 350 -6.95 -22.14 43.60
CA ARG C 350 -6.88 -22.88 44.86
C ARG C 350 -6.71 -24.37 44.58
N LEU C 351 -5.61 -24.95 45.06
CA LEU C 351 -5.33 -26.37 44.87
C LEU C 351 -6.19 -27.21 45.81
N SER C 352 -7.30 -27.71 45.29
CA SER C 352 -8.41 -28.22 46.11
C SER C 352 -8.03 -29.40 46.99
N HIS C 353 -7.77 -29.07 48.26
CA HIS C 353 -7.68 -29.98 49.40
C HIS C 353 -6.46 -30.91 49.36
N ASN C 354 -5.42 -30.52 48.63
CA ASN C 354 -4.15 -31.25 48.62
C ASN C 354 -2.99 -30.40 48.07
N PRO C 355 -1.73 -30.77 48.41
CA PRO C 355 -0.58 -30.17 47.75
C PRO C 355 -0.57 -30.42 46.24
N GLY C 356 -0.10 -29.44 45.48
CA GLY C 356 0.04 -29.56 44.02
C GLY C 356 1.35 -30.22 43.64
N ALA C 357 1.61 -30.31 42.35
CA ALA C 357 2.91 -30.79 41.84
C ALA C 357 3.77 -29.59 41.50
N ASP C 358 5.09 -29.76 41.57
CA ASP C 358 6.02 -28.68 41.20
C ASP C 358 5.79 -28.21 39.77
N ALA C 359 5.58 -29.16 38.86
CA ALA C 359 5.34 -28.87 37.44
C ALA C 359 4.11 -28.01 37.21
N PHE C 360 3.05 -28.26 37.98
CA PHE C 360 1.85 -27.44 37.90
C PHE C 360 2.16 -26.03 38.37
N LEU C 361 2.79 -25.94 39.55
CA LEU C 361 3.16 -24.65 40.15
C LEU C 361 4.08 -23.85 39.23
N GLU C 362 5.03 -24.53 38.61
CA GLU C 362 5.94 -23.95 37.59
C GLU C 362 5.13 -23.35 36.43
N LEU C 363 4.16 -24.11 35.93
CA LEU C 363 3.21 -23.61 34.92
C LEU C 363 2.44 -22.34 35.39
N CYS C 364 2.01 -22.31 36.66
CA CYS C 364 1.37 -21.11 37.22
C CYS C 364 2.32 -19.91 37.34
N ASP C 365 3.61 -20.15 37.57
CA ASP C 365 4.63 -19.08 37.55
C ASP C 365 4.81 -18.50 36.13
N GLU C 366 4.81 -19.37 35.13
CA GLU C 366 5.06 -18.99 33.74
C GLU C 366 3.90 -18.21 33.12
N MET C 367 2.69 -18.75 33.28
CA MET C 367 1.45 -18.00 33.01
C MET C 367 1.23 -17.19 34.28
N GLY C 368 0.12 -16.49 34.43
CA GLY C 368 -0.01 -15.58 35.59
C GLY C 368 -1.14 -15.84 36.57
N PHE C 369 -0.97 -16.85 37.44
CA PHE C 369 -1.99 -17.25 38.41
C PHE C 369 -1.48 -17.20 39.86
N LEU C 370 -2.15 -16.44 40.71
CA LEU C 370 -1.93 -16.54 42.16
C LEU C 370 -2.43 -17.93 42.63
N VAL C 371 -1.68 -18.60 43.51
CA VAL C 371 -1.96 -19.99 43.90
C VAL C 371 -2.06 -20.18 45.42
N GLN C 372 -3.17 -20.76 45.88
CA GLN C 372 -3.33 -21.19 47.28
C GLN C 372 -3.08 -22.69 47.37
N GLU C 373 -2.01 -23.07 48.08
CA GLU C 373 -1.70 -24.48 48.33
C GLU C 373 -2.30 -24.95 49.66
N GLU C 374 -3.19 -25.95 49.60
CA GLU C 374 -3.76 -26.63 50.77
C GLU C 374 -2.93 -27.84 51.17
N PHE C 375 -2.87 -28.14 52.47
CA PHE C 375 -2.09 -29.30 52.94
C PHE C 375 -2.93 -30.55 53.17
N PHE C 376 -4.06 -30.41 53.87
CA PHE C 376 -4.89 -31.55 54.27
C PHE C 376 -6.38 -31.26 54.09
N ASP C 377 -7.15 -32.29 53.74
CA ASP C 377 -8.61 -32.21 53.74
C ASP C 377 -9.17 -32.49 55.15
N GLU C 378 -8.49 -33.34 55.91
CA GLU C 378 -8.90 -33.67 57.27
C GLU C 378 -7.70 -33.82 58.19
N TRP C 379 -7.93 -33.65 59.50
CA TRP C 379 -6.89 -33.71 60.52
C TRP C 379 -7.01 -34.99 61.38
N ASP C 380 -7.45 -34.85 62.64
CA ASP C 380 -7.36 -35.95 63.60
C ASP C 380 -8.45 -37.00 63.34
N TYR C 381 -9.64 -36.54 62.95
CA TYR C 381 -10.80 -37.41 62.73
C TYR C 381 -11.17 -37.48 61.26
N PRO C 382 -11.54 -38.67 60.77
CA PRO C 382 -11.80 -38.79 59.34
C PRO C 382 -13.16 -38.26 58.94
N LYS C 383 -13.22 -37.66 57.74
CA LYS C 383 -14.48 -37.29 57.10
C LYS C 383 -15.10 -38.51 56.45
N ASP C 384 -16.41 -38.46 56.21
CA ASP C 384 -17.10 -39.55 55.51
C ASP C 384 -16.73 -39.47 54.04
N LYS C 385 -16.10 -40.53 53.54
CA LYS C 385 -15.61 -40.52 52.17
C LYS C 385 -16.71 -40.62 51.12
N ARG C 386 -17.89 -41.09 51.50
CA ARG C 386 -19.04 -41.17 50.58
C ARG C 386 -20.04 -40.01 50.71
N LEU C 387 -20.23 -39.49 51.92
CA LEU C 387 -21.29 -38.53 52.22
C LEU C 387 -20.81 -37.14 52.65
N ASN C 388 -19.49 -36.92 52.67
CA ASN C 388 -18.88 -35.72 53.27
C ASN C 388 -19.21 -35.59 54.78
N MET C 389 -18.60 -34.59 55.44
CA MET C 389 -18.84 -34.28 56.86
C MET C 389 -18.32 -35.41 57.76
N ASP C 390 -18.70 -35.42 59.03
CA ASP C 390 -18.24 -36.43 60.00
C ASP C 390 -18.50 -37.86 59.51
N GLU C 391 -17.57 -38.76 59.80
CA GLU C 391 -17.70 -40.15 59.44
C GLU C 391 -18.85 -40.79 60.25
N GLN C 392 -19.67 -41.59 59.55
CA GLN C 392 -20.82 -42.30 60.14
C GLN C 392 -20.61 -43.81 60.25
N SER C 393 -19.89 -44.42 59.30
CA SER C 393 -19.58 -45.86 59.35
C SER C 393 -18.10 -46.14 59.09
N ILE C 394 -17.70 -47.39 59.32
CA ILE C 394 -16.30 -47.82 59.22
C ILE C 394 -16.19 -49.05 58.31
N ASP C 395 -15.38 -48.95 57.26
CA ASP C 395 -14.94 -50.10 56.45
C ASP C 395 -13.52 -49.92 55.93
N TYR C 396 -12.96 -51.01 55.40
CA TYR C 396 -11.57 -51.06 54.97
C TYR C 396 -11.30 -50.08 53.84
N ILE C 397 -12.09 -50.20 52.76
CA ILE C 397 -11.83 -49.42 51.54
C ILE C 397 -11.87 -47.89 51.69
N THR C 398 -12.44 -47.38 52.78
CA THR C 398 -12.44 -45.95 53.10
C THR C 398 -11.39 -45.50 54.14
N ARG C 399 -10.55 -46.40 54.66
CA ARG C 399 -9.52 -46.01 55.66
C ARG C 399 -8.46 -45.13 55.02
N GLY C 400 -8.26 -43.94 55.56
CA GLY C 400 -7.42 -42.92 54.93
C GLY C 400 -6.24 -42.48 55.77
N TYR C 401 -5.85 -41.22 55.55
CA TYR C 401 -4.61 -40.66 56.10
C TYR C 401 -4.69 -40.41 57.62
N CYS C 402 -5.91 -40.28 58.18
CA CYS C 402 -6.10 -40.23 59.64
C CYS C 402 -5.33 -41.28 60.49
N GLU C 403 -5.15 -42.49 59.94
CA GLU C 403 -4.33 -43.54 60.57
C GLU C 403 -2.85 -43.11 60.72
N TYR C 404 -2.38 -42.24 59.82
CA TYR C 404 -1.00 -41.77 59.84
C TYR C 404 -0.79 -40.30 60.23
N PHE C 405 -1.85 -39.50 60.32
CA PHE C 405 -1.75 -38.03 60.52
C PHE C 405 -0.90 -37.62 61.73
N GLN C 406 -1.08 -38.29 62.86
CA GLN C 406 -0.38 -37.94 64.09
C GLN C 406 1.16 -38.06 63.99
N GLU C 407 1.64 -39.07 63.28
CA GLU C 407 3.08 -39.27 63.09
C GLU C 407 3.66 -38.53 61.89
N TRP C 408 2.83 -38.27 60.88
CA TRP C 408 3.33 -37.84 59.58
C TRP C 408 2.98 -36.41 59.18
N ALA C 409 2.07 -35.75 59.90
CA ALA C 409 1.59 -34.40 59.52
C ALA C 409 2.71 -33.41 59.34
N GLU C 410 3.60 -33.36 60.33
CA GLU C 410 4.73 -32.42 60.35
C GLU C 410 5.72 -32.66 59.18
N ARG C 411 6.11 -33.93 58.97
CA ARG C 411 7.00 -34.28 57.87
C ARG C 411 6.39 -33.89 56.53
N ASP C 412 5.11 -34.23 56.33
CA ASP C 412 4.44 -33.99 55.04
C ASP C 412 4.23 -32.49 54.74
N LEU C 413 3.76 -31.74 55.73
CA LEU C 413 3.58 -30.29 55.63
C LEU C 413 4.90 -29.60 55.28
N LYS C 414 5.96 -29.93 56.02
CA LYS C 414 7.26 -29.26 55.85
C LYS C 414 7.93 -29.59 54.52
N ASN C 415 7.80 -30.83 54.06
CA ASN C 415 8.31 -31.24 52.74
C ASN C 415 7.61 -30.48 51.62
N VAL C 416 6.29 -30.30 51.74
CA VAL C 416 5.52 -29.59 50.72
C VAL C 416 5.99 -28.14 50.60
N MET C 417 6.26 -27.50 51.74
CA MET C 417 6.72 -26.11 51.76
C MET C 417 8.15 -25.98 51.24
N LEU C 418 9.06 -26.82 51.73
CA LEU C 418 10.43 -26.92 51.17
C LEU C 418 10.44 -27.03 49.65
N ARG C 419 9.52 -27.83 49.12
CA ARG C 419 9.40 -28.07 47.68
C ARG C 419 8.88 -26.84 46.94
N SER C 420 7.85 -26.19 47.50
CA SER C 420 7.12 -25.14 46.78
C SER C 420 7.36 -23.68 47.22
N ARG C 421 8.12 -23.44 48.28
CA ARG C 421 8.21 -22.08 48.85
C ARG C 421 8.91 -21.02 47.99
N ASN C 422 9.68 -21.45 46.98
CA ASN C 422 10.31 -20.53 46.03
C ASN C 422 9.43 -20.06 44.87
N HIS C 423 8.29 -20.72 44.65
CA HIS C 423 7.40 -20.33 43.55
C HIS C 423 6.72 -18.99 43.83
N PRO C 424 6.89 -18.01 42.91
CA PRO C 424 6.21 -16.72 43.10
C PRO C 424 4.68 -16.75 42.98
N CYS C 425 4.13 -17.76 42.31
CA CYS C 425 2.68 -17.89 42.18
C CYS C 425 2.00 -18.08 43.53
N ILE C 426 2.64 -18.82 44.44
CA ILE C 426 2.03 -19.10 45.74
C ILE C 426 2.06 -17.84 46.59
N PHE C 427 0.91 -17.55 47.19
CA PHE C 427 0.66 -16.34 47.95
C PHE C 427 -0.17 -16.60 49.22
N GLN C 428 -0.27 -17.88 49.63
CA GLN C 428 -1.21 -18.32 50.68
C GLN C 428 -1.02 -19.80 50.98
N TRP C 429 -0.83 -20.15 52.26
CA TRP C 429 -0.72 -21.54 52.69
C TRP C 429 -2.00 -21.89 53.45
N SER C 430 -2.73 -22.91 53.01
CA SER C 430 -3.98 -23.33 53.65
C SER C 430 -3.77 -24.59 54.46
N ILE C 431 -4.08 -24.54 55.76
CA ILE C 431 -3.83 -25.67 56.67
C ILE C 431 -4.93 -26.72 56.67
N GLY C 432 -6.16 -26.33 56.36
CA GLY C 432 -7.26 -27.29 56.33
C GLY C 432 -8.42 -26.87 55.46
N ASN C 433 -9.26 -27.84 55.12
CA ASN C 433 -10.48 -27.61 54.39
C ASN C 433 -11.73 -28.10 55.14
N GLU C 434 -12.63 -27.17 55.50
CA GLU C 434 -13.91 -27.50 56.14
C GLU C 434 -13.73 -28.52 57.27
N ILE C 435 -12.84 -28.19 58.19
CA ILE C 435 -12.41 -29.11 59.24
C ILE C 435 -13.46 -29.24 60.35
N GLU C 436 -14.31 -28.22 60.49
CA GLU C 436 -15.28 -28.10 61.60
C GLU C 436 -16.30 -29.23 61.70
N TRP C 437 -16.66 -29.84 60.58
CA TRP C 437 -17.57 -31.00 60.59
C TRP C 437 -17.06 -32.17 61.46
N THR C 438 -15.75 -32.39 61.46
CA THR C 438 -15.15 -33.61 62.04
C THR C 438 -14.87 -33.59 63.55
N TYR C 439 -15.06 -32.44 64.20
CA TYR C 439 -14.87 -32.32 65.65
C TYR C 439 -16.23 -32.14 66.35
N LYS C 440 -16.56 -33.06 67.26
CA LYS C 440 -17.82 -33.00 68.00
C LYS C 440 -17.87 -31.72 68.82
N GLY C 441 -18.99 -31.03 68.77
CA GLY C 441 -19.20 -29.77 69.49
C GLY C 441 -19.38 -28.54 68.62
N CYS C 442 -18.80 -28.57 67.42
CA CYS C 442 -18.71 -27.39 66.55
C CYS C 442 -20.04 -26.96 65.92
N LYS C 443 -20.68 -27.88 65.22
CA LYS C 443 -21.99 -27.60 64.61
C LYS C 443 -23.10 -27.39 65.64
N GLU C 444 -22.94 -27.99 66.82
CA GLU C 444 -23.93 -27.91 67.90
C GLU C 444 -23.68 -26.73 68.87
N SER C 445 -22.55 -26.03 68.70
CA SER C 445 -22.28 -24.80 69.45
C SER C 445 -22.79 -23.54 68.73
N THR C 446 -23.07 -23.66 67.43
CA THR C 446 -23.86 -22.65 66.71
C THR C 446 -25.34 -22.96 66.90
N GLY C 447 -26.20 -22.04 66.49
CA GLY C 447 -27.65 -22.27 66.53
C GLY C 447 -28.21 -23.17 65.45
N PHE C 448 -27.49 -23.32 64.34
CA PHE C 448 -28.05 -23.81 63.07
C PHE C 448 -28.75 -25.18 63.10
N PHE C 449 -28.31 -26.08 63.97
CA PHE C 449 -28.87 -27.44 64.03
C PHE C 449 -29.74 -27.59 65.30
N SER C 450 -30.80 -26.77 65.33
CA SER C 450 -31.74 -26.67 66.45
C SER C 450 -31.07 -26.23 67.76
N GLY C 455 -31.93 -24.11 53.05
CA GLY C 455 -30.49 -23.95 53.23
C GLY C 455 -30.00 -24.24 54.64
N GLY C 456 -30.82 -23.95 55.64
CA GLY C 456 -30.48 -24.19 57.05
C GLY C 456 -29.47 -23.21 57.59
N TYR C 457 -28.19 -23.46 57.24
CA TYR C 457 -27.04 -22.64 57.65
C TYR C 457 -26.47 -21.76 56.52
N PHE C 458 -26.49 -22.26 55.28
CA PHE C 458 -26.00 -21.53 54.08
C PHE C 458 -26.38 -20.06 54.00
N TRP C 459 -27.68 -19.78 54.13
CA TRP C 459 -28.22 -18.44 53.87
C TRP C 459 -28.50 -17.58 55.13
N ASN C 460 -27.99 -18.02 56.28
CA ASN C 460 -28.34 -17.41 57.58
C ASN C 460 -27.13 -17.14 58.45
N GLN C 461 -27.25 -16.11 59.28
CA GLN C 461 -26.31 -15.86 60.37
C GLN C 461 -26.71 -16.73 61.56
N PRO C 462 -25.79 -16.97 62.51
CA PRO C 462 -26.10 -17.84 63.62
C PRO C 462 -27.16 -17.23 64.56
N PRO C 463 -28.16 -18.04 65.00
CA PRO C 463 -29.11 -17.63 66.03
C PRO C 463 -28.43 -17.21 67.34
N TYR C 464 -27.56 -18.07 67.87
CA TYR C 464 -26.85 -17.80 69.12
C TYR C 464 -25.85 -16.68 68.85
N SER C 465 -25.73 -15.74 69.78
CA SER C 465 -24.84 -14.59 69.60
C SER C 465 -23.39 -14.98 69.89
N THR C 466 -22.49 -14.02 69.74
CA THR C 466 -21.07 -14.21 70.03
C THR C 466 -20.82 -14.72 71.46
N GLN C 467 -21.57 -14.19 72.44
CA GLN C 467 -21.43 -14.58 73.85
C GLN C 467 -21.89 -16.02 74.12
N ARG C 468 -22.99 -16.45 73.52
CA ARG C 468 -23.53 -17.81 73.76
C ARG C 468 -22.71 -18.93 73.09
N ILE C 469 -22.10 -18.62 71.94
CA ILE C 469 -21.21 -19.58 71.25
C ILE C 469 -19.98 -19.87 72.12
N ARG C 470 -19.40 -18.84 72.75
CA ARG C 470 -18.31 -19.01 73.72
C ARG C 470 -18.73 -19.89 74.89
N GLU C 471 -19.86 -19.57 75.53
CA GLU C 471 -20.33 -20.30 76.72
C GLU C 471 -20.69 -21.76 76.40
N GLU C 472 -21.35 -21.97 75.26
CA GLU C 472 -21.77 -23.31 74.85
C GLU C 472 -20.65 -24.16 74.24
N TRP C 473 -19.51 -23.54 73.92
CA TRP C 473 -18.27 -24.26 73.56
C TRP C 473 -17.57 -24.79 74.82
N ALA C 474 -17.64 -24.04 75.92
CA ALA C 474 -17.18 -24.52 77.23
C ALA C 474 -18.03 -25.70 77.76
N LYS C 475 -19.32 -25.74 77.41
CA LYS C 475 -20.22 -26.85 77.79
C LYS C 475 -19.85 -28.20 77.17
N GLN C 476 -19.23 -28.21 75.99
CA GLN C 476 -19.02 -29.47 75.22
C GLN C 476 -18.00 -30.39 75.89
N PRO C 477 -18.25 -31.72 75.86
CA PRO C 477 -17.31 -32.68 76.47
C PRO C 477 -15.95 -32.69 75.75
N LYS C 478 -14.87 -32.72 76.52
CA LYS C 478 -13.51 -32.71 75.96
C LYS C 478 -13.27 -34.02 75.21
N GLN C 479 -12.74 -33.92 73.99
CA GLN C 479 -12.36 -35.09 73.18
C GLN C 479 -10.84 -35.27 73.26
N THR C 480 -10.37 -36.40 72.74
CA THR C 480 -8.94 -36.67 72.63
C THR C 480 -8.20 -35.55 71.92
N TYR C 481 -8.73 -35.10 70.79
CA TYR C 481 -8.15 -33.99 70.02
C TYR C 481 -9.04 -32.73 70.04
N ASP C 482 -8.40 -31.57 70.00
CA ASP C 482 -9.10 -30.29 69.94
C ASP C 482 -8.76 -29.60 68.61
N ILE C 483 -9.78 -29.08 67.94
CA ILE C 483 -9.62 -28.38 66.67
C ILE C 483 -8.68 -27.16 66.79
N GLY C 484 -8.78 -26.42 67.88
CA GLY C 484 -7.93 -25.24 68.12
C GLY C 484 -6.49 -25.57 68.47
N ARG C 485 -6.29 -26.64 69.23
CA ARG C 485 -4.93 -27.08 69.58
C ARG C 485 -4.18 -27.48 68.32
N THR C 486 -4.86 -28.17 67.40
CA THR C 486 -4.26 -28.67 66.18
C THR C 486 -4.01 -27.53 65.17
N ALA C 487 -4.95 -26.61 65.04
CA ALA C 487 -4.76 -25.42 64.19
C ALA C 487 -3.55 -24.56 64.59
N LYS C 488 -3.24 -24.55 65.89
CA LYS C 488 -2.04 -23.89 66.41
C LYS C 488 -0.77 -24.66 66.01
N LYS C 489 -0.81 -25.99 66.08
CA LYS C 489 0.36 -26.83 65.73
C LYS C 489 0.76 -26.73 64.27
N LEU C 490 -0.22 -26.85 63.37
CA LEU C 490 0.02 -26.80 61.92
C LEU C 490 0.42 -25.39 61.47
N ALA C 491 -0.21 -24.37 62.04
CA ALA C 491 0.17 -22.98 61.77
C ALA C 491 1.60 -22.70 62.21
N ALA C 492 1.92 -23.06 63.45
CA ALA C 492 3.29 -22.93 63.98
C ALA C 492 4.33 -23.58 63.06
N TRP C 493 4.07 -24.81 62.63
CA TRP C 493 4.96 -25.49 61.70
C TRP C 493 5.08 -24.73 60.39
N THR C 494 3.95 -24.24 59.88
CA THR C 494 3.89 -23.51 58.61
C THR C 494 4.82 -22.30 58.65
N ARG C 495 4.67 -21.52 59.72
CA ARG C 495 5.47 -20.32 59.97
C ARG C 495 6.97 -20.58 60.21
N GLU C 496 7.33 -21.74 60.75
CA GLU C 496 8.75 -22.15 60.86
C GLU C 496 9.46 -22.23 59.52
N MET C 497 8.70 -22.52 58.45
CA MET C 497 9.23 -22.65 57.10
C MET C 497 9.09 -21.37 56.25
N ASP C 498 8.07 -20.56 56.54
CA ASP C 498 7.80 -19.37 55.74
C ASP C 498 6.80 -18.44 56.46
N THR C 499 7.20 -17.18 56.65
CA THR C 499 6.32 -16.12 57.13
C THR C 499 6.11 -15.03 56.09
N THR C 500 6.58 -15.25 54.85
CA THR C 500 6.42 -14.27 53.77
C THR C 500 5.10 -14.43 53.02
N ARG C 501 4.32 -15.45 53.38
CA ARG C 501 2.97 -15.64 52.87
C ARG C 501 2.02 -15.93 54.05
N PRO C 502 0.76 -15.47 53.97
CA PRO C 502 -0.18 -15.72 55.05
C PRO C 502 -0.65 -17.17 55.13
N VAL C 503 -0.93 -17.60 56.36
CA VAL C 503 -1.51 -18.90 56.68
C VAL C 503 -3.02 -18.68 56.64
N THR C 504 -3.73 -19.57 55.94
CA THR C 504 -5.20 -19.51 55.82
C THR C 504 -5.81 -20.88 56.09
N ALA C 505 -7.13 -20.93 55.95
CA ALA C 505 -7.90 -22.16 56.06
C ALA C 505 -9.27 -21.92 55.46
N ASN C 506 -9.91 -22.99 55.00
CA ASN C 506 -11.25 -22.91 54.46
C ASN C 506 -12.28 -23.31 55.52
N CYS C 507 -12.84 -22.32 56.21
CA CYS C 507 -13.77 -22.52 57.32
C CYS C 507 -15.21 -22.62 56.83
N ILE C 508 -15.87 -23.73 57.16
CA ILE C 508 -17.30 -23.93 56.82
C ILE C 508 -18.26 -23.32 57.86
N LEU C 509 -17.77 -23.06 59.08
CA LEU C 509 -18.56 -22.40 60.13
C LEU C 509 -17.67 -21.42 60.90
N PRO C 510 -17.34 -20.27 60.28
CA PRO C 510 -16.55 -19.22 60.92
C PRO C 510 -17.05 -18.87 62.31
N SER C 511 -18.37 -18.76 62.46
CA SER C 511 -19.06 -18.52 63.72
C SER C 511 -18.41 -19.19 64.95
N ILE C 512 -18.31 -20.51 64.91
CA ILE C 512 -17.64 -21.28 65.97
C ILE C 512 -16.10 -21.17 65.85
N SER C 513 -15.58 -21.13 64.63
CA SER C 513 -14.13 -21.07 64.38
C SER C 513 -13.45 -19.76 64.80
N TYR C 514 -14.23 -18.67 64.86
CA TYR C 514 -13.76 -17.40 65.43
C TYR C 514 -13.50 -17.48 66.94
N GLU C 515 -14.07 -18.49 67.62
CA GLU C 515 -13.94 -18.64 69.08
C GLU C 515 -13.29 -19.94 69.58
N THR C 516 -13.08 -20.93 68.71
CA THR C 516 -12.32 -22.13 69.07
C THR C 516 -10.82 -21.85 69.20
N GLY C 517 -10.30 -20.91 68.39
CA GLY C 517 -8.86 -20.70 68.25
C GLY C 517 -8.35 -21.03 66.86
N TYR C 518 -9.14 -21.81 66.11
CA TYR C 518 -8.90 -22.08 64.69
C TYR C 518 -8.58 -20.80 63.90
N ILE C 519 -9.53 -19.87 63.78
CA ILE C 519 -9.26 -18.61 63.08
C ILE C 519 -8.21 -17.74 63.81
N ASP C 520 -8.04 -17.94 65.12
CA ASP C 520 -7.01 -17.21 65.88
C ASP C 520 -5.57 -17.58 65.44
N ALA C 521 -5.35 -18.83 65.02
CA ALA C 521 -4.04 -19.28 64.51
C ALA C 521 -3.69 -18.75 63.10
N LEU C 522 -4.69 -18.23 62.37
CA LEU C 522 -4.55 -17.84 60.96
C LEU C 522 -4.27 -16.37 60.77
N ASP C 523 -3.81 -16.02 59.56
CA ASP C 523 -3.58 -14.63 59.14
C ASP C 523 -4.74 -14.10 58.33
N VAL C 524 -5.22 -14.93 57.39
CA VAL C 524 -6.36 -14.61 56.55
C VAL C 524 -7.39 -15.73 56.74
N ALA C 525 -8.58 -15.37 57.22
CA ALA C 525 -9.64 -16.35 57.43
C ALA C 525 -10.40 -16.57 56.14
N GLY C 526 -10.40 -17.81 55.64
CA GLY C 526 -11.18 -18.19 54.46
C GLY C 526 -12.55 -18.70 54.85
N PHE C 527 -13.58 -18.27 54.13
CA PHE C 527 -14.99 -18.63 54.40
C PHE C 527 -15.52 -19.53 53.30
N SER C 528 -16.01 -20.71 53.68
CA SER C 528 -16.54 -21.70 52.74
C SER C 528 -18.07 -21.58 52.63
N TYR C 529 -18.55 -20.96 51.55
CA TYR C 529 -19.99 -20.71 51.30
C TYR C 529 -20.66 -19.87 52.39
N ARG C 530 -19.99 -18.81 52.82
CA ARG C 530 -20.51 -17.89 53.86
C ARG C 530 -20.51 -16.43 53.39
N ARG C 531 -21.14 -16.14 52.26
CA ARG C 531 -21.29 -14.74 51.82
C ARG C 531 -22.16 -13.92 52.79
N VAL C 532 -23.12 -14.59 53.42
CA VAL C 532 -24.01 -13.95 54.42
C VAL C 532 -23.31 -13.63 55.75
N MET C 533 -22.16 -14.29 56.01
CA MET C 533 -21.30 -13.96 57.16
C MET C 533 -20.26 -12.86 56.93
N TYR C 534 -20.10 -12.37 55.69
CA TYR C 534 -19.14 -11.29 55.41
C TYR C 534 -19.36 -10.04 56.28
N ASP C 535 -20.62 -9.72 56.59
CA ASP C 535 -20.96 -8.62 57.50
C ASP C 535 -20.62 -8.95 58.97
N TYR C 536 -20.99 -10.15 59.41
CA TYR C 536 -20.63 -10.67 60.73
C TYR C 536 -19.13 -10.49 61.04
N ALA C 537 -18.28 -10.73 60.04
CA ALA C 537 -16.82 -10.61 60.18
C ALA C 537 -16.30 -9.16 60.12
N HIS C 538 -17.04 -8.27 59.47
CA HIS C 538 -16.71 -6.84 59.49
C HIS C 538 -17.20 -6.15 60.77
N LYS C 539 -18.35 -6.58 61.30
CA LYS C 539 -18.89 -6.04 62.55
C LYS C 539 -18.05 -6.49 63.76
N ASN C 540 -17.98 -7.80 63.96
CA ASN C 540 -17.11 -8.41 64.99
C ASN C 540 -15.77 -8.73 64.32
N TYR C 541 -14.73 -8.98 65.10
CA TYR C 541 -13.44 -9.45 64.53
C TYR C 541 -12.96 -8.63 63.32
N PRO C 542 -12.93 -7.29 63.46
CA PRO C 542 -12.70 -6.43 62.28
C PRO C 542 -11.24 -6.28 61.82
N ASP C 543 -10.28 -6.77 62.60
CA ASP C 543 -8.85 -6.72 62.24
C ASP C 543 -8.30 -8.04 61.67
N LYS C 544 -9.18 -9.00 61.39
CA LYS C 544 -8.82 -10.26 60.76
C LYS C 544 -9.32 -10.19 59.32
N PRO C 545 -8.39 -10.19 58.32
CA PRO C 545 -8.79 -10.30 56.92
C PRO C 545 -9.61 -11.55 56.64
N ALA C 546 -10.69 -11.38 55.87
CA ALA C 546 -11.60 -12.48 55.54
C ALA C 546 -11.85 -12.51 54.05
N MET C 547 -12.13 -13.70 53.53
CA MET C 547 -12.24 -13.93 52.10
C MET C 547 -13.03 -15.21 51.80
N GLY C 548 -13.67 -15.26 50.64
CA GLY C 548 -14.29 -16.49 50.16
C GLY C 548 -13.24 -17.48 49.64
N THR C 549 -13.13 -18.64 50.28
CA THR C 549 -12.20 -19.70 49.83
C THR C 549 -12.89 -20.85 49.08
N GLU C 550 -14.20 -20.99 49.22
CA GLU C 550 -14.97 -21.91 48.38
C GLU C 550 -16.35 -21.26 48.14
N ASN C 551 -16.69 -21.01 46.88
CA ASN C 551 -17.93 -20.30 46.53
C ASN C 551 -18.59 -20.88 45.28
N LEU C 552 -19.86 -20.56 45.10
CA LEU C 552 -20.66 -21.03 43.97
C LEU C 552 -20.43 -20.13 42.75
N GLY C 553 -20.49 -20.73 41.56
CA GLY C 553 -20.25 -19.98 40.32
C GLY C 553 -21.47 -19.19 39.88
N GLN C 554 -21.75 -18.10 40.60
CA GLN C 554 -23.01 -17.35 40.47
C GLN C 554 -22.79 -15.85 40.67
N TRP C 555 -23.66 -15.05 40.04
CA TRP C 555 -23.63 -13.59 40.22
C TRP C 555 -23.79 -13.20 41.69
N HIS C 556 -24.70 -13.85 42.41
CA HIS C 556 -24.94 -13.51 43.82
C HIS C 556 -23.70 -13.68 44.72
N GLU C 557 -22.79 -14.59 44.38
CA GLU C 557 -21.52 -14.73 45.10
C GLU C 557 -20.55 -13.60 44.75
N TRP C 558 -20.41 -13.29 43.46
CA TRP C 558 -19.49 -12.23 42.99
C TRP C 558 -20.01 -10.81 43.30
N LYS C 559 -21.33 -10.65 43.28
CA LYS C 559 -22.00 -9.42 43.72
C LYS C 559 -21.59 -9.05 45.14
N ALA C 560 -21.54 -10.05 46.03
CA ALA C 560 -21.16 -9.85 47.42
C ALA C 560 -19.70 -9.42 47.59
N VAL C 561 -18.84 -9.86 46.69
CA VAL C 561 -17.43 -9.45 46.69
C VAL C 561 -17.26 -8.01 46.25
N ILE C 562 -17.82 -7.65 45.09
CA ILE C 562 -17.61 -6.30 44.51
C ILE C 562 -18.21 -5.14 45.32
N GLU C 563 -19.31 -5.40 46.04
CA GLU C 563 -19.93 -4.39 46.92
C GLU C 563 -19.17 -4.12 48.23
N ARG C 564 -18.16 -4.95 48.55
CA ARG C 564 -17.40 -4.84 49.81
C ARG C 564 -15.88 -4.72 49.54
N ASP C 565 -15.26 -3.66 50.03
CA ASP C 565 -13.81 -3.44 49.86
C ASP C 565 -12.96 -4.30 50.80
N TYR C 566 -13.57 -4.80 51.87
CA TYR C 566 -12.90 -5.69 52.84
C TYR C 566 -13.01 -7.19 52.47
N ILE C 567 -13.62 -7.48 51.32
CA ILE C 567 -13.66 -8.83 50.77
C ILE C 567 -12.87 -8.82 49.46
N PRO C 568 -11.60 -9.28 49.51
CA PRO C 568 -10.74 -9.19 48.32
C PRO C 568 -11.08 -10.15 47.18
N GLY C 569 -11.82 -11.23 47.42
CA GLY C 569 -12.17 -12.17 46.35
C GLY C 569 -12.83 -13.47 46.75
N MET C 570 -13.01 -14.34 45.76
CA MET C 570 -13.57 -15.67 45.96
C MET C 570 -12.90 -16.70 45.05
N PHE C 571 -13.00 -17.97 45.44
CA PHE C 571 -12.59 -19.10 44.61
C PHE C 571 -13.82 -19.94 44.28
N ILE C 572 -14.13 -20.07 42.99
CA ILE C 572 -15.32 -20.77 42.50
C ILE C 572 -15.13 -22.28 42.52
N TRP C 573 -16.11 -23.00 43.09
CA TRP C 573 -16.17 -24.45 43.08
C TRP C 573 -17.08 -24.89 41.94
N THR C 574 -16.55 -25.34 40.81
CA THR C 574 -15.12 -25.59 40.57
C THR C 574 -14.71 -24.99 39.22
N GLY C 575 -13.41 -24.92 38.99
CA GLY C 575 -12.87 -24.39 37.74
C GLY C 575 -13.05 -25.36 36.57
N VAL C 576 -12.82 -26.64 36.84
CA VAL C 576 -12.98 -27.70 35.84
C VAL C 576 -13.69 -28.89 36.48
N ASP C 577 -14.53 -29.58 35.70
CA ASP C 577 -15.15 -30.81 36.18
C ASP C 577 -14.10 -31.85 36.54
N TYR C 578 -14.41 -32.64 37.56
CA TYR C 578 -13.49 -33.63 38.11
C TYR C 578 -14.21 -34.96 38.36
N LEU C 579 -13.48 -36.06 38.22
CA LEU C 579 -14.02 -37.39 38.49
C LEU C 579 -14.24 -37.58 39.99
N GLY C 580 -15.36 -38.20 40.34
CA GLY C 580 -15.67 -38.52 41.73
C GLY C 580 -16.64 -37.57 42.41
N GLU C 581 -16.85 -37.81 43.70
CA GLU C 581 -17.91 -37.19 44.52
C GLU C 581 -19.33 -37.49 43.98
N VAL C 582 -19.49 -38.68 43.41
CA VAL C 582 -20.78 -39.17 42.89
C VAL C 582 -21.13 -40.50 43.57
N GLY C 583 -22.18 -41.17 43.09
CA GLY C 583 -22.63 -42.44 43.67
C GLY C 583 -23.68 -42.29 44.76
N THR C 584 -23.91 -41.05 45.25
CA THR C 584 -24.96 -40.77 46.22
C THR C 584 -26.31 -40.67 45.52
N LYS C 585 -27.40 -40.87 46.26
CA LYS C 585 -28.77 -40.83 45.71
C LYS C 585 -28.97 -39.63 44.79
N GLY C 586 -29.38 -39.89 43.55
CA GLY C 586 -29.44 -38.88 42.50
C GLY C 586 -28.30 -39.02 41.50
N ARG C 587 -27.09 -39.18 42.02
CA ARG C 587 -25.89 -39.23 41.20
C ARG C 587 -25.36 -40.64 40.97
N GLU C 588 -26.27 -41.59 40.76
CA GLU C 588 -25.91 -43.00 40.51
C GLU C 588 -25.11 -43.13 39.23
N TRP C 589 -24.41 -44.25 39.13
CA TRP C 589 -23.88 -44.72 37.85
C TRP C 589 -25.00 -44.66 36.78
N PRO C 590 -24.69 -44.22 35.55
CA PRO C 590 -23.33 -44.02 35.02
C PRO C 590 -22.71 -42.61 35.14
N GLN C 591 -23.23 -41.75 36.01
CA GLN C 591 -22.64 -40.43 36.23
C GLN C 591 -21.24 -40.55 36.84
N ARG C 592 -20.31 -39.73 36.37
CA ARG C 592 -18.93 -39.74 36.90
C ARG C 592 -18.43 -38.40 37.48
N ALA C 593 -19.16 -37.32 37.25
CA ALA C 593 -18.81 -36.01 37.79
C ALA C 593 -20.07 -35.24 38.10
N ILE C 594 -20.01 -34.39 39.12
CA ILE C 594 -21.15 -33.58 39.53
C ILE C 594 -21.54 -32.58 38.44
N GLY C 595 -20.57 -32.02 37.75
CA GLY C 595 -20.81 -31.02 36.72
C GLY C 595 -20.93 -29.63 37.30
N CYS C 596 -20.11 -29.33 38.30
CA CYS C 596 -20.08 -28.01 38.94
C CYS C 596 -19.01 -27.08 38.30
N GLY C 597 -18.42 -27.52 37.19
CA GLY C 597 -17.29 -26.82 36.60
C GLY C 597 -17.65 -25.71 35.63
N LEU C 598 -16.77 -24.72 35.56
CA LEU C 598 -16.79 -23.75 34.47
C LEU C 598 -16.42 -24.45 33.17
N LEU C 599 -15.36 -25.25 33.21
CA LEU C 599 -14.96 -26.09 32.08
C LEU C 599 -15.36 -27.55 32.32
N ASP C 600 -15.60 -28.27 31.23
CA ASP C 600 -15.95 -29.70 31.30
C ASP C 600 -14.68 -30.56 31.34
N LEU C 601 -14.86 -31.88 31.45
CA LEU C 601 -13.74 -32.84 31.47
C LEU C 601 -12.84 -32.82 30.21
N ALA C 602 -13.40 -32.41 29.08
CA ALA C 602 -12.58 -32.18 27.87
C ALA C 602 -11.66 -30.97 28.06
N GLY C 603 -12.21 -29.92 28.67
CA GLY C 603 -11.60 -28.60 28.72
C GLY C 603 -12.46 -27.53 28.03
N PHE C 604 -13.53 -27.96 27.36
CA PHE C 604 -14.41 -27.03 26.63
C PHE C 604 -15.16 -26.10 27.57
N GLU C 605 -15.55 -24.96 27.04
CA GLU C 605 -16.23 -23.92 27.81
C GLU C 605 -17.70 -24.32 27.98
N LYS C 606 -18.24 -24.12 29.18
CA LYS C 606 -19.66 -24.39 29.48
C LYS C 606 -20.40 -23.05 29.64
N PRO C 607 -21.73 -23.08 29.80
CA PRO C 607 -22.49 -21.89 30.15
C PRO C 607 -21.96 -21.09 31.33
N SER C 608 -21.63 -21.77 32.43
CA SER C 608 -21.17 -21.10 33.65
C SER C 608 -19.83 -20.37 33.48
N PHE C 609 -18.99 -20.84 32.56
CA PHE C 609 -17.75 -20.17 32.18
C PHE C 609 -18.00 -18.82 31.50
N HIS C 610 -18.92 -18.81 30.53
CA HIS C 610 -19.28 -17.57 29.82
C HIS C 610 -19.99 -16.56 30.72
N MET C 611 -20.81 -17.05 31.65
CA MET C 611 -21.38 -16.16 32.67
C MET C 611 -20.27 -15.46 33.46
N MET C 612 -19.23 -16.20 33.86
CA MET C 612 -18.13 -15.62 34.65
C MET C 612 -17.28 -14.67 33.81
N LYS C 613 -17.04 -15.05 32.55
CA LYS C 613 -16.37 -14.18 31.59
C LYS C 613 -17.04 -12.82 31.51
N SER C 614 -18.38 -12.79 31.54
CA SER C 614 -19.15 -11.55 31.54
C SER C 614 -18.94 -10.70 32.82
N LEU C 615 -18.79 -11.35 33.97
CA LEU C 615 -18.54 -10.62 35.23
C LEU C 615 -17.09 -10.18 35.42
N TRP C 616 -16.15 -10.83 34.73
CA TRP C 616 -14.72 -10.68 35.00
C TRP C 616 -13.86 -9.97 33.93
N THR C 617 -14.24 -10.04 32.65
CA THR C 617 -13.36 -9.58 31.58
C THR C 617 -13.59 -8.14 31.09
N ASP C 618 -12.54 -7.61 30.47
CA ASP C 618 -12.52 -6.25 29.93
C ASP C 618 -13.48 -6.00 28.75
N ALA C 619 -13.29 -6.75 27.67
CA ALA C 619 -13.80 -6.38 26.36
C ALA C 619 -15.28 -6.72 26.20
N PRO C 620 -16.02 -5.93 25.39
CA PRO C 620 -17.42 -6.23 25.04
C PRO C 620 -17.64 -7.69 24.64
N PHE C 621 -18.67 -8.32 25.22
CA PHE C 621 -18.84 -9.77 25.15
C PHE C 621 -20.30 -10.21 25.29
N ILE C 622 -20.71 -11.16 24.47
CA ILE C 622 -22.07 -11.68 24.46
C ILE C 622 -22.05 -13.20 24.36
N ALA C 623 -22.84 -13.86 25.20
CA ALA C 623 -23.09 -15.31 25.10
C ALA C 623 -24.59 -15.56 24.99
N ILE C 624 -25.05 -16.05 23.85
CA ILE C 624 -26.48 -16.32 23.62
C ILE C 624 -26.81 -17.77 23.94
N TYR C 625 -27.70 -17.97 24.92
CA TYR C 625 -28.25 -19.28 25.25
C TYR C 625 -29.78 -19.22 25.29
N SER C 626 -30.40 -20.39 25.35
CA SER C 626 -31.85 -20.50 25.22
C SER C 626 -32.39 -21.81 25.81
N GLN C 627 -33.69 -21.80 26.12
CA GLN C 627 -34.37 -22.97 26.68
C GLN C 627 -35.89 -22.79 26.52
N THR C 628 -36.62 -23.87 26.26
CA THR C 628 -38.08 -23.80 26.08
C THR C 628 -38.74 -23.33 27.38
N ALA C 629 -39.79 -22.51 27.24
CA ALA C 629 -40.42 -21.82 28.38
C ALA C 629 -40.84 -22.75 29.55
N ASN C 630 -41.20 -23.99 29.24
CA ASN C 630 -41.48 -24.99 30.28
C ASN C 630 -40.23 -25.39 31.06
N LYS C 631 -39.12 -25.54 30.34
CA LYS C 631 -37.83 -25.92 30.95
C LYS C 631 -37.04 -24.77 31.58
N SER C 632 -37.28 -23.53 31.14
CA SER C 632 -36.59 -22.36 31.68
C SER C 632 -36.87 -22.16 33.18
N SER C 633 -35.92 -21.50 33.86
CA SER C 633 -36.10 -21.08 35.26
C SER C 633 -36.80 -19.72 35.37
N TYR C 634 -36.99 -19.05 34.24
CA TYR C 634 -37.55 -17.69 34.21
C TYR C 634 -38.82 -17.63 33.34
N VAL C 635 -39.79 -16.82 33.77
CA VAL C 635 -41.05 -16.61 33.02
C VAL C 635 -41.51 -15.15 33.07
N GLU C 636 -42.00 -14.65 31.93
CA GLU C 636 -42.49 -13.28 31.80
C GLU C 636 -43.97 -13.16 32.17
N LYS C 637 -44.31 -12.09 32.89
CA LYS C 637 -45.69 -11.81 33.31
C LYS C 637 -46.03 -10.36 32.97
N ASP C 638 -46.36 -10.13 31.70
CA ASP C 638 -46.74 -8.80 31.19
C ASP C 638 -45.65 -7.74 31.44
N GLY C 639 -44.49 -7.95 30.81
CA GLY C 639 -43.35 -7.02 30.90
C GLY C 639 -42.16 -7.54 31.68
N LYS C 640 -42.33 -7.73 32.99
CA LYS C 640 -41.23 -8.10 33.89
C LYS C 640 -40.93 -9.60 33.85
N PHE C 641 -39.63 -9.94 33.79
CA PHE C 641 -39.15 -11.32 33.92
C PHE C 641 -38.84 -11.62 35.39
N THR C 642 -39.15 -12.85 35.83
CA THR C 642 -39.00 -13.24 37.24
C THR C 642 -38.63 -14.73 37.37
N ASP C 643 -38.29 -15.15 38.59
CA ASP C 643 -37.99 -16.56 38.88
C ASP C 643 -39.29 -17.34 39.02
N LYS C 644 -39.31 -18.57 38.51
CA LYS C 644 -40.51 -19.44 38.58
C LYS C 644 -40.89 -19.79 40.02
N ASP C 645 -40.02 -20.54 40.69
CA ASP C 645 -40.26 -20.99 42.06
C ASP C 645 -39.80 -19.87 43.01
N PRO C 646 -40.72 -19.32 43.85
CA PRO C 646 -40.31 -18.22 44.74
C PRO C 646 -39.29 -18.60 45.82
N LYS C 647 -39.35 -19.86 46.28
CA LYS C 647 -38.37 -20.37 47.26
C LYS C 647 -37.02 -20.81 46.65
N LYS C 648 -36.86 -20.71 45.33
CA LYS C 648 -35.56 -20.89 44.64
C LYS C 648 -35.17 -19.64 43.81
N PRO C 649 -34.95 -18.49 44.48
CA PRO C 649 -34.58 -17.29 43.72
C PRO C 649 -33.12 -17.29 43.23
N TRP C 650 -32.81 -16.31 42.39
CA TRP C 650 -31.45 -16.11 41.83
C TRP C 650 -30.35 -15.84 42.88
N THR C 651 -30.74 -15.36 44.06
CA THR C 651 -29.80 -15.15 45.15
C THR C 651 -29.38 -16.44 45.86
N GLN C 652 -30.01 -17.57 45.54
CA GLN C 652 -29.69 -18.86 46.14
C GLN C 652 -29.46 -19.97 45.10
N ARG C 653 -29.00 -19.59 43.91
CA ARG C 653 -28.58 -20.59 42.92
C ARG C 653 -27.35 -21.30 43.47
N LEU C 654 -27.29 -22.63 43.30
CA LEU C 654 -26.21 -23.45 43.83
C LEU C 654 -25.15 -23.77 42.76
N TRP C 655 -24.54 -24.95 42.81
CA TRP C 655 -23.28 -25.22 42.11
C TRP C 655 -23.45 -25.42 40.62
N VAL C 656 -24.39 -26.29 40.27
CA VAL C 656 -24.51 -26.80 38.91
C VAL C 656 -25.45 -25.90 38.09
N TRP C 657 -24.92 -25.40 36.98
CA TRP C 657 -25.67 -24.56 36.05
C TRP C 657 -26.69 -25.40 35.28
N GLU C 658 -27.75 -24.74 34.79
CA GLU C 658 -28.82 -25.44 34.04
C GLU C 658 -28.32 -25.97 32.71
N ASP C 659 -28.96 -27.03 32.22
CA ASP C 659 -28.65 -27.56 30.89
C ASP C 659 -29.35 -26.70 29.84
N VAL C 660 -28.67 -25.63 29.41
CA VAL C 660 -29.20 -24.70 28.41
C VAL C 660 -28.65 -25.02 27.01
N ASN C 661 -29.26 -24.41 26.00
CA ASN C 661 -28.96 -24.71 24.59
C ASN C 661 -28.37 -23.52 23.82
N SER C 662 -27.28 -23.80 23.09
CA SER C 662 -26.65 -22.83 22.18
C SER C 662 -27.14 -22.98 20.73
N HIS C 663 -27.76 -24.11 20.41
CA HIS C 663 -28.40 -24.29 19.10
C HIS C 663 -29.64 -23.41 18.97
N TRP C 664 -30.10 -23.27 17.72
CA TRP C 664 -31.35 -22.59 17.41
C TRP C 664 -32.24 -23.48 16.53
N ASN C 665 -32.16 -24.80 16.74
CA ASN C 665 -33.10 -25.78 16.17
C ASN C 665 -34.09 -26.33 17.20
N TYR C 666 -35.21 -25.64 17.37
CA TYR C 666 -36.35 -26.13 18.16
C TYR C 666 -37.40 -26.75 17.18
N THR C 667 -38.70 -26.51 17.37
CA THR C 667 -39.72 -26.85 16.37
C THR C 667 -40.69 -25.68 16.21
N LYS C 668 -41.17 -25.48 14.97
CA LYS C 668 -41.86 -24.25 14.53
C LYS C 668 -42.70 -23.50 15.59
N GLY C 669 -43.54 -24.25 16.32
CA GLY C 669 -44.46 -23.64 17.28
C GLY C 669 -43.85 -23.14 18.60
N GLU C 670 -42.81 -23.84 19.08
CA GLU C 670 -42.37 -23.76 20.48
C GLU C 670 -42.00 -22.33 20.95
N LYS C 671 -42.59 -21.91 22.06
CA LYS C 671 -42.19 -20.68 22.74
C LYS C 671 -40.86 -20.92 23.46
N VAL C 672 -39.99 -19.92 23.44
CA VAL C 672 -38.61 -20.05 23.93
C VAL C 672 -38.17 -18.80 24.71
N VAL C 673 -37.34 -19.00 25.73
CA VAL C 673 -36.79 -17.90 26.51
C VAL C 673 -35.28 -17.83 26.24
N VAL C 674 -34.88 -16.82 25.47
CA VAL C 674 -33.47 -16.54 25.21
C VAL C 674 -32.88 -15.83 26.43
N GLU C 675 -31.72 -16.28 26.87
CA GLU C 675 -30.97 -15.65 27.97
C GLU C 675 -29.53 -15.37 27.52
N ILE C 676 -29.06 -14.16 27.81
CA ILE C 676 -27.75 -13.70 27.36
C ILE C 676 -26.89 -13.36 28.56
N TYR C 677 -25.68 -13.89 28.60
CA TYR C 677 -24.68 -13.49 29.59
C TYR C 677 -23.74 -12.53 28.89
N SER C 678 -23.58 -11.34 29.46
CA SER C 678 -22.88 -10.26 28.79
C SER C 678 -22.52 -9.12 29.74
N ASN C 679 -21.44 -8.43 29.41
CA ASN C 679 -20.98 -7.23 30.13
C ASN C 679 -21.50 -5.92 29.52
N CYS C 680 -22.16 -6.01 28.36
CA CYS C 680 -22.78 -4.87 27.71
C CYS C 680 -23.90 -4.29 28.57
N ASP C 681 -24.12 -2.98 28.43
CA ASP C 681 -25.17 -2.29 29.18
C ASP C 681 -26.47 -2.22 28.39
N GLU C 682 -26.38 -1.90 27.10
CA GLU C 682 -27.50 -1.94 26.18
C GLU C 682 -27.33 -3.14 25.27
N ILE C 683 -28.37 -3.96 25.14
CA ILE C 683 -28.41 -5.03 24.12
C ILE C 683 -29.77 -5.00 23.40
N GLU C 684 -29.72 -5.07 22.07
CA GLU C 684 -30.91 -5.23 21.23
C GLU C 684 -30.84 -6.56 20.49
N LEU C 685 -31.94 -7.32 20.55
CA LEU C 685 -32.02 -8.67 20.01
C LEU C 685 -32.88 -8.69 18.74
N PHE C 686 -32.33 -9.23 17.65
CA PHE C 686 -33.00 -9.30 16.37
C PHE C 686 -33.32 -10.74 15.99
N GLN C 687 -34.61 -11.06 15.78
CA GLN C 687 -35.01 -12.36 15.19
C GLN C 687 -35.18 -12.20 13.68
N ASN C 688 -34.30 -12.84 12.91
CA ASN C 688 -34.34 -12.89 11.44
C ASN C 688 -34.19 -11.55 10.70
N GLY C 689 -33.90 -10.46 11.43
CA GLY C 689 -33.98 -9.10 10.92
C GLY C 689 -34.82 -8.21 11.83
N LYS C 690 -35.99 -8.70 12.24
CA LYS C 690 -36.94 -7.89 13.04
C LYS C 690 -36.51 -7.73 14.50
N SER C 691 -36.60 -6.51 15.02
CA SER C 691 -36.19 -6.18 16.39
C SER C 691 -37.21 -6.66 17.44
N LEU C 692 -36.75 -7.49 18.37
CA LEU C 692 -37.52 -7.86 19.55
C LEU C 692 -37.48 -6.77 20.64
N GLY C 693 -36.51 -5.86 20.55
CA GLY C 693 -36.48 -4.66 21.40
C GLY C 693 -35.15 -4.45 22.11
N LYS C 694 -34.87 -3.19 22.46
CA LYS C 694 -33.67 -2.85 23.24
C LYS C 694 -33.98 -3.11 24.71
N ARG C 695 -33.06 -3.79 25.39
CA ARG C 695 -33.14 -3.99 26.84
C ARG C 695 -31.86 -3.45 27.47
N PHE C 696 -31.89 -3.23 28.78
CA PHE C 696 -30.74 -2.72 29.52
C PHE C 696 -30.31 -3.64 30.68
N LEU C 697 -29.01 -3.67 30.96
CA LEU C 697 -28.46 -4.51 32.04
C LEU C 697 -28.98 -4.10 33.42
N LYS C 698 -29.18 -2.80 33.63
CA LYS C 698 -29.75 -2.28 34.88
C LYS C 698 -31.06 -2.94 35.30
N ASP C 699 -31.93 -3.22 34.33
CA ASP C 699 -33.28 -3.74 34.60
C ASP C 699 -33.38 -5.25 34.93
N PHE C 700 -32.26 -5.98 34.86
CA PHE C 700 -32.19 -7.39 35.28
C PHE C 700 -31.26 -7.54 36.49
N GLU C 701 -31.84 -7.84 37.65
CA GLU C 701 -31.07 -7.96 38.90
C GLU C 701 -30.16 -9.18 38.94
N ASP C 702 -30.63 -10.30 38.39
CA ASP C 702 -29.81 -11.53 38.32
C ASP C 702 -28.64 -11.47 37.30
N HIS C 703 -28.51 -10.33 36.60
CA HIS C 703 -27.39 -10.03 35.71
C HIS C 703 -27.45 -10.85 34.43
N ILE C 704 -28.66 -11.20 34.01
CA ILE C 704 -28.89 -12.04 32.83
C ILE C 704 -29.97 -11.38 31.97
N TYR C 705 -29.64 -11.03 30.74
CA TYR C 705 -30.61 -10.50 29.79
C TYR C 705 -31.61 -11.59 29.44
N LYS C 706 -32.87 -11.21 29.23
CA LYS C 706 -33.94 -12.18 28.95
C LYS C 706 -34.95 -11.66 27.94
N TRP C 707 -35.16 -12.42 26.87
CA TRP C 707 -36.17 -12.10 25.85
C TRP C 707 -37.12 -13.27 25.68
N SER C 708 -38.42 -13.00 25.74
CA SER C 708 -39.44 -13.97 25.32
C SER C 708 -39.49 -13.97 23.79
N VAL C 709 -39.56 -15.16 23.20
CA VAL C 709 -39.54 -15.30 21.74
C VAL C 709 -40.18 -16.61 21.29
N ASP C 710 -40.92 -16.54 20.18
CA ASP C 710 -41.47 -17.73 19.54
C ASP C 710 -40.49 -18.12 18.47
N PHE C 711 -40.31 -19.43 18.28
CA PHE C 711 -39.32 -19.93 17.35
C PHE C 711 -39.81 -19.89 15.90
N LYS C 712 -39.54 -18.78 15.22
CA LYS C 712 -39.59 -18.72 13.76
C LYS C 712 -38.21 -19.16 13.25
N ASP C 713 -38.18 -20.31 12.57
CA ASP C 713 -36.97 -20.88 11.98
C ASP C 713 -36.13 -19.82 11.25
N GLY C 714 -34.90 -19.59 11.71
CA GLY C 714 -34.02 -18.60 11.09
C GLY C 714 -32.74 -18.33 11.89
N ASN C 715 -32.70 -17.18 12.55
CA ASN C 715 -31.54 -16.78 13.37
C ASN C 715 -31.86 -15.73 14.43
N ILE C 716 -31.00 -15.68 15.45
CA ILE C 716 -31.03 -14.64 16.48
C ILE C 716 -29.68 -13.94 16.40
N VAL C 717 -29.71 -12.60 16.44
CA VAL C 717 -28.49 -11.78 16.53
C VAL C 717 -28.65 -10.78 17.67
N ALA C 718 -27.58 -10.57 18.43
CA ALA C 718 -27.55 -9.62 19.54
C ALA C 718 -26.53 -8.54 19.27
N LYS C 719 -26.98 -7.27 19.25
CA LYS C 719 -26.09 -6.11 19.11
C LYS C 719 -25.92 -5.48 20.48
N GLY C 720 -24.67 -5.30 20.90
CA GLY C 720 -24.37 -4.77 22.24
C GLY C 720 -23.52 -3.52 22.23
N LYS C 721 -23.79 -2.62 23.19
CA LYS C 721 -22.96 -1.42 23.43
C LYS C 721 -22.42 -1.47 24.86
N LYS C 722 -21.17 -1.03 25.04
CA LYS C 722 -20.52 -1.01 26.37
C LYS C 722 -19.71 0.29 26.61
N ASN C 723 -20.41 1.34 27.05
CA ASN C 723 -19.81 2.65 27.33
C ASN C 723 -18.96 3.24 26.19
N GLY C 724 -19.30 2.88 24.95
CA GLY C 724 -18.47 3.18 23.78
C GLY C 724 -18.41 2.02 22.80
N LYS C 725 -17.55 1.04 23.09
CA LYS C 725 -17.23 -0.06 22.17
C LYS C 725 -18.44 -0.97 21.87
N LYS C 726 -18.39 -1.64 20.71
CA LYS C 726 -19.47 -2.52 20.25
C LYS C 726 -19.03 -3.96 20.02
N THR C 727 -19.99 -4.89 20.07
CA THR C 727 -19.76 -6.30 19.72
C THR C 727 -21.03 -6.94 19.18
N THR C 728 -20.86 -8.09 18.54
CA THR C 728 -21.96 -8.83 17.94
C THR C 728 -21.76 -10.34 18.11
N SER C 729 -22.82 -11.02 18.53
CA SER C 729 -22.89 -12.47 18.48
C SER C 729 -24.23 -12.88 17.88
N ALA C 730 -24.26 -14.07 17.29
CA ALA C 730 -25.44 -14.60 16.60
C ALA C 730 -25.52 -16.11 16.69
N ILE C 731 -26.74 -16.66 16.59
CA ILE C 731 -26.93 -18.12 16.48
C ILE C 731 -27.84 -18.47 15.30
N TYR C 732 -27.59 -19.63 14.69
CA TYR C 732 -28.19 -20.00 13.40
C TYR C 732 -28.84 -21.38 13.42
N THR C 733 -30.04 -21.47 12.82
CA THR C 733 -30.74 -22.74 12.65
C THR C 733 -30.04 -23.57 11.57
N THR C 734 -29.48 -24.71 11.96
CA THR C 734 -28.74 -25.58 11.04
C THR C 734 -29.66 -26.59 10.35
N LYS C 735 -29.07 -27.36 9.44
CA LYS C 735 -29.70 -28.53 8.83
C LYS C 735 -29.05 -29.80 9.40
N GLU C 736 -29.63 -30.96 9.05
CA GLU C 736 -29.13 -32.28 9.49
C GLU C 736 -27.63 -32.48 9.23
N THR C 737 -26.99 -33.25 10.09
CA THR C 737 -25.52 -33.41 10.08
C THR C 737 -25.01 -33.92 8.73
N ASN C 738 -23.83 -33.45 8.35
CA ASN C 738 -23.27 -33.68 7.01
C ASN C 738 -21.76 -33.95 6.96
N SER C 739 -21.00 -33.29 7.83
CA SER C 739 -19.55 -33.46 7.89
C SER C 739 -19.05 -33.37 9.34
N ILE C 740 -17.82 -33.82 9.57
CA ILE C 740 -17.12 -33.57 10.81
C ILE C 740 -15.97 -32.58 10.54
N LYS C 741 -15.88 -31.52 11.36
CA LYS C 741 -14.82 -30.51 11.25
C LYS C 741 -13.76 -30.75 12.33
N LEU C 742 -12.55 -31.14 11.92
CA LEU C 742 -11.45 -31.37 12.85
C LEU C 742 -10.54 -30.15 13.01
N SER C 743 -10.66 -29.45 14.15
CA SER C 743 -9.73 -28.38 14.53
C SER C 743 -8.55 -29.01 15.26
N VAL C 744 -7.42 -28.30 15.29
CA VAL C 744 -6.23 -28.72 16.03
C VAL C 744 -5.50 -27.47 16.57
N ASP C 745 -4.90 -27.59 17.75
CA ASP C 745 -4.28 -26.44 18.44
C ASP C 745 -2.87 -26.11 17.96
N LYS C 746 -2.04 -27.14 17.75
CA LYS C 746 -0.65 -26.97 17.30
C LYS C 746 -0.41 -27.67 15.97
N VAL C 747 0.18 -26.95 15.00
CA VAL C 747 0.51 -27.52 13.67
C VAL C 747 1.73 -28.45 13.67
N ALA C 748 2.63 -28.27 14.64
CA ALA C 748 3.80 -29.15 14.79
C ALA C 748 4.36 -29.16 16.21
N VAL C 749 5.06 -30.23 16.56
CA VAL C 749 5.63 -30.45 17.91
C VAL C 749 6.95 -31.24 17.87
N ASP C 750 7.68 -31.24 18.98
CA ASP C 750 8.93 -32.00 19.09
C ASP C 750 8.66 -33.48 19.37
N ALA C 751 9.68 -34.31 19.14
CA ALA C 751 9.64 -35.72 19.52
C ALA C 751 10.23 -35.92 20.93
N ASN C 752 9.81 -35.06 21.86
CA ASN C 752 10.35 -35.02 23.22
C ASN C 752 9.63 -35.97 24.17
N ASN C 753 8.63 -36.69 23.65
CA ASN C 753 7.90 -37.74 24.38
C ASN C 753 6.84 -37.18 25.37
N THR C 754 6.64 -35.86 25.36
CA THR C 754 5.68 -35.17 26.27
C THR C 754 4.73 -34.16 25.60
N ASP C 755 5.10 -33.63 24.44
CA ASP C 755 4.21 -32.72 23.69
C ASP C 755 2.92 -33.45 23.32
N VAL C 756 1.79 -32.78 23.53
CA VAL C 756 0.48 -33.31 23.15
C VAL C 756 -0.16 -32.39 22.12
N ILE C 757 -1.04 -32.96 21.30
CA ILE C 757 -1.87 -32.17 20.39
C ILE C 757 -3.34 -32.45 20.69
N HIS C 758 -4.15 -31.39 20.73
CA HIS C 758 -5.59 -31.47 21.05
C HIS C 758 -6.44 -31.32 19.79
N VAL C 759 -6.98 -32.43 19.28
CA VAL C 759 -7.85 -32.42 18.10
C VAL C 759 -9.31 -32.30 18.53
N THR C 760 -9.88 -31.10 18.44
CA THR C 760 -11.33 -30.95 18.59
C THR C 760 -11.99 -31.45 17.31
N ALA C 761 -13.21 -31.96 17.45
CA ALA C 761 -14.03 -32.44 16.33
C ALA C 761 -15.44 -31.92 16.52
N GLN C 762 -15.96 -31.23 15.51
CA GLN C 762 -17.26 -30.57 15.59
C GLN C 762 -18.14 -31.07 14.45
N LEU C 763 -19.38 -31.41 14.75
CA LEU C 763 -20.36 -31.76 13.73
C LEU C 763 -20.83 -30.50 12.99
N ILE C 764 -20.85 -30.55 11.66
CA ILE C 764 -21.33 -29.43 10.83
C ILE C 764 -22.30 -29.85 9.71
N ASP C 765 -23.27 -28.98 9.43
CA ASP C 765 -24.27 -29.20 8.37
C ASP C 765 -23.68 -28.98 6.97
N ARG C 766 -24.53 -29.05 5.95
CA ARG C 766 -24.15 -28.80 4.54
C ARG C 766 -23.45 -27.44 4.35
N ASN C 767 -24.08 -26.37 4.85
CA ASN C 767 -23.57 -25.01 4.66
C ASN C 767 -22.44 -24.56 5.62
N GLY C 768 -21.92 -25.48 6.45
CA GLY C 768 -20.79 -25.21 7.36
C GLY C 768 -21.13 -24.75 8.77
N ARG C 769 -22.42 -24.70 9.11
CA ARG C 769 -22.85 -24.24 10.45
C ARG C 769 -22.50 -25.26 11.53
N ASN C 770 -22.48 -24.81 12.78
CA ASN C 770 -22.20 -25.67 13.94
C ASN C 770 -23.48 -26.32 14.47
N ILE C 771 -23.39 -27.61 14.77
CA ILE C 771 -24.53 -28.37 15.29
C ILE C 771 -24.21 -28.71 16.75
N SER C 772 -25.09 -28.31 17.66
CA SER C 772 -25.07 -28.79 19.04
C SER C 772 -26.35 -29.55 19.47
N TRP C 773 -27.35 -29.61 18.57
CA TRP C 773 -28.70 -30.15 18.86
C TRP C 773 -28.86 -31.67 18.64
N GLU C 774 -27.84 -32.31 18.06
CA GLU C 774 -27.85 -33.75 17.74
C GLU C 774 -26.48 -34.36 18.03
N GLU C 775 -26.44 -35.68 18.23
CA GLU C 775 -25.20 -36.39 18.59
C GLU C 775 -24.93 -37.54 17.62
N LYS C 776 -23.65 -37.87 17.45
CA LYS C 776 -23.20 -38.97 16.59
C LYS C 776 -22.07 -39.73 17.30
N GLU C 777 -21.60 -40.82 16.68
CA GLU C 777 -20.47 -41.58 17.17
C GLU C 777 -19.29 -41.38 16.23
N ILE C 778 -18.20 -40.81 16.75
CA ILE C 778 -17.04 -40.41 15.95
C ILE C 778 -15.91 -41.41 16.14
N THR C 779 -15.43 -41.97 15.05
CA THR C 779 -14.25 -42.83 15.05
C THR C 779 -13.12 -42.04 14.42
N PHE C 780 -12.05 -41.80 15.19
CA PHE C 780 -10.82 -41.23 14.65
C PHE C 780 -9.99 -42.32 13.97
N ASN C 781 -9.17 -41.91 13.01
CA ASN C 781 -8.17 -42.76 12.39
C ASN C 781 -6.87 -41.98 12.38
N ILE C 782 -5.79 -42.62 12.83
CA ILE C 782 -4.50 -41.96 13.04
C ILE C 782 -3.40 -42.80 12.40
N GLY C 783 -2.67 -42.22 11.44
CA GLY C 783 -1.49 -42.84 10.84
C GLY C 783 -0.21 -42.24 11.40
N GLY C 784 0.82 -43.07 11.53
CA GLY C 784 2.15 -42.63 11.99
C GLY C 784 2.49 -43.07 13.40
N ASN C 785 3.54 -42.47 13.96
CA ASN C 785 4.07 -42.80 15.28
C ASN C 785 3.64 -41.78 16.33
N TYR C 786 2.91 -42.26 17.34
CA TYR C 786 2.24 -41.39 18.30
C TYR C 786 1.87 -42.22 19.54
N ARG C 787 1.14 -41.61 20.48
CA ARG C 787 0.58 -42.33 21.63
C ARG C 787 -0.77 -41.73 22.01
N LEU C 788 -1.82 -42.56 22.08
CA LEU C 788 -3.15 -42.08 22.47
C LEU C 788 -3.23 -41.90 23.98
N LEU C 789 -3.43 -40.65 24.42
CA LEU C 789 -3.78 -40.37 25.81
C LEU C 789 -5.26 -40.67 26.01
N GLY C 790 -6.09 -40.29 25.05
CA GLY C 790 -7.47 -40.72 24.99
C GLY C 790 -8.43 -39.81 24.25
N VAL C 791 -9.72 -40.06 24.49
CA VAL C 791 -10.83 -39.31 23.92
C VAL C 791 -11.75 -38.88 25.06
N GLU C 792 -12.52 -37.84 24.83
CA GLU C 792 -13.40 -37.28 25.85
C GLU C 792 -14.46 -36.43 25.16
N ASN C 793 -15.62 -36.27 25.82
CA ASN C 793 -16.68 -35.39 25.31
C ASN C 793 -17.26 -34.38 26.31
N GLY C 794 -16.98 -34.53 27.60
CA GLY C 794 -17.49 -33.60 28.62
C GLY C 794 -18.91 -33.85 29.12
N ASP C 795 -19.50 -34.98 28.74
CA ASP C 795 -20.76 -35.43 29.33
C ASP C 795 -20.45 -35.99 30.71
N HIS C 796 -20.79 -35.22 31.75
CA HIS C 796 -20.64 -35.66 33.14
C HIS C 796 -21.59 -36.80 33.55
N LEU C 797 -22.72 -36.93 32.85
CA LEU C 797 -23.75 -37.94 33.16
C LEU C 797 -23.56 -39.34 32.53
N ASN C 798 -22.42 -39.58 31.88
CA ASN C 798 -22.12 -40.89 31.26
C ASN C 798 -20.65 -41.22 31.34
N VAL C 799 -20.33 -42.49 31.54
CA VAL C 799 -18.96 -42.96 31.43
C VAL C 799 -18.65 -43.15 29.95
N LEU C 800 -17.38 -43.44 29.67
CA LEU C 800 -16.94 -43.80 28.33
C LEU C 800 -15.58 -44.49 28.42
N ASN C 801 -15.23 -45.21 27.37
CA ASN C 801 -13.93 -45.88 27.29
C ASN C 801 -12.90 -44.86 26.82
N TYR C 802 -12.02 -44.43 27.74
CA TYR C 802 -11.05 -43.37 27.45
C TYR C 802 -10.05 -43.70 26.34
N LYS C 803 -9.67 -44.98 26.21
CA LYS C 803 -8.53 -45.36 25.37
C LYS C 803 -8.91 -46.14 24.11
N SER C 804 -10.03 -45.77 23.49
CA SER C 804 -10.40 -46.23 22.15
C SER C 804 -10.28 -45.07 21.18
N ASN C 805 -10.27 -45.40 19.89
CA ASN C 805 -10.36 -44.37 18.84
C ASN C 805 -11.79 -43.89 18.60
N THR C 806 -12.77 -44.57 19.20
CA THR C 806 -14.18 -44.24 19.06
C THR C 806 -14.71 -43.48 20.29
N VAL C 807 -15.58 -42.51 20.05
CA VAL C 807 -16.21 -41.73 21.11
C VAL C 807 -17.49 -41.04 20.63
N LYS C 808 -18.48 -40.95 21.52
CA LYS C 808 -19.76 -40.29 21.22
C LYS C 808 -19.61 -38.79 21.50
N THR C 809 -20.18 -37.96 20.64
CA THR C 809 -20.12 -36.51 20.80
C THR C 809 -21.08 -36.07 21.87
N TYR C 810 -20.79 -34.95 22.51
CA TYR C 810 -21.70 -34.31 23.45
C TYR C 810 -21.78 -32.83 23.11
N LYS C 811 -23.02 -32.35 22.96
CA LYS C 811 -23.29 -31.03 22.38
C LYS C 811 -22.55 -30.84 21.05
N GLY C 812 -22.54 -31.91 20.24
CA GLY C 812 -21.95 -31.88 18.91
C GLY C 812 -20.45 -31.96 18.80
N ARG C 813 -19.73 -31.95 19.91
CA ARG C 813 -18.27 -31.87 19.88
C ARG C 813 -17.63 -33.00 20.66
N ALA C 814 -16.40 -33.34 20.26
CA ALA C 814 -15.60 -34.39 20.89
C ALA C 814 -14.11 -34.07 20.82
N LEU C 815 -13.39 -34.39 21.89
CA LEU C 815 -11.95 -34.15 21.97
C LEU C 815 -11.15 -35.43 21.79
N LEU C 816 -9.99 -35.32 21.16
CA LEU C 816 -9.00 -36.39 21.06
C LEU C 816 -7.63 -35.79 21.41
N VAL C 817 -6.87 -36.53 22.21
CA VAL C 817 -5.56 -36.12 22.69
C VAL C 817 -4.55 -37.19 22.31
N LEU C 818 -3.46 -36.77 21.67
CA LEU C 818 -2.36 -37.64 21.29
C LEU C 818 -1.08 -37.01 21.82
N GLN C 819 -0.13 -37.86 22.21
CA GLN C 819 1.16 -37.40 22.71
C GLN C 819 2.27 -37.85 21.78
N ALA C 820 3.34 -37.05 21.75
CA ALA C 820 4.53 -37.38 20.98
C ALA C 820 5.24 -38.62 21.52
N THR C 821 6.05 -39.21 20.67
CA THR C 821 6.86 -40.37 21.03
C THR C 821 8.33 -39.91 20.98
N ASP C 822 9.28 -40.85 20.95
CA ASP C 822 10.69 -40.48 20.69
C ASP C 822 11.05 -40.39 19.18
N LYS C 823 10.31 -41.11 18.33
CA LYS C 823 10.53 -41.09 16.87
C LYS C 823 9.76 -39.96 16.19
N ALA C 824 10.47 -39.12 15.43
CA ALA C 824 9.86 -38.02 14.66
C ALA C 824 9.15 -38.54 13.41
N GLY C 825 8.36 -37.67 12.78
CA GLY C 825 7.57 -38.06 11.61
C GLY C 825 6.34 -37.20 11.39
N ILE C 826 5.38 -37.73 10.63
CA ILE C 826 4.16 -37.03 10.24
C ILE C 826 2.96 -37.80 10.81
N LEU C 827 1.91 -37.07 11.18
CA LEU C 827 0.65 -37.66 11.64
C LEU C 827 -0.48 -37.27 10.70
N ASN C 828 -1.19 -38.27 10.19
CA ASN C 828 -2.40 -38.06 9.40
C ASN C 828 -3.62 -38.38 10.25
N ILE C 829 -4.61 -37.50 10.23
CA ILE C 829 -5.77 -37.61 11.11
C ILE C 829 -7.04 -37.29 10.32
N ASN C 830 -8.04 -38.15 10.44
CA ASN C 830 -9.41 -37.86 9.98
C ASN C 830 -10.43 -38.62 10.85
N ALA C 831 -11.71 -38.50 10.54
CA ALA C 831 -12.74 -39.10 11.37
C ALA C 831 -13.98 -39.46 10.57
N ASN C 832 -14.72 -40.46 11.05
CA ASN C 832 -15.94 -40.94 10.41
C ASN C 832 -17.05 -41.21 11.41
N SER C 833 -18.28 -41.22 10.89
CA SER C 833 -19.45 -41.72 11.61
C SER C 833 -20.30 -42.47 10.57
N GLY C 834 -19.78 -43.61 10.13
CA GLY C 834 -20.38 -44.37 9.03
C GLY C 834 -20.04 -43.74 7.68
N SER C 835 -21.04 -43.14 7.03
CA SER C 835 -20.86 -42.46 5.74
C SER C 835 -20.34 -41.01 5.91
N ILE C 836 -20.81 -40.32 6.97
CA ILE C 836 -20.37 -38.93 7.27
C ILE C 836 -18.85 -38.95 7.51
N SER C 837 -18.16 -37.99 6.93
CA SER C 837 -16.69 -37.99 6.85
C SER C 837 -16.12 -36.65 7.35
N SER C 838 -14.81 -36.45 7.20
CA SER C 838 -14.15 -35.26 7.73
C SER C 838 -13.08 -34.71 6.78
N ASN C 839 -12.48 -33.60 7.20
CA ASN C 839 -11.26 -33.05 6.58
C ASN C 839 -10.00 -33.73 7.12
N ASP C 840 -9.01 -33.90 6.25
CA ASP C 840 -7.70 -34.45 6.66
C ASP C 840 -6.91 -33.41 7.46
N LEU C 841 -5.86 -33.87 8.14
CA LEU C 841 -4.93 -32.99 8.85
C LEU C 841 -3.56 -33.64 8.86
N LYS C 842 -2.54 -32.89 8.46
CA LYS C 842 -1.15 -33.30 8.60
C LYS C 842 -0.56 -32.59 9.83
N VAL C 843 -0.13 -33.36 10.84
CA VAL C 843 0.60 -32.83 12.00
C VAL C 843 2.01 -33.40 11.99
N GLU C 844 3.01 -32.56 11.75
CA GLU C 844 4.41 -32.99 11.74
C GLU C 844 4.95 -33.02 13.17
N VAL C 845 5.87 -33.95 13.43
CA VAL C 845 6.59 -34.00 14.71
C VAL C 845 8.09 -34.18 14.48
N SER D 30 9.01 45.69 -20.73
CA SER D 30 10.18 46.19 -21.53
C SER D 30 11.30 46.76 -20.66
N ASP D 31 10.94 47.50 -19.61
CA ASP D 31 11.91 48.25 -18.80
C ASP D 31 12.83 47.31 -18.00
N PHE D 32 12.26 46.26 -17.41
CA PHE D 32 13.04 45.27 -16.65
C PHE D 32 14.15 44.61 -17.48
N ASN D 33 13.93 44.42 -18.77
CA ASN D 33 14.93 43.86 -19.67
C ASN D 33 16.20 44.70 -19.88
N ASN D 34 16.12 46.01 -19.62
CA ASN D 34 17.28 46.92 -19.77
C ASN D 34 18.10 47.00 -18.50
N GLY D 35 19.39 47.30 -18.67
CA GLY D 35 20.28 47.63 -17.56
C GLY D 35 20.80 46.46 -16.76
N TRP D 36 20.92 45.30 -17.41
CA TRP D 36 21.51 44.14 -16.79
C TRP D 36 23.01 44.26 -16.89
N LYS D 37 23.69 43.66 -15.93
CA LYS D 37 25.14 43.50 -15.98
C LYS D 37 25.48 42.12 -16.49
N PHE D 38 26.65 41.97 -17.08
CA PHE D 38 27.11 40.68 -17.65
C PHE D 38 28.64 40.61 -17.76
N THR D 39 29.19 39.44 -17.41
CA THR D 39 30.62 39.17 -17.53
C THR D 39 30.85 37.77 -18.07
N LEU D 40 31.89 37.59 -18.90
CA LEU D 40 32.24 36.29 -19.45
C LEU D 40 33.39 35.70 -18.65
N SER D 41 33.12 35.49 -17.38
CA SER D 41 34.07 34.97 -16.39
C SER D 41 33.29 34.15 -15.36
N ASP D 42 33.99 33.60 -14.37
CA ASP D 42 33.35 32.79 -13.34
C ASP D 42 34.07 32.92 -11.99
N SER D 43 33.28 33.09 -10.93
CA SER D 43 33.75 33.05 -9.56
C SER D 43 32.54 32.73 -8.67
N VAL D 44 32.78 32.04 -7.56
CA VAL D 44 31.68 31.66 -6.67
C VAL D 44 31.15 32.90 -5.92
N CYS D 45 32.01 33.90 -5.75
CA CYS D 45 31.63 35.19 -5.18
C CYS D 45 30.46 35.92 -5.85
N TYR D 46 30.26 35.71 -7.15
CA TYR D 46 29.32 36.53 -7.91
C TYR D 46 27.86 36.49 -7.44
N SER D 47 27.45 35.43 -6.75
CA SER D 47 26.09 35.32 -6.17
C SER D 47 25.94 36.00 -4.81
N PHE D 48 27.06 36.21 -4.10
CA PHE D 48 27.06 36.74 -2.73
C PHE D 48 26.32 38.09 -2.64
N VAL D 49 25.72 38.38 -1.48
CA VAL D 49 24.96 39.62 -1.27
C VAL D 49 25.86 40.86 -1.21
N ASN D 50 27.05 40.72 -0.65
CA ASN D 50 28.02 41.82 -0.60
C ASN D 50 28.81 41.99 -1.90
N TYR D 51 28.53 41.20 -2.93
CA TYR D 51 29.24 41.34 -4.20
C TYR D 51 28.56 42.41 -5.07
N ASN D 52 29.39 43.31 -5.62
CA ASN D 52 28.94 44.45 -6.41
C ASN D 52 29.43 44.28 -7.85
N PRO D 53 28.50 44.13 -8.82
CA PRO D 53 28.85 43.84 -10.22
C PRO D 53 29.12 45.06 -11.14
N SER D 54 29.46 46.22 -10.55
CA SER D 54 29.67 47.48 -11.28
C SER D 54 30.78 47.43 -12.33
N SER D 55 31.80 46.61 -12.09
CA SER D 55 32.91 46.39 -13.04
C SER D 55 32.54 45.64 -14.34
N TRP D 56 31.32 45.09 -14.43
CA TRP D 56 30.92 44.25 -15.57
C TRP D 56 30.33 45.09 -16.68
N LYS D 57 30.23 44.51 -17.87
CA LYS D 57 29.60 45.18 -19.02
C LYS D 57 28.08 45.31 -18.84
N THR D 58 27.51 46.44 -19.22
CA THR D 58 26.06 46.65 -19.17
C THR D 58 25.46 46.17 -20.49
N VAL D 59 24.33 45.47 -20.39
CA VAL D 59 23.62 44.95 -21.55
C VAL D 59 22.11 45.08 -21.42
N ASN D 60 21.44 44.97 -22.55
CA ASN D 60 20.00 44.95 -22.61
C ASN D 60 19.54 43.62 -23.19
N LEU D 61 18.62 42.96 -22.48
CA LEU D 61 18.10 41.67 -22.92
C LEU D 61 17.07 41.93 -24.01
N PRO D 62 16.95 41.06 -25.00
CA PRO D 62 17.66 39.77 -25.12
C PRO D 62 19.10 39.90 -25.57
N HIS D 63 19.95 38.98 -25.10
CA HIS D 63 21.39 39.05 -25.31
C HIS D 63 21.98 37.66 -25.59
N ASP D 64 22.84 37.58 -26.59
CA ASP D 64 23.56 36.35 -26.94
C ASP D 64 25.06 36.69 -27.02
N TRP D 65 25.85 36.21 -26.06
CA TRP D 65 27.25 36.64 -25.94
C TRP D 65 28.22 35.98 -26.94
N SER D 66 27.88 34.79 -27.43
CA SER D 66 28.78 34.05 -28.33
C SER D 66 28.97 34.72 -29.70
N VAL D 67 28.00 35.55 -30.08
CA VAL D 67 28.07 36.27 -31.35
C VAL D 67 29.04 37.46 -31.24
N ASP D 68 29.31 37.93 -30.01
CA ASP D 68 30.40 38.89 -29.76
C ASP D 68 31.81 38.28 -29.82
N LEU D 69 31.92 36.96 -29.75
CA LEU D 69 33.20 36.28 -29.95
C LEU D 69 33.48 36.07 -31.45
N PRO D 70 34.77 36.14 -31.86
CA PRO D 70 35.10 35.90 -33.26
C PRO D 70 34.96 34.42 -33.64
N PHE D 71 34.76 34.14 -34.93
CA PHE D 71 34.78 32.77 -35.44
C PHE D 71 36.20 32.17 -35.31
N GLU D 72 36.27 30.88 -34.96
CA GLU D 72 37.55 30.20 -34.69
C GLU D 72 37.55 28.77 -35.22
N SER D 73 38.67 28.36 -35.83
CA SER D 73 38.84 26.99 -36.32
C SER D 73 38.89 25.93 -35.20
N THR D 74 39.36 26.32 -34.01
CA THR D 74 39.44 25.42 -32.84
C THR D 74 38.12 25.23 -32.09
N ALA D 75 37.11 26.04 -32.42
CA ALA D 75 35.74 25.81 -31.96
C ALA D 75 35.15 24.66 -32.81
N GLU D 76 33.85 24.42 -32.69
CA GLU D 76 33.22 23.29 -33.39
C GLU D 76 32.28 23.79 -34.46
N GLY D 77 32.37 23.20 -35.65
CA GLY D 77 31.53 23.58 -36.77
C GLY D 77 30.05 23.25 -36.62
N CYS D 78 29.70 22.20 -35.88
CA CYS D 78 28.29 21.89 -35.63
C CYS D 78 27.56 23.04 -34.90
N THR D 79 28.26 23.73 -33.99
CA THR D 79 27.73 24.97 -33.40
C THR D 79 28.38 26.23 -34.00
N GLY D 80 28.57 26.23 -35.32
CA GLY D 80 28.91 27.43 -36.10
C GLY D 80 30.27 28.08 -35.87
N PHE D 81 31.22 27.29 -35.35
CA PHE D 81 32.59 27.76 -35.04
C PHE D 81 32.64 28.92 -34.05
N LEU D 82 31.66 28.99 -33.15
CA LEU D 82 31.63 30.02 -32.10
C LEU D 82 31.65 29.31 -30.76
N LYS D 83 32.50 29.79 -29.85
CA LYS D 83 32.61 29.23 -28.51
C LYS D 83 31.43 29.68 -27.65
N GLY D 84 31.35 29.15 -26.43
CA GLY D 84 30.34 29.55 -25.46
C GLY D 84 31.06 29.98 -24.21
N GLY D 85 31.20 29.06 -23.27
CA GLY D 85 31.85 29.30 -21.98
C GLY D 85 30.88 29.43 -20.84
N ILE D 86 31.40 29.80 -19.68
CA ILE D 86 30.59 30.06 -18.50
C ILE D 86 30.46 31.58 -18.32
N GLY D 87 29.22 32.05 -18.21
CA GLY D 87 28.93 33.49 -18.08
C GLY D 87 27.94 33.78 -16.97
N TRP D 88 28.02 35.00 -16.44
CA TRP D 88 27.10 35.45 -15.38
C TRP D 88 26.36 36.71 -15.81
N TYR D 89 25.12 36.81 -15.33
CA TYR D 89 24.30 38.02 -15.44
C TYR D 89 23.93 38.52 -14.05
N SER D 90 23.47 39.77 -13.99
CA SER D 90 23.03 40.39 -12.73
C SER D 90 22.03 41.51 -13.00
N LYS D 91 21.18 41.78 -12.01
CA LYS D 91 20.09 42.74 -12.16
C LYS D 91 19.63 43.24 -10.80
N THR D 92 19.86 44.52 -10.52
CA THR D 92 19.35 45.13 -9.32
C THR D 92 18.03 45.83 -9.60
N PHE D 93 17.10 45.68 -8.66
CA PHE D 93 15.84 46.38 -8.68
C PHE D 93 15.42 46.51 -7.24
N ASP D 94 14.72 47.58 -6.87
CA ASP D 94 14.27 47.72 -5.49
C ASP D 94 12.81 47.34 -5.33
N THR D 95 12.43 47.04 -4.09
CA THR D 95 11.08 46.64 -3.78
C THR D 95 10.18 47.88 -3.92
N PRO D 96 9.07 47.77 -4.67
CA PRO D 96 8.18 48.93 -4.76
C PRO D 96 7.51 49.26 -3.43
N ASP D 97 7.04 50.51 -3.29
CA ASP D 97 6.49 50.98 -2.02
C ASP D 97 5.20 50.27 -1.65
N ASN D 98 4.40 49.91 -2.65
CA ASN D 98 3.12 49.24 -2.42
C ASN D 98 3.19 47.73 -2.17
N PHE D 99 4.37 47.16 -1.93
CA PHE D 99 4.51 45.70 -1.77
C PHE D 99 4.11 45.20 -0.36
N VAL D 100 2.80 45.12 -0.14
CA VAL D 100 2.20 44.34 0.94
C VAL D 100 0.96 43.67 0.37
N ASP D 101 0.63 42.48 0.86
CA ASP D 101 -0.47 41.64 0.31
C ASP D 101 -0.29 41.40 -1.21
N LYS D 102 0.94 41.05 -1.59
CA LYS D 102 1.30 40.88 -3.01
C LYS D 102 2.28 39.74 -3.27
N LYS D 103 2.36 39.36 -4.54
CA LYS D 103 3.24 38.32 -5.03
C LYS D 103 4.14 38.89 -6.12
N CYS D 104 5.38 38.40 -6.15
CA CYS D 104 6.34 38.74 -7.19
C CYS D 104 6.84 37.46 -7.88
N TYR D 105 6.65 37.41 -9.19
CA TYR D 105 7.14 36.33 -10.04
C TYR D 105 8.10 36.94 -11.04
N ILE D 106 9.24 36.27 -11.26
CA ILE D 106 10.16 36.63 -12.36
C ILE D 106 10.11 35.54 -13.42
N VAL D 107 9.92 35.93 -14.68
CA VAL D 107 9.63 35.01 -15.78
C VAL D 107 10.72 35.05 -16.85
N PHE D 108 11.29 33.89 -17.22
CA PHE D 108 12.25 33.77 -18.34
C PHE D 108 11.62 33.01 -19.50
N ASP D 109 11.67 33.58 -20.69
CA ASP D 109 11.10 32.92 -21.87
C ASP D 109 12.08 31.89 -22.46
N GLY D 110 13.36 31.99 -22.12
CA GLY D 110 14.36 30.97 -22.50
C GLY D 110 15.79 31.42 -22.23
N VAL D 111 16.62 30.51 -21.71
CA VAL D 111 18.02 30.81 -21.37
C VAL D 111 18.86 29.63 -21.82
N TYR D 112 19.87 29.86 -22.66
CA TYR D 112 20.73 28.77 -23.14
C TYR D 112 22.12 28.81 -22.47
N ASN D 113 22.53 27.79 -21.71
CA ASN D 113 21.69 26.77 -21.10
C ASN D 113 22.33 26.32 -19.76
N ASN D 114 21.80 25.28 -19.14
CA ASN D 114 22.33 24.78 -17.87
C ASN D 114 22.56 25.94 -16.90
N SER D 115 21.48 26.69 -16.66
CA SER D 115 21.54 27.94 -15.92
C SER D 115 21.13 27.77 -14.45
N GLU D 116 21.70 28.61 -13.60
CA GLU D 116 21.44 28.60 -12.15
C GLU D 116 20.99 29.99 -11.72
N TYR D 117 20.20 30.05 -10.65
CA TYR D 117 19.52 31.30 -10.23
C TYR D 117 19.65 31.54 -8.75
N TRP D 118 20.05 32.76 -8.39
CA TRP D 118 20.07 33.25 -7.02
C TRP D 118 19.34 34.60 -6.92
N ILE D 119 18.77 34.89 -5.75
CA ILE D 119 18.34 36.26 -5.42
C ILE D 119 18.75 36.57 -3.98
N ASN D 120 19.49 37.66 -3.79
CA ASN D 120 19.95 38.06 -2.46
C ASN D 120 20.71 36.93 -1.75
N GLY D 121 21.68 36.34 -2.44
CA GLY D 121 22.52 35.28 -1.87
C GLY D 121 21.87 33.91 -1.64
N ARG D 122 20.63 33.74 -2.10
CA ARG D 122 19.88 32.53 -1.84
C ARG D 122 19.51 31.85 -3.16
N LYS D 123 19.73 30.53 -3.23
CA LYS D 123 19.57 29.76 -4.46
C LYS D 123 18.07 29.53 -4.78
N LEU D 124 17.69 29.76 -6.03
CA LEU D 124 16.31 29.55 -6.47
C LEU D 124 16.09 28.26 -7.24
N GLY D 125 17.09 27.85 -8.00
CA GLY D 125 17.01 26.60 -8.73
C GLY D 125 17.97 26.50 -9.90
N PHE D 126 17.81 25.41 -10.63
CA PHE D 126 18.64 25.08 -11.76
C PHE D 126 17.69 24.75 -12.90
N HIS D 127 17.93 25.33 -14.08
CA HIS D 127 17.13 25.05 -15.26
C HIS D 127 18.05 24.58 -16.39
N PRO D 128 17.99 23.27 -16.74
CA PRO D 128 18.92 22.69 -17.73
C PRO D 128 18.64 23.04 -19.20
N TYR D 129 17.38 22.94 -19.63
CA TYR D 129 17.02 23.04 -21.04
C TYR D 129 17.13 24.46 -21.60
N GLY D 130 17.64 24.55 -22.82
CA GLY D 130 17.92 25.84 -23.46
C GLY D 130 16.70 26.58 -23.96
N TYR D 131 15.62 25.85 -24.21
CA TYR D 131 14.50 26.36 -25.00
C TYR D 131 13.15 26.52 -24.28
N SER D 132 12.98 25.94 -23.10
CA SER D 132 11.66 25.98 -22.44
C SER D 132 11.57 27.19 -21.52
N PRO D 133 10.40 27.85 -21.48
CA PRO D 133 10.24 28.96 -20.53
C PRO D 133 9.99 28.45 -19.10
N PHE D 134 10.18 29.33 -18.13
CA PHE D 134 9.99 29.00 -16.72
C PHE D 134 9.87 30.30 -15.92
N PHE D 135 9.59 30.18 -14.63
CA PHE D 135 9.47 31.33 -13.73
C PHE D 135 9.70 30.90 -12.30
N TYR D 136 10.11 31.83 -11.45
CA TYR D 136 10.30 31.55 -10.03
C TYR D 136 9.40 32.48 -9.25
N ASP D 137 8.85 31.98 -8.14
CA ASP D 137 8.14 32.83 -7.19
C ASP D 137 9.18 33.38 -6.23
N ILE D 138 9.35 34.71 -6.23
CA ILE D 138 10.41 35.36 -5.42
C ILE D 138 9.86 36.29 -4.32
N SER D 139 8.56 36.18 -4.03
CA SER D 139 7.87 37.13 -3.15
C SER D 139 8.49 37.27 -1.77
N ASP D 140 8.86 36.14 -1.17
CA ASP D 140 9.41 36.13 0.18
C ASP D 140 10.91 36.44 0.25
N TYR D 141 11.60 36.46 -0.88
CA TYR D 141 13.02 36.83 -0.89
C TYR D 141 13.25 38.37 -0.88
N LEU D 142 12.23 39.15 -1.25
CA LEU D 142 12.44 40.58 -1.48
C LEU D 142 12.64 41.36 -0.20
N ASN D 143 13.64 42.24 -0.23
CA ASN D 143 13.98 43.11 0.90
C ASN D 143 12.88 44.14 1.17
N PRO D 144 12.87 44.76 2.36
CA PRO D 144 11.78 45.67 2.72
C PRO D 144 11.60 46.83 1.73
N LYS D 145 10.40 47.43 1.75
CA LYS D 145 10.03 48.50 0.81
C LYS D 145 11.14 49.54 0.63
N GLY D 146 11.55 49.74 -0.63
CA GLY D 146 12.59 50.71 -0.98
C GLY D 146 14.01 50.17 -1.08
N GLN D 147 14.32 49.12 -0.32
CA GLN D 147 15.67 48.52 -0.34
C GLN D 147 15.92 47.73 -1.62
N GLU D 148 17.21 47.48 -1.90
CA GLU D 148 17.63 46.89 -3.16
C GLU D 148 17.64 45.36 -3.11
N ASN D 149 17.28 44.75 -4.24
CA ASN D 149 17.39 43.31 -4.46
C ASN D 149 18.36 43.06 -5.59
N ARG D 150 18.89 41.85 -5.67
CA ARG D 150 19.80 41.49 -6.76
C ARG D 150 19.61 40.03 -7.18
N ILE D 151 19.33 39.82 -8.46
CA ILE D 151 19.28 38.50 -9.04
C ILE D 151 20.62 38.24 -9.69
N SER D 152 21.12 37.01 -9.56
CA SER D 152 22.30 36.57 -10.29
C SER D 152 21.89 35.36 -11.10
N VAL D 153 22.51 35.21 -12.26
CA VAL D 153 22.28 34.07 -13.13
C VAL D 153 23.65 33.60 -13.59
N ARG D 154 23.98 32.36 -13.30
CA ARG D 154 25.19 31.71 -13.82
C ARG D 154 24.72 30.84 -14.96
N ILE D 155 25.43 30.91 -16.08
CA ILE D 155 25.06 30.16 -17.26
C ILE D 155 26.26 29.35 -17.69
N ASP D 156 26.14 28.03 -17.57
CA ASP D 156 27.17 27.11 -17.98
C ASP D 156 26.88 26.63 -19.41
N HIS D 157 27.64 27.12 -20.37
CA HIS D 157 27.63 26.59 -21.73
C HIS D 157 29.08 26.22 -22.08
N SER D 158 29.71 25.49 -21.16
CA SER D 158 31.02 24.92 -21.39
C SER D 158 30.91 23.75 -22.37
N ARG D 159 29.76 23.08 -22.36
CA ARG D 159 29.45 22.04 -23.33
C ARG D 159 29.02 22.68 -24.64
N TYR D 160 29.98 23.31 -25.32
CA TYR D 160 29.67 24.23 -26.42
C TYR D 160 29.35 23.59 -27.78
N ALA D 161 29.46 22.27 -27.87
CA ALA D 161 28.99 21.53 -29.04
C ALA D 161 27.87 20.54 -28.67
N ASP D 162 26.99 20.95 -27.75
CA ASP D 162 25.90 20.09 -27.26
C ASP D 162 24.64 20.09 -28.13
N SER D 163 24.81 20.44 -29.41
CA SER D 163 23.71 20.68 -30.34
C SER D 163 24.19 20.43 -31.76
N ARG D 164 23.28 20.07 -32.66
CA ARG D 164 23.62 19.90 -34.08
C ARG D 164 23.64 21.22 -34.89
N TRP D 165 23.24 22.32 -34.26
CA TRP D 165 23.21 23.66 -34.89
C TRP D 165 23.68 24.70 -33.88
N TYR D 166 23.92 25.93 -34.35
CA TYR D 166 24.29 27.03 -33.46
C TYR D 166 23.14 27.40 -32.53
N THR D 167 23.43 27.45 -31.23
CA THR D 167 22.46 27.72 -30.17
C THR D 167 22.51 29.15 -29.59
N GLY D 168 23.70 29.74 -29.53
CA GLY D 168 23.92 30.95 -28.76
C GLY D 168 24.17 30.64 -27.29
N SER D 169 24.30 31.70 -26.49
CA SER D 169 24.64 31.59 -25.08
C SER D 169 24.13 32.82 -24.31
N GLY D 170 23.27 32.59 -23.32
CA GLY D 170 22.81 33.64 -22.40
C GLY D 170 21.31 33.80 -22.35
N ILE D 171 20.86 34.94 -21.83
CA ILE D 171 19.44 35.25 -21.69
C ILE D 171 18.96 35.75 -23.05
N TYR D 172 18.76 34.82 -23.97
CA TYR D 172 18.56 35.16 -25.39
C TYR D 172 17.11 35.54 -25.77
N ARG D 173 16.19 35.45 -24.81
CA ARG D 173 14.82 35.95 -24.97
C ARG D 173 14.43 36.88 -23.82
N GLU D 174 13.35 37.62 -24.02
CA GLU D 174 12.97 38.68 -23.06
C GLU D 174 12.43 38.10 -21.75
N THR D 175 12.82 38.74 -20.65
CA THR D 175 12.37 38.38 -19.30
C THR D 175 11.19 39.27 -18.88
N GLN D 176 10.63 38.96 -17.71
CA GLN D 176 9.54 39.74 -17.13
C GLN D 176 9.58 39.71 -15.61
N LEU D 177 9.11 40.78 -15.00
CA LEU D 177 9.02 40.91 -13.55
C LEU D 177 7.58 41.27 -13.22
N ILE D 178 6.83 40.32 -12.68
CA ILE D 178 5.38 40.45 -12.48
C ILE D 178 5.04 40.75 -11.02
N PHE D 179 4.18 41.75 -10.79
CA PHE D 179 3.65 42.04 -9.46
C PHE D 179 2.14 41.91 -9.46
N THR D 180 1.63 41.06 -8.56
CA THR D 180 0.19 40.79 -8.48
C THR D 180 -0.31 40.82 -7.04
N ASP D 181 -1.62 40.82 -6.91
CA ASP D 181 -2.31 40.62 -5.64
C ASP D 181 -2.09 39.15 -5.24
N LYS D 182 -2.24 38.85 -3.94
CA LYS D 182 -2.15 37.46 -3.48
C LYS D 182 -3.35 36.63 -3.96
N LEU D 183 -4.45 37.29 -4.32
CA LEU D 183 -5.51 36.67 -5.09
C LEU D 183 -5.29 37.01 -6.56
N HIS D 184 -4.74 36.06 -7.31
CA HIS D 184 -4.28 36.33 -8.68
C HIS D 184 -4.45 35.18 -9.63
N ILE D 185 -4.59 35.53 -10.90
CA ILE D 185 -4.43 34.59 -11.99
C ILE D 185 -2.92 34.33 -12.11
N PRO D 186 -2.48 33.05 -12.08
CA PRO D 186 -1.05 32.76 -12.17
C PRO D 186 -0.45 32.98 -13.54
N VAL D 187 0.87 32.86 -13.62
CA VAL D 187 1.60 33.05 -14.88
C VAL D 187 1.11 32.00 -15.88
N TRP D 188 0.82 32.42 -17.11
CA TRP D 188 0.16 31.55 -18.11
C TRP D 188 -1.16 30.94 -17.64
N GLY D 189 -1.88 31.64 -16.78
CA GLY D 189 -3.06 31.10 -16.11
C GLY D 189 -4.38 31.08 -16.87
N THR D 190 -4.40 31.60 -18.12
CA THR D 190 -5.58 31.54 -18.98
C THR D 190 -5.39 30.55 -20.13
N PHE D 191 -6.50 30.02 -20.64
CA PHE D 191 -6.49 29.19 -21.84
C PHE D 191 -7.77 29.42 -22.62
N VAL D 192 -7.64 29.98 -23.82
CA VAL D 192 -8.77 30.30 -24.70
C VAL D 192 -8.84 29.29 -25.84
N THR D 193 -10.04 28.76 -26.04
CA THR D 193 -10.35 27.77 -27.07
C THR D 193 -11.65 28.16 -27.76
N THR D 194 -11.85 27.67 -28.98
CA THR D 194 -13.04 27.98 -29.77
C THR D 194 -13.63 26.70 -30.41
N PRO D 195 -14.35 25.88 -29.61
CA PRO D 195 -14.83 24.58 -30.09
C PRO D 195 -15.86 24.60 -31.23
N VAL D 196 -16.57 25.72 -31.43
CA VAL D 196 -17.53 25.86 -32.53
C VAL D 196 -17.21 27.16 -33.26
N VAL D 197 -16.89 27.04 -34.56
CA VAL D 197 -16.57 28.20 -35.40
C VAL D 197 -17.38 28.12 -36.68
N SER D 198 -18.27 29.09 -36.86
CA SER D 198 -18.96 29.32 -38.13
C SER D 198 -18.92 30.82 -38.43
N SER D 199 -19.31 31.19 -39.65
CA SER D 199 -19.34 32.61 -40.03
C SER D 199 -20.39 33.43 -39.27
N GLU D 200 -21.45 32.79 -38.79
CA GLU D 200 -22.49 33.48 -38.00
C GLU D 200 -22.12 33.71 -36.55
N ARG D 201 -21.47 32.71 -35.95
CA ARG D 201 -21.20 32.69 -34.51
C ARG D 201 -19.98 31.84 -34.19
N ALA D 202 -19.21 32.25 -33.18
CA ALA D 202 -18.17 31.41 -32.60
C ALA D 202 -18.39 31.28 -31.09
N THR D 203 -18.37 30.06 -30.58
CA THR D 203 -18.31 29.81 -29.13
C THR D 203 -16.86 29.98 -28.69
N VAL D 204 -16.63 30.87 -27.73
CA VAL D 204 -15.30 31.10 -27.18
C VAL D 204 -15.36 30.74 -25.71
N ASN D 205 -14.74 29.63 -25.35
CA ASN D 205 -14.56 29.28 -23.96
C ASN D 205 -13.18 29.70 -23.48
N ILE D 206 -13.10 30.08 -22.20
CA ILE D 206 -11.84 30.42 -21.56
C ILE D 206 -11.75 29.76 -20.19
N GLU D 207 -10.60 29.15 -19.91
CA GLU D 207 -10.30 28.58 -18.60
C GLU D 207 -9.41 29.59 -17.86
N VAL D 208 -9.93 30.17 -16.79
CA VAL D 208 -9.19 31.11 -15.95
C VAL D 208 -8.88 30.45 -14.62
N ARG D 209 -7.61 30.14 -14.41
CA ARG D 209 -7.13 29.65 -13.11
C ARG D 209 -7.02 30.84 -12.16
N VAL D 210 -7.41 30.65 -10.90
CA VAL D 210 -7.31 31.69 -9.88
C VAL D 210 -6.73 31.07 -8.61
N LYS D 211 -5.60 31.62 -8.15
CA LYS D 211 -4.88 31.14 -6.97
C LYS D 211 -5.13 32.11 -5.79
N ASN D 212 -5.42 31.55 -4.62
CA ASN D 212 -5.53 32.33 -3.39
C ASN D 212 -4.36 32.06 -2.45
N ASP D 213 -3.53 33.06 -2.21
CA ASP D 213 -2.37 32.93 -1.32
C ASP D 213 -2.51 33.66 0.02
N TYR D 214 -3.64 34.33 0.25
CA TYR D 214 -3.96 34.85 1.58
C TYR D 214 -4.14 33.68 2.56
N SER D 215 -4.01 33.94 3.86
CA SER D 215 -4.02 32.88 4.88
C SER D 215 -5.39 32.21 5.11
N GLY D 216 -6.48 32.87 4.73
CA GLY D 216 -7.84 32.30 4.82
C GLY D 216 -8.62 32.42 3.51
N PRO D 217 -9.87 31.93 3.48
CA PRO D 217 -10.66 31.87 2.24
C PRO D 217 -11.02 33.26 1.69
N ARG D 218 -11.26 33.34 0.38
CA ARG D 218 -11.61 34.59 -0.30
C ARG D 218 -12.73 34.42 -1.34
N ALA D 219 -13.66 35.39 -1.35
CA ALA D 219 -14.76 35.43 -2.30
C ALA D 219 -14.47 36.49 -3.35
N GLY D 220 -14.89 36.24 -4.58
CA GLY D 220 -14.70 37.19 -5.66
C GLY D 220 -15.45 36.81 -6.91
N GLU D 221 -15.14 37.48 -8.02
CA GLU D 221 -15.70 37.15 -9.32
C GLU D 221 -14.60 37.22 -10.36
N VAL D 222 -14.70 36.37 -11.38
CA VAL D 222 -13.92 36.51 -12.60
C VAL D 222 -14.83 37.23 -13.59
N ARG D 223 -14.36 38.36 -14.13
CA ARG D 223 -15.03 39.06 -15.22
C ARG D 223 -14.12 39.05 -16.44
N THR D 224 -14.57 38.41 -17.52
CA THR D 224 -13.81 38.35 -18.77
C THR D 224 -14.53 39.13 -19.85
N SER D 225 -13.85 40.13 -20.42
CA SER D 225 -14.38 41.00 -21.46
C SER D 225 -13.62 40.74 -22.75
N TYR D 226 -14.34 40.70 -23.87
CA TYR D 226 -13.75 40.35 -25.18
C TYR D 226 -13.78 41.54 -26.12
N PHE D 227 -12.67 41.77 -26.83
CA PHE D 227 -12.51 42.94 -27.71
C PHE D 227 -11.95 42.53 -29.07
N ASP D 228 -12.55 43.04 -30.15
CA ASP D 228 -12.07 42.77 -31.51
C ASP D 228 -10.91 43.70 -31.89
N SER D 229 -10.43 43.59 -33.13
CA SER D 229 -9.25 44.35 -33.61
C SER D 229 -9.37 45.87 -33.47
N LYS D 230 -10.57 46.42 -33.72
CA LYS D 230 -10.82 47.87 -33.54
C LYS D 230 -11.18 48.27 -32.08
N ASN D 231 -10.85 47.42 -31.10
CA ASN D 231 -11.10 47.66 -29.67
C ASN D 231 -12.59 47.79 -29.29
N LYS D 232 -13.45 47.16 -30.08
CA LYS D 232 -14.90 47.16 -29.89
C LYS D 232 -15.23 46.02 -28.94
N LYS D 233 -15.96 46.33 -27.88
CA LYS D 233 -16.41 45.30 -26.93
C LYS D 233 -17.46 44.43 -27.63
N VAL D 234 -17.17 43.13 -27.73
CA VAL D 234 -18.06 42.16 -28.39
C VAL D 234 -18.59 41.07 -27.43
N GLY D 235 -18.23 41.13 -26.16
CA GLY D 235 -18.73 40.14 -25.20
C GLY D 235 -18.16 40.26 -23.80
N GLU D 236 -18.92 39.74 -22.85
CA GLU D 236 -18.59 39.82 -21.44
C GLU D 236 -19.11 38.59 -20.69
N LYS D 237 -18.47 38.27 -19.57
CA LYS D 237 -18.96 37.21 -18.70
C LYS D 237 -18.49 37.44 -17.26
N LEU D 238 -19.40 37.20 -16.31
CA LEU D 238 -19.12 37.29 -14.88
C LEU D 238 -19.44 35.95 -14.22
N THR D 239 -18.51 35.43 -13.42
CA THR D 239 -18.69 34.15 -12.69
C THR D 239 -18.09 34.27 -11.29
N SER D 240 -18.92 34.14 -10.26
CA SER D 240 -18.45 34.30 -8.88
C SER D 240 -17.78 33.02 -8.40
N PHE D 241 -16.94 33.15 -7.38
CA PHE D 241 -16.23 32.02 -6.79
C PHE D 241 -15.99 32.22 -5.30
N LEU D 242 -15.82 31.10 -4.61
CA LEU D 242 -15.21 31.06 -3.28
C LEU D 242 -14.11 30.01 -3.35
N ILE D 243 -12.97 30.31 -2.75
CA ILE D 243 -11.79 29.47 -2.84
C ILE D 243 -11.03 29.52 -1.52
N GLU D 244 -10.53 28.36 -1.09
CA GLU D 244 -9.87 28.23 0.21
C GLU D 244 -8.43 28.74 0.13
N ALA D 245 -7.81 28.92 1.29
CA ALA D 245 -6.42 29.41 1.38
C ALA D 245 -5.45 28.41 0.75
N GLY D 246 -4.51 28.92 -0.05
CA GLY D 246 -3.48 28.10 -0.69
C GLY D 246 -3.97 27.18 -1.80
N LYS D 247 -5.20 27.39 -2.27
CA LYS D 247 -5.80 26.54 -3.30
C LYS D 247 -5.86 27.28 -4.61
N GLU D 248 -5.89 26.51 -5.69
CA GLU D 248 -6.12 27.02 -7.02
C GLU D 248 -7.44 26.43 -7.52
N MET D 249 -8.11 27.16 -8.39
CA MET D 249 -9.43 26.81 -8.89
C MET D 249 -9.50 27.22 -10.35
N LYS D 250 -10.18 26.41 -11.17
CA LYS D 250 -10.39 26.69 -12.58
C LYS D 250 -11.82 27.14 -12.84
N ILE D 251 -11.98 28.38 -13.29
CA ILE D 251 -13.29 28.91 -13.67
C ILE D 251 -13.44 28.82 -15.19
N ASN D 252 -14.47 28.12 -15.63
CA ASN D 252 -14.75 27.99 -17.06
C ASN D 252 -15.89 28.91 -17.46
N GLN D 253 -15.59 29.82 -18.38
CA GLN D 253 -16.56 30.78 -18.91
C GLN D 253 -16.74 30.53 -20.42
N SER D 254 -17.91 30.91 -20.96
CA SER D 254 -18.31 30.55 -22.31
C SER D 254 -19.24 31.59 -22.94
N VAL D 255 -18.74 32.33 -23.93
CA VAL D 255 -19.53 33.35 -24.63
C VAL D 255 -19.71 32.99 -26.09
N GLU D 256 -20.69 33.62 -26.75
CA GLU D 256 -20.93 33.47 -28.19
C GLU D 256 -20.57 34.81 -28.84
N ILE D 257 -19.65 34.77 -29.82
CA ILE D 257 -19.19 35.97 -30.56
C ILE D 257 -19.78 35.96 -31.97
N SER D 258 -20.79 36.80 -32.21
CA SER D 258 -21.50 36.83 -33.50
C SER D 258 -20.64 37.48 -34.58
N ASN D 259 -20.88 37.07 -35.83
CA ASN D 259 -20.12 37.51 -37.01
C ASN D 259 -18.63 37.71 -36.75
N PRO D 260 -17.93 36.64 -36.33
CA PRO D 260 -16.53 36.77 -35.99
C PRO D 260 -15.63 37.05 -37.20
N SER D 261 -14.59 37.85 -37.00
CA SER D 261 -13.49 37.93 -37.95
C SER D 261 -12.59 36.70 -37.76
N LEU D 262 -12.59 35.79 -38.73
CA LEU D 262 -11.83 34.55 -38.63
C LEU D 262 -10.35 34.83 -38.84
N TRP D 263 -9.50 34.32 -37.95
CA TRP D 263 -8.06 34.36 -38.14
C TRP D 263 -7.70 33.46 -39.33
N ASP D 264 -7.04 34.03 -40.33
CA ASP D 264 -6.61 33.30 -41.52
C ASP D 264 -5.18 33.70 -41.83
N VAL D 265 -4.48 32.93 -42.67
CA VAL D 265 -3.12 33.30 -43.08
C VAL D 265 -3.08 34.54 -43.99
N ASP D 266 -4.18 34.84 -44.70
CA ASP D 266 -4.34 36.10 -45.46
C ASP D 266 -5.02 37.26 -44.69
N SER D 267 -5.62 36.96 -43.53
CA SER D 267 -6.45 37.90 -42.78
C SER D 267 -6.35 37.58 -41.29
N PRO D 268 -5.19 37.86 -40.67
CA PRO D 268 -4.92 37.41 -39.30
C PRO D 268 -5.52 38.34 -38.21
N SER D 269 -6.84 38.42 -38.16
CA SER D 269 -7.56 39.23 -37.15
C SER D 269 -7.40 38.67 -35.75
N MET D 270 -7.05 39.54 -34.80
CA MET D 270 -6.77 39.15 -33.41
C MET D 270 -7.84 39.71 -32.48
N TYR D 271 -8.31 38.85 -31.57
CA TYR D 271 -9.19 39.25 -30.49
C TYR D 271 -8.37 39.39 -29.20
N LEU D 272 -8.91 40.14 -28.24
CA LEU D 272 -8.32 40.30 -26.91
C LEU D 272 -9.33 39.83 -25.85
N ALA D 273 -8.87 38.99 -24.93
CA ALA D 273 -9.64 38.58 -23.76
C ALA D 273 -9.00 39.21 -22.54
N LYS D 274 -9.77 40.03 -21.83
CA LYS D 274 -9.32 40.70 -20.63
C LYS D 274 -10.04 40.05 -19.45
N SER D 275 -9.30 39.36 -18.59
CA SER D 275 -9.83 38.64 -17.43
C SER D 275 -9.43 39.35 -16.14
N GLU D 276 -10.42 39.79 -15.37
CA GLU D 276 -10.18 40.57 -14.14
C GLU D 276 -10.74 39.83 -12.93
N ILE D 277 -9.97 39.85 -11.83
CA ILE D 277 -10.44 39.36 -10.54
C ILE D 277 -11.10 40.54 -9.79
N LEU D 278 -12.35 40.38 -9.40
CA LEU D 278 -13.09 41.41 -8.68
C LEU D 278 -13.32 40.96 -7.24
N VAL D 279 -12.91 41.79 -6.29
CA VAL D 279 -13.27 41.59 -4.88
C VAL D 279 -14.19 42.76 -4.53
N ASP D 280 -15.45 42.46 -4.23
CA ASP D 280 -16.54 43.45 -4.23
C ASP D 280 -16.62 44.07 -5.65
N GLY D 281 -16.79 45.38 -5.78
CA GLY D 281 -16.74 46.03 -7.09
C GLY D 281 -15.34 46.18 -7.66
N ASN D 282 -14.33 46.10 -6.79
CA ASN D 282 -12.95 46.51 -7.11
C ASN D 282 -12.09 45.46 -7.84
N VAL D 283 -11.41 45.89 -8.90
CA VAL D 283 -10.51 45.03 -9.67
C VAL D 283 -9.19 44.92 -8.91
N VAL D 284 -8.75 43.70 -8.60
CA VAL D 284 -7.47 43.47 -7.89
C VAL D 284 -6.36 42.84 -8.76
N ASP D 285 -6.72 42.00 -9.73
CA ASP D 285 -5.74 41.39 -10.64
C ASP D 285 -6.30 41.33 -12.06
N THR D 286 -5.44 41.63 -13.04
CA THR D 286 -5.82 41.68 -14.45
C THR D 286 -4.89 40.80 -15.28
N LYS D 287 -5.46 40.08 -16.24
CA LYS D 287 -4.69 39.33 -17.24
C LYS D 287 -5.32 39.54 -18.62
N GLU D 288 -4.50 39.93 -19.59
CA GLU D 288 -4.91 40.02 -21.00
C GLU D 288 -4.43 38.77 -21.76
N THR D 289 -5.27 38.29 -22.68
CA THR D 289 -4.97 37.09 -23.43
C THR D 289 -5.33 37.33 -24.89
N PRO D 290 -4.31 37.57 -25.76
CA PRO D 290 -4.62 37.65 -27.19
C PRO D 290 -4.93 36.26 -27.80
N PHE D 291 -5.86 36.22 -28.72
CA PHE D 291 -6.27 34.96 -29.34
C PHE D 291 -6.96 35.21 -30.67
N GLY D 292 -6.96 34.18 -31.52
CA GLY D 292 -7.62 34.24 -32.80
C GLY D 292 -8.71 33.19 -32.87
N ILE D 293 -9.74 33.48 -33.66
CA ILE D 293 -10.85 32.58 -33.88
C ILE D 293 -10.62 31.88 -35.22
N ARG D 294 -10.37 30.57 -35.17
CA ARG D 294 -10.16 29.76 -36.37
C ARG D 294 -10.36 28.27 -36.12
N SER D 295 -10.80 27.57 -37.16
CA SER D 295 -10.89 26.11 -37.11
C SER D 295 -9.87 25.46 -38.06
N ILE D 296 -9.28 24.37 -37.59
CA ILE D 296 -8.28 23.61 -38.32
C ILE D 296 -8.77 22.17 -38.38
N LYS D 297 -8.41 21.48 -39.44
CA LYS D 297 -8.88 20.10 -39.65
C LYS D 297 -7.99 19.36 -40.63
N PHE D 298 -7.41 18.25 -40.18
CA PHE D 298 -6.68 17.33 -41.04
C PHE D 298 -7.56 16.13 -41.39
N ASP D 299 -8.01 16.08 -42.63
CA ASP D 299 -8.71 14.93 -43.21
C ASP D 299 -7.64 14.07 -43.88
N ALA D 300 -7.70 12.76 -43.64
CA ALA D 300 -6.78 11.80 -44.26
C ALA D 300 -6.94 11.69 -45.79
N LYS D 301 -8.14 11.99 -46.28
CA LYS D 301 -8.53 11.80 -47.68
C LYS D 301 -8.38 13.08 -48.52
N LYS D 302 -8.79 14.22 -47.96
CA LYS D 302 -8.93 15.51 -48.68
C LYS D 302 -7.88 16.59 -48.36
N GLY D 303 -7.11 16.42 -47.27
CA GLY D 303 -6.03 17.36 -46.92
C GLY D 303 -6.32 18.24 -45.71
N PHE D 304 -5.84 19.48 -45.76
CA PHE D 304 -5.96 20.44 -44.65
C PHE D 304 -7.02 21.50 -44.95
N PHE D 305 -7.82 21.84 -43.93
CA PHE D 305 -8.82 22.89 -44.00
C PHE D 305 -8.53 23.93 -42.94
N LEU D 306 -8.50 25.19 -43.35
CA LEU D 306 -8.37 26.32 -42.43
C LEU D 306 -9.59 27.20 -42.67
N ASN D 307 -10.45 27.31 -41.65
CA ASN D 307 -11.76 27.98 -41.78
C ASN D 307 -12.63 27.40 -42.92
N GLY D 308 -12.57 26.08 -43.08
CA GLY D 308 -13.31 25.38 -44.13
C GLY D 308 -12.82 25.62 -45.54
N LYS D 309 -11.58 26.10 -45.71
CA LYS D 309 -10.96 26.25 -47.02
C LYS D 309 -9.88 25.20 -47.15
N ASN D 310 -10.05 24.29 -48.10
CA ASN D 310 -8.99 23.35 -48.44
C ASN D 310 -7.80 24.11 -49.01
N MET D 311 -6.63 23.91 -48.42
CA MET D 311 -5.42 24.61 -48.86
C MET D 311 -4.17 23.82 -48.56
N LYS D 312 -3.17 23.97 -49.45
CA LYS D 312 -1.87 23.35 -49.25
C LYS D 312 -1.08 24.13 -48.21
N ILE D 313 -0.32 23.38 -47.41
CA ILE D 313 0.61 23.98 -46.47
C ILE D 313 1.93 24.16 -47.24
N LYS D 314 2.36 25.41 -47.32
CA LYS D 314 3.54 25.83 -48.07
C LYS D 314 4.49 26.39 -47.03
N GLY D 315 5.21 25.49 -46.37
CA GLY D 315 5.95 25.86 -45.17
C GLY D 315 7.44 25.86 -45.35
N VAL D 316 8.14 26.41 -44.37
CA VAL D 316 9.58 26.34 -44.32
C VAL D 316 10.02 26.12 -42.88
N CYS D 317 11.06 25.31 -42.70
CA CYS D 317 11.66 25.05 -41.40
C CYS D 317 12.57 26.23 -41.06
N LEU D 318 12.47 26.78 -39.86
CA LEU D 318 13.29 27.92 -39.44
C LEU D 318 13.99 27.63 -38.11
N HIS D 319 15.33 27.71 -38.13
CA HIS D 319 16.09 27.73 -36.88
C HIS D 319 15.92 29.09 -36.19
N HIS D 320 16.36 29.15 -34.94
CA HIS D 320 16.12 30.33 -34.09
C HIS D 320 17.17 31.46 -34.23
N ASP D 321 18.30 31.20 -34.91
CA ASP D 321 19.33 32.24 -35.10
C ASP D 321 19.08 33.11 -36.34
N ALA D 322 19.49 34.37 -36.24
CA ALA D 322 19.55 35.26 -37.39
C ALA D 322 20.95 35.88 -37.50
N SER D 323 21.95 35.01 -37.56
CA SER D 323 23.33 35.36 -37.92
C SER D 323 23.99 36.43 -37.01
N MET D 324 23.98 37.70 -37.43
CA MET D 324 24.73 38.76 -36.73
C MET D 324 24.23 39.04 -35.32
N ILE D 325 22.93 38.85 -35.09
CA ILE D 325 22.33 38.97 -33.75
C ILE D 325 22.39 37.63 -33.00
N GLY D 326 22.64 36.55 -33.74
CA GLY D 326 22.69 35.21 -33.18
C GLY D 326 21.31 34.72 -32.76
N ALA D 327 21.23 34.17 -31.55
CA ALA D 327 19.96 33.69 -31.00
C ALA D 327 19.13 34.81 -30.35
N ALA D 328 19.71 35.99 -30.15
CA ALA D 328 18.97 37.11 -29.55
C ALA D 328 17.77 37.49 -30.43
N LEU D 329 16.58 37.45 -29.83
CA LEU D 329 15.34 37.67 -30.57
C LEU D 329 15.00 39.16 -30.69
N VAL D 330 15.55 39.79 -31.73
CA VAL D 330 15.22 41.14 -32.12
C VAL D 330 14.05 41.05 -33.11
N GLU D 331 12.87 41.45 -32.66
CA GLU D 331 11.62 41.24 -33.42
C GLU D 331 11.70 41.81 -34.84
N ASP D 332 12.28 42.99 -34.98
CA ASP D 332 12.32 43.68 -36.28
C ASP D 332 13.17 42.93 -37.32
N VAL D 333 14.23 42.26 -36.89
CA VAL D 333 15.07 41.49 -37.82
C VAL D 333 14.27 40.31 -38.39
N TRP D 334 13.49 39.65 -37.52
CA TRP D 334 12.61 38.54 -37.95
C TRP D 334 11.42 38.98 -38.83
N ARG D 335 10.85 40.16 -38.56
CA ARG D 335 9.74 40.70 -39.37
C ARG D 335 10.09 40.88 -40.85
N ARG D 336 11.32 41.28 -41.12
CA ARG D 336 11.78 41.46 -42.50
C ARG D 336 11.94 40.11 -43.16
N ARG D 337 12.63 39.21 -42.46
CA ARG D 337 12.82 37.84 -42.94
C ARG D 337 11.48 37.15 -43.23
N LEU D 338 10.54 37.24 -42.29
CA LEU D 338 9.20 36.66 -42.47
C LEU D 338 8.40 37.35 -43.58
N GLN D 339 8.55 38.67 -43.70
CA GLN D 339 7.86 39.42 -44.74
C GLN D 339 8.33 39.00 -46.12
N THR D 340 9.63 38.74 -46.28
CA THR D 340 10.17 38.22 -47.54
C THR D 340 9.62 36.81 -47.84
N LEU D 341 9.59 35.94 -46.83
CA LEU D 341 9.07 34.58 -46.98
C LEU D 341 7.60 34.58 -47.39
N LYS D 342 6.81 35.46 -46.77
CA LYS D 342 5.38 35.63 -47.13
C LYS D 342 5.19 36.08 -48.57
N ASP D 343 6.00 37.04 -49.01
CA ASP D 343 6.00 37.49 -50.43
C ASP D 343 6.33 36.35 -51.41
N GLY D 344 7.11 35.37 -50.96
CA GLY D 344 7.34 34.13 -51.71
C GLY D 344 6.22 33.09 -51.71
N GLY D 345 5.13 33.32 -50.99
CA GLY D 345 3.99 32.41 -50.96
C GLY D 345 3.97 31.41 -49.79
N CYS D 346 4.98 31.47 -48.93
CA CYS D 346 5.04 30.65 -47.75
C CYS D 346 3.95 31.04 -46.73
N ASN D 347 3.17 30.06 -46.28
CA ASN D 347 2.10 30.29 -45.29
C ASN D 347 2.25 29.46 -44.00
N ALA D 348 3.43 28.92 -43.76
CA ALA D 348 3.64 28.11 -42.57
C ALA D 348 5.10 28.02 -42.15
N ILE D 349 5.31 27.81 -40.86
CA ILE D 349 6.62 27.73 -40.24
C ILE D 349 6.70 26.52 -39.29
N ARG D 350 7.69 25.66 -39.50
CA ARG D 350 8.07 24.63 -38.54
C ARG D 350 9.25 25.16 -37.73
N LEU D 351 9.06 25.35 -36.44
CA LEU D 351 10.13 25.78 -35.52
C LEU D 351 11.08 24.61 -35.28
N SER D 352 12.18 24.59 -36.02
CA SER D 352 13.00 23.39 -36.12
C SER D 352 13.81 23.05 -34.88
N HIS D 353 13.21 22.12 -34.14
CA HIS D 353 13.87 21.25 -33.18
C HIS D 353 14.02 21.92 -31.84
N ASN D 354 13.11 22.86 -31.57
CA ASN D 354 12.98 23.44 -30.23
C ASN D 354 11.77 24.35 -30.12
N PRO D 355 11.28 24.56 -28.89
CA PRO D 355 10.25 25.58 -28.67
C PRO D 355 10.74 26.98 -29.06
N GLY D 356 9.89 27.77 -29.73
CA GLY D 356 10.25 29.12 -30.16
C GLY D 356 10.05 30.14 -29.06
N ALA D 357 10.52 31.35 -29.28
CA ALA D 357 10.24 32.45 -28.36
C ALA D 357 8.75 32.81 -28.38
N ASP D 358 8.25 33.41 -27.30
CA ASP D 358 6.89 33.96 -27.29
C ASP D 358 6.74 35.11 -28.28
N ALA D 359 7.77 35.95 -28.38
CA ALA D 359 7.76 37.10 -29.29
C ALA D 359 7.79 36.69 -30.77
N PHE D 360 8.36 35.53 -31.09
CA PHE D 360 8.25 34.98 -32.44
C PHE D 360 6.83 34.56 -32.77
N LEU D 361 6.17 33.91 -31.81
CA LEU D 361 4.79 33.45 -32.00
C LEU D 361 3.82 34.62 -32.10
N GLU D 362 4.18 35.78 -31.53
CA GLU D 362 3.38 37.00 -31.66
C GLU D 362 3.47 37.57 -33.09
N LEU D 363 4.67 37.50 -33.69
CA LEU D 363 4.86 37.90 -35.08
C LEU D 363 4.06 37.04 -36.05
N CYS D 364 4.07 35.73 -35.83
CA CYS D 364 3.31 34.81 -36.69
C CYS D 364 1.80 34.99 -36.52
N ASP D 365 1.35 35.32 -35.31
CA ASP D 365 -0.05 35.69 -35.07
C ASP D 365 -0.46 36.90 -35.90
N GLU D 366 0.37 37.94 -35.85
CA GLU D 366 0.11 39.21 -36.52
C GLU D 366 0.30 39.14 -38.05
N MET D 367 1.29 38.38 -38.50
CA MET D 367 1.64 38.34 -39.94
C MET D 367 0.90 37.24 -40.69
N GLY D 368 0.48 36.19 -40.00
CA GLY D 368 -0.41 35.19 -40.58
C GLY D 368 0.34 34.01 -41.14
N PHE D 369 1.08 33.34 -40.25
CA PHE D 369 1.77 32.09 -40.54
C PHE D 369 1.20 31.04 -39.62
N LEU D 370 1.03 29.82 -40.14
CA LEU D 370 0.69 28.65 -39.32
C LEU D 370 1.99 28.09 -38.75
N VAL D 371 1.99 27.69 -37.49
CA VAL D 371 3.23 27.27 -36.81
C VAL D 371 3.16 25.84 -36.23
N GLN D 372 4.15 25.02 -36.57
CA GLN D 372 4.39 23.76 -35.86
C GLN D 372 5.50 24.00 -34.82
N GLU D 373 5.17 23.90 -33.53
CA GLU D 373 6.15 24.01 -32.46
C GLU D 373 6.69 22.63 -32.06
N GLU D 374 8.02 22.45 -32.09
CA GLU D 374 8.65 21.16 -31.74
C GLU D 374 9.25 21.21 -30.32
N PHE D 375 9.10 20.14 -29.54
CA PHE D 375 9.61 20.12 -28.16
C PHE D 375 11.06 19.65 -28.07
N PHE D 376 11.43 18.60 -28.80
CA PHE D 376 12.74 17.95 -28.65
C PHE D 376 13.31 17.49 -29.97
N ASP D 377 14.65 17.43 -30.05
CA ASP D 377 15.41 16.76 -31.13
C ASP D 377 15.84 15.35 -30.74
N GLU D 378 15.71 15.02 -29.45
CA GLU D 378 16.21 13.78 -28.87
C GLU D 378 15.31 13.41 -27.72
N TRP D 379 15.04 12.11 -27.57
CA TRP D 379 14.33 11.61 -26.39
C TRP D 379 15.31 10.95 -25.41
N ASP D 380 15.28 9.62 -25.28
CA ASP D 380 16.05 8.92 -24.25
C ASP D 380 17.53 8.76 -24.59
N TYR D 381 17.82 8.65 -25.89
CA TYR D 381 19.17 8.34 -26.38
C TYR D 381 19.70 9.51 -27.24
N PRO D 382 20.98 9.88 -27.05
CA PRO D 382 21.53 11.02 -27.81
C PRO D 382 21.78 10.79 -29.31
N LYS D 383 21.69 11.86 -30.08
CA LYS D 383 22.17 11.91 -31.47
C LYS D 383 23.61 12.38 -31.48
N ASP D 384 24.35 12.02 -32.53
CA ASP D 384 25.71 12.53 -32.69
C ASP D 384 25.63 14.01 -33.03
N LYS D 385 26.35 14.84 -32.27
CA LYS D 385 26.25 16.29 -32.42
C LYS D 385 27.03 16.80 -33.62
N ARG D 386 28.15 16.17 -33.97
CA ARG D 386 29.01 16.59 -35.11
C ARG D 386 28.52 15.99 -36.42
N LEU D 387 28.30 14.68 -36.40
CA LEU D 387 27.67 13.93 -37.50
C LEU D 387 26.18 14.01 -37.22
N ASN D 388 25.39 13.14 -37.80
CA ASN D 388 23.98 13.05 -37.42
C ASN D 388 23.70 11.62 -36.88
N MET D 389 22.42 11.27 -36.72
CA MET D 389 21.99 9.90 -36.44
C MET D 389 22.47 9.43 -35.06
N ASP D 390 22.58 8.12 -34.84
CA ASP D 390 23.00 7.56 -33.54
C ASP D 390 24.35 8.12 -33.09
N GLU D 391 24.50 8.27 -31.78
CA GLU D 391 25.75 8.78 -31.20
C GLU D 391 26.85 7.74 -31.33
N GLN D 392 27.90 8.07 -32.07
CA GLN D 392 29.03 7.14 -32.30
C GLN D 392 30.16 7.29 -31.28
N SER D 393 30.37 8.50 -30.77
CA SER D 393 31.43 8.80 -29.82
C SER D 393 30.91 9.60 -28.61
N ILE D 394 31.65 9.55 -27.50
CA ILE D 394 31.28 10.26 -26.28
C ILE D 394 32.43 11.18 -25.85
N ASP D 395 32.09 12.42 -25.50
CA ASP D 395 33.04 13.39 -24.93
C ASP D 395 32.29 14.55 -24.28
N TYR D 396 32.99 15.31 -23.45
CA TYR D 396 32.37 16.33 -22.58
C TYR D 396 31.59 17.45 -23.29
N ILE D 397 32.22 18.08 -24.28
CA ILE D 397 31.61 19.22 -24.98
C ILE D 397 30.34 18.90 -25.78
N THR D 398 30.05 17.61 -26.01
CA THR D 398 28.79 17.19 -26.67
C THR D 398 27.67 16.69 -25.74
N ARG D 399 27.93 16.56 -24.43
CA ARG D 399 26.86 16.18 -23.49
C ARG D 399 25.74 17.22 -23.47
N GLY D 400 24.50 16.75 -23.55
CA GLY D 400 23.34 17.63 -23.68
C GLY D 400 22.15 17.22 -22.85
N TYR D 401 20.98 17.71 -23.25
CA TYR D 401 19.71 17.58 -22.52
C TYR D 401 19.30 16.13 -22.25
N CYS D 402 19.70 15.22 -23.12
CA CYS D 402 19.52 13.80 -22.88
C CYS D 402 19.90 13.37 -21.43
N GLU D 403 20.92 14.02 -20.87
CA GLU D 403 21.29 13.83 -19.46
C GLU D 403 20.13 14.09 -18.48
N TYR D 404 19.27 15.05 -18.81
CA TYR D 404 18.17 15.50 -17.94
C TYR D 404 16.78 15.10 -18.42
N PHE D 405 16.69 14.44 -19.57
CA PHE D 405 15.41 14.15 -20.23
C PHE D 405 14.41 13.40 -19.30
N GLN D 406 14.87 12.35 -18.64
CA GLN D 406 14.01 11.54 -17.77
C GLN D 406 13.32 12.41 -16.72
N GLU D 407 14.09 13.15 -15.95
CA GLU D 407 13.51 13.95 -14.87
C GLU D 407 12.78 15.22 -15.34
N TRP D 408 13.18 15.76 -16.50
CA TRP D 408 12.76 17.12 -16.92
C TRP D 408 11.82 17.23 -18.12
N ALA D 409 11.66 16.19 -18.93
CA ALA D 409 10.86 16.31 -20.16
C ALA D 409 9.43 16.78 -19.88
N GLU D 410 8.79 16.26 -18.83
CA GLU D 410 7.41 16.67 -18.49
C GLU D 410 7.29 18.14 -18.09
N ARG D 411 8.12 18.60 -17.15
CA ARG D 411 8.14 20.02 -16.77
C ARG D 411 8.42 20.93 -17.98
N ASP D 412 9.41 20.57 -18.79
CA ASP D 412 9.74 21.35 -19.98
C ASP D 412 8.65 21.37 -21.06
N LEU D 413 8.05 20.21 -21.33
CA LEU D 413 6.99 20.12 -22.32
C LEU D 413 5.78 20.94 -21.92
N LYS D 414 5.34 20.82 -20.66
CA LYS D 414 4.12 21.48 -20.22
C LYS D 414 4.25 23.01 -20.14
N ASN D 415 5.37 23.50 -19.61
CA ASN D 415 5.66 24.95 -19.60
C ASN D 415 5.55 25.58 -20.99
N VAL D 416 6.16 24.93 -21.98
CA VAL D 416 6.09 25.36 -23.38
C VAL D 416 4.62 25.50 -23.78
N MET D 417 3.80 24.51 -23.43
CA MET D 417 2.39 24.52 -23.78
C MET D 417 1.57 25.57 -23.01
N LEU D 418 1.82 25.71 -21.72
CA LEU D 418 1.20 26.80 -20.95
C LEU D 418 1.48 28.16 -21.58
N ARG D 419 2.75 28.39 -21.93
CA ARG D 419 3.20 29.63 -22.55
C ARG D 419 2.58 29.86 -23.92
N SER D 420 2.49 28.78 -24.71
CA SER D 420 2.19 28.87 -26.15
C SER D 420 0.74 28.61 -26.60
N ARG D 421 -0.07 27.93 -25.77
CA ARG D 421 -1.34 27.35 -26.27
C ARG D 421 -2.48 28.31 -26.66
N ASN D 422 -2.32 29.62 -26.43
CA ASN D 422 -3.30 30.62 -26.86
C ASN D 422 -3.05 31.22 -28.22
N HIS D 423 -1.81 31.12 -28.69
CA HIS D 423 -1.43 31.63 -30.02
C HIS D 423 -2.22 30.94 -31.13
N PRO D 424 -3.01 31.71 -31.92
CA PRO D 424 -3.76 31.09 -33.03
C PRO D 424 -2.89 30.57 -34.17
N CYS D 425 -1.70 31.16 -34.34
CA CYS D 425 -0.72 30.67 -35.30
C CYS D 425 -0.42 29.17 -35.14
N ILE D 426 -0.37 28.67 -33.91
CA ILE D 426 0.00 27.27 -33.66
C ILE D 426 -1.14 26.34 -34.11
N PHE D 427 -0.79 25.38 -34.95
CA PHE D 427 -1.75 24.40 -35.48
C PHE D 427 -1.28 22.94 -35.36
N GLN D 428 -0.12 22.73 -34.76
CA GLN D 428 0.50 21.42 -34.61
C GLN D 428 1.55 21.42 -33.47
N TRP D 429 1.48 20.44 -32.57
CA TRP D 429 2.53 20.18 -31.60
C TRP D 429 3.33 18.98 -32.09
N SER D 430 4.66 19.11 -32.17
CA SER D 430 5.52 18.01 -32.61
C SER D 430 6.35 17.48 -31.42
N ILE D 431 6.21 16.18 -31.13
CA ILE D 431 6.86 15.59 -29.95
C ILE D 431 8.31 15.20 -30.21
N GLY D 432 8.74 15.16 -31.47
CA GLY D 432 10.13 14.80 -31.78
C GLY D 432 10.54 14.88 -33.24
N ASN D 433 11.83 15.00 -33.45
CA ASN D 433 12.40 15.16 -34.80
C ASN D 433 13.37 14.04 -35.14
N GLU D 434 13.06 13.26 -36.19
CA GLU D 434 13.94 12.18 -36.68
C GLU D 434 14.51 11.34 -35.54
N ILE D 435 13.62 10.88 -34.66
CA ILE D 435 14.00 10.16 -33.43
C ILE D 435 14.46 8.72 -33.70
N GLU D 436 14.01 8.15 -34.82
CA GLU D 436 14.19 6.71 -35.08
C GLU D 436 15.64 6.26 -35.13
N TRP D 437 16.56 7.16 -35.50
CA TRP D 437 17.99 6.84 -35.51
C TRP D 437 18.51 6.45 -34.16
N THR D 438 17.96 7.05 -33.10
CA THR D 438 18.53 6.95 -31.76
C THR D 438 18.18 5.68 -30.98
N TYR D 439 17.18 4.92 -31.45
CA TYR D 439 16.73 3.68 -30.79
C TYR D 439 17.16 2.45 -31.60
N LYS D 440 18.00 1.60 -31.01
CA LYS D 440 18.56 0.42 -31.70
C LYS D 440 17.47 -0.54 -32.17
N GLY D 441 17.60 -1.03 -33.40
CA GLY D 441 16.63 -1.95 -34.00
C GLY D 441 15.63 -1.31 -34.95
N CYS D 442 15.53 0.03 -34.96
CA CYS D 442 14.64 0.74 -35.90
C CYS D 442 15.16 0.66 -37.33
N LYS D 443 16.40 1.11 -37.54
CA LYS D 443 17.14 0.90 -38.80
C LYS D 443 16.95 -0.51 -39.35
N GLU D 444 17.24 -1.48 -38.49
CA GLU D 444 17.36 -2.88 -38.86
C GLU D 444 16.02 -3.55 -39.22
N SER D 445 14.90 -3.01 -38.73
CA SER D 445 13.57 -3.58 -39.00
C SER D 445 12.98 -3.18 -40.37
N THR D 446 13.48 -2.12 -40.98
CA THR D 446 13.21 -1.87 -42.40
C THR D 446 14.12 -2.79 -43.19
N GLY D 447 13.87 -2.96 -44.47
CA GLY D 447 14.79 -3.74 -45.29
C GLY D 447 16.08 -3.00 -45.67
N PHE D 448 16.12 -1.68 -45.43
CA PHE D 448 17.06 -0.77 -46.12
C PHE D 448 18.54 -0.98 -45.89
N PHE D 449 18.93 -1.26 -44.66
CA PHE D 449 20.35 -1.20 -44.28
C PHE D 449 21.07 -2.55 -44.23
N SER D 450 20.33 -3.64 -44.48
CA SER D 450 20.93 -4.95 -44.74
C SER D 450 19.88 -5.90 -45.37
N TYR D 457 17.66 4.54 -49.01
CA TYR D 457 16.31 4.65 -48.45
C TYR D 457 15.52 5.91 -48.88
N PHE D 458 16.22 6.99 -49.23
CA PHE D 458 15.58 8.22 -49.76
C PHE D 458 14.62 7.99 -50.92
N TRP D 459 15.04 7.12 -51.85
CA TRP D 459 14.33 6.97 -53.12
C TRP D 459 13.49 5.70 -53.24
N ASN D 460 13.47 4.88 -52.20
CA ASN D 460 12.75 3.60 -52.26
C ASN D 460 11.87 3.29 -51.06
N GLN D 461 10.90 2.43 -51.32
CA GLN D 461 10.05 1.84 -50.31
C GLN D 461 10.83 0.69 -49.64
N PRO D 462 10.42 0.28 -48.43
CA PRO D 462 11.11 -0.82 -47.76
C PRO D 462 11.11 -2.16 -48.56
N PRO D 463 12.24 -2.89 -48.55
CA PRO D 463 12.25 -4.24 -49.10
C PRO D 463 11.34 -5.25 -48.38
N TYR D 464 11.04 -4.99 -47.10
CA TYR D 464 10.27 -5.92 -46.28
C TYR D 464 8.78 -5.58 -46.28
N SER D 465 7.96 -6.61 -46.17
CA SER D 465 6.53 -6.48 -46.00
C SER D 465 6.15 -5.78 -44.67
N THR D 466 4.90 -5.33 -44.58
CA THR D 466 4.37 -4.71 -43.36
C THR D 466 4.42 -5.69 -42.17
N GLN D 467 4.05 -6.94 -42.41
CA GLN D 467 4.13 -8.02 -41.40
C GLN D 467 5.58 -8.46 -41.11
N ARG D 468 6.40 -8.46 -42.16
CA ARG D 468 7.82 -8.78 -42.04
C ARG D 468 8.59 -7.75 -41.21
N ILE D 469 8.35 -6.45 -41.48
CA ILE D 469 8.93 -5.38 -40.65
C ILE D 469 8.54 -5.59 -39.19
N ARG D 470 7.25 -5.82 -38.95
CA ARG D 470 6.73 -6.12 -37.61
C ARG D 470 7.43 -7.33 -36.96
N GLU D 471 7.69 -8.37 -37.76
CA GLU D 471 8.41 -9.56 -37.30
C GLU D 471 9.88 -9.31 -36.97
N GLU D 472 10.57 -8.54 -37.82
CA GLU D 472 11.95 -8.14 -37.53
C GLU D 472 12.06 -7.35 -36.22
N TRP D 473 11.10 -6.44 -36.01
CA TRP D 473 11.00 -5.66 -34.79
C TRP D 473 10.94 -6.54 -33.53
N ALA D 474 10.14 -7.61 -33.60
CA ALA D 474 10.00 -8.58 -32.49
C ALA D 474 11.31 -9.30 -32.16
N LYS D 475 12.12 -9.57 -33.19
CA LYS D 475 13.42 -10.23 -33.02
C LYS D 475 14.54 -9.36 -32.40
N GLN D 476 14.34 -8.05 -32.29
CA GLN D 476 15.39 -7.15 -31.76
C GLN D 476 15.53 -7.34 -30.26
N PRO D 477 16.73 -7.10 -29.69
CA PRO D 477 16.86 -7.26 -28.24
C PRO D 477 16.21 -6.13 -27.44
N LYS D 478 15.89 -6.42 -26.19
CA LYS D 478 15.24 -5.48 -25.28
C LYS D 478 16.23 -4.37 -24.91
N GLN D 479 15.79 -3.12 -25.02
CA GLN D 479 16.55 -1.96 -24.56
C GLN D 479 15.90 -1.39 -23.30
N THR D 480 16.62 -0.49 -22.63
CA THR D 480 16.11 0.19 -21.46
C THR D 480 14.89 1.06 -21.79
N TYR D 481 14.97 1.78 -22.90
CA TYR D 481 13.89 2.65 -23.37
C TYR D 481 13.33 2.14 -24.69
N ASP D 482 12.01 2.29 -24.85
CA ASP D 482 11.28 1.94 -26.07
C ASP D 482 10.71 3.20 -26.74
N ILE D 483 10.87 3.29 -28.06
CA ILE D 483 10.40 4.43 -28.84
C ILE D 483 8.88 4.63 -28.84
N GLY D 484 8.12 3.54 -28.89
CA GLY D 484 6.65 3.61 -28.82
C GLY D 484 6.14 4.02 -27.45
N ARG D 485 6.80 3.52 -26.40
CA ARG D 485 6.45 3.82 -25.01
C ARG D 485 6.71 5.29 -24.65
N THR D 486 7.88 5.80 -25.03
CA THR D 486 8.18 7.22 -24.83
C THR D 486 7.24 8.11 -25.66
N ALA D 487 7.04 7.76 -26.93
CA ALA D 487 6.09 8.44 -27.81
C ALA D 487 4.72 8.61 -27.15
N LYS D 488 4.18 7.51 -26.63
CA LYS D 488 2.87 7.52 -25.97
C LYS D 488 2.85 8.34 -24.69
N LYS D 489 3.97 8.39 -23.99
CA LYS D 489 4.13 9.21 -22.78
C LYS D 489 4.04 10.69 -23.16
N LEU D 490 4.89 11.13 -24.08
CA LEU D 490 4.90 12.51 -24.57
C LEU D 490 3.59 12.94 -25.20
N ALA D 491 2.99 12.03 -25.97
CA ALA D 491 1.69 12.29 -26.61
C ALA D 491 0.57 12.50 -25.59
N ALA D 492 0.63 11.80 -24.47
CA ALA D 492 -0.43 11.85 -23.44
C ALA D 492 -0.27 13.11 -22.59
N TRP D 493 0.97 13.43 -22.21
CA TRP D 493 1.31 14.74 -21.60
C TRP D 493 0.85 15.93 -22.44
N THR D 494 1.11 15.86 -23.75
CA THR D 494 0.73 16.93 -24.69
C THR D 494 -0.77 17.14 -24.69
N ARG D 495 -1.51 16.03 -24.69
CA ARG D 495 -2.98 16.05 -24.71
C ARG D 495 -3.62 16.47 -23.40
N GLU D 496 -2.94 16.25 -22.27
CA GLU D 496 -3.37 16.80 -20.98
C GLU D 496 -3.46 18.34 -20.97
N MET D 497 -2.62 18.99 -21.77
CA MET D 497 -2.58 20.45 -21.88
C MET D 497 -3.43 20.99 -23.01
N ASP D 498 -3.46 20.29 -24.14
CA ASP D 498 -4.19 20.78 -25.31
C ASP D 498 -4.61 19.64 -26.21
N THR D 499 -5.92 19.52 -26.41
CA THR D 499 -6.46 18.52 -27.33
C THR D 499 -7.15 19.21 -28.52
N THR D 500 -7.00 20.53 -28.66
CA THR D 500 -7.55 21.28 -29.80
C THR D 500 -6.64 21.29 -31.03
N ARG D 501 -5.41 20.82 -30.89
CA ARG D 501 -4.43 20.78 -31.99
C ARG D 501 -3.83 19.38 -32.07
N PRO D 502 -3.60 18.85 -33.29
CA PRO D 502 -3.04 17.51 -33.42
C PRO D 502 -1.59 17.39 -32.94
N VAL D 503 -1.29 16.27 -32.30
CA VAL D 503 0.08 15.91 -31.96
C VAL D 503 0.69 15.34 -33.24
N THR D 504 1.89 15.79 -33.60
CA THR D 504 2.62 15.24 -34.73
C THR D 504 4.05 14.89 -34.33
N ALA D 505 4.81 14.38 -35.30
CA ALA D 505 6.23 14.14 -35.17
C ALA D 505 6.87 14.04 -36.55
N ASN D 506 8.18 14.29 -36.64
CA ASN D 506 8.93 14.21 -37.91
C ASN D 506 9.62 12.86 -38.02
N CYS D 507 9.02 11.95 -38.77
CA CYS D 507 9.50 10.56 -38.89
C CYS D 507 10.41 10.35 -40.10
N ILE D 508 11.63 9.89 -39.83
CA ILE D 508 12.61 9.55 -40.89
C ILE D 508 12.48 8.10 -41.40
N LEU D 509 11.84 7.24 -40.62
CA LEU D 509 11.54 5.86 -41.04
C LEU D 509 10.08 5.49 -40.72
N PRO D 510 9.12 6.05 -41.49
CA PRO D 510 7.69 5.73 -41.32
C PRO D 510 7.38 4.24 -41.35
N SER D 511 7.99 3.53 -42.31
CA SER D 511 7.81 2.09 -42.48
C SER D 511 7.85 1.33 -41.15
N ILE D 512 8.89 1.57 -40.34
CA ILE D 512 9.01 0.96 -38.99
C ILE D 512 8.15 1.69 -37.94
N SER D 513 8.06 3.03 -38.01
CA SER D 513 7.35 3.80 -36.98
C SER D 513 5.83 3.59 -37.02
N TYR D 514 5.28 3.28 -38.20
CA TYR D 514 3.91 2.78 -38.34
C TYR D 514 3.62 1.50 -37.54
N GLU D 515 4.67 0.76 -37.18
CA GLU D 515 4.57 -0.56 -36.56
C GLU D 515 5.09 -0.68 -35.11
N THR D 516 5.73 0.36 -34.57
CA THR D 516 6.23 0.36 -33.19
C THR D 516 5.24 0.92 -32.16
N GLY D 517 4.25 1.70 -32.61
CA GLY D 517 3.33 2.42 -31.72
C GLY D 517 3.61 3.92 -31.69
N TYR D 518 4.65 4.35 -32.41
CA TYR D 518 5.05 5.74 -32.49
C TYR D 518 4.00 6.52 -33.24
N ILE D 519 3.74 6.17 -34.49
CA ILE D 519 2.74 6.87 -35.30
C ILE D 519 1.33 6.67 -34.72
N ASP D 520 1.10 5.59 -33.97
CA ASP D 520 -0.21 5.37 -33.32
C ASP D 520 -0.55 6.32 -32.16
N ALA D 521 0.47 6.84 -31.48
CA ALA D 521 0.28 7.91 -30.50
C ALA D 521 -0.04 9.29 -31.12
N LEU D 522 0.23 9.46 -32.43
CA LEU D 522 0.06 10.73 -33.14
C LEU D 522 -1.28 10.88 -33.86
N ASP D 523 -1.77 12.12 -33.98
CA ASP D 523 -2.95 12.41 -34.80
C ASP D 523 -2.58 12.62 -36.27
N VAL D 524 -1.32 13.00 -36.53
CA VAL D 524 -0.81 13.31 -37.88
C VAL D 524 0.66 12.88 -38.01
N ALA D 525 0.95 12.02 -38.97
CA ALA D 525 2.32 11.58 -39.24
C ALA D 525 3.07 12.54 -40.15
N GLY D 526 4.07 13.22 -39.60
CA GLY D 526 5.01 13.96 -40.42
C GLY D 526 6.07 13.04 -40.99
N PHE D 527 6.37 13.20 -42.28
CA PHE D 527 7.46 12.45 -42.93
C PHE D 527 8.64 13.35 -43.24
N SER D 528 9.83 12.90 -42.86
CA SER D 528 11.09 13.57 -43.19
C SER D 528 11.72 12.92 -44.43
N TYR D 529 11.60 13.59 -45.58
CA TYR D 529 12.29 13.16 -46.82
C TYR D 529 11.82 11.77 -47.32
N ARG D 530 10.50 11.54 -47.27
CA ARG D 530 9.90 10.28 -47.67
C ARG D 530 8.74 10.51 -48.65
N ARG D 531 8.93 11.37 -49.65
CA ARG D 531 7.90 11.55 -50.69
C ARG D 531 7.55 10.28 -51.45
N VAL D 532 8.48 9.33 -51.49
CA VAL D 532 8.25 7.98 -52.02
C VAL D 532 7.35 7.09 -51.14
N MET D 533 7.10 7.48 -49.89
CA MET D 533 6.18 6.78 -48.99
C MET D 533 4.75 7.34 -48.95
N TYR D 534 4.47 8.41 -49.69
CA TYR D 534 3.13 9.01 -49.74
C TYR D 534 2.07 8.01 -50.27
N ASP D 535 2.41 7.26 -51.32
CA ASP D 535 1.53 6.17 -51.81
C ASP D 535 1.43 4.98 -50.83
N TYR D 536 2.56 4.60 -50.23
CA TYR D 536 2.63 3.56 -49.20
C TYR D 536 1.75 3.85 -47.98
N ALA D 537 1.66 5.12 -47.59
CA ALA D 537 0.78 5.55 -46.51
C ALA D 537 -0.70 5.40 -46.90
N HIS D 538 -1.08 5.94 -48.05
CA HIS D 538 -2.45 5.82 -48.59
C HIS D 538 -2.91 4.36 -48.78
N LYS D 539 -1.98 3.50 -49.17
CA LYS D 539 -2.26 2.09 -49.46
C LYS D 539 -2.41 1.26 -48.18
N ASN D 540 -1.44 1.41 -47.27
CA ASN D 540 -1.35 0.57 -46.07
C ASN D 540 -1.97 1.14 -44.79
N TYR D 541 -2.07 2.47 -44.69
CA TYR D 541 -2.62 3.14 -43.50
C TYR D 541 -3.47 4.35 -43.92
N PRO D 542 -4.56 4.10 -44.69
CA PRO D 542 -5.36 5.16 -45.31
C PRO D 542 -6.05 6.18 -44.37
N ASP D 543 -6.36 5.80 -43.13
CA ASP D 543 -7.09 6.66 -42.19
C ASP D 543 -6.20 7.38 -41.15
N LYS D 544 -4.88 7.34 -41.36
CA LYS D 544 -3.91 8.17 -40.61
C LYS D 544 -3.46 9.35 -41.51
N PRO D 545 -3.79 10.62 -41.16
CA PRO D 545 -3.35 11.75 -42.00
C PRO D 545 -1.84 11.93 -42.03
N ALA D 546 -1.27 12.08 -43.22
CA ALA D 546 0.19 12.10 -43.40
C ALA D 546 0.62 13.33 -44.18
N MET D 547 1.85 13.76 -43.94
CA MET D 547 2.33 15.04 -44.39
C MET D 547 3.87 15.11 -44.48
N GLY D 548 4.38 16.00 -45.31
CA GLY D 548 5.81 16.27 -45.38
C GLY D 548 6.21 17.29 -44.33
N THR D 549 6.95 16.85 -43.32
CA THR D 549 7.38 17.73 -42.24
C THR D 549 8.80 18.29 -42.38
N GLU D 550 9.60 17.73 -43.29
CA GLU D 550 10.92 18.25 -43.56
C GLU D 550 11.31 17.75 -44.95
N ASN D 551 11.43 18.68 -45.89
CA ASN D 551 11.62 18.34 -47.30
C ASN D 551 12.68 19.19 -47.99
N LEU D 552 13.20 18.64 -49.09
CA LEU D 552 14.18 19.31 -49.95
C LEU D 552 13.49 20.45 -50.71
N GLY D 553 14.18 21.57 -50.86
CA GLY D 553 13.65 22.72 -51.59
C GLY D 553 13.72 22.53 -53.10
N GLN D 554 12.84 21.69 -53.63
CA GLN D 554 12.87 21.29 -55.04
C GLN D 554 11.47 21.10 -55.61
N TRP D 555 11.36 21.20 -56.92
CA TRP D 555 10.10 20.99 -57.62
C TRP D 555 9.60 19.56 -57.41
N HIS D 556 10.50 18.58 -57.49
CA HIS D 556 10.12 17.18 -57.36
C HIS D 556 9.44 16.84 -56.01
N GLU D 557 9.84 17.50 -54.92
CA GLU D 557 9.13 17.37 -53.63
C GLU D 557 7.70 17.95 -53.75
N TRP D 558 7.61 19.19 -54.23
CA TRP D 558 6.32 19.86 -54.38
C TRP D 558 5.40 19.19 -55.42
N LYS D 559 5.99 18.61 -56.45
CA LYS D 559 5.25 17.83 -57.44
C LYS D 559 4.46 16.74 -56.75
N ALA D 560 5.12 16.01 -55.84
CA ALA D 560 4.47 14.95 -55.08
C ALA D 560 3.27 15.45 -54.25
N VAL D 561 3.38 16.64 -53.67
CA VAL D 561 2.31 17.21 -52.85
C VAL D 561 1.08 17.56 -53.68
N ILE D 562 1.26 18.30 -54.78
CA ILE D 562 0.13 18.77 -55.59
C ILE D 562 -0.49 17.68 -56.48
N GLU D 563 0.24 16.57 -56.65
CA GLU D 563 -0.30 15.37 -57.31
C GLU D 563 -1.28 14.61 -56.40
N ARG D 564 -1.24 14.87 -55.08
CA ARG D 564 -1.96 14.07 -54.08
C ARG D 564 -2.82 14.91 -53.14
N ASP D 565 -4.15 14.72 -53.21
CA ASP D 565 -5.09 15.42 -52.32
C ASP D 565 -4.89 15.05 -50.85
N TYR D 566 -4.60 13.77 -50.62
CA TYR D 566 -4.35 13.27 -49.27
C TYR D 566 -3.02 13.74 -48.64
N ILE D 567 -2.13 14.36 -49.42
CA ILE D 567 -0.92 14.99 -48.85
C ILE D 567 -1.10 16.51 -48.80
N PRO D 568 -1.36 17.08 -47.61
CA PRO D 568 -1.75 18.49 -47.54
C PRO D 568 -0.61 19.49 -47.72
N GLY D 569 0.64 19.12 -47.45
CA GLY D 569 1.75 20.07 -47.64
C GLY D 569 3.14 19.59 -47.32
N MET D 570 4.06 20.55 -47.21
CA MET D 570 5.46 20.28 -46.91
C MET D 570 6.15 21.46 -46.25
N PHE D 571 7.25 21.18 -45.54
CA PHE D 571 8.06 22.18 -44.90
C PHE D 571 9.46 22.09 -45.45
N ILE D 572 9.89 23.09 -46.22
CA ILE D 572 11.22 23.06 -46.84
C ILE D 572 12.34 23.31 -45.83
N TRP D 573 13.43 22.55 -45.94
CA TRP D 573 14.62 22.74 -45.12
C TRP D 573 15.65 23.53 -45.93
N THR D 574 15.85 24.84 -45.69
CA THR D 574 15.18 25.64 -44.68
C THR D 574 14.64 26.92 -45.30
N GLY D 575 13.92 27.70 -44.48
CA GLY D 575 13.46 29.01 -44.88
C GLY D 575 14.63 29.93 -45.09
N VAL D 576 15.49 30.01 -44.08
CA VAL D 576 16.66 30.87 -44.10
C VAL D 576 17.89 30.08 -43.66
N ASP D 577 19.04 30.39 -44.26
CA ASP D 577 20.31 29.80 -43.85
C ASP D 577 20.55 30.05 -42.38
N TYR D 578 21.27 29.13 -41.74
CA TYR D 578 21.53 29.19 -40.31
C TYR D 578 22.99 28.81 -40.03
N LEU D 579 23.52 29.25 -38.89
CA LEU D 579 24.88 28.93 -38.48
C LEU D 579 24.94 27.52 -37.92
N GLY D 580 26.03 26.81 -38.26
CA GLY D 580 26.30 25.47 -37.74
C GLY D 580 26.06 24.32 -38.72
N GLU D 581 26.01 23.11 -38.15
CA GLU D 581 25.91 21.86 -38.91
C GLU D 581 26.93 21.77 -40.06
N VAL D 582 28.15 22.22 -39.76
CA VAL D 582 29.31 22.20 -40.66
C VAL D 582 30.50 21.62 -39.91
N GLY D 583 31.65 21.52 -40.59
CA GLY D 583 32.85 20.91 -40.00
C GLY D 583 33.12 19.48 -40.45
N THR D 584 32.11 18.83 -41.03
CA THR D 584 32.24 17.50 -41.61
C THR D 584 33.00 17.56 -42.95
N LYS D 585 33.20 16.41 -43.61
CA LYS D 585 33.83 16.36 -44.93
C LYS D 585 32.98 17.10 -45.98
N GLY D 586 33.65 17.94 -46.78
CA GLY D 586 32.97 18.76 -47.78
C GLY D 586 32.60 20.16 -47.32
N ARG D 587 32.44 20.36 -46.01
CA ARG D 587 32.02 21.66 -45.45
C ARG D 587 32.89 22.04 -44.24
N GLU D 588 34.18 22.19 -44.49
CA GLU D 588 35.17 22.53 -43.46
C GLU D 588 35.27 24.04 -43.25
N TRP D 589 36.04 24.43 -42.24
CA TRP D 589 36.45 25.82 -42.02
C TRP D 589 37.05 26.41 -43.32
N PRO D 590 36.71 27.64 -43.71
CA PRO D 590 35.96 28.62 -42.93
C PRO D 590 34.45 28.73 -43.23
N GLN D 591 33.82 27.62 -43.59
CA GLN D 591 32.38 27.60 -43.89
C GLN D 591 31.54 27.76 -42.60
N ARG D 592 30.53 28.62 -42.66
CA ARG D 592 29.64 28.93 -41.52
C ARG D 592 28.35 28.13 -41.49
N ALA D 593 27.86 27.78 -42.68
CA ALA D 593 26.48 27.32 -42.87
C ALA D 593 26.41 26.41 -44.07
N ILE D 594 25.37 25.58 -44.13
CA ILE D 594 25.20 24.63 -45.23
C ILE D 594 24.85 25.33 -46.55
N GLY D 595 23.97 26.32 -46.50
CA GLY D 595 23.44 26.98 -47.69
C GLY D 595 22.15 26.37 -48.22
N CYS D 596 21.45 25.62 -47.38
CA CYS D 596 20.19 24.98 -47.75
C CYS D 596 18.99 25.93 -47.77
N GLY D 597 19.19 27.17 -47.32
CA GLY D 597 18.10 28.11 -47.11
C GLY D 597 17.63 28.83 -48.36
N LEU D 598 16.34 29.14 -48.42
CA LEU D 598 15.78 29.97 -49.48
C LEU D 598 16.34 31.39 -49.42
N LEU D 599 16.48 31.90 -48.19
CA LEU D 599 17.09 33.18 -47.93
C LEU D 599 18.49 32.98 -47.41
N ASP D 600 19.35 33.98 -47.54
CA ASP D 600 20.73 33.88 -47.04
C ASP D 600 20.83 34.38 -45.59
N LEU D 601 22.04 34.40 -45.04
CA LEU D 601 22.24 34.80 -43.64
C LEU D 601 21.96 36.31 -43.42
N ALA D 602 22.00 37.08 -44.52
CA ALA D 602 21.58 38.48 -44.58
C ALA D 602 20.09 38.69 -44.89
N GLY D 603 19.30 37.62 -45.05
CA GLY D 603 17.89 37.74 -45.45
C GLY D 603 17.58 38.02 -46.92
N PHE D 604 18.58 38.02 -47.80
CA PHE D 604 18.37 38.25 -49.23
C PHE D 604 17.82 37.00 -49.91
N GLU D 605 17.08 37.21 -51.00
CA GLU D 605 16.48 36.13 -51.76
C GLU D 605 17.58 35.44 -52.59
N LYS D 606 17.79 34.14 -52.35
CA LYS D 606 18.73 33.31 -53.12
C LYS D 606 17.95 32.66 -54.27
N PRO D 607 18.62 31.95 -55.20
CA PRO D 607 17.92 31.32 -56.33
C PRO D 607 16.80 30.34 -55.98
N SER D 608 17.00 29.52 -54.95
CA SER D 608 15.96 28.59 -54.51
C SER D 608 14.68 29.31 -54.07
N PHE D 609 14.81 30.49 -53.46
CA PHE D 609 13.63 31.29 -53.10
C PHE D 609 12.78 31.64 -54.31
N HIS D 610 13.41 32.00 -55.43
CA HIS D 610 12.65 32.36 -56.65
C HIS D 610 12.03 31.12 -57.31
N MET D 611 12.68 29.96 -57.20
CA MET D 611 12.09 28.71 -57.69
C MET D 611 10.81 28.42 -56.91
N MET D 612 10.90 28.48 -55.58
CA MET D 612 9.74 28.23 -54.72
C MET D 612 8.63 29.23 -54.97
N LYS D 613 9.00 30.48 -55.23
CA LYS D 613 8.03 31.53 -55.56
C LYS D 613 7.29 31.23 -56.87
N SER D 614 8.01 30.72 -57.87
CA SER D 614 7.38 30.29 -59.12
C SER D 614 6.41 29.09 -58.92
N LEU D 615 6.59 28.30 -57.87
CA LEU D 615 5.66 27.22 -57.51
C LEU D 615 4.52 27.66 -56.57
N TRP D 616 4.82 28.60 -55.67
CA TRP D 616 3.89 29.01 -54.60
C TRP D 616 3.09 30.31 -54.79
N THR D 617 3.41 31.14 -55.77
CA THR D 617 2.65 32.37 -55.98
C THR D 617 1.82 32.30 -57.24
N ASP D 618 0.81 33.18 -57.29
CA ASP D 618 -0.27 33.15 -58.28
C ASP D 618 -0.03 34.20 -59.39
N ALA D 619 0.44 35.39 -59.02
CA ALA D 619 0.77 36.46 -59.98
C ALA D 619 1.94 36.07 -60.88
N PRO D 620 1.83 36.29 -62.21
CA PRO D 620 2.86 35.83 -63.17
C PRO D 620 4.25 36.36 -62.81
N PHE D 621 5.26 35.52 -62.97
CA PHE D 621 6.56 35.77 -62.36
C PHE D 621 7.65 35.06 -63.15
N ILE D 622 8.75 35.76 -63.39
CA ILE D 622 9.94 35.23 -64.10
C ILE D 622 11.21 35.64 -63.36
N ALA D 623 12.20 34.75 -63.34
CA ALA D 623 13.53 35.06 -62.81
C ALA D 623 14.58 34.39 -63.69
N ILE D 624 15.55 35.20 -64.14
CA ILE D 624 16.55 34.76 -65.11
C ILE D 624 17.87 34.50 -64.40
N TYR D 625 18.35 33.27 -64.51
CA TYR D 625 19.68 32.88 -64.05
C TYR D 625 20.42 32.19 -65.18
N SER D 626 21.71 31.96 -64.96
CA SER D 626 22.56 31.37 -65.98
C SER D 626 23.86 30.85 -65.39
N GLN D 627 24.34 29.74 -65.94
CA GLN D 627 25.71 29.27 -65.72
C GLN D 627 26.37 29.13 -67.10
N THR D 628 27.70 28.96 -67.12
CA THR D 628 28.39 28.61 -68.37
C THR D 628 27.99 27.19 -68.73
N ALA D 629 28.00 26.88 -70.03
CA ALA D 629 27.62 25.56 -70.53
C ALA D 629 28.31 24.38 -69.81
N ASN D 630 29.59 24.55 -69.44
CA ASN D 630 30.33 23.49 -68.71
C ASN D 630 29.90 23.33 -67.24
N LYS D 631 29.73 24.45 -66.55
CA LYS D 631 29.34 24.46 -65.13
C LYS D 631 27.86 24.12 -64.86
N SER D 632 27.00 24.41 -65.83
CA SER D 632 25.57 24.07 -65.76
C SER D 632 25.32 22.58 -65.52
N SER D 633 24.20 22.29 -64.84
CA SER D 633 23.74 20.92 -64.60
C SER D 633 22.99 20.33 -65.79
N TYR D 634 22.66 21.16 -66.79
CA TYR D 634 21.84 20.75 -67.93
C TYR D 634 22.62 20.88 -69.23
N VAL D 635 22.08 20.30 -70.30
CA VAL D 635 22.75 20.29 -71.62
C VAL D 635 21.77 20.01 -72.77
N GLU D 636 21.83 20.84 -73.81
CA GLU D 636 21.01 20.65 -75.00
C GLU D 636 21.76 19.74 -75.97
N LYS D 637 21.07 18.70 -76.44
CA LYS D 637 21.60 17.72 -77.39
C LYS D 637 20.47 17.36 -78.36
N ASP D 638 20.69 17.62 -79.65
CA ASP D 638 19.65 17.44 -80.68
C ASP D 638 18.35 18.22 -80.35
N GLY D 639 18.52 19.47 -79.90
CA GLY D 639 17.40 20.37 -79.63
C GLY D 639 16.63 20.16 -78.32
N LYS D 640 17.10 19.24 -77.46
CA LYS D 640 16.39 18.85 -76.24
C LYS D 640 17.33 18.94 -75.04
N PHE D 641 16.91 19.69 -74.02
CA PHE D 641 17.65 19.74 -72.76
C PHE D 641 17.42 18.49 -71.90
N THR D 642 18.48 17.99 -71.29
CA THR D 642 18.41 16.88 -70.32
C THR D 642 19.41 17.18 -69.19
N ASP D 643 19.43 16.31 -68.18
CA ASP D 643 20.41 16.41 -67.09
C ASP D 643 21.78 15.96 -67.58
N LYS D 644 22.83 16.67 -67.18
CA LYS D 644 24.20 16.40 -67.65
C LYS D 644 24.79 15.10 -67.07
N ASP D 645 24.42 14.78 -65.83
CA ASP D 645 24.79 13.52 -65.17
C ASP D 645 23.52 12.66 -65.06
N PRO D 646 23.50 11.46 -65.67
CA PRO D 646 22.33 10.60 -65.47
C PRO D 646 22.23 10.02 -64.04
N LYS D 647 23.37 9.84 -63.37
CA LYS D 647 23.41 9.43 -61.96
C LYS D 647 22.79 10.47 -60.99
N LYS D 648 22.70 11.74 -61.42
CA LYS D 648 22.04 12.79 -60.64
C LYS D 648 20.95 13.52 -61.46
N PRO D 649 19.77 12.88 -61.61
CA PRO D 649 18.68 13.48 -62.38
C PRO D 649 17.91 14.51 -61.57
N TRP D 650 17.03 15.23 -62.25
CA TRP D 650 16.26 16.31 -61.64
C TRP D 650 15.33 15.84 -60.51
N THR D 651 14.85 14.60 -60.60
CA THR D 651 14.00 14.04 -59.54
C THR D 651 14.70 13.80 -58.20
N GLN D 652 16.04 13.88 -58.16
CA GLN D 652 16.82 13.59 -56.95
C GLN D 652 17.73 14.74 -56.51
N ARG D 653 17.32 15.97 -56.83
CA ARG D 653 18.06 17.15 -56.38
C ARG D 653 17.88 17.28 -54.86
N LEU D 654 18.93 17.74 -54.18
CA LEU D 654 19.01 17.70 -52.71
C LEU D 654 18.85 19.12 -52.12
N TRP D 655 19.57 19.42 -51.04
CA TRP D 655 19.31 20.62 -50.23
C TRP D 655 19.86 21.88 -50.86
N VAL D 656 21.14 21.88 -51.21
CA VAL D 656 21.82 23.12 -51.62
C VAL D 656 21.71 23.33 -53.13
N TRP D 657 21.26 24.52 -53.52
CA TRP D 657 21.09 24.88 -54.92
C TRP D 657 22.47 25.21 -55.51
N GLU D 658 22.58 25.12 -56.84
CA GLU D 658 23.83 25.44 -57.55
C GLU D 658 24.12 26.94 -57.50
N ASP D 659 25.39 27.30 -57.58
CA ASP D 659 25.80 28.71 -57.59
C ASP D 659 25.56 29.36 -58.97
N VAL D 660 24.30 29.59 -59.31
CA VAL D 660 23.94 30.18 -60.59
C VAL D 660 24.16 31.68 -60.54
N ASN D 661 24.28 32.31 -61.71
CA ASN D 661 24.53 33.75 -61.82
C ASN D 661 23.27 34.46 -62.29
N SER D 662 23.01 35.63 -61.71
CA SER D 662 21.96 36.53 -62.17
C SER D 662 22.51 37.57 -63.16
N HIS D 663 23.83 37.78 -63.16
CA HIS D 663 24.47 38.75 -64.05
C HIS D 663 24.48 38.35 -65.53
N TRP D 664 24.89 39.32 -66.35
CA TRP D 664 25.12 39.11 -67.79
C TRP D 664 26.46 39.74 -68.23
N ASN D 665 27.48 39.59 -67.38
CA ASN D 665 28.89 39.92 -67.70
C ASN D 665 29.80 38.69 -67.77
N TYR D 666 29.52 37.80 -68.71
CA TYR D 666 30.46 36.72 -69.05
C TYR D 666 31.56 37.30 -69.96
N THR D 667 32.47 36.44 -70.43
CA THR D 667 33.49 36.83 -71.41
C THR D 667 33.03 36.49 -72.83
N LYS D 668 33.43 37.30 -73.82
CA LYS D 668 32.80 37.33 -75.16
C LYS D 668 32.85 36.00 -75.93
N GLY D 669 31.72 35.65 -76.55
CA GLY D 669 31.55 34.38 -77.27
C GLY D 669 31.32 33.12 -76.44
N GLU D 670 31.26 33.25 -75.11
CA GLU D 670 31.17 32.10 -74.20
C GLU D 670 29.80 31.44 -74.29
N LYS D 671 29.78 30.10 -74.30
CA LYS D 671 28.54 29.33 -74.39
C LYS D 671 27.87 29.31 -73.03
N VAL D 672 26.58 29.63 -73.00
CA VAL D 672 25.82 29.88 -71.77
C VAL D 672 24.47 29.17 -71.82
N VAL D 673 24.07 28.56 -70.70
CA VAL D 673 22.73 28.04 -70.52
C VAL D 673 21.97 29.00 -69.60
N VAL D 674 20.99 29.70 -70.18
CA VAL D 674 20.12 30.59 -69.44
C VAL D 674 18.98 29.73 -68.92
N GLU D 675 18.79 29.72 -67.61
CA GLU D 675 17.73 28.94 -66.96
C GLU D 675 16.77 29.90 -66.24
N ILE D 676 15.47 29.66 -66.42
CA ILE D 676 14.43 30.58 -65.94
C ILE D 676 13.45 29.82 -65.06
N TYR D 677 13.20 30.38 -63.88
CA TYR D 677 12.22 29.83 -62.94
C TYR D 677 10.98 30.71 -63.07
N SER D 678 9.85 30.11 -63.40
CA SER D 678 8.65 30.88 -63.71
C SER D 678 7.36 30.05 -63.62
N ASN D 679 6.26 30.74 -63.29
CA ASN D 679 4.91 30.15 -63.26
C ASN D 679 4.15 30.35 -64.57
N CYS D 680 4.77 31.02 -65.54
CA CYS D 680 4.16 31.27 -66.87
C CYS D 680 4.13 29.99 -67.72
N ASP D 681 3.04 29.83 -68.47
CA ASP D 681 2.87 28.65 -69.33
C ASP D 681 3.69 28.76 -70.63
N GLU D 682 3.94 29.97 -71.12
CA GLU D 682 4.85 30.20 -72.23
C GLU D 682 5.74 31.41 -72.01
N ILE D 683 6.97 31.33 -72.51
CA ILE D 683 7.96 32.40 -72.45
C ILE D 683 8.68 32.49 -73.80
N GLU D 684 8.94 33.70 -74.26
CA GLU D 684 9.83 33.94 -75.40
C GLU D 684 11.04 34.73 -74.90
N LEU D 685 12.24 34.20 -75.13
CA LEU D 685 13.48 34.85 -74.69
C LEU D 685 14.12 35.63 -75.84
N PHE D 686 14.69 36.79 -75.50
CA PHE D 686 15.29 37.71 -76.47
C PHE D 686 16.72 38.02 -76.09
N GLN D 687 17.57 38.22 -77.10
CA GLN D 687 18.95 38.67 -76.91
C GLN D 687 19.12 39.92 -77.76
N ASN D 688 19.35 41.06 -77.10
CA ASN D 688 19.50 42.37 -77.75
C ASN D 688 18.37 42.70 -78.77
N GLY D 689 17.13 42.36 -78.43
CA GLY D 689 15.98 42.56 -79.32
C GLY D 689 15.65 41.45 -80.32
N LYS D 690 16.58 40.49 -80.51
CA LYS D 690 16.38 39.38 -81.45
C LYS D 690 15.86 38.14 -80.71
N SER D 691 14.87 37.48 -81.30
CA SER D 691 14.18 36.37 -80.64
C SER D 691 15.02 35.09 -80.63
N LEU D 692 15.19 34.52 -79.43
CA LEU D 692 15.84 33.21 -79.24
C LEU D 692 14.87 32.04 -79.17
N GLY D 693 13.58 32.29 -79.44
CA GLY D 693 12.59 31.22 -79.54
C GLY D 693 11.59 31.16 -78.39
N LYS D 694 10.34 30.94 -78.76
CA LYS D 694 9.24 30.71 -77.83
C LYS D 694 9.37 29.32 -77.22
N ARG D 695 9.15 29.20 -75.91
CA ARG D 695 9.16 27.90 -75.21
C ARG D 695 7.99 27.75 -74.25
N PHE D 696 7.69 26.50 -73.91
CA PHE D 696 6.54 26.14 -73.08
C PHE D 696 6.95 25.35 -71.84
N LEU D 697 6.33 25.65 -70.71
CA LEU D 697 6.59 24.98 -69.43
C LEU D 697 6.34 23.48 -69.53
N LYS D 698 5.26 23.10 -70.21
CA LYS D 698 4.91 21.68 -70.46
C LYS D 698 6.10 20.81 -70.89
N ASP D 699 6.97 21.38 -71.73
CA ASP D 699 8.13 20.65 -72.28
C ASP D 699 9.36 20.49 -71.34
N PHE D 700 9.30 21.07 -70.13
CA PHE D 700 10.36 20.90 -69.13
C PHE D 700 9.81 20.25 -67.87
N GLU D 701 9.99 18.94 -67.77
CA GLU D 701 9.51 18.15 -66.64
C GLU D 701 10.01 18.63 -65.28
N ASP D 702 11.23 19.18 -65.25
CA ASP D 702 11.84 19.69 -64.00
C ASP D 702 11.43 21.14 -63.63
N HIS D 703 10.45 21.69 -64.34
CA HIS D 703 9.90 23.03 -64.07
C HIS D 703 10.91 24.16 -64.18
N ILE D 704 11.85 24.01 -65.11
CA ILE D 704 12.87 25.01 -65.34
C ILE D 704 13.04 25.22 -66.86
N TYR D 705 12.62 26.39 -67.34
CA TYR D 705 12.85 26.81 -68.75
C TYR D 705 14.35 26.93 -68.99
N LYS D 706 14.81 26.45 -70.16
CA LYS D 706 16.24 26.49 -70.52
C LYS D 706 16.48 26.93 -71.98
N TRP D 707 17.44 27.84 -72.17
CA TRP D 707 17.88 28.30 -73.49
C TRP D 707 19.41 28.27 -73.62
N SER D 708 19.91 27.71 -74.72
CA SER D 708 21.31 27.84 -75.13
C SER D 708 21.54 29.22 -75.73
N VAL D 709 22.59 29.88 -75.27
CA VAL D 709 22.88 31.27 -75.61
C VAL D 709 24.39 31.45 -75.77
N ASP D 710 24.84 31.86 -76.96
CA ASP D 710 26.22 32.29 -77.17
C ASP D 710 26.32 33.74 -76.70
N PHE D 711 27.21 34.00 -75.75
CA PHE D 711 27.26 35.32 -75.10
C PHE D 711 27.88 36.43 -75.95
N LYS D 712 27.13 37.52 -76.06
CA LYS D 712 27.66 38.83 -76.47
C LYS D 712 27.07 39.88 -75.53
N ASP D 713 27.75 41.01 -75.39
CA ASP D 713 27.27 42.10 -74.54
C ASP D 713 25.91 42.61 -74.99
N GLY D 714 25.22 43.27 -74.06
CA GLY D 714 23.87 43.79 -74.29
C GLY D 714 22.94 43.36 -73.18
N ASN D 715 21.87 42.65 -73.54
CA ASN D 715 20.84 42.27 -72.56
C ASN D 715 19.97 41.08 -72.97
N ILE D 716 19.33 40.48 -71.96
CA ILE D 716 18.42 39.35 -72.13
C ILE D 716 17.07 39.75 -71.57
N VAL D 717 16.02 39.59 -72.37
CA VAL D 717 14.65 39.89 -71.94
C VAL D 717 13.77 38.67 -72.20
N ALA D 718 13.06 38.26 -71.15
CA ALA D 718 12.11 37.15 -71.23
C ALA D 718 10.73 37.75 -71.11
N LYS D 719 9.85 37.40 -72.05
CA LYS D 719 8.47 37.87 -72.04
C LYS D 719 7.57 36.65 -71.89
N GLY D 720 6.92 36.53 -70.73
CA GLY D 720 6.06 35.39 -70.43
C GLY D 720 4.60 35.76 -70.34
N LYS D 721 3.74 34.74 -70.41
CA LYS D 721 2.29 34.90 -70.25
C LYS D 721 1.74 33.72 -69.44
N LYS D 722 0.88 34.02 -68.46
CA LYS D 722 0.21 33.02 -67.61
C LYS D 722 -1.30 33.21 -67.73
N ASN D 723 -1.96 32.32 -68.45
CA ASN D 723 -3.40 32.47 -68.78
C ASN D 723 -3.67 33.79 -69.50
N GLY D 724 -2.81 34.12 -70.47
CA GLY D 724 -2.87 35.39 -71.19
C GLY D 724 -2.63 36.67 -70.37
N LYS D 725 -1.98 36.53 -69.21
CA LYS D 725 -1.57 37.67 -68.38
C LYS D 725 -0.05 37.79 -68.41
N LYS D 726 0.42 38.91 -68.93
CA LYS D 726 1.84 39.08 -69.27
C LYS D 726 2.68 39.55 -68.09
N THR D 727 3.97 39.24 -68.18
CA THR D 727 4.99 39.91 -67.38
C THR D 727 6.33 39.81 -68.11
N THR D 728 7.29 40.61 -67.67
CA THR D 728 8.63 40.66 -68.28
C THR D 728 9.72 40.92 -67.23
N SER D 729 10.84 40.21 -67.36
CA SER D 729 12.07 40.53 -66.62
C SER D 729 13.20 40.79 -67.62
N ALA D 730 14.33 41.27 -67.12
CA ALA D 730 15.50 41.51 -67.95
C ALA D 730 16.78 41.58 -67.11
N ILE D 731 17.87 41.08 -67.69
CA ILE D 731 19.21 41.23 -67.09
C ILE D 731 20.16 41.91 -68.08
N TYR D 732 20.94 42.86 -67.58
CA TYR D 732 21.77 43.73 -68.43
C TYR D 732 23.25 43.59 -68.08
N THR D 733 24.08 43.58 -69.12
CA THR D 733 25.52 43.75 -68.97
C THR D 733 25.77 45.12 -68.35
N THR D 734 26.72 45.18 -67.43
CA THR D 734 27.10 46.43 -66.77
C THR D 734 28.56 46.71 -67.08
N LYS D 735 28.93 47.98 -66.98
CA LYS D 735 30.34 48.38 -66.99
C LYS D 735 30.90 48.18 -65.57
N GLU D 736 32.17 48.53 -65.35
CA GLU D 736 32.82 48.33 -64.03
C GLU D 736 32.09 49.06 -62.88
N THR D 737 32.48 48.72 -61.65
CA THR D 737 31.89 49.33 -60.47
C THR D 737 32.23 50.82 -60.40
N ASN D 738 31.19 51.64 -60.38
CA ASN D 738 31.30 53.09 -60.26
C ASN D 738 30.94 53.58 -58.87
N SER D 739 29.89 52.99 -58.28
CA SER D 739 29.24 53.54 -57.08
C SER D 739 28.55 52.47 -56.23
N ILE D 740 28.20 52.86 -55.02
CA ILE D 740 27.44 52.06 -54.07
C ILE D 740 26.07 52.72 -53.91
N LYS D 741 25.01 51.97 -54.14
CA LYS D 741 23.64 52.42 -53.84
C LYS D 741 23.22 51.89 -52.47
N LEU D 742 22.87 52.80 -51.57
CA LEU D 742 22.36 52.46 -50.25
C LEU D 742 20.85 52.60 -50.18
N SER D 743 20.19 51.64 -49.53
CA SER D 743 18.74 51.63 -49.33
C SER D 743 18.40 51.36 -47.87
N VAL D 744 17.36 52.03 -47.39
CA VAL D 744 16.89 51.88 -46.02
C VAL D 744 15.40 51.52 -46.05
N ASP D 745 15.05 50.49 -45.29
CA ASP D 745 13.68 49.95 -45.22
C ASP D 745 12.68 50.89 -44.53
N LYS D 746 13.15 51.61 -43.51
CA LYS D 746 12.32 52.56 -42.78
C LYS D 746 13.05 53.89 -42.72
N VAL D 747 12.46 54.94 -43.28
CA VAL D 747 13.04 56.30 -43.15
C VAL D 747 12.96 56.88 -41.74
N ALA D 748 12.14 56.29 -40.87
CA ALA D 748 12.04 56.71 -39.48
C ALA D 748 11.75 55.54 -38.53
N VAL D 749 12.32 55.61 -37.32
CA VAL D 749 12.05 54.67 -36.23
C VAL D 749 11.95 55.43 -34.91
N ASP D 750 11.43 54.77 -33.86
CA ASP D 750 11.29 55.41 -32.54
C ASP D 750 12.51 55.15 -31.64
N ALA D 751 12.65 56.01 -30.63
CA ALA D 751 13.78 55.97 -29.72
C ALA D 751 13.44 55.09 -28.52
N ASN D 752 13.35 53.79 -28.75
CA ASN D 752 12.86 52.83 -27.75
C ASN D 752 13.81 51.65 -27.43
N ASN D 753 15.08 51.77 -27.85
CA ASN D 753 16.10 50.72 -27.66
C ASN D 753 15.95 49.38 -28.43
N THR D 754 14.86 49.19 -29.19
CA THR D 754 14.59 47.92 -29.88
C THR D 754 14.49 47.98 -31.40
N ASP D 755 13.91 49.06 -31.95
CA ASP D 755 13.65 49.14 -33.40
C ASP D 755 14.94 49.11 -34.25
N VAL D 756 14.81 48.55 -35.44
CA VAL D 756 15.95 48.27 -36.32
C VAL D 756 15.72 48.94 -37.69
N ILE D 757 16.82 49.42 -38.29
CA ILE D 757 16.85 49.82 -39.70
C ILE D 757 17.91 49.00 -40.42
N HIS D 758 17.51 48.33 -41.51
CA HIS D 758 18.39 47.57 -42.39
C HIS D 758 18.85 48.43 -43.54
N VAL D 759 20.16 48.52 -43.73
CA VAL D 759 20.75 49.29 -44.80
C VAL D 759 21.31 48.30 -45.81
N THR D 760 20.77 48.31 -47.02
CA THR D 760 21.25 47.46 -48.12
C THR D 760 22.23 48.28 -48.95
N ALA D 761 23.44 47.74 -49.16
CA ALA D 761 24.40 48.29 -50.11
C ALA D 761 24.38 47.47 -51.39
N GLN D 762 24.46 48.15 -52.53
CA GLN D 762 24.45 47.48 -53.84
C GLN D 762 25.38 48.20 -54.80
N LEU D 763 26.32 47.45 -55.38
CA LEU D 763 27.25 47.98 -56.36
C LEU D 763 26.53 48.26 -57.68
N ILE D 764 26.71 49.47 -58.20
CA ILE D 764 26.15 49.90 -59.48
C ILE D 764 27.24 50.46 -60.40
N ASP D 765 27.04 50.30 -61.71
CA ASP D 765 27.91 50.95 -62.72
C ASP D 765 27.54 52.44 -62.83
N ARG D 766 28.19 53.18 -63.74
CA ARG D 766 27.94 54.63 -63.85
C ARG D 766 26.51 54.99 -64.28
N ASN D 767 25.91 54.15 -65.12
CA ASN D 767 24.53 54.33 -65.58
C ASN D 767 23.45 53.81 -64.61
N GLY D 768 23.84 53.29 -63.44
CA GLY D 768 22.89 52.89 -62.39
C GLY D 768 22.43 51.44 -62.40
N ARG D 769 23.07 50.60 -63.21
CA ARG D 769 22.70 49.20 -63.35
C ARG D 769 23.38 48.38 -62.25
N ASN D 770 22.69 47.38 -61.74
CA ASN D 770 23.21 46.53 -60.65
C ASN D 770 24.31 45.56 -61.11
N ILE D 771 25.37 45.48 -60.32
CA ILE D 771 26.48 44.57 -60.51
C ILE D 771 26.38 43.46 -59.46
N SER D 772 26.59 42.21 -59.90
CA SER D 772 26.72 41.08 -58.97
C SER D 772 27.89 40.14 -59.32
N TRP D 773 28.82 40.63 -60.14
CA TRP D 773 29.91 39.82 -60.73
C TRP D 773 31.31 40.13 -60.19
N GLU D 774 31.48 41.29 -59.53
CA GLU D 774 32.70 41.56 -58.74
C GLU D 774 32.33 42.01 -57.32
N GLU D 775 33.32 42.03 -56.44
CA GLU D 775 33.13 42.35 -55.01
C GLU D 775 34.03 43.49 -54.54
N LYS D 776 33.62 44.14 -53.45
CA LYS D 776 34.32 45.28 -52.88
C LYS D 776 34.31 45.26 -51.35
N GLU D 777 35.35 45.84 -50.74
CA GLU D 777 35.41 46.09 -49.31
C GLU D 777 34.68 47.40 -49.05
N ILE D 778 33.51 47.31 -48.43
CA ILE D 778 32.65 48.45 -48.13
C ILE D 778 32.81 48.81 -46.67
N THR D 779 33.00 50.10 -46.41
CA THR D 779 33.13 50.65 -45.07
C THR D 779 31.98 51.62 -44.89
N PHE D 780 31.09 51.34 -43.95
CA PHE D 780 29.94 52.21 -43.69
C PHE D 780 30.34 53.29 -42.71
N ASN D 781 29.67 54.44 -42.77
CA ASN D 781 29.87 55.52 -41.80
C ASN D 781 28.56 56.12 -41.37
N ILE D 782 28.35 56.16 -40.05
CA ILE D 782 27.09 56.57 -39.47
C ILE D 782 27.35 57.66 -38.44
N GLY D 783 26.71 58.82 -38.62
CA GLY D 783 26.72 59.89 -37.63
C GLY D 783 25.41 59.90 -36.90
N GLY D 784 25.47 59.85 -35.56
CA GLY D 784 24.28 59.87 -34.70
C GLY D 784 24.43 58.91 -33.52
N ASN D 785 23.38 58.81 -32.71
CA ASN D 785 23.32 57.82 -31.63
C ASN D 785 22.62 56.55 -32.09
N TYR D 786 23.34 55.43 -32.03
CA TYR D 786 22.85 54.16 -32.53
C TYR D 786 23.63 53.01 -31.90
N ARG D 787 23.14 51.80 -32.09
CA ARG D 787 23.84 50.57 -31.69
C ARG D 787 24.03 49.71 -32.93
N LEU D 788 25.27 49.31 -33.18
CA LEU D 788 25.56 48.42 -34.29
C LEU D 788 25.14 47.01 -33.88
N LEU D 789 24.13 46.46 -34.54
CA LEU D 789 23.82 45.04 -34.41
C LEU D 789 24.72 44.23 -35.31
N GLY D 790 25.17 44.82 -36.41
CA GLY D 790 26.28 44.27 -37.19
C GLY D 790 26.16 44.42 -38.69
N VAL D 791 27.06 43.72 -39.38
CA VAL D 791 27.14 43.71 -40.85
C VAL D 791 27.14 42.27 -41.33
N GLU D 792 26.53 42.03 -42.48
CA GLU D 792 26.47 40.70 -43.08
C GLU D 792 26.56 40.82 -44.59
N ASN D 793 27.03 39.77 -45.24
CA ASN D 793 26.98 39.69 -46.71
C ASN D 793 26.22 38.51 -47.27
N GLY D 794 26.06 37.45 -46.46
CA GLY D 794 25.27 36.29 -46.85
C GLY D 794 26.05 35.17 -47.50
N ASP D 795 27.39 35.27 -47.50
CA ASP D 795 28.26 34.19 -47.98
C ASP D 795 28.40 33.13 -46.89
N HIS D 796 27.80 31.98 -47.12
CA HIS D 796 27.95 30.84 -46.22
C HIS D 796 29.37 30.21 -46.24
N LEU D 797 30.06 30.23 -47.39
CA LEU D 797 31.37 29.57 -47.50
C LEU D 797 32.55 30.30 -46.84
N ASN D 798 32.33 31.49 -46.28
CA ASN D 798 33.35 32.20 -45.51
C ASN D 798 32.81 32.79 -44.22
N VAL D 799 33.74 33.15 -43.33
CA VAL D 799 33.42 33.82 -42.09
C VAL D 799 33.72 35.31 -42.24
N LEU D 800 33.19 36.11 -41.33
CA LEU D 800 33.49 37.53 -41.28
C LEU D 800 33.15 38.08 -39.90
N ASN D 801 33.75 39.22 -39.55
CA ASN D 801 33.53 39.88 -38.26
C ASN D 801 32.22 40.68 -38.31
N TYR D 802 31.22 40.20 -37.57
CA TYR D 802 29.91 40.85 -37.51
C TYR D 802 29.97 42.27 -36.97
N LYS D 803 30.76 42.47 -35.92
CA LYS D 803 30.78 43.74 -35.20
C LYS D 803 31.90 44.64 -35.71
N SER D 804 31.92 44.83 -37.03
CA SER D 804 32.85 45.72 -37.70
C SER D 804 32.02 46.57 -38.66
N ASN D 805 32.42 47.82 -38.85
CA ASN D 805 31.80 48.70 -39.86
C ASN D 805 32.19 48.34 -41.29
N THR D 806 33.21 47.52 -41.48
CA THR D 806 33.66 47.11 -42.81
C THR D 806 33.14 45.71 -43.11
N VAL D 807 32.74 45.50 -44.37
CA VAL D 807 32.29 44.21 -44.82
C VAL D 807 32.54 44.05 -46.32
N LYS D 808 32.89 42.81 -46.69
CA LYS D 808 33.13 42.42 -48.06
C LYS D 808 31.79 42.06 -48.66
N THR D 809 31.47 42.56 -49.86
CA THR D 809 30.19 42.22 -50.50
C THR D 809 30.20 40.79 -51.01
N TYR D 810 29.01 40.27 -51.31
CA TYR D 810 28.84 38.95 -51.91
C TYR D 810 27.71 39.03 -52.93
N LYS D 811 28.00 38.71 -54.18
CA LYS D 811 27.10 38.96 -55.31
C LYS D 811 26.69 40.44 -55.38
N GLY D 812 27.66 41.32 -55.13
CA GLY D 812 27.49 42.76 -55.31
C GLY D 812 26.68 43.51 -54.26
N ARG D 813 26.44 42.89 -53.11
CA ARG D 813 25.67 43.56 -52.06
C ARG D 813 26.04 43.11 -50.66
N ALA D 814 25.60 43.89 -49.68
CA ALA D 814 25.91 43.66 -48.29
C ALA D 814 24.84 44.33 -47.42
N LEU D 815 24.74 43.89 -46.16
CA LEU D 815 23.73 44.37 -45.22
C LEU D 815 24.38 45.04 -44.03
N LEU D 816 23.84 46.19 -43.60
CA LEU D 816 24.22 46.85 -42.35
C LEU D 816 22.97 47.01 -41.49
N VAL D 817 23.03 46.53 -40.26
CA VAL D 817 21.88 46.48 -39.37
C VAL D 817 22.19 47.27 -38.12
N LEU D 818 21.37 48.28 -37.85
CA LEU D 818 21.56 49.21 -36.73
C LEU D 818 20.30 49.22 -35.88
N GLN D 819 20.49 49.34 -34.57
CA GLN D 819 19.40 49.48 -33.62
C GLN D 819 19.39 50.89 -33.02
N ALA D 820 18.19 51.38 -32.73
CA ALA D 820 18.00 52.66 -32.06
C ALA D 820 18.37 52.55 -30.58
N THR D 821 18.56 53.72 -29.97
CA THR D 821 18.95 53.82 -28.57
C THR D 821 17.77 54.46 -27.82
N ASP D 822 17.92 54.71 -26.53
CA ASP D 822 17.06 55.67 -25.82
C ASP D 822 17.24 57.12 -26.34
N LYS D 823 18.44 57.45 -26.81
CA LYS D 823 18.74 58.78 -27.37
C LYS D 823 18.06 59.07 -28.73
N ALA D 824 17.39 60.21 -28.83
CA ALA D 824 16.80 60.70 -30.09
C ALA D 824 17.81 61.54 -30.88
N GLY D 825 17.46 61.87 -32.13
CA GLY D 825 18.37 62.57 -33.04
C GLY D 825 18.33 61.93 -34.41
N ILE D 826 19.08 62.50 -35.35
CA ILE D 826 19.05 62.09 -36.77
C ILE D 826 20.35 61.38 -37.14
N LEU D 827 20.22 60.17 -37.69
CA LEU D 827 21.34 59.40 -38.23
C LEU D 827 21.65 59.79 -39.68
N ASN D 828 22.94 59.95 -40.00
CA ASN D 828 23.42 60.11 -41.39
C ASN D 828 24.26 58.90 -41.78
N ILE D 829 24.01 58.32 -42.95
CA ILE D 829 24.63 57.06 -43.33
C ILE D 829 25.28 57.19 -44.69
N ASN D 830 26.57 56.91 -44.79
CA ASN D 830 27.24 56.75 -46.09
C ASN D 830 28.18 55.54 -46.12
N ALA D 831 28.82 55.28 -47.27
CA ALA D 831 29.80 54.20 -47.41
C ALA D 831 30.88 54.48 -48.47
N ASN D 832 31.99 53.73 -48.39
CA ASN D 832 33.15 53.89 -49.28
C ASN D 832 33.76 52.56 -49.70
N SER D 833 34.45 52.56 -50.84
CA SER D 833 35.33 51.46 -51.21
C SER D 833 36.50 52.00 -52.04
N GLY D 834 37.47 52.57 -51.33
CA GLY D 834 38.55 53.34 -51.96
C GLY D 834 38.01 54.69 -52.42
N SER D 835 38.15 54.95 -53.72
CA SER D 835 37.58 56.15 -54.36
C SER D 835 36.10 56.01 -54.75
N ILE D 836 35.54 54.81 -54.63
CA ILE D 836 34.12 54.55 -54.94
C ILE D 836 33.25 55.15 -53.81
N SER D 837 32.26 55.94 -54.18
CA SER D 837 31.42 56.66 -53.23
C SER D 837 29.97 56.18 -53.29
N SER D 838 29.14 56.71 -52.40
CA SER D 838 27.72 56.31 -52.29
C SER D 838 26.81 57.49 -52.11
N ASN D 839 25.54 57.33 -52.47
CA ASN D 839 24.49 58.29 -52.06
C ASN D 839 24.34 58.31 -50.54
N ASP D 840 23.83 59.42 -50.02
CA ASP D 840 23.65 59.59 -48.56
C ASP D 840 22.20 59.32 -48.15
N LEU D 841 22.04 58.81 -46.93
CA LEU D 841 20.74 58.52 -46.32
C LEU D 841 20.64 59.24 -44.98
N LYS D 842 19.46 59.81 -44.71
CA LYS D 842 19.14 60.38 -43.40
C LYS D 842 17.97 59.62 -42.81
N VAL D 843 18.06 59.26 -41.54
CA VAL D 843 17.00 58.55 -40.80
C VAL D 843 16.68 59.29 -39.50
N GLU D 844 15.39 59.49 -39.23
CA GLU D 844 14.94 60.13 -37.99
C GLU D 844 14.69 59.07 -36.92
N VAL D 845 15.47 59.12 -35.84
CA VAL D 845 15.16 58.37 -34.62
C VAL D 845 14.24 59.25 -33.75
N LYS D 846 12.93 59.00 -33.86
CA LYS D 846 11.90 59.75 -33.13
C LYS D 846 12.00 59.49 -31.63
#